data_9J7B
#
_entry.id   9J7B
#
_cell.length_a   1.00
_cell.length_b   1.00
_cell.length_c   1.00
_cell.angle_alpha   90.00
_cell.angle_beta   90.00
_cell.angle_gamma   90.00
#
_symmetry.space_group_name_H-M   'P 1'
#
loop_
_entity.id
_entity.type
_entity.pdbx_description
1 polymer 'Protein fem-1 homolog B'
2 polymer 'Mitochondrial import receptor subunit TOM20 homolog'
3 polymer Poly-UNK
4 polymer Poly-UNK
#
loop_
_entity_poly.entity_id
_entity_poly.type
_entity_poly.pdbx_seq_one_letter_code
_entity_poly.pdbx_strand_id
1 'polypeptide(L)'
;MEGLAGYVYKAASEGKVLTLAALLLNRSESDIRYLLGYVSQQGGQRSTPLIIAARNGHAKVVRLLLEHYRVQTQQTGTVR
FDGYVIDGATALWCAAGAGHFEVVKLLVSHGANVNHTTVTNSTPLRAACFDGRLDIVKYLVENNANISIANKYDNTCLMI
AAYKGHTDVVRYLLEQRADPNAKAHCGATALHFAAEAGHIDIVKELIKWRAAIVVNGHGMTPLKVAAESCKADVVELLLS
HADCDRRSRIEALELLGASFANDRENYDIIKTYHYLYLAMLERFQDGDNILEKEVLPPIHAYGNRTECRNPQELESIRQD
RDALHMEGLIVRERILGADNIDVSHPIIYRGAVYADNMEFEQCIKLWLHALHLRQKGNRNTHKDLLRFAQVFSQMIHLNE
TVKAPDIECVLRCSVLEIEQSMNRVKNISDADVHNAMDNYECNLYTFLYLVCISTKTQCSEEDQCKINKQIYNLIHLDPR
TREGFTLLHLAVNSNTPVDDFHTNDVCSFPNALVTKLLLDCGAEVNAVDNEGNSALHIIVQYNRPISDFLTLHSIIISLV
EAGAHTDMTNKQNKTPLDKSTTGVSEILLKTQMKMSLKCLAARAVRANDINYQDQIPRTLEEFVGFH
;
J,A,O,P
2 'polypeptide(L)'
;DRKRRSDPNFKNRLRERRKKQKLAKERAGLSKLPDLKDAEAVQKFFLEEIQLGEELLAQGEYEKGVDHLTNAIAVCGQPQ
QLLQVLQQTLPPPVFQMLLTKLPTISQRIVSAQSLAEDDVE
;
B,G,Q,S,C
3 'polypeptide(L)' (UNK)(UNK)(UNK)(UNK)(UNK)(UNK)(UNK)(UNK)(UNK)(UNK)(UNK)(UNK) D
4 'polypeptide(L)' (UNK)(UNK)(UNK)(UNK)(UNK)(UNK)(UNK)(UNK)(UNK) R
#
# COMPACT_ATOMS: atom_id res chain seq x y z
N MET A 1 7.91 -19.48 -42.44
CA MET A 1 8.59 -18.23 -42.76
C MET A 1 7.92 -17.04 -42.09
N GLU A 2 6.62 -17.19 -41.81
CA GLU A 2 5.88 -16.12 -41.14
C GLU A 2 6.34 -15.95 -39.70
N GLY A 3 6.68 -17.06 -39.03
CA GLY A 3 7.29 -16.96 -37.72
C GLY A 3 8.62 -16.25 -37.74
N LEU A 4 9.39 -16.43 -38.82
CA LEU A 4 10.64 -15.68 -38.97
C LEU A 4 10.39 -14.19 -39.14
N ALA A 5 9.31 -13.84 -39.87
CA ALA A 5 8.94 -12.43 -39.99
C ALA A 5 8.52 -11.85 -38.64
N GLY A 6 7.78 -12.63 -37.85
CA GLY A 6 7.46 -12.20 -36.50
C GLY A 6 8.70 -12.03 -35.64
N TYR A 7 9.68 -12.92 -35.79
CA TYR A 7 10.93 -12.80 -35.07
C TYR A 7 11.68 -11.54 -35.46
N VAL A 8 11.70 -11.21 -36.76
CA VAL A 8 12.34 -9.99 -37.22
C VAL A 8 11.62 -8.76 -36.65
N TYR A 9 10.29 -8.79 -36.64
CA TYR A 9 9.52 -7.68 -36.07
C TYR A 9 9.81 -7.50 -34.58
N LYS A 10 9.85 -8.61 -33.83
CA LYS A 10 10.14 -8.52 -32.40
C LYS A 10 11.56 -8.03 -32.15
N ALA A 11 12.53 -8.53 -32.90
CA ALA A 11 13.91 -8.13 -32.69
C ALA A 11 14.16 -6.69 -33.13
N ALA A 12 13.37 -6.19 -34.09
CA ALA A 12 13.46 -4.78 -34.45
C ALA A 12 12.79 -3.89 -33.42
N SER A 13 11.73 -4.36 -32.78
CA SER A 13 11.10 -3.57 -31.73
C SER A 13 11.91 -3.58 -30.43
N GLU A 14 12.66 -4.65 -30.15
CA GLU A 14 13.38 -4.77 -28.89
C GLU A 14 14.90 -4.71 -29.04
N GLY A 15 15.41 -4.52 -30.25
CA GLY A 15 16.85 -4.34 -30.44
C GLY A 15 17.71 -5.56 -30.22
N LYS A 16 17.30 -6.73 -30.72
CA LYS A 16 18.10 -7.94 -30.69
C LYS A 16 18.69 -8.26 -32.06
N VAL A 17 19.17 -7.25 -32.77
CA VAL A 17 19.73 -7.42 -34.11
C VAL A 17 20.94 -8.35 -34.11
N LEU A 18 21.64 -8.48 -32.97
CA LEU A 18 22.77 -9.40 -32.88
C LEU A 18 22.31 -10.85 -33.05
N THR A 19 21.37 -11.29 -32.22
CA THR A 19 20.87 -12.66 -32.31
C THR A 19 20.09 -12.87 -33.60
N LEU A 20 19.33 -11.86 -34.03
CA LEU A 20 18.56 -11.97 -35.27
C LEU A 20 19.46 -12.12 -36.47
N ALA A 21 20.58 -11.40 -36.51
CA ALA A 21 21.54 -11.56 -37.60
C ALA A 21 22.32 -12.85 -37.47
N ALA A 22 22.50 -13.36 -36.24
CA ALA A 22 23.12 -14.66 -36.06
C ALA A 22 22.24 -15.76 -36.65
N LEU A 23 20.92 -15.66 -36.46
CA LEU A 23 19.99 -16.65 -37.00
C LEU A 23 19.46 -16.28 -38.38
N LEU A 24 19.92 -15.17 -38.96
CA LEU A 24 19.35 -14.61 -40.18
C LEU A 24 20.20 -14.83 -41.42
N LEU A 25 21.53 -14.81 -41.30
CA LEU A 25 22.40 -14.93 -42.46
C LEU A 25 22.40 -16.33 -43.07
N ASN A 26 21.86 -17.33 -42.37
CA ASN A 26 21.82 -18.69 -42.90
C ASN A 26 20.75 -18.84 -43.98
N ARG A 27 19.72 -18.00 -43.96
CA ARG A 27 18.61 -18.11 -44.89
C ARG A 27 18.97 -17.50 -46.24
N SER A 28 18.05 -17.61 -47.18
CA SER A 28 18.22 -17.01 -48.50
C SER A 28 17.99 -15.51 -48.42
N GLU A 29 18.07 -14.84 -49.57
CA GLU A 29 17.86 -13.39 -49.57
C GLU A 29 16.39 -13.03 -49.73
N SER A 30 15.63 -13.83 -50.49
CA SER A 30 14.25 -13.49 -50.80
C SER A 30 13.38 -13.53 -49.56
N ASP A 31 13.46 -14.62 -48.79
CA ASP A 31 12.64 -14.73 -47.58
C ASP A 31 13.03 -13.69 -46.55
N ILE A 32 14.34 -13.42 -46.41
CA ILE A 32 14.81 -12.44 -45.44
C ILE A 32 14.31 -11.04 -45.81
N ARG A 33 14.39 -10.68 -47.09
CA ARG A 33 13.85 -9.41 -47.54
C ARG A 33 12.34 -9.34 -47.36
N TYR A 34 11.66 -10.48 -47.50
CA TYR A 34 10.23 -10.53 -47.19
C TYR A 34 9.97 -10.23 -45.72
N LEU A 35 10.81 -10.78 -44.82
CA LEU A 35 10.64 -10.50 -43.40
C LEU A 35 10.90 -9.03 -43.09
N LEU A 36 11.95 -8.45 -43.66
CA LEU A 36 12.34 -7.09 -43.31
C LEU A 36 11.60 -6.02 -44.13
N GLY A 37 10.77 -6.43 -45.10
CA GLY A 37 10.01 -5.45 -45.86
C GLY A 37 8.81 -4.88 -45.15
N TYR A 38 8.34 -5.54 -44.09
CA TYR A 38 7.14 -5.12 -43.37
C TYR A 38 7.13 -5.85 -42.02
N VAL A 39 6.10 -5.56 -41.22
CA VAL A 39 5.91 -6.23 -39.94
C VAL A 39 4.49 -6.78 -39.88
N SER A 40 4.31 -7.75 -38.98
CA SER A 40 2.99 -8.31 -38.75
C SER A 40 2.08 -7.26 -38.12
N GLN A 41 0.78 -7.37 -38.41
CA GLN A 41 -0.20 -6.39 -37.96
C GLN A 41 -0.48 -6.60 -36.47
N GLN A 42 0.45 -6.14 -35.65
CA GLN A 42 0.33 -6.18 -34.20
C GLN A 42 0.37 -4.75 -33.66
N GLY A 43 -0.61 -4.39 -32.85
CA GLY A 43 -0.74 -3.02 -32.41
C GLY A 43 -1.35 -2.10 -33.44
N GLY A 44 -2.02 -2.65 -34.45
CA GLY A 44 -2.62 -1.85 -35.50
C GLY A 44 -1.64 -1.12 -36.37
N GLN A 45 -0.55 -1.78 -36.77
CA GLN A 45 0.46 -1.14 -37.62
C GLN A 45 1.07 -2.16 -38.55
N ARG A 46 1.39 -1.72 -39.77
CA ARG A 46 2.05 -2.52 -40.79
C ARG A 46 3.42 -1.95 -41.15
N SER A 47 4.06 -1.31 -40.17
CA SER A 47 5.19 -0.43 -40.42
C SER A 47 6.42 -1.21 -40.88
N THR A 48 7.44 -0.46 -41.25
CA THR A 48 8.75 -1.04 -41.53
C THR A 48 9.37 -1.56 -40.23
N PRO A 49 10.12 -2.66 -40.29
CA PRO A 49 10.95 -3.01 -39.12
C PRO A 49 11.93 -1.90 -38.73
N LEU A 50 12.42 -1.15 -39.72
CA LEU A 50 13.27 0.00 -39.42
C LEU A 50 12.49 1.09 -38.69
N ILE A 51 11.19 1.21 -38.95
CA ILE A 51 10.36 2.20 -38.25
C ILE A 51 10.34 1.92 -36.76
N ILE A 52 10.10 0.66 -36.39
CA ILE A 52 10.04 0.31 -34.97
C ILE A 52 11.44 0.19 -34.38
N ALA A 53 12.48 0.01 -35.20
CA ALA A 53 13.83 0.12 -34.70
C ALA A 53 14.21 1.56 -34.38
N ALA A 54 13.74 2.51 -35.19
CA ALA A 54 13.99 3.92 -34.94
C ALA A 54 13.03 4.52 -33.92
N ARG A 55 11.96 3.81 -33.58
CA ARG A 55 11.02 4.30 -32.56
C ARG A 55 11.70 4.39 -31.19
N ASN A 56 12.53 3.40 -30.86
CA ASN A 56 13.24 3.38 -29.59
C ASN A 56 14.72 3.72 -29.73
N GLY A 57 15.10 4.34 -30.84
CA GLY A 57 16.48 4.79 -31.03
C GLY A 57 17.52 3.70 -31.14
N HIS A 58 17.22 2.62 -31.86
CA HIS A 58 18.18 1.55 -32.09
C HIS A 58 18.81 1.74 -33.47
N ALA A 59 19.81 2.62 -33.52
CA ALA A 59 20.52 2.87 -34.77
C ALA A 59 21.33 1.66 -35.20
N LYS A 60 21.77 0.83 -34.23
CA LYS A 60 22.55 -0.35 -34.57
C LYS A 60 21.74 -1.35 -35.37
N VAL A 61 20.46 -1.53 -35.03
CA VAL A 61 19.61 -2.50 -35.72
C VAL A 61 19.45 -2.12 -37.19
N VAL A 62 19.06 -0.87 -37.44
CA VAL A 62 18.83 -0.43 -38.81
C VAL A 62 20.14 -0.35 -39.58
N ARG A 63 21.22 0.07 -38.92
CA ARG A 63 22.52 0.13 -39.59
C ARG A 63 23.01 -1.25 -39.98
N LEU A 64 22.87 -2.25 -39.10
CA LEU A 64 23.27 -3.60 -39.43
C LEU A 64 22.39 -4.20 -40.51
N LEU A 65 21.09 -3.89 -40.49
CA LEU A 65 20.21 -4.39 -41.55
C LEU A 65 20.57 -3.78 -42.90
N LEU A 66 20.90 -2.49 -42.93
CA LEU A 66 21.34 -1.86 -44.17
C LEU A 66 22.69 -2.40 -44.63
N GLU A 67 23.57 -2.74 -43.68
CA GLU A 67 24.86 -3.32 -44.04
C GLU A 67 24.70 -4.72 -44.62
N HIS A 68 23.79 -5.52 -44.05
CA HIS A 68 23.63 -6.89 -44.52
C HIS A 68 22.80 -6.95 -45.79
N TYR A 69 21.55 -6.49 -45.72
CA TYR A 69 20.64 -6.50 -46.87
C TYR A 69 20.02 -5.11 -46.98
N ARG A 70 20.58 -4.29 -47.87
CA ARG A 70 20.16 -2.90 -48.00
C ARG A 70 18.72 -2.82 -48.50
N VAL A 71 17.92 -1.99 -47.84
CA VAL A 71 16.53 -1.77 -48.23
C VAL A 71 16.30 -0.27 -48.23
N GLN A 72 15.31 0.16 -49.02
CA GLN A 72 14.96 1.57 -49.08
C GLN A 72 14.37 2.00 -47.74
N THR A 73 15.01 3.00 -47.11
CA THR A 73 14.51 3.55 -45.87
C THR A 73 13.19 4.29 -46.05
N GLN A 74 12.82 4.60 -47.28
CA GLN A 74 11.52 5.16 -47.62
C GLN A 74 10.40 4.13 -47.59
N GLN A 75 10.68 2.91 -47.10
CA GLN A 75 9.65 1.89 -46.96
C GLN A 75 8.59 2.36 -45.96
N THR A 76 7.37 2.55 -46.44
CA THR A 76 6.32 3.17 -45.66
C THR A 76 5.72 2.16 -44.68
N GLY A 77 4.67 2.55 -44.00
CA GLY A 77 4.00 1.68 -43.05
C GLY A 77 3.23 2.47 -42.02
N THR A 78 2.26 1.80 -41.40
CA THR A 78 1.37 2.45 -40.45
C THR A 78 2.10 2.76 -39.14
N VAL A 79 1.98 4.01 -38.69
CA VAL A 79 2.61 4.47 -37.46
C VAL A 79 1.53 5.03 -36.54
N ARG A 80 1.52 4.59 -35.29
CA ARG A 80 0.55 5.02 -34.31
C ARG A 80 1.13 6.10 -33.40
N PHE A 81 0.26 6.95 -32.88
CA PHE A 81 0.59 7.98 -31.91
C PHE A 81 -0.30 7.79 -30.68
N ASP A 82 -0.33 8.79 -29.80
CA ASP A 82 -1.13 8.71 -28.58
C ASP A 82 -2.62 8.58 -28.91
N GLY A 83 -3.10 9.33 -29.89
CA GLY A 83 -4.49 9.26 -30.29
C GLY A 83 -4.67 9.38 -31.79
N TYR A 84 -3.56 9.34 -32.53
CA TYR A 84 -3.57 9.51 -33.97
C TYR A 84 -2.84 8.35 -34.63
N VAL A 85 -3.29 7.99 -35.83
CA VAL A 85 -2.69 6.91 -36.61
C VAL A 85 -2.43 7.46 -38.01
N ILE A 86 -1.17 7.78 -38.30
CA ILE A 86 -0.77 8.27 -39.62
C ILE A 86 0.30 7.31 -40.14
N ASP A 87 0.07 6.76 -41.34
CA ASP A 87 0.98 5.76 -41.89
C ASP A 87 2.29 6.42 -42.30
N GLY A 88 3.34 6.17 -41.50
CA GLY A 88 4.64 6.79 -41.68
C GLY A 88 5.31 6.56 -43.02
N ALA A 89 5.84 7.64 -43.59
CA ALA A 89 6.49 7.53 -44.91
C ALA A 89 7.84 6.82 -44.81
N THR A 90 8.64 7.16 -43.81
CA THR A 90 9.98 6.59 -43.70
C THR A 90 10.34 6.43 -42.23
N ALA A 91 11.37 5.61 -41.98
CA ALA A 91 11.76 5.32 -40.61
C ALA A 91 12.42 6.52 -39.92
N LEU A 92 13.18 7.32 -40.66
CA LEU A 92 13.82 8.48 -40.06
C LEU A 92 12.83 9.56 -39.67
N TRP A 93 11.66 9.62 -40.33
CA TRP A 93 10.60 10.48 -39.84
C TRP A 93 10.14 10.05 -38.46
N CYS A 94 10.00 8.73 -38.25
CA CYS A 94 9.65 8.22 -36.93
C CYS A 94 10.77 8.48 -35.92
N ALA A 95 12.02 8.40 -36.36
CA ALA A 95 13.14 8.72 -35.47
C ALA A 95 13.14 10.18 -35.06
N ALA A 96 12.84 11.08 -36.01
CA ALA A 96 12.76 12.50 -35.69
C ALA A 96 11.58 12.80 -34.79
N GLY A 97 10.47 12.05 -34.94
CA GLY A 97 9.39 12.15 -33.99
C GLY A 97 9.68 11.54 -32.65
N ALA A 98 10.66 10.64 -32.58
CA ALA A 98 11.05 9.97 -31.34
C ALA A 98 12.28 10.57 -30.69
N GLY A 99 12.86 11.62 -31.28
CA GLY A 99 14.01 12.29 -30.69
C GLY A 99 15.29 11.48 -30.75
N HIS A 100 15.75 11.18 -31.96
CA HIS A 100 16.97 10.38 -32.15
C HIS A 100 17.70 10.94 -33.36
N PHE A 101 18.97 11.30 -33.17
CA PHE A 101 19.77 11.86 -34.24
C PHE A 101 20.61 10.80 -34.95
N GLU A 102 21.01 9.75 -34.22
CA GLU A 102 21.90 8.75 -34.79
C GLU A 102 21.25 8.00 -35.95
N VAL A 103 19.99 7.58 -35.77
CA VAL A 103 19.30 6.85 -36.82
C VAL A 103 19.12 7.74 -38.05
N VAL A 104 18.75 9.00 -37.83
CA VAL A 104 18.52 9.92 -38.94
C VAL A 104 19.80 10.17 -39.72
N LYS A 105 20.91 10.42 -39.01
CA LYS A 105 22.16 10.71 -39.71
C LYS A 105 22.69 9.47 -40.42
N LEU A 106 22.52 8.28 -39.83
CA LEU A 106 22.94 7.06 -40.50
C LEU A 106 22.11 6.79 -41.75
N LEU A 107 20.81 7.07 -41.69
CA LEU A 107 19.94 6.84 -42.85
C LEU A 107 20.23 7.84 -43.95
N VAL A 108 20.53 9.09 -43.60
CA VAL A 108 20.89 10.08 -44.62
C VAL A 108 22.23 9.75 -45.25
N SER A 109 23.20 9.30 -44.43
CA SER A 109 24.48 8.86 -44.96
C SER A 109 24.32 7.64 -45.86
N HIS A 110 23.33 6.81 -45.59
CA HIS A 110 22.96 5.73 -46.50
C HIS A 110 22.16 6.22 -47.70
N GLY A 111 21.68 7.46 -47.68
CA GLY A 111 20.89 8.00 -48.76
C GLY A 111 19.41 7.79 -48.55
N ALA A 112 18.66 8.89 -48.44
CA ALA A 112 17.23 8.79 -48.13
C ALA A 112 16.55 10.10 -48.53
N ASN A 113 15.22 10.05 -48.59
CA ASN A 113 14.41 11.23 -48.86
C ASN A 113 14.34 12.07 -47.59
N VAL A 114 14.91 13.28 -47.65
CA VAL A 114 14.97 14.13 -46.48
C VAL A 114 13.63 14.78 -46.17
N ASN A 115 12.71 14.81 -47.12
CA ASN A 115 11.40 15.41 -46.95
C ASN A 115 10.31 14.44 -47.40
N HIS A 116 10.41 13.19 -46.96
CA HIS A 116 9.44 12.18 -47.32
C HIS A 116 8.10 12.51 -46.66
N THR A 117 7.15 13.00 -47.45
CA THR A 117 5.85 13.39 -46.94
C THR A 117 5.06 12.17 -46.50
N THR A 118 4.49 12.23 -45.30
CA THR A 118 3.75 11.14 -44.70
C THR A 118 2.34 11.22 -45.32
N VAL A 119 1.37 10.45 -44.79
CA VAL A 119 0.01 10.47 -45.32
C VAL A 119 -0.60 11.86 -45.20
N THR A 120 -0.49 12.47 -44.02
CA THR A 120 -0.81 13.89 -43.88
C THR A 120 0.43 14.76 -44.07
N ASN A 121 1.18 14.44 -45.14
CA ASN A 121 2.42 15.10 -45.58
C ASN A 121 3.37 15.49 -44.45
N SER A 122 3.46 14.66 -43.42
CA SER A 122 4.31 15.01 -42.27
C SER A 122 5.77 14.81 -42.64
N THR A 123 6.46 15.93 -42.87
CA THR A 123 7.89 15.90 -43.19
C THR A 123 8.68 15.45 -41.96
N PRO A 124 9.80 14.76 -42.16
CA PRO A 124 10.71 14.49 -41.03
C PRO A 124 11.17 15.76 -40.32
N LEU A 125 11.31 16.87 -41.04
CA LEU A 125 11.54 18.16 -40.40
C LEU A 125 10.37 18.53 -39.50
N ARG A 126 9.14 18.27 -39.96
CA ARG A 126 7.97 18.50 -39.11
C ARG A 126 7.97 17.57 -37.90
N ALA A 127 8.45 16.34 -38.06
CA ALA A 127 8.56 15.43 -36.91
C ALA A 127 9.59 15.94 -35.90
N ALA A 128 10.71 16.47 -36.38
CA ALA A 128 11.69 17.07 -35.50
C ALA A 128 11.14 18.31 -34.81
N CYS A 129 10.31 19.08 -35.52
CA CYS A 129 9.62 20.20 -34.89
C CYS A 129 8.66 19.72 -33.80
N PHE A 130 8.02 18.58 -34.04
CA PHE A 130 7.16 17.99 -33.01
C PHE A 130 7.95 17.57 -31.78
N ASP A 131 9.13 17.00 -31.98
CA ASP A 131 9.94 16.58 -30.84
C ASP A 131 10.72 17.74 -30.25
N GLY A 132 11.61 18.35 -31.02
CA GLY A 132 12.33 19.52 -30.56
C GLY A 132 13.84 19.40 -30.61
N ARG A 133 14.36 18.32 -31.18
CA ARG A 133 15.81 18.14 -31.29
C ARG A 133 16.34 19.02 -32.41
N LEU A 134 17.13 20.03 -32.05
CA LEU A 134 17.64 20.97 -33.04
C LEU A 134 18.75 20.40 -33.90
N ASP A 135 19.46 19.37 -33.43
CA ASP A 135 20.52 18.77 -34.23
C ASP A 135 19.95 18.12 -35.49
N ILE A 136 18.82 17.43 -35.37
CA ILE A 136 18.16 16.84 -36.52
C ILE A 136 17.69 17.94 -37.48
N VAL A 137 17.17 19.03 -36.93
CA VAL A 137 16.73 20.15 -37.76
C VAL A 137 17.91 20.75 -38.54
N LYS A 138 19.04 20.93 -37.86
CA LYS A 138 20.23 21.47 -38.52
C LYS A 138 20.72 20.54 -39.63
N TYR A 139 20.75 19.24 -39.36
CA TYR A 139 21.19 18.30 -40.39
C TYR A 139 20.23 18.26 -41.56
N LEU A 140 18.93 18.35 -41.29
CA LEU A 140 17.94 18.27 -42.36
C LEU A 140 17.96 19.52 -43.22
N VAL A 141 18.15 20.70 -42.62
CA VAL A 141 18.28 21.90 -43.43
C VAL A 141 19.64 21.97 -44.11
N GLU A 142 20.64 21.25 -43.59
CA GLU A 142 21.85 21.01 -44.37
C GLU A 142 21.54 20.17 -45.60
N ASN A 143 20.63 19.21 -45.45
CA ASN A 143 20.20 18.34 -46.55
C ASN A 143 19.01 18.92 -47.33
N ASN A 144 18.85 20.24 -47.31
CA ASN A 144 17.80 20.96 -48.06
C ASN A 144 16.40 20.49 -47.64
N ALA A 145 16.08 20.74 -46.37
CA ALA A 145 14.75 20.43 -45.86
C ALA A 145 13.70 21.35 -46.48
N ASN A 146 12.50 20.81 -46.68
CA ASN A 146 11.39 21.58 -47.23
C ASN A 146 10.66 22.25 -46.08
N ILE A 147 10.87 23.57 -45.95
CA ILE A 147 10.31 24.33 -44.84
C ILE A 147 8.95 24.93 -45.15
N SER A 148 8.33 24.54 -46.27
CA SER A 148 7.02 25.06 -46.66
C SER A 148 5.96 23.97 -46.76
N ILE A 149 6.20 22.81 -46.17
CA ILE A 149 5.23 21.72 -46.23
C ILE A 149 4.16 21.93 -45.16
N ALA A 150 2.91 21.94 -45.59
CA ALA A 150 1.79 22.17 -44.69
C ALA A 150 0.78 21.04 -44.81
N ASN A 151 0.12 20.73 -43.70
CA ASN A 151 -0.77 19.59 -43.62
C ASN A 151 -2.07 19.84 -44.38
N LYS A 152 -2.98 18.87 -44.30
CA LYS A 152 -4.36 19.11 -44.71
C LYS A 152 -4.96 20.25 -43.91
N TYR A 153 -4.59 20.34 -42.63
CA TYR A 153 -4.92 21.49 -41.79
C TYR A 153 -4.03 22.70 -42.08
N ASP A 154 -3.20 22.64 -43.13
CA ASP A 154 -2.35 23.74 -43.58
C ASP A 154 -1.37 24.17 -42.49
N ASN A 155 -0.78 23.17 -41.82
CA ASN A 155 0.14 23.40 -40.72
C ASN A 155 1.58 23.24 -41.21
N THR A 156 2.23 24.37 -41.49
CA THR A 156 3.65 24.37 -41.78
C THR A 156 4.43 23.99 -40.51
N CYS A 157 5.60 23.37 -40.70
CA CYS A 157 6.36 22.81 -39.58
C CYS A 157 6.74 23.87 -38.55
N LEU A 158 6.77 25.15 -38.94
CA LEU A 158 6.96 26.21 -37.97
C LEU A 158 5.81 26.26 -36.98
N MET A 159 4.58 25.99 -37.44
CA MET A 159 3.44 25.92 -36.53
C MET A 159 3.60 24.80 -35.52
N ILE A 160 4.08 23.63 -35.99
CA ILE A 160 4.29 22.49 -35.10
C ILE A 160 5.39 22.80 -34.10
N ALA A 161 6.43 23.53 -34.53
CA ALA A 161 7.44 24.00 -33.58
C ALA A 161 6.82 24.94 -32.55
N ALA A 162 5.91 25.81 -32.99
CA ALA A 162 5.22 26.72 -32.10
C ALA A 162 4.18 26.05 -31.21
N TYR A 163 3.84 24.78 -31.48
CA TYR A 163 2.90 24.07 -30.63
C TYR A 163 3.44 23.92 -29.21
N LYS A 164 4.72 23.59 -29.08
CA LYS A 164 5.37 23.41 -27.80
C LYS A 164 6.31 24.59 -27.54
N GLY A 165 7.04 24.51 -26.43
CA GLY A 165 7.96 25.56 -26.05
C GLY A 165 9.38 25.34 -26.55
N HIS A 166 9.51 24.72 -27.72
CA HIS A 166 10.83 24.47 -28.32
C HIS A 166 11.32 25.76 -28.97
N THR A 167 11.87 26.64 -28.13
CA THR A 167 12.32 27.94 -28.59
C THR A 167 13.53 27.84 -29.52
N ASP A 168 14.41 26.86 -29.28
CA ASP A 168 15.60 26.71 -30.11
C ASP A 168 15.23 26.36 -31.55
N VAL A 169 14.29 25.42 -31.71
CA VAL A 169 13.83 25.07 -33.06
C VAL A 169 13.16 26.25 -33.73
N VAL A 170 12.39 27.03 -32.96
CA VAL A 170 11.70 28.19 -33.51
C VAL A 170 12.70 29.22 -34.02
N ARG A 171 13.69 29.55 -33.19
CA ARG A 171 14.65 30.59 -33.59
C ARG A 171 15.54 30.10 -34.74
N TYR A 172 15.92 28.82 -34.74
CA TYR A 172 16.74 28.33 -35.83
C TYR A 172 15.96 28.26 -37.14
N LEU A 173 14.66 27.92 -37.07
CA LEU A 173 13.85 27.87 -38.28
C LEU A 173 13.60 29.26 -38.82
N LEU A 174 13.23 30.22 -37.96
CA LEU A 174 13.02 31.58 -38.43
C LEU A 174 14.32 32.21 -38.92
N GLU A 175 15.47 31.75 -38.43
CA GLU A 175 16.74 32.15 -39.03
C GLU A 175 16.86 31.64 -40.46
N GLN A 176 16.37 30.43 -40.72
CA GLN A 176 16.50 29.82 -42.04
C GLN A 176 15.32 30.13 -42.94
N ARG A 177 14.95 31.43 -43.00
CA ARG A 177 13.97 31.97 -43.94
C ARG A 177 12.66 31.17 -43.93
N ALA A 178 12.11 30.97 -42.74
CA ALA A 178 10.88 30.21 -42.59
C ALA A 178 9.68 31.09 -42.96
N ASP A 179 8.48 30.62 -42.63
CA ASP A 179 7.24 31.33 -42.94
C ASP A 179 6.50 31.61 -41.64
N PRO A 180 6.83 32.71 -40.95
CA PRO A 180 6.05 33.10 -39.77
C PRO A 180 4.66 33.65 -40.09
N ASN A 181 4.29 33.73 -41.37
CA ASN A 181 2.94 34.09 -41.79
C ASN A 181 2.25 32.95 -42.50
N ALA A 182 2.63 31.72 -42.18
CA ALA A 182 2.04 30.55 -42.84
C ALA A 182 0.62 30.34 -42.33
N LYS A 183 -0.34 30.46 -43.25
CA LYS A 183 -1.75 30.34 -42.90
C LYS A 183 -2.10 28.88 -42.62
N ALA A 184 -3.01 28.68 -41.67
CA ALA A 184 -3.55 27.36 -41.38
C ALA A 184 -4.93 27.21 -42.02
N HIS A 185 -5.53 26.03 -41.83
CA HIS A 185 -6.87 25.79 -42.35
C HIS A 185 -7.89 26.69 -41.65
N CYS A 186 -7.75 26.89 -40.35
CA CYS A 186 -8.60 27.79 -39.59
C CYS A 186 -8.00 29.18 -39.45
N GLY A 187 -7.12 29.56 -40.38
CA GLY A 187 -6.49 30.86 -40.36
C GLY A 187 -5.39 31.03 -39.33
N ALA A 188 -5.06 29.97 -38.58
CA ALA A 188 -4.10 30.08 -37.51
C ALA A 188 -2.68 30.26 -38.05
N THR A 189 -1.80 30.73 -37.18
CA THR A 189 -0.40 30.95 -37.51
C THR A 189 0.39 30.73 -36.22
N ALA A 190 1.72 30.64 -36.36
CA ALA A 190 2.59 30.44 -35.20
C ALA A 190 2.43 31.55 -34.16
N LEU A 191 2.03 32.75 -34.59
CA LEU A 191 1.66 33.79 -33.64
C LEU A 191 0.49 33.33 -32.77
N HIS A 192 -0.59 32.87 -33.40
CA HIS A 192 -1.74 32.38 -32.66
C HIS A 192 -1.39 31.12 -31.86
N PHE A 193 -0.56 30.26 -32.44
CA PHE A 193 -0.23 29.00 -31.76
C PHE A 193 0.61 29.24 -30.52
N ALA A 194 1.57 30.17 -30.58
CA ALA A 194 2.32 30.52 -29.39
C ALA A 194 1.49 31.34 -28.42
N ALA A 195 0.50 32.09 -28.93
CA ALA A 195 -0.41 32.81 -28.04
C ALA A 195 -1.24 31.85 -27.22
N GLU A 196 -1.73 30.77 -27.83
CA GLU A 196 -2.48 29.76 -27.09
C GLU A 196 -1.55 28.92 -26.21
N ALA A 197 -0.35 28.62 -26.70
CA ALA A 197 0.57 27.76 -25.99
C ALA A 197 1.27 28.45 -24.81
N GLY A 198 1.18 29.77 -24.73
CA GLY A 198 1.77 30.50 -23.61
C GLY A 198 3.28 30.48 -23.53
N HIS A 199 3.97 30.68 -24.66
CA HIS A 199 5.42 30.80 -24.70
C HIS A 199 5.75 32.19 -25.23
N ILE A 200 5.86 33.15 -24.31
CA ILE A 200 6.09 34.54 -24.68
C ILE A 200 7.46 34.72 -25.34
N ASP A 201 8.44 33.90 -24.95
CA ASP A 201 9.75 33.95 -25.58
C ASP A 201 9.69 33.60 -27.06
N ILE A 202 8.88 32.61 -27.41
CA ILE A 202 8.67 32.27 -28.82
C ILE A 202 7.98 33.43 -29.55
N VAL A 203 7.04 34.11 -28.87
CA VAL A 203 6.37 35.25 -29.47
C VAL A 203 7.36 36.37 -29.75
N LYS A 204 8.25 36.64 -28.79
CA LYS A 204 9.26 37.68 -29.00
C LYS A 204 10.24 37.27 -30.11
N GLU A 205 10.55 35.98 -30.21
CA GLU A 205 11.39 35.50 -31.29
C GLU A 205 10.74 35.72 -32.65
N LEU A 206 9.42 35.50 -32.72
CA LEU A 206 8.70 35.77 -33.96
C LEU A 206 8.64 37.26 -34.25
N ILE A 207 8.47 38.09 -33.21
CA ILE A 207 8.45 39.54 -33.38
C ILE A 207 9.81 40.06 -33.83
N LYS A 208 10.88 39.35 -33.48
CA LYS A 208 12.20 39.68 -34.01
C LYS A 208 12.22 39.63 -35.52
N TRP A 209 11.44 38.72 -36.12
CA TRP A 209 11.27 38.73 -37.56
C TRP A 209 10.39 39.89 -38.02
N ARG A 210 9.38 40.23 -37.21
CA ARG A 210 8.34 41.26 -37.48
C ARG A 210 7.90 41.26 -38.94
N ALA A 211 7.55 40.07 -39.44
CA ALA A 211 7.14 39.94 -40.83
C ALA A 211 5.75 40.51 -41.05
N ALA A 212 4.74 39.91 -40.42
CA ALA A 212 3.37 40.39 -40.51
C ALA A 212 2.55 39.78 -39.38
N ILE A 213 1.38 40.36 -39.15
CA ILE A 213 0.40 39.84 -38.21
C ILE A 213 -0.92 39.65 -38.95
N VAL A 214 -1.51 38.47 -38.81
CA VAL A 214 -2.65 38.08 -39.64
C VAL A 214 -3.75 37.51 -38.75
N VAL A 215 -5.00 37.63 -39.22
CA VAL A 215 -6.16 37.14 -38.48
C VAL A 215 -6.38 35.66 -38.76
N ASN A 216 -7.22 35.02 -37.95
CA ASN A 216 -7.51 33.61 -38.09
C ASN A 216 -8.71 33.41 -39.02
N GLY A 217 -9.25 32.19 -39.04
CA GLY A 217 -10.37 31.90 -39.94
C GLY A 217 -11.64 32.64 -39.55
N HIS A 218 -11.96 32.68 -38.27
CA HIS A 218 -13.07 33.52 -37.81
C HIS A 218 -12.76 34.99 -38.01
N GLY A 219 -11.49 35.37 -37.86
CA GLY A 219 -11.05 36.73 -38.03
C GLY A 219 -10.84 37.42 -36.69
N MET A 220 -9.59 37.41 -36.22
CA MET A 220 -9.19 38.05 -34.97
C MET A 220 -7.67 38.02 -34.89
N THR A 221 -7.11 39.05 -34.27
CA THR A 221 -5.67 39.16 -34.13
C THR A 221 -5.14 38.09 -33.17
N PRO A 222 -3.87 37.69 -33.31
CA PRO A 222 -3.27 36.80 -32.30
C PRO A 222 -3.26 37.39 -30.90
N LEU A 223 -3.40 38.71 -30.77
CA LEU A 223 -3.66 39.29 -29.45
C LEU A 223 -4.96 38.76 -28.87
N LYS A 224 -6.01 38.68 -29.69
CA LYS A 224 -7.26 38.09 -29.23
C LYS A 224 -7.12 36.60 -29.00
N VAL A 225 -6.21 35.93 -29.71
CA VAL A 225 -5.97 34.52 -29.48
C VAL A 225 -5.26 34.33 -28.14
N ALA A 226 -4.33 35.21 -27.81
CA ALA A 226 -3.70 35.18 -26.48
C ALA A 226 -4.73 35.46 -25.40
N ALA A 227 -5.63 36.42 -25.64
CA ALA A 227 -6.70 36.71 -24.71
C ALA A 227 -7.77 35.62 -24.69
N GLU A 228 -7.74 34.69 -25.65
CA GLU A 228 -8.66 33.56 -25.63
C GLU A 228 -8.37 32.62 -24.47
N SER A 229 -7.11 32.48 -24.12
CA SER A 229 -6.68 31.72 -22.95
C SER A 229 -6.11 32.66 -21.90
N CYS A 230 -5.57 32.10 -20.83
CA CYS A 230 -5.02 32.89 -19.73
C CYS A 230 -3.51 32.99 -19.89
N LYS A 231 -3.11 33.82 -20.84
CA LYS A 231 -1.73 33.96 -21.30
C LYS A 231 -1.30 35.43 -21.24
N ALA A 232 -1.49 36.05 -20.07
CA ALA A 232 -1.36 37.49 -19.92
C ALA A 232 0.02 38.03 -20.28
N ASP A 233 1.06 37.20 -20.28
CA ASP A 233 2.38 37.65 -20.69
C ASP A 233 2.39 38.07 -22.16
N VAL A 234 1.83 37.22 -23.03
CA VAL A 234 1.78 37.54 -24.46
C VAL A 234 0.84 38.70 -24.70
N VAL A 235 -0.24 38.79 -23.93
CA VAL A 235 -1.16 39.91 -24.05
C VAL A 235 -0.47 41.23 -23.71
N GLU A 236 0.30 41.24 -22.63
CA GLU A 236 1.06 42.44 -22.26
C GLU A 236 2.11 42.78 -23.30
N LEU A 237 2.77 41.76 -23.87
CA LEU A 237 3.75 41.99 -24.91
C LEU A 237 3.13 42.63 -26.15
N LEU A 238 1.99 42.10 -26.58
CA LEU A 238 1.34 42.60 -27.78
C LEU A 238 0.70 43.97 -27.54
N LEU A 239 0.28 44.25 -26.31
CA LEU A 239 -0.18 45.60 -25.99
C LEU A 239 0.98 46.57 -25.91
N SER A 240 2.17 46.09 -25.52
CA SER A 240 3.37 46.91 -25.59
C SER A 240 3.76 47.21 -27.03
N HIS A 241 3.47 46.28 -27.95
CA HIS A 241 3.64 46.57 -29.36
C HIS A 241 2.72 47.69 -29.81
N ALA A 242 1.48 47.69 -29.29
CA ALA A 242 0.53 48.79 -29.42
C ALA A 242 0.23 49.14 -30.88
N ASP A 243 0.06 48.11 -31.71
CA ASP A 243 -0.42 48.31 -33.08
C ASP A 243 -1.95 48.20 -33.15
N CYS A 244 -2.61 48.93 -32.24
CA CYS A 244 -4.06 48.92 -32.10
C CYS A 244 -4.47 50.22 -31.44
N ASP A 245 -5.69 50.68 -31.75
CA ASP A 245 -6.20 51.90 -31.16
C ASP A 245 -6.67 51.61 -29.73
N ARG A 246 -7.28 52.61 -29.10
CA ARG A 246 -7.62 52.51 -27.67
C ARG A 246 -8.67 51.45 -27.42
N ARG A 247 -9.78 51.48 -28.18
CA ARG A 247 -10.89 50.58 -27.91
C ARG A 247 -10.51 49.12 -28.15
N SER A 248 -9.68 48.86 -29.16
CA SER A 248 -9.22 47.49 -29.40
C SER A 248 -8.35 46.99 -28.25
N ARG A 249 -7.48 47.85 -27.71
CA ARG A 249 -6.71 47.47 -26.54
C ARG A 249 -7.62 47.21 -25.34
N ILE A 250 -8.66 48.04 -25.18
CA ILE A 250 -9.59 47.89 -24.08
C ILE A 250 -10.30 46.54 -24.17
N GLU A 251 -10.82 46.19 -25.34
CA GLU A 251 -11.50 44.91 -25.47
C GLU A 251 -10.53 43.73 -25.42
N ALA A 252 -9.27 43.92 -25.81
CA ALA A 252 -8.27 42.88 -25.60
C ALA A 252 -8.08 42.59 -24.12
N LEU A 253 -8.00 43.65 -23.31
CA LEU A 253 -7.92 43.46 -21.86
C LEU A 253 -9.20 42.85 -21.32
N GLU A 254 -10.36 43.24 -21.87
CA GLU A 254 -11.63 42.63 -21.51
C GLU A 254 -11.58 41.11 -21.72
N LEU A 255 -11.09 40.68 -22.88
CA LEU A 255 -11.06 39.25 -23.18
C LEU A 255 -10.00 38.53 -22.36
N LEU A 256 -8.88 39.21 -22.06
CA LEU A 256 -7.88 38.61 -21.19
C LEU A 256 -8.44 38.34 -19.80
N GLY A 257 -9.20 39.30 -19.26
CA GLY A 257 -9.88 39.05 -18.00
C GLY A 257 -10.96 38.00 -18.13
N ALA A 258 -11.70 38.01 -19.24
CA ALA A 258 -12.82 37.10 -19.42
C ALA A 258 -12.37 35.65 -19.49
N SER A 259 -11.26 35.38 -20.18
CA SER A 259 -10.75 34.01 -20.25
C SER A 259 -10.36 33.50 -18.88
N PHE A 260 -9.76 34.35 -18.05
CA PHE A 260 -9.38 33.98 -16.71
C PHE A 260 -10.55 33.93 -15.75
N ALA A 261 -11.71 34.47 -16.15
CA ALA A 261 -12.88 34.47 -15.27
C ALA A 261 -13.41 33.07 -15.04
N ASN A 262 -13.48 32.25 -16.09
CA ASN A 262 -14.13 30.94 -16.01
C ASN A 262 -13.30 29.89 -16.74
N ASP A 263 -12.00 29.86 -16.49
CA ASP A 263 -11.14 28.82 -17.03
C ASP A 263 -10.91 27.73 -15.99
N ARG A 264 -11.00 26.47 -16.44
CA ARG A 264 -10.82 25.34 -15.53
C ARG A 264 -9.36 25.19 -15.11
N GLU A 265 -8.43 25.39 -16.05
CA GLU A 265 -7.02 25.15 -15.77
C GLU A 265 -6.49 26.08 -14.69
N ASN A 266 -6.73 27.37 -14.84
CA ASN A 266 -6.39 28.36 -13.82
C ASN A 266 -7.55 29.32 -13.63
N TYR A 267 -7.78 29.72 -12.38
CA TYR A 267 -9.00 30.44 -12.05
C TYR A 267 -8.77 31.27 -10.79
N ASP A 268 -8.60 32.57 -10.97
CA ASP A 268 -8.52 33.51 -9.85
C ASP A 268 -9.44 34.68 -10.14
N ILE A 269 -10.40 34.91 -9.24
CA ILE A 269 -11.37 35.97 -9.42
C ILE A 269 -10.72 37.34 -9.33
N ILE A 270 -9.71 37.48 -8.46
CA ILE A 270 -9.15 38.79 -8.15
C ILE A 270 -8.38 39.34 -9.35
N LYS A 271 -7.57 38.49 -10.00
CA LYS A 271 -6.82 38.94 -11.17
C LYS A 271 -7.76 39.29 -12.32
N THR A 272 -8.83 38.52 -12.48
CA THR A 272 -9.84 38.83 -13.49
C THR A 272 -10.48 40.19 -13.23
N TYR A 273 -10.85 40.46 -11.98
CA TYR A 273 -11.44 41.74 -11.62
C TYR A 273 -10.46 42.87 -11.86
N HIS A 274 -9.18 42.67 -11.52
CA HIS A 274 -8.18 43.71 -11.73
C HIS A 274 -7.98 43.98 -13.21
N TYR A 275 -7.94 42.95 -14.03
CA TYR A 275 -7.77 43.15 -15.47
C TYR A 275 -8.97 43.89 -16.07
N LEU A 276 -10.18 43.52 -15.67
CA LEU A 276 -11.36 44.20 -16.17
C LEU A 276 -11.41 45.64 -15.68
N TYR A 277 -10.95 45.88 -14.44
CA TYR A 277 -10.94 47.24 -13.91
C TYR A 277 -9.93 48.10 -14.65
N LEU A 278 -8.76 47.54 -14.99
CA LEU A 278 -7.80 48.26 -15.82
C LEU A 278 -8.37 48.55 -17.20
N ALA A 279 -9.11 47.59 -17.77
CA ALA A 279 -9.74 47.82 -19.06
C ALA A 279 -10.75 48.95 -19.00
N MET A 280 -11.57 48.99 -17.95
CA MET A 280 -12.54 50.07 -17.84
C MET A 280 -11.89 51.39 -17.45
N LEU A 281 -10.75 51.36 -16.74
CA LEU A 281 -10.00 52.58 -16.50
C LEU A 281 -9.46 53.16 -17.79
N GLU A 282 -8.95 52.29 -18.68
CA GLU A 282 -8.55 52.77 -20.00
C GLU A 282 -9.74 53.27 -20.80
N ARG A 283 -10.91 52.65 -20.62
CA ARG A 283 -12.12 53.13 -21.28
C ARG A 283 -12.51 54.52 -20.81
N PHE A 284 -12.43 54.76 -19.50
CA PHE A 284 -12.84 56.03 -18.91
C PHE A 284 -11.73 57.07 -18.89
N GLN A 285 -10.51 56.71 -19.30
CA GLN A 285 -9.42 57.67 -19.42
C GLN A 285 -9.69 58.70 -20.50
N ASP A 286 -10.62 58.42 -21.42
CA ASP A 286 -10.94 59.37 -22.48
C ASP A 286 -11.53 60.66 -21.90
N GLY A 287 -12.36 60.55 -20.86
CA GLY A 287 -12.96 61.71 -20.26
C GLY A 287 -14.00 62.34 -21.18
N ASP A 288 -13.66 63.48 -21.77
CA ASP A 288 -14.47 64.01 -22.85
C ASP A 288 -14.44 63.08 -24.05
N ASN A 289 -15.53 63.08 -24.81
CA ASN A 289 -15.84 62.14 -25.89
C ASN A 289 -15.43 60.71 -25.52
N ILE A 290 -15.96 60.26 -24.38
CA ILE A 290 -15.58 58.96 -23.84
C ILE A 290 -16.18 57.84 -24.68
N LEU A 291 -15.34 56.88 -25.04
CA LEU A 291 -15.81 55.68 -25.73
C LEU A 291 -16.55 54.78 -24.74
N GLU A 292 -17.64 54.18 -25.20
CA GLU A 292 -18.43 53.29 -24.36
C GLU A 292 -18.82 52.06 -25.18
N LYS A 293 -18.84 50.91 -24.52
CA LYS A 293 -19.18 49.67 -25.17
C LYS A 293 -20.68 49.60 -25.47
N GLU A 294 -21.02 48.95 -26.57
CA GLU A 294 -22.42 48.77 -26.93
C GLU A 294 -23.08 47.77 -26.00
N VAL A 295 -24.24 48.14 -25.46
CA VAL A 295 -24.93 47.30 -24.50
C VAL A 295 -25.69 46.20 -25.23
N LEU A 296 -25.67 45.00 -24.68
CA LEU A 296 -26.44 43.87 -25.18
C LEU A 296 -27.50 43.48 -24.15
N PRO A 297 -28.66 42.99 -24.60
CA PRO A 297 -29.74 42.64 -23.66
C PRO A 297 -29.33 41.49 -22.75
N PRO A 298 -29.76 41.52 -21.50
CA PRO A 298 -29.49 40.39 -20.59
C PRO A 298 -30.40 39.22 -20.94
N ILE A 299 -29.78 38.11 -21.33
CA ILE A 299 -30.55 36.91 -21.68
C ILE A 299 -31.23 36.37 -20.43
N HIS A 300 -32.51 36.06 -20.55
CA HIS A 300 -33.29 35.60 -19.39
C HIS A 300 -32.74 34.29 -18.84
N ALA A 301 -32.37 33.37 -19.73
CA ALA A 301 -31.76 32.12 -19.27
C ALA A 301 -30.31 32.33 -18.90
N TYR A 302 -29.50 32.78 -19.87
CA TYR A 302 -28.07 32.99 -19.63
C TYR A 302 -27.89 34.23 -18.77
N GLY A 303 -27.67 34.02 -17.48
CA GLY A 303 -27.58 35.13 -16.55
C GLY A 303 -28.92 35.82 -16.38
N ASN A 304 -28.86 36.99 -15.73
CA ASN A 304 -30.03 37.82 -15.62
C ASN A 304 -29.76 39.31 -15.81
N ARG A 305 -28.51 39.76 -15.79
CA ARG A 305 -28.19 41.18 -15.82
C ARG A 305 -27.19 41.47 -16.92
N THR A 306 -27.20 42.71 -17.38
CA THR A 306 -26.26 43.17 -18.40
C THR A 306 -24.94 43.54 -17.73
N GLU A 307 -24.04 44.17 -18.49
CA GLU A 307 -22.69 44.44 -18.02
C GLU A 307 -22.69 45.63 -17.05
N CYS A 308 -21.48 46.07 -16.70
CA CYS A 308 -21.27 47.25 -15.88
C CYS A 308 -20.60 48.31 -16.74
N ARG A 309 -21.22 49.49 -16.81
CA ARG A 309 -20.70 50.58 -17.63
C ARG A 309 -20.16 51.74 -16.78
N ASN A 310 -19.86 51.47 -15.51
CA ASN A 310 -19.24 52.44 -14.63
C ASN A 310 -18.17 51.74 -13.82
N PRO A 311 -17.07 52.42 -13.50
CA PRO A 311 -16.04 51.79 -12.65
C PRO A 311 -16.54 51.41 -11.27
N GLN A 312 -17.41 52.23 -10.67
CA GLN A 312 -17.94 51.93 -9.35
C GLN A 312 -18.86 50.70 -9.38
N GLU A 313 -19.42 50.37 -10.53
CA GLU A 313 -20.30 49.21 -10.62
C GLU A 313 -19.52 47.91 -10.40
N LEU A 314 -18.41 47.73 -11.12
CA LEU A 314 -17.61 46.53 -10.85
C LEU A 314 -16.80 46.67 -9.57
N GLU A 315 -16.52 47.89 -9.12
CA GLU A 315 -15.98 48.07 -7.77
C GLU A 315 -16.92 47.50 -6.73
N SER A 316 -18.22 47.68 -6.91
CA SER A 316 -19.19 47.13 -5.97
C SER A 316 -19.36 45.63 -6.16
N ILE A 317 -19.43 45.16 -7.40
CA ILE A 317 -19.76 43.75 -7.63
C ILE A 317 -18.50 42.88 -7.71
N ARG A 318 -17.36 43.45 -7.31
CA ARG A 318 -16.14 42.65 -7.15
C ARG A 318 -16.37 41.49 -6.17
N GLN A 319 -17.09 41.75 -5.07
CA GLN A 319 -17.44 40.66 -4.17
C GLN A 319 -18.45 39.72 -4.80
N ASP A 320 -19.28 40.21 -5.71
CA ASP A 320 -20.24 39.38 -6.43
C ASP A 320 -19.48 38.59 -7.51
N ARG A 321 -18.86 37.50 -7.06
CA ARG A 321 -18.01 36.70 -7.94
C ARG A 321 -18.82 36.05 -9.06
N ASP A 322 -20.04 35.61 -8.75
CA ASP A 322 -20.92 35.08 -9.79
C ASP A 322 -21.23 36.14 -10.84
N ALA A 323 -21.46 37.38 -10.40
CA ALA A 323 -21.66 38.47 -11.35
C ALA A 323 -20.40 38.75 -12.16
N LEU A 324 -19.22 38.61 -11.56
CA LEU A 324 -17.99 38.78 -12.32
C LEU A 324 -17.85 37.70 -13.40
N HIS A 325 -18.17 36.45 -13.05
CA HIS A 325 -18.18 35.39 -14.05
C HIS A 325 -19.17 35.69 -15.16
N MET A 326 -20.36 36.16 -14.80
CA MET A 326 -21.39 36.44 -15.78
C MET A 326 -20.96 37.55 -16.73
N GLU A 327 -20.40 38.64 -16.19
CA GLU A 327 -19.99 39.75 -17.05
C GLU A 327 -18.79 39.36 -17.92
N GLY A 328 -17.86 38.58 -17.38
CA GLY A 328 -16.74 38.12 -18.18
C GLY A 328 -17.20 37.26 -19.34
N LEU A 329 -18.09 36.32 -19.08
CA LEU A 329 -18.61 35.50 -20.16
C LEU A 329 -19.47 36.31 -21.12
N ILE A 330 -20.14 37.36 -20.63
CA ILE A 330 -20.97 38.20 -21.50
C ILE A 330 -20.09 38.93 -22.51
N VAL A 331 -19.02 39.57 -22.03
CA VAL A 331 -18.15 40.28 -22.97
C VAL A 331 -17.41 39.28 -23.85
N ARG A 332 -17.11 38.09 -23.32
CA ARG A 332 -16.48 37.04 -24.11
C ARG A 332 -17.37 36.64 -25.28
N GLU A 333 -18.66 36.43 -25.02
CA GLU A 333 -19.60 36.11 -26.09
C GLU A 333 -19.77 37.27 -27.05
N ARG A 334 -19.90 38.50 -26.52
CA ARG A 334 -20.21 39.62 -27.38
C ARG A 334 -19.05 40.03 -28.27
N ILE A 335 -17.82 39.64 -27.93
CA ILE A 335 -16.67 39.93 -28.78
C ILE A 335 -16.28 38.73 -29.63
N LEU A 336 -16.22 37.55 -29.02
CA LEU A 336 -15.91 36.35 -29.79
C LEU A 336 -17.04 35.97 -30.74
N GLY A 337 -18.27 36.34 -30.40
CA GLY A 337 -19.41 36.04 -31.24
C GLY A 337 -19.91 34.62 -31.03
N ALA A 338 -21.10 34.36 -31.59
CA ALA A 338 -21.63 33.01 -31.59
C ALA A 338 -20.90 32.10 -32.57
N ASP A 339 -20.12 32.68 -33.48
CA ASP A 339 -19.41 31.91 -34.51
C ASP A 339 -18.13 31.28 -33.99
N ASN A 340 -17.63 31.69 -32.82
CA ASN A 340 -16.35 31.19 -32.34
C ASN A 340 -16.50 29.82 -31.71
N ILE A 341 -15.43 29.02 -31.83
CA ILE A 341 -15.44 27.67 -31.27
C ILE A 341 -15.36 27.70 -29.75
N ASP A 342 -14.51 28.55 -29.21
CA ASP A 342 -14.17 28.52 -27.79
C ASP A 342 -15.14 29.30 -26.91
N VAL A 343 -16.20 29.88 -27.49
CA VAL A 343 -17.15 30.62 -26.68
C VAL A 343 -17.96 29.69 -25.79
N SER A 344 -18.03 28.40 -26.13
CA SER A 344 -18.89 27.46 -25.41
C SER A 344 -18.22 26.89 -24.16
N HIS A 345 -16.93 26.54 -24.25
CA HIS A 345 -16.29 25.76 -23.20
C HIS A 345 -16.28 26.42 -21.82
N PRO A 346 -15.94 27.71 -21.65
CA PRO A 346 -16.06 28.30 -20.31
C PRO A 346 -17.46 28.27 -19.74
N ILE A 347 -18.48 28.42 -20.58
CA ILE A 347 -19.86 28.33 -20.10
C ILE A 347 -20.14 26.92 -19.60
N ILE A 348 -19.62 25.92 -20.30
CA ILE A 348 -19.77 24.52 -19.88
C ILE A 348 -19.08 24.30 -18.54
N TYR A 349 -17.88 24.85 -18.38
CA TYR A 349 -17.15 24.70 -17.12
C TYR A 349 -17.89 25.36 -15.97
N ARG A 350 -18.41 26.57 -16.20
CA ARG A 350 -19.17 27.26 -15.15
C ARG A 350 -20.44 26.50 -14.81
N GLY A 351 -21.09 25.93 -15.81
CA GLY A 351 -22.24 25.08 -15.54
C GLY A 351 -21.89 23.88 -14.70
N ALA A 352 -20.76 23.24 -15.01
CA ALA A 352 -20.33 22.08 -14.23
C ALA A 352 -20.04 22.46 -12.79
N VAL A 353 -19.40 23.61 -12.58
CA VAL A 353 -19.12 24.11 -11.24
C VAL A 353 -20.43 24.36 -10.49
N TYR A 354 -21.40 24.99 -11.16
CA TYR A 354 -22.68 25.25 -10.53
C TYR A 354 -23.41 23.95 -10.20
N ALA A 355 -23.28 22.94 -11.08
CA ALA A 355 -23.93 21.65 -10.84
C ALA A 355 -23.34 20.95 -9.63
N ASP A 356 -22.01 20.96 -9.50
CA ASP A 356 -21.40 20.35 -8.33
C ASP A 356 -21.66 21.16 -7.07
N ASN A 357 -22.12 22.41 -7.18
CA ASN A 357 -22.52 23.21 -6.04
C ASN A 357 -24.03 23.27 -5.89
N MET A 358 -24.77 22.42 -6.61
CA MET A 358 -26.22 22.29 -6.51
C MET A 358 -26.96 23.60 -6.83
N GLU A 359 -26.38 24.43 -7.70
CA GLU A 359 -27.14 25.52 -8.31
C GLU A 359 -27.63 25.04 -9.67
N PHE A 360 -28.61 24.14 -9.61
CA PHE A 360 -28.98 23.33 -10.77
C PHE A 360 -29.68 24.14 -11.85
N GLU A 361 -30.55 25.08 -11.45
CA GLU A 361 -31.25 25.88 -12.45
C GLU A 361 -30.28 26.75 -13.24
N GLN A 362 -29.30 27.36 -12.56
CA GLN A 362 -28.28 28.13 -13.24
C GLN A 362 -27.47 27.25 -14.17
N CYS A 363 -27.13 26.03 -13.73
CA CYS A 363 -26.46 25.06 -14.58
C CYS A 363 -27.26 24.75 -15.83
N ILE A 364 -28.57 24.53 -15.67
CA ILE A 364 -29.38 24.12 -16.81
C ILE A 364 -29.52 25.27 -17.79
N LYS A 365 -29.70 26.49 -17.29
CA LYS A 365 -29.77 27.64 -18.18
C LYS A 365 -28.47 27.85 -18.94
N LEU A 366 -27.33 27.75 -18.25
CA LEU A 366 -26.05 27.95 -18.90
C LEU A 366 -25.78 26.87 -19.94
N TRP A 367 -26.07 25.60 -19.60
CA TRP A 367 -25.82 24.53 -20.54
C TRP A 367 -26.81 24.56 -21.71
N LEU A 368 -28.04 25.04 -21.47
CA LEU A 368 -28.97 25.23 -22.56
C LEU A 368 -28.47 26.28 -23.54
N HIS A 369 -27.94 27.39 -23.02
CA HIS A 369 -27.37 28.39 -23.91
C HIS A 369 -26.14 27.85 -24.63
N ALA A 370 -25.34 27.04 -23.94
CA ALA A 370 -24.18 26.42 -24.58
C ALA A 370 -24.60 25.51 -25.72
N LEU A 371 -25.65 24.72 -25.50
CA LEU A 371 -26.17 23.85 -26.54
C LEU A 371 -26.72 24.67 -27.70
N HIS A 372 -27.39 25.78 -27.41
CA HIS A 372 -27.91 26.65 -28.47
C HIS A 372 -26.78 27.19 -29.32
N LEU A 373 -25.71 27.68 -28.68
CA LEU A 373 -24.58 28.23 -29.41
C LEU A 373 -23.89 27.15 -30.24
N ARG A 374 -23.68 25.97 -29.66
CA ARG A 374 -22.97 24.92 -30.37
C ARG A 374 -23.80 24.37 -31.52
N GLN A 375 -25.13 24.32 -31.37
CA GLN A 375 -25.99 23.93 -32.48
C GLN A 375 -25.98 24.98 -33.58
N LYS A 376 -26.09 26.27 -33.22
CA LYS A 376 -26.06 27.33 -34.23
C LYS A 376 -24.71 27.42 -34.91
N GLY A 377 -23.64 26.94 -34.26
CA GLY A 377 -22.37 26.80 -34.93
C GLY A 377 -22.22 25.52 -35.72
N ASN A 378 -23.18 24.61 -35.61
CA ASN A 378 -23.23 23.35 -36.36
C ASN A 378 -21.96 22.52 -36.12
N ARG A 379 -21.78 22.11 -34.87
CA ARG A 379 -20.65 21.28 -34.47
C ARG A 379 -21.15 19.96 -33.91
N ASN A 380 -20.21 19.15 -33.42
CA ASN A 380 -20.55 17.93 -32.71
C ASN A 380 -21.11 18.32 -31.35
N THR A 381 -22.40 18.10 -31.15
CA THR A 381 -23.04 18.53 -29.91
C THR A 381 -23.64 17.33 -29.17
N HIS A 382 -22.88 16.26 -29.03
CA HIS A 382 -23.38 15.09 -28.30
C HIS A 382 -22.76 14.93 -26.92
N LYS A 383 -21.54 15.45 -26.70
CA LYS A 383 -20.94 15.35 -25.38
C LYS A 383 -21.73 16.14 -24.36
N ASP A 384 -22.16 17.36 -24.72
CA ASP A 384 -23.00 18.13 -23.83
C ASP A 384 -24.36 17.46 -23.63
N LEU A 385 -24.87 16.77 -24.66
CA LEU A 385 -26.12 16.03 -24.51
C LEU A 385 -25.97 14.91 -23.48
N LEU A 386 -24.85 14.17 -23.55
CA LEU A 386 -24.62 13.09 -22.59
C LEU A 386 -24.46 13.63 -21.18
N ARG A 387 -23.65 14.68 -21.00
CA ARG A 387 -23.50 15.28 -19.69
C ARG A 387 -24.79 15.90 -19.20
N PHE A 388 -25.65 16.30 -20.13
CA PHE A 388 -26.87 17.01 -19.76
C PHE A 388 -27.93 16.04 -19.27
N ALA A 389 -28.05 14.91 -19.96
CA ALA A 389 -28.85 13.82 -19.44
C ALA A 389 -28.27 13.32 -18.12
N GLN A 390 -26.95 13.39 -17.96
CA GLN A 390 -26.33 13.03 -16.71
C GLN A 390 -26.76 13.96 -15.56
N VAL A 391 -26.80 15.26 -15.81
CA VAL A 391 -27.18 16.16 -14.73
C VAL A 391 -28.68 16.07 -14.44
N PHE A 392 -29.53 15.82 -15.44
CA PHE A 392 -30.91 15.48 -15.09
C PHE A 392 -31.03 14.19 -14.28
N SER A 393 -30.23 13.18 -14.60
CA SER A 393 -30.24 11.97 -13.77
C SER A 393 -29.82 12.30 -12.33
N GLN A 394 -28.80 13.14 -12.17
CA GLN A 394 -28.37 13.55 -10.83
C GLN A 394 -29.48 14.29 -10.11
N MET A 395 -30.19 15.18 -10.81
CA MET A 395 -31.27 15.93 -10.19
C MET A 395 -32.42 15.02 -9.76
N ILE A 396 -32.81 14.09 -10.62
CA ILE A 396 -33.94 13.22 -10.29
C ILE A 396 -33.56 12.26 -9.16
N HIS A 397 -32.30 11.81 -9.14
CA HIS A 397 -31.84 10.93 -8.06
C HIS A 397 -31.87 11.64 -6.72
N LEU A 398 -31.74 12.96 -6.71
CA LEU A 398 -31.85 13.75 -5.49
C LEU A 398 -33.28 14.19 -5.21
N ASN A 399 -34.26 13.61 -5.91
CA ASN A 399 -35.68 13.93 -5.74
C ASN A 399 -35.96 15.42 -5.94
N GLU A 400 -35.26 16.01 -6.92
CA GLU A 400 -35.45 17.41 -7.28
C GLU A 400 -36.10 17.49 -8.64
N THR A 401 -37.21 18.20 -8.72
CA THR A 401 -37.95 18.30 -9.98
C THR A 401 -37.19 19.15 -10.99
N VAL A 402 -37.30 18.76 -12.25
CA VAL A 402 -36.73 19.50 -13.35
C VAL A 402 -37.80 20.38 -13.97
N LYS A 403 -37.38 21.36 -14.75
CA LYS A 403 -38.31 22.23 -15.46
C LYS A 403 -38.63 21.61 -16.81
N ALA A 404 -39.90 21.29 -17.02
CA ALA A 404 -40.33 20.67 -18.27
C ALA A 404 -40.02 21.49 -19.53
N PRO A 405 -40.10 22.83 -19.55
CA PRO A 405 -39.64 23.54 -20.76
C PRO A 405 -38.17 23.28 -21.10
N ASP A 406 -37.32 23.03 -20.11
CA ASP A 406 -35.95 22.63 -20.40
C ASP A 406 -35.92 21.27 -21.12
N ILE A 407 -36.77 20.34 -20.66
CA ILE A 407 -36.93 19.05 -21.35
C ILE A 407 -37.33 19.29 -22.80
N GLU A 408 -38.31 20.15 -23.03
CA GLU A 408 -38.79 20.40 -24.39
C GLU A 408 -37.69 21.02 -25.25
N CYS A 409 -36.97 22.01 -24.70
CA CYS A 409 -35.94 22.68 -25.48
C CYS A 409 -34.81 21.73 -25.85
N VAL A 410 -34.37 20.91 -24.89
CA VAL A 410 -33.28 20.00 -25.22
C VAL A 410 -33.77 18.89 -26.15
N LEU A 411 -35.04 18.50 -26.05
CA LEU A 411 -35.54 17.48 -26.96
C LEU A 411 -35.60 18.00 -28.40
N ARG A 412 -36.02 19.25 -28.57
CA ARG A 412 -35.97 19.87 -29.88
C ARG A 412 -34.53 19.96 -30.39
N CYS A 413 -33.60 20.37 -29.51
CA CYS A 413 -32.21 20.46 -29.92
C CYS A 413 -31.64 19.10 -30.30
N SER A 414 -31.97 18.06 -29.53
CA SER A 414 -31.44 16.73 -29.81
C SER A 414 -32.05 16.13 -31.07
N VAL A 415 -33.33 16.43 -31.32
CA VAL A 415 -33.95 15.97 -32.56
C VAL A 415 -33.28 16.62 -33.76
N LEU A 416 -33.05 17.94 -33.68
CA LEU A 416 -32.37 18.63 -34.78
C LEU A 416 -30.96 18.11 -34.95
N GLU A 417 -30.28 17.80 -33.84
CA GLU A 417 -28.93 17.25 -33.92
C GLU A 417 -28.94 15.86 -34.53
N ILE A 418 -29.96 15.05 -34.24
CA ILE A 418 -30.04 13.72 -34.83
C ILE A 418 -30.29 13.83 -36.33
N GLU A 419 -31.11 14.80 -36.73
CA GLU A 419 -31.29 15.07 -38.17
C GLU A 419 -29.97 15.48 -38.81
N GLN A 420 -29.22 16.35 -38.15
CA GLN A 420 -27.92 16.77 -38.65
C GLN A 420 -26.95 15.60 -38.75
N SER A 421 -26.97 14.72 -37.75
CA SER A 421 -26.11 13.54 -37.76
C SER A 421 -26.49 12.60 -38.90
N MET A 422 -27.78 12.41 -39.14
CA MET A 422 -28.21 11.60 -40.27
C MET A 422 -27.75 12.20 -41.59
N ASN A 423 -27.87 13.53 -41.72
CA ASN A 423 -27.46 14.19 -42.95
C ASN A 423 -25.95 14.05 -43.17
N ARG A 424 -25.15 14.21 -42.13
CA ARG A 424 -23.70 14.10 -42.31
C ARG A 424 -23.25 12.65 -42.45
N VAL A 425 -24.02 11.69 -41.91
CA VAL A 425 -23.72 10.28 -42.16
C VAL A 425 -23.99 9.93 -43.61
N LYS A 426 -25.15 10.34 -44.13
CA LYS A 426 -25.45 10.08 -45.53
C LYS A 426 -24.65 10.97 -46.48
N ASN A 427 -23.97 11.99 -45.96
CA ASN A 427 -23.09 12.84 -46.76
C ASN A 427 -21.64 12.36 -46.77
N ILE A 428 -21.07 12.06 -45.60
CA ILE A 428 -19.69 11.56 -45.56
C ILE A 428 -19.67 10.12 -46.07
N SER A 429 -18.57 9.74 -46.71
CA SER A 429 -18.43 8.40 -47.28
C SER A 429 -17.67 7.46 -46.36
N ASP A 430 -16.39 7.74 -46.10
CA ASP A 430 -15.59 6.85 -45.26
C ASP A 430 -14.60 7.61 -44.38
N ALA A 431 -14.65 8.95 -44.36
CA ALA A 431 -13.64 9.71 -43.63
C ALA A 431 -13.71 9.46 -42.13
N ASP A 432 -14.90 9.57 -41.55
CA ASP A 432 -15.11 9.28 -40.14
C ASP A 432 -16.40 8.50 -39.96
N VAL A 433 -16.64 7.52 -40.83
CA VAL A 433 -17.91 6.81 -40.85
C VAL A 433 -18.10 5.99 -39.58
N HIS A 434 -17.03 5.40 -39.06
CA HIS A 434 -17.12 4.69 -37.79
C HIS A 434 -17.40 5.65 -36.64
N ASN A 435 -16.70 6.80 -36.62
CA ASN A 435 -16.97 7.81 -35.61
C ASN A 435 -18.38 8.38 -35.77
N ALA A 436 -18.83 8.53 -37.01
CA ALA A 436 -20.18 9.01 -37.25
C ALA A 436 -21.23 8.03 -36.73
N MET A 437 -21.00 6.73 -36.94
CA MET A 437 -21.92 5.72 -36.41
C MET A 437 -21.93 5.71 -34.90
N ASP A 438 -20.75 5.84 -34.28
CA ASP A 438 -20.69 5.91 -32.82
C ASP A 438 -21.41 7.15 -32.30
N ASN A 439 -21.25 8.28 -32.99
CA ASN A 439 -21.95 9.50 -32.61
C ASN A 439 -23.46 9.34 -32.73
N TYR A 440 -23.90 8.69 -33.80
CA TYR A 440 -25.33 8.42 -34.00
C TYR A 440 -25.88 7.54 -32.88
N GLU A 441 -25.14 6.49 -32.52
CA GLU A 441 -25.58 5.60 -31.45
C GLU A 441 -25.67 6.33 -30.12
N CYS A 442 -24.65 7.14 -29.81
CA CYS A 442 -24.67 7.89 -28.55
C CYS A 442 -25.79 8.92 -28.54
N ASN A 443 -26.09 9.51 -29.70
CA ASN A 443 -27.20 10.46 -29.78
C ASN A 443 -28.53 9.78 -29.50
N LEU A 444 -28.74 8.60 -30.09
CA LEU A 444 -29.98 7.87 -29.81
C LEU A 444 -30.08 7.47 -28.36
N TYR A 445 -28.97 7.01 -27.77
CA TYR A 445 -28.99 6.63 -26.36
C TYR A 445 -29.30 7.82 -25.47
N THR A 446 -28.70 8.98 -25.76
CA THR A 446 -28.94 10.17 -24.95
C THR A 446 -30.38 10.66 -25.09
N PHE A 447 -30.92 10.61 -26.30
CA PHE A 447 -32.33 10.97 -26.48
C PHE A 447 -33.23 10.04 -25.70
N LEU A 448 -32.92 8.75 -25.70
CA LEU A 448 -33.73 7.79 -24.95
C LEU A 448 -33.63 8.04 -23.45
N TYR A 449 -32.43 8.41 -22.97
CA TYR A 449 -32.29 8.79 -21.57
C TYR A 449 -33.13 10.02 -21.25
N LEU A 450 -33.18 10.98 -22.17
CA LEU A 450 -34.00 12.16 -21.98
C LEU A 450 -35.49 11.81 -21.91
N VAL A 451 -35.92 10.87 -22.76
CA VAL A 451 -37.30 10.41 -22.70
C VAL A 451 -37.59 9.74 -21.36
N CYS A 452 -36.64 8.94 -20.87
CA CYS A 452 -36.80 8.31 -19.57
C CYS A 452 -36.90 9.36 -18.47
N ILE A 453 -36.07 10.39 -18.53
CA ILE A 453 -36.11 11.47 -17.56
C ILE A 453 -37.46 12.19 -17.59
N SER A 454 -37.96 12.45 -18.81
CA SER A 454 -39.25 13.11 -18.96
C SER A 454 -40.38 12.28 -18.36
N THR A 455 -40.33 10.96 -18.57
CA THR A 455 -41.35 10.10 -17.97
C THR A 455 -41.23 10.05 -16.45
N LYS A 456 -39.99 10.06 -15.94
CA LYS A 456 -39.80 9.93 -14.49
C LYS A 456 -40.33 11.15 -13.74
N THR A 457 -40.14 12.35 -14.29
CA THR A 457 -40.66 13.55 -13.66
C THR A 457 -42.15 13.72 -13.99
N GLN A 458 -42.76 14.73 -13.40
CA GLN A 458 -44.15 15.06 -13.65
C GLN A 458 -44.20 16.41 -14.36
N CYS A 459 -44.94 16.46 -15.48
CA CYS A 459 -44.97 17.64 -16.33
C CYS A 459 -46.40 18.10 -16.55
N SER A 460 -46.53 19.38 -16.89
CA SER A 460 -47.84 19.93 -17.22
C SER A 460 -48.32 19.37 -18.56
N GLU A 461 -49.61 19.52 -18.81
CA GLU A 461 -50.22 18.94 -20.01
C GLU A 461 -49.68 19.58 -21.28
N GLU A 462 -49.46 20.90 -21.27
CA GLU A 462 -48.94 21.57 -22.46
C GLU A 462 -47.48 21.17 -22.71
N ASP A 463 -46.68 21.12 -21.64
CA ASP A 463 -45.30 20.68 -21.78
C ASP A 463 -45.23 19.21 -22.20
N GLN A 464 -46.13 18.39 -21.65
CA GLN A 464 -46.20 16.99 -22.09
C GLN A 464 -46.57 16.90 -23.56
N CYS A 465 -47.48 17.75 -24.02
CA CYS A 465 -47.85 17.76 -25.43
C CYS A 465 -46.68 18.18 -26.31
N LYS A 466 -45.90 19.17 -25.87
CA LYS A 466 -44.74 19.58 -26.64
C LYS A 466 -43.67 18.49 -26.69
N ILE A 467 -43.45 17.82 -25.56
CA ILE A 467 -42.51 16.70 -25.52
C ILE A 467 -42.97 15.59 -26.46
N ASN A 468 -44.28 15.28 -26.43
CA ASN A 468 -44.83 14.29 -27.33
C ASN A 468 -44.70 14.71 -28.79
N LYS A 469 -44.83 16.00 -29.07
CA LYS A 469 -44.63 16.50 -30.42
C LYS A 469 -43.22 16.25 -30.90
N GLN A 470 -42.24 16.54 -30.05
CA GLN A 470 -40.84 16.33 -30.43
C GLN A 470 -40.53 14.85 -30.62
N ILE A 471 -41.02 14.01 -29.70
CA ILE A 471 -40.79 12.57 -29.81
C ILE A 471 -41.49 12.01 -31.04
N TYR A 472 -42.68 12.54 -31.35
CA TYR A 472 -43.40 12.13 -32.55
C TYR A 472 -42.64 12.51 -33.80
N ASN A 473 -42.04 13.70 -33.82
CA ASN A 473 -41.24 14.11 -34.98
C ASN A 473 -40.04 13.19 -35.16
N LEU A 474 -39.35 12.88 -34.07
CA LEU A 474 -38.17 12.02 -34.18
C LEU A 474 -38.55 10.61 -34.61
N ILE A 475 -39.61 10.05 -34.03
CA ILE A 475 -40.02 8.71 -34.40
C ILE A 475 -40.65 8.68 -35.78
N HIS A 476 -41.12 9.82 -36.29
CA HIS A 476 -41.56 9.90 -37.67
C HIS A 476 -40.37 9.92 -38.60
N LEU A 477 -39.24 10.47 -38.15
CA LEU A 477 -38.02 10.35 -38.95
C LEU A 477 -37.51 8.92 -38.99
N ASP A 478 -37.84 8.11 -37.98
CA ASP A 478 -37.48 6.71 -37.86
C ASP A 478 -35.97 6.49 -37.87
N PRO A 479 -35.26 6.86 -36.82
CA PRO A 479 -33.84 6.52 -36.74
C PRO A 479 -33.64 5.02 -36.58
N ARG A 480 -32.51 4.53 -37.10
CA ARG A 480 -32.16 3.13 -36.99
C ARG A 480 -30.71 3.02 -36.54
N THR A 481 -30.44 2.03 -35.68
CA THR A 481 -29.10 1.85 -35.14
C THR A 481 -28.21 1.18 -36.17
N ARG A 482 -27.01 0.79 -35.75
CA ARG A 482 -26.07 0.14 -36.65
C ARG A 482 -26.59 -1.21 -37.13
N GLU A 483 -27.19 -1.98 -36.22
CA GLU A 483 -27.78 -3.26 -36.56
C GLU A 483 -29.27 -3.18 -36.86
N GLY A 484 -29.79 -1.97 -37.08
CA GLY A 484 -31.14 -1.80 -37.54
C GLY A 484 -32.21 -1.68 -36.47
N PHE A 485 -31.83 -1.57 -35.20
CA PHE A 485 -32.82 -1.38 -34.15
C PHE A 485 -33.52 -0.04 -34.32
N THR A 486 -34.85 -0.05 -34.17
CA THR A 486 -35.57 1.20 -34.08
C THR A 486 -35.47 1.74 -32.66
N LEU A 487 -36.10 2.90 -32.43
CA LEU A 487 -36.10 3.48 -31.08
C LEU A 487 -36.87 2.59 -30.11
N LEU A 488 -37.97 2.02 -30.56
CA LEU A 488 -38.74 1.12 -29.72
C LEU A 488 -37.93 -0.11 -29.32
N HIS A 489 -37.18 -0.67 -30.27
CA HIS A 489 -36.31 -1.79 -29.95
C HIS A 489 -35.22 -1.38 -28.98
N LEU A 490 -34.73 -0.14 -29.11
CA LEU A 490 -33.70 0.35 -28.20
C LEU A 490 -34.24 0.47 -26.78
N ALA A 491 -35.47 0.96 -26.63
CA ALA A 491 -36.05 1.07 -25.30
C ALA A 491 -36.41 -0.30 -24.73
N VAL A 492 -36.80 -1.24 -25.60
CA VAL A 492 -37.16 -2.57 -25.13
C VAL A 492 -35.94 -3.34 -24.65
N ASN A 493 -34.84 -3.26 -25.39
CA ASN A 493 -33.68 -4.10 -25.12
C ASN A 493 -33.02 -3.76 -23.79
N SER A 494 -32.65 -4.79 -23.04
CA SER A 494 -31.82 -4.61 -21.85
C SER A 494 -30.35 -4.41 -22.21
N ASN A 495 -29.96 -4.67 -23.45
CA ASN A 495 -28.59 -4.46 -23.88
C ASN A 495 -28.32 -3.03 -24.29
N THR A 496 -29.31 -2.15 -24.23
CA THR A 496 -29.10 -0.74 -24.49
C THR A 496 -28.18 -0.17 -23.42
N PRO A 497 -27.05 0.42 -23.79
CA PRO A 497 -26.11 0.89 -22.78
C PRO A 497 -26.68 2.04 -21.96
N VAL A 498 -26.25 2.09 -20.70
CA VAL A 498 -26.56 3.18 -19.79
C VAL A 498 -25.24 3.75 -19.29
N ASP A 499 -25.14 5.07 -19.26
CA ASP A 499 -23.91 5.73 -18.85
C ASP A 499 -23.61 5.42 -17.38
N ASP A 500 -22.31 5.32 -17.06
CA ASP A 500 -21.86 4.94 -15.73
C ASP A 500 -22.13 5.97 -14.66
N PHE A 501 -22.52 7.19 -15.02
CA PHE A 501 -22.76 8.25 -14.05
C PHE A 501 -24.20 8.02 -13.53
N HIS A 502 -24.81 9.01 -12.87
CA HIS A 502 -26.12 8.90 -12.23
C HIS A 502 -27.26 8.39 -13.14
N THR A 503 -27.01 8.21 -14.44
CA THR A 503 -28.04 7.69 -15.34
C THR A 503 -28.53 6.32 -14.92
N ASN A 504 -27.64 5.49 -14.34
CA ASN A 504 -28.05 4.19 -13.81
C ASN A 504 -29.10 4.32 -12.73
N ASP A 505 -29.21 5.49 -12.11
CA ASP A 505 -30.24 5.71 -11.11
C ASP A 505 -31.63 5.78 -11.72
N VAL A 506 -31.75 6.27 -12.97
CA VAL A 506 -33.08 6.50 -13.54
C VAL A 506 -33.27 5.76 -14.84
N CYS A 507 -32.19 5.49 -15.57
CA CYS A 507 -32.27 4.80 -16.85
C CYS A 507 -31.99 3.33 -16.59
N SER A 508 -33.04 2.52 -16.63
CA SER A 508 -33.00 1.11 -16.26
C SER A 508 -33.70 0.28 -17.31
N PHE A 509 -33.29 0.44 -18.57
CA PHE A 509 -33.96 -0.21 -19.68
C PHE A 509 -33.93 -1.73 -19.52
N PRO A 510 -35.03 -2.43 -19.81
CA PRO A 510 -36.30 -1.95 -20.37
C PRO A 510 -37.14 -1.11 -19.43
N ASN A 511 -37.83 -0.10 -19.96
CA ASN A 511 -38.65 0.80 -19.17
C ASN A 511 -40.06 0.82 -19.74
N ALA A 512 -41.04 0.59 -18.87
CA ALA A 512 -42.42 0.52 -19.32
C ALA A 512 -42.95 1.88 -19.74
N LEU A 513 -42.60 2.93 -18.98
CA LEU A 513 -43.11 4.26 -19.28
C LEU A 513 -42.60 4.76 -20.63
N VAL A 514 -41.33 4.50 -20.93
CA VAL A 514 -40.76 4.92 -22.20
C VAL A 514 -41.46 4.24 -23.36
N THR A 515 -41.69 2.92 -23.24
CA THR A 515 -42.37 2.19 -24.31
C THR A 515 -43.81 2.66 -24.47
N LYS A 516 -44.50 2.91 -23.36
CA LYS A 516 -45.86 3.44 -23.45
C LYS A 516 -45.88 4.80 -24.13
N LEU A 517 -44.92 5.67 -23.80
CA LEU A 517 -44.85 6.98 -24.43
C LEU A 517 -44.59 6.86 -25.92
N LEU A 518 -43.66 6.00 -26.32
CA LEU A 518 -43.37 5.81 -27.73
C LEU A 518 -44.59 5.27 -28.48
N LEU A 519 -45.30 4.32 -27.87
CA LEU A 519 -46.45 3.74 -28.56
C LEU A 519 -47.61 4.73 -28.65
N ASP A 520 -47.85 5.54 -27.61
CA ASP A 520 -48.95 6.47 -27.69
C ASP A 520 -48.62 7.65 -28.60
N CYS A 521 -47.34 8.01 -28.73
CA CYS A 521 -47.01 9.04 -29.71
C CYS A 521 -46.88 8.46 -31.12
N GLY A 522 -46.86 7.15 -31.27
CA GLY A 522 -47.02 6.56 -32.58
C GLY A 522 -45.78 5.91 -33.17
N ALA A 523 -45.01 5.21 -32.35
CA ALA A 523 -43.90 4.43 -32.86
C ALA A 523 -44.42 3.25 -33.68
N GLU A 524 -43.67 2.89 -34.72
CA GLU A 524 -44.04 1.76 -35.56
C GLU A 524 -43.69 0.48 -34.81
N VAL A 525 -44.67 -0.08 -34.11
CA VAL A 525 -44.44 -1.24 -33.27
C VAL A 525 -44.12 -2.48 -34.10
N ASN A 526 -44.70 -2.60 -35.29
CA ASN A 526 -44.45 -3.75 -36.15
C ASN A 526 -43.10 -3.71 -36.83
N ALA A 527 -42.37 -2.60 -36.72
CA ALA A 527 -41.08 -2.48 -37.39
C ALA A 527 -40.06 -3.44 -36.79
N VAL A 528 -39.28 -4.06 -37.67
CA VAL A 528 -38.28 -5.04 -37.26
C VAL A 528 -36.89 -4.48 -37.57
N ASP A 529 -35.88 -5.13 -37.00
CA ASP A 529 -34.51 -4.71 -37.16
C ASP A 529 -33.92 -5.36 -38.43
N ASN A 530 -32.61 -5.21 -38.62
CA ASN A 530 -31.96 -5.82 -39.76
C ASN A 530 -31.94 -7.34 -39.66
N GLU A 531 -31.86 -7.87 -38.43
CA GLU A 531 -31.97 -9.30 -38.22
C GLU A 531 -33.40 -9.82 -38.29
N GLY A 532 -34.38 -8.92 -38.37
CA GLY A 532 -35.77 -9.30 -38.47
C GLY A 532 -36.49 -9.45 -37.14
N ASN A 533 -35.78 -9.35 -36.02
CA ASN A 533 -36.43 -9.41 -34.72
C ASN A 533 -37.31 -8.18 -34.50
N SER A 534 -38.48 -8.40 -33.94
CA SER A 534 -39.41 -7.33 -33.62
C SER A 534 -39.20 -6.90 -32.17
N ALA A 535 -40.00 -5.93 -31.74
CA ALA A 535 -39.96 -5.50 -30.34
C ALA A 535 -40.42 -6.62 -29.42
N LEU A 536 -41.42 -7.40 -29.85
CA LEU A 536 -41.93 -8.50 -29.04
C LEU A 536 -40.85 -9.55 -28.81
N HIS A 537 -40.04 -9.83 -29.82
CA HIS A 537 -38.96 -10.80 -29.65
C HIS A 537 -37.96 -10.33 -28.61
N ILE A 538 -37.57 -9.06 -28.67
CA ILE A 538 -36.56 -8.56 -27.75
C ILE A 538 -37.11 -8.51 -26.32
N ILE A 539 -38.39 -8.15 -26.16
CA ILE A 539 -38.92 -8.09 -24.81
C ILE A 539 -39.17 -9.47 -24.25
N VAL A 540 -39.59 -10.44 -25.08
CA VAL A 540 -39.77 -11.78 -24.56
C VAL A 540 -38.43 -12.45 -24.31
N GLN A 541 -37.35 -11.96 -24.93
CA GLN A 541 -36.02 -12.49 -24.69
C GLN A 541 -35.40 -11.93 -23.41
N TYR A 542 -36.17 -11.16 -22.64
CA TYR A 542 -35.67 -10.57 -21.40
C TYR A 542 -35.34 -11.65 -20.38
N ASN A 543 -34.30 -11.39 -19.57
CA ASN A 543 -33.67 -12.41 -18.77
C ASN A 543 -33.98 -12.33 -17.28
N ARG A 544 -34.74 -11.35 -16.83
CA ARG A 544 -35.11 -11.22 -15.42
C ARG A 544 -36.62 -11.06 -15.31
N PRO A 545 -37.37 -12.10 -15.65
CA PRO A 545 -38.83 -11.94 -15.77
C PRO A 545 -39.53 -11.64 -14.46
N ILE A 546 -38.91 -11.95 -13.32
CA ILE A 546 -39.59 -11.84 -12.04
C ILE A 546 -38.99 -10.77 -11.14
N SER A 547 -37.70 -10.47 -11.26
CA SER A 547 -37.08 -9.45 -10.42
C SER A 547 -37.68 -8.07 -10.67
N ASP A 548 -38.11 -7.81 -11.90
CA ASP A 548 -38.78 -6.56 -12.28
C ASP A 548 -39.99 -6.87 -13.15
N PHE A 549 -40.83 -7.79 -12.67
CA PHE A 549 -41.97 -8.26 -13.46
C PHE A 549 -42.95 -7.16 -13.80
N LEU A 550 -43.01 -6.10 -12.99
CA LEU A 550 -43.96 -5.01 -13.25
C LEU A 550 -43.68 -4.36 -14.60
N THR A 551 -42.41 -4.07 -14.87
CA THR A 551 -42.04 -3.48 -16.15
C THR A 551 -42.37 -4.41 -17.30
N LEU A 552 -42.07 -5.71 -17.14
CA LEU A 552 -42.32 -6.67 -18.21
C LEU A 552 -43.81 -6.78 -18.50
N HIS A 553 -44.64 -6.86 -17.46
CA HIS A 553 -46.07 -6.98 -17.69
C HIS A 553 -46.63 -5.72 -18.34
N SER A 554 -46.22 -4.55 -17.86
CA SER A 554 -46.72 -3.31 -18.44
C SER A 554 -46.30 -3.17 -19.90
N ILE A 555 -45.05 -3.54 -20.21
CA ILE A 555 -44.60 -3.38 -21.59
C ILE A 555 -45.24 -4.42 -22.51
N ILE A 556 -45.49 -5.64 -22.03
CA ILE A 556 -46.22 -6.60 -22.85
C ILE A 556 -47.64 -6.12 -23.10
N ILE A 557 -48.30 -5.60 -22.06
CA ILE A 557 -49.66 -5.07 -22.23
C ILE A 557 -49.67 -3.94 -23.24
N SER A 558 -48.70 -3.02 -23.13
CA SER A 558 -48.67 -1.88 -24.03
C SER A 558 -48.36 -2.29 -25.46
N LEU A 559 -47.42 -3.22 -25.64
CA LEU A 559 -47.08 -3.70 -26.98
C LEU A 559 -48.25 -4.40 -27.63
N VAL A 560 -48.98 -5.22 -26.88
CA VAL A 560 -50.13 -5.93 -27.44
C VAL A 560 -51.26 -4.95 -27.75
N GLU A 561 -51.48 -3.98 -26.86
CA GLU A 561 -52.57 -3.02 -27.06
C GLU A 561 -52.30 -2.12 -28.26
N ALA A 562 -51.06 -1.68 -28.44
CA ALA A 562 -50.71 -0.93 -29.64
C ALA A 562 -50.84 -1.80 -30.88
N GLY A 563 -50.61 -3.10 -30.73
CA GLY A 563 -50.86 -4.07 -31.78
C GLY A 563 -49.61 -4.50 -32.50
N ALA A 564 -49.05 -5.62 -32.08
CA ALA A 564 -47.94 -6.26 -32.75
C ALA A 564 -48.34 -7.70 -33.05
N HIS A 565 -48.13 -8.13 -34.30
CA HIS A 565 -48.52 -9.47 -34.68
C HIS A 565 -47.64 -10.47 -33.96
N THR A 566 -48.23 -11.18 -33.00
CA THR A 566 -47.48 -12.09 -32.13
C THR A 566 -46.94 -13.30 -32.86
N ASP A 567 -47.36 -13.53 -34.10
CA ASP A 567 -46.83 -14.63 -34.91
C ASP A 567 -45.76 -14.19 -35.90
N MET A 568 -45.43 -12.90 -35.94
CA MET A 568 -44.40 -12.45 -36.85
C MET A 568 -43.04 -13.01 -36.41
N THR A 569 -42.19 -13.31 -37.39
CA THR A 569 -41.00 -14.09 -37.16
C THR A 569 -39.75 -13.33 -37.61
N ASN A 570 -38.63 -13.71 -37.02
CA ASN A 570 -37.33 -13.17 -37.41
C ASN A 570 -36.83 -13.91 -38.64
N LYS A 571 -35.55 -13.73 -38.95
CA LYS A 571 -34.96 -14.40 -40.11
C LYS A 571 -34.88 -15.91 -39.93
N GLN A 572 -34.91 -16.40 -38.69
CA GLN A 572 -34.90 -17.82 -38.41
C GLN A 572 -36.28 -18.45 -38.42
N ASN A 573 -37.31 -17.66 -38.69
CA ASN A 573 -38.70 -18.13 -38.82
C ASN A 573 -39.18 -18.81 -37.54
N LYS A 574 -39.24 -18.02 -36.47
CA LYS A 574 -39.81 -18.50 -35.22
C LYS A 574 -40.51 -17.35 -34.50
N THR A 575 -41.61 -17.68 -33.84
CA THR A 575 -42.44 -16.70 -33.16
C THR A 575 -41.72 -16.17 -31.90
N PRO A 576 -42.14 -15.01 -31.39
CA PRO A 576 -41.58 -14.55 -30.11
C PRO A 576 -41.77 -15.54 -28.98
N LEU A 577 -42.92 -16.20 -28.90
CA LEU A 577 -43.11 -17.22 -27.88
C LEU A 577 -42.21 -18.43 -28.11
N ASP A 578 -41.75 -18.65 -29.34
CA ASP A 578 -40.73 -19.66 -29.58
C ASP A 578 -39.36 -19.20 -29.10
N LYS A 579 -39.12 -17.88 -29.10
CA LYS A 579 -37.90 -17.30 -28.54
C LYS A 579 -38.14 -16.77 -27.14
N SER A 580 -39.01 -17.44 -26.38
CA SER A 580 -39.32 -16.98 -25.03
C SER A 580 -38.12 -17.07 -24.10
N THR A 581 -37.47 -18.24 -24.07
CA THR A 581 -36.35 -18.54 -23.17
C THR A 581 -36.71 -18.27 -21.71
N THR A 582 -38.00 -18.35 -21.38
CA THR A 582 -38.51 -17.94 -20.08
C THR A 582 -39.94 -18.44 -19.91
N GLY A 583 -40.23 -19.11 -18.79
CA GLY A 583 -41.60 -19.54 -18.55
C GLY A 583 -42.57 -18.38 -18.34
N VAL A 584 -42.15 -17.38 -17.57
CA VAL A 584 -43.06 -16.30 -17.19
C VAL A 584 -43.49 -15.48 -18.40
N SER A 585 -42.51 -15.09 -19.23
CA SER A 585 -42.83 -14.31 -20.42
C SER A 585 -43.67 -15.12 -21.40
N GLU A 586 -43.39 -16.42 -21.50
CA GLU A 586 -44.18 -17.30 -22.35
C GLU A 586 -45.64 -17.33 -21.90
N ILE A 587 -45.86 -17.49 -20.59
CA ILE A 587 -47.23 -17.55 -20.08
C ILE A 587 -47.94 -16.22 -20.27
N LEU A 588 -47.22 -15.11 -20.03
CA LEU A 588 -47.82 -13.79 -20.18
C LEU A 588 -48.19 -13.51 -21.63
N LEU A 589 -47.33 -13.88 -22.57
CA LEU A 589 -47.68 -13.70 -23.97
C LEU A 589 -48.81 -14.62 -24.39
N LYS A 590 -48.83 -15.86 -23.89
CA LYS A 590 -49.88 -16.80 -24.23
C LYS A 590 -51.23 -16.32 -23.77
N THR A 591 -51.31 -15.80 -22.53
CA THR A 591 -52.58 -15.23 -22.08
C THR A 591 -52.85 -13.88 -22.71
N GLN A 592 -51.84 -13.23 -23.28
CA GLN A 592 -52.02 -11.99 -24.03
C GLN A 592 -52.15 -12.23 -25.53
N MET A 593 -52.17 -13.49 -25.97
CA MET A 593 -52.28 -13.81 -27.39
C MET A 593 -53.69 -13.44 -27.90
N LYS A 594 -53.87 -13.60 -29.21
CA LYS A 594 -55.16 -13.37 -29.82
C LYS A 594 -55.29 -14.25 -31.06
N MET A 595 -56.38 -15.01 -31.12
CA MET A 595 -56.57 -15.95 -32.21
C MET A 595 -57.01 -15.24 -33.48
N SER A 596 -56.52 -15.75 -34.61
CA SER A 596 -56.94 -15.28 -35.92
C SER A 596 -56.84 -16.45 -36.89
N LEU A 597 -57.81 -16.53 -37.81
CA LEU A 597 -57.72 -17.56 -38.84
C LEU A 597 -56.70 -17.17 -39.91
N LYS A 598 -56.57 -15.87 -40.17
CA LYS A 598 -55.58 -15.37 -41.11
C LYS A 598 -54.16 -15.73 -40.67
N CYS A 599 -53.86 -15.49 -39.39
CA CYS A 599 -52.52 -15.76 -38.88
C CYS A 599 -52.22 -17.25 -38.87
N LEU A 600 -53.20 -18.08 -38.49
CA LEU A 600 -52.99 -19.52 -38.50
C LEU A 600 -52.78 -20.04 -39.92
N ALA A 601 -53.55 -19.51 -40.87
CA ALA A 601 -53.37 -19.90 -42.27
C ALA A 601 -51.99 -19.50 -42.77
N ALA A 602 -51.54 -18.29 -42.40
CA ALA A 602 -50.21 -17.84 -42.81
C ALA A 602 -49.11 -18.71 -42.20
N ARG A 603 -49.27 -19.08 -40.93
CA ARG A 603 -48.29 -19.95 -40.28
C ARG A 603 -48.24 -21.32 -40.94
N ALA A 604 -49.41 -21.87 -41.28
CA ALA A 604 -49.44 -23.16 -41.98
C ALA A 604 -48.80 -23.06 -43.35
N VAL A 605 -49.05 -21.95 -44.07
CA VAL A 605 -48.47 -21.77 -45.40
C VAL A 605 -46.94 -21.69 -45.31
N ARG A 606 -46.44 -20.93 -44.34
CA ARG A 606 -44.99 -20.82 -44.17
C ARG A 606 -44.38 -22.15 -43.72
N ALA A 607 -45.09 -22.92 -42.91
CA ALA A 607 -44.56 -24.19 -42.43
C ALA A 607 -44.51 -25.23 -43.55
N ASN A 608 -45.53 -25.26 -44.41
CA ASN A 608 -45.63 -26.27 -45.45
C ASN A 608 -44.92 -25.90 -46.74
N ASP A 609 -44.25 -24.74 -46.77
CA ASP A 609 -43.46 -24.29 -47.93
C ASP A 609 -44.30 -24.23 -49.21
N ILE A 610 -45.55 -23.79 -49.08
CA ILE A 610 -46.40 -23.61 -50.25
C ILE A 610 -45.96 -22.37 -51.02
N ASN A 611 -46.05 -22.43 -52.35
CA ASN A 611 -45.65 -21.33 -53.22
C ASN A 611 -46.61 -20.16 -53.02
N TYR A 612 -46.14 -19.11 -52.35
CA TYR A 612 -46.93 -17.92 -52.10
C TYR A 612 -46.61 -16.79 -53.07
N GLN A 613 -45.76 -17.02 -54.06
CA GLN A 613 -45.31 -15.96 -54.95
C GLN A 613 -46.36 -15.69 -56.01
N ASP A 614 -46.90 -14.46 -56.00
CA ASP A 614 -47.83 -13.93 -57.00
C ASP A 614 -49.13 -14.73 -57.10
N GLN A 615 -49.48 -15.50 -56.05
CA GLN A 615 -50.78 -16.13 -55.95
C GLN A 615 -51.64 -15.49 -54.87
N ILE A 616 -51.10 -14.53 -54.14
CA ILE A 616 -51.81 -13.79 -53.10
C ILE A 616 -51.50 -12.32 -53.28
N PRO A 617 -52.33 -11.43 -52.73
CA PRO A 617 -52.01 -10.00 -52.76
C PRO A 617 -50.69 -9.70 -52.07
N ARG A 618 -50.07 -8.58 -52.48
CA ARG A 618 -48.74 -8.23 -51.99
C ARG A 618 -48.75 -7.97 -50.48
N THR A 619 -49.80 -7.32 -49.97
CA THR A 619 -49.94 -7.17 -48.53
C THR A 619 -49.99 -8.53 -47.85
N LEU A 620 -50.70 -9.49 -48.45
CA LEU A 620 -50.64 -10.86 -47.96
C LEU A 620 -49.26 -11.50 -48.17
N GLU A 621 -48.49 -11.03 -49.15
CA GLU A 621 -47.14 -11.54 -49.31
C GLU A 621 -46.26 -11.16 -48.13
N GLU A 622 -46.29 -9.89 -47.71
CA GLU A 622 -45.58 -9.56 -46.47
C GLU A 622 -46.26 -10.12 -45.24
N PHE A 623 -47.55 -10.43 -45.30
CA PHE A 623 -48.21 -11.13 -44.21
C PHE A 623 -47.61 -12.51 -44.01
N VAL A 624 -47.38 -13.23 -45.11
CA VAL A 624 -46.70 -14.53 -45.04
C VAL A 624 -45.24 -14.33 -44.64
N GLY A 625 -44.61 -13.28 -45.16
CA GLY A 625 -43.22 -13.00 -44.80
C GLY A 625 -43.04 -12.71 -43.32
N PHE A 626 -44.07 -12.17 -42.68
CA PHE A 626 -44.05 -12.06 -41.21
C PHE A 626 -43.99 -13.44 -40.58
N HIS A 627 -44.79 -14.38 -41.08
CA HIS A 627 -44.90 -15.69 -40.48
C HIS A 627 -43.83 -16.64 -41.02
N MET B 1 3.12 0.10 40.43
CA MET B 1 3.01 -1.08 39.59
C MET B 1 1.73 -1.07 38.75
N GLU B 2 0.59 -0.94 39.42
CA GLU B 2 -0.68 -0.89 38.71
C GLU B 2 -0.81 0.38 37.88
N GLY B 3 -0.32 1.50 38.41
CA GLY B 3 -0.32 2.74 37.62
C GLY B 3 0.61 2.65 36.43
N LEU B 4 1.76 1.99 36.59
CA LEU B 4 2.65 1.76 35.46
C LEU B 4 2.00 0.82 34.45
N ALA B 5 1.20 -0.13 34.93
CA ALA B 5 0.46 -1.01 34.02
C ALA B 5 -0.57 -0.23 33.22
N GLY B 6 -1.27 0.70 33.87
CA GLY B 6 -2.16 1.58 33.15
C GLY B 6 -1.42 2.45 32.14
N TYR B 7 -0.23 2.93 32.51
CA TYR B 7 0.58 3.74 31.61
C TYR B 7 0.98 2.96 30.36
N VAL B 8 1.49 1.73 30.54
CA VAL B 8 1.91 0.95 29.38
C VAL B 8 0.70 0.49 28.57
N TYR B 9 -0.44 0.23 29.21
CA TYR B 9 -1.65 -0.11 28.48
C TYR B 9 -2.13 1.05 27.62
N LYS B 10 -2.08 2.27 28.16
CA LYS B 10 -2.46 3.45 27.39
C LYS B 10 -1.46 3.72 26.27
N ALA B 11 -0.18 3.47 26.52
CA ALA B 11 0.84 3.65 25.48
C ALA B 11 0.63 2.67 24.33
N ALA B 12 0.32 1.41 24.64
CA ALA B 12 0.04 0.44 23.60
C ALA B 12 -1.27 0.75 22.90
N SER B 13 -2.27 1.22 23.65
CA SER B 13 -3.55 1.59 23.05
C SER B 13 -3.39 2.80 22.13
N GLU B 14 -2.59 3.77 22.54
CA GLU B 14 -2.35 4.94 21.70
C GLU B 14 -1.54 4.56 20.46
N GLY B 15 -0.33 4.05 20.67
CA GLY B 15 0.50 3.64 19.55
C GLY B 15 1.94 4.10 19.68
N LYS B 16 2.23 4.90 20.70
CA LYS B 16 3.61 5.28 20.98
C LYS B 16 4.38 4.05 21.44
N VAL B 17 5.69 4.06 21.18
CA VAL B 17 6.57 2.94 21.46
C VAL B 17 7.63 3.27 22.49
N LEU B 18 8.25 4.45 22.39
CA LEU B 18 9.30 4.82 23.33
C LEU B 18 8.75 5.09 24.72
N THR B 19 7.48 5.46 24.84
CA THR B 19 6.88 5.70 26.14
C THR B 19 6.91 4.45 27.00
N LEU B 20 6.29 3.36 26.53
CA LEU B 20 6.35 2.12 27.30
C LEU B 20 7.71 1.45 27.19
N ALA B 21 8.52 1.79 26.18
CA ALA B 21 9.90 1.29 26.15
C ALA B 21 10.70 1.84 27.33
N ALA B 22 10.53 3.12 27.65
CA ALA B 22 11.16 3.69 28.83
C ALA B 22 10.45 3.28 30.11
N LEU B 23 9.15 3.01 30.04
CA LEU B 23 8.43 2.52 31.22
C LEU B 23 8.88 1.11 31.61
N LEU B 24 9.25 0.28 30.64
CA LEU B 24 9.83 -1.02 30.91
C LEU B 24 11.34 -0.98 31.06
N LEU B 25 11.96 0.18 30.87
CA LEU B 25 13.41 0.28 30.88
C LEU B 25 13.95 0.05 32.29
N ASN B 26 15.13 -0.59 32.36
CA ASN B 26 15.82 -0.91 33.61
C ASN B 26 14.94 -1.74 34.55
N ARG B 27 14.17 -2.66 33.96
CA ARG B 27 13.31 -3.56 34.72
C ARG B 27 13.59 -5.00 34.29
N SER B 28 13.41 -5.93 35.23
CA SER B 28 13.53 -7.34 34.92
C SER B 28 12.28 -7.80 34.17
N GLU B 29 12.27 -9.07 33.77
CA GLU B 29 11.14 -9.57 32.99
C GLU B 29 9.90 -9.81 33.84
N SER B 30 10.04 -9.91 35.16
CA SER B 30 8.89 -10.19 36.02
C SER B 30 7.88 -9.05 35.99
N ASP B 31 8.29 -7.87 36.43
CA ASP B 31 7.38 -6.73 36.42
C ASP B 31 7.08 -6.26 35.02
N ILE B 32 7.99 -6.49 34.06
CA ILE B 32 7.71 -6.15 32.66
C ILE B 32 6.55 -6.98 32.14
N ARG B 33 6.57 -8.29 32.41
CA ARG B 33 5.46 -9.15 32.01
C ARG B 33 4.19 -8.82 32.76
N TYR B 34 4.32 -8.43 34.04
CA TYR B 34 3.15 -8.03 34.81
C TYR B 34 2.50 -6.79 34.20
N LEU B 35 3.31 -5.82 33.79
CA LEU B 35 2.78 -4.64 33.12
C LEU B 35 2.15 -5.03 31.79
N LEU B 36 2.80 -5.94 31.06
CA LEU B 36 2.22 -6.48 29.83
C LEU B 36 1.09 -7.46 30.10
N GLY B 37 0.98 -7.95 31.34
CA GLY B 37 -0.08 -8.87 31.70
C GLY B 37 -1.28 -8.16 32.29
N TYR B 38 -1.38 -6.85 32.01
CA TYR B 38 -2.49 -6.03 32.48
C TYR B 38 -3.72 -6.41 31.67
N VAL B 39 -4.43 -7.43 32.17
CA VAL B 39 -5.60 -8.00 31.50
C VAL B 39 -6.85 -7.40 32.11
N SER B 40 -6.67 -6.37 32.95
CA SER B 40 -7.76 -5.77 33.70
C SER B 40 -8.78 -5.12 32.77
N GLN B 41 -10.02 -5.00 33.28
CA GLN B 41 -11.12 -4.46 32.49
C GLN B 41 -10.96 -2.98 32.28
N GLN B 42 -11.08 -2.53 31.02
CA GLN B 42 -11.08 -1.12 30.67
C GLN B 42 -12.30 -0.85 29.81
N GLY B 43 -13.12 0.10 30.23
CA GLY B 43 -14.39 0.34 29.57
C GLY B 43 -15.39 -0.78 29.77
N GLY B 44 -15.25 -1.56 30.83
CA GLY B 44 -16.09 -2.71 31.06
C GLY B 44 -15.67 -3.96 30.32
N GLN B 45 -14.59 -3.90 29.55
CA GLN B 45 -14.13 -5.01 28.74
C GLN B 45 -12.69 -5.34 29.09
N ARG B 46 -12.40 -6.62 29.29
CA ARG B 46 -11.02 -7.06 29.51
C ARG B 46 -10.16 -6.74 28.29
N SER B 47 -9.00 -6.17 28.53
CA SER B 47 -8.09 -5.81 27.45
C SER B 47 -6.66 -5.89 27.97
N THR B 48 -5.73 -6.04 27.03
CA THR B 48 -4.32 -6.26 27.29
C THR B 48 -3.52 -5.35 26.37
N PRO B 49 -2.36 -4.84 26.83
CA PRO B 49 -1.52 -4.02 25.94
C PRO B 49 -1.16 -4.68 24.62
N LEU B 50 -0.84 -5.98 24.62
CA LEU B 50 -0.65 -6.69 23.36
C LEU B 50 -1.95 -6.76 22.57
N ILE B 51 -3.06 -7.06 23.25
CA ILE B 51 -4.36 -7.16 22.58
C ILE B 51 -4.78 -5.81 22.03
N ILE B 52 -4.67 -4.75 22.85
CA ILE B 52 -5.07 -3.43 22.40
C ILE B 52 -4.09 -2.88 21.35
N ALA B 53 -2.87 -3.41 21.30
CA ALA B 53 -1.97 -3.05 20.21
C ALA B 53 -2.38 -3.74 18.92
N ALA B 54 -2.77 -5.02 19.01
CA ALA B 54 -3.33 -5.70 17.84
C ALA B 54 -4.65 -5.08 17.43
N ARG B 55 -5.49 -4.72 18.40
CA ARG B 55 -6.73 -4.01 18.11
C ARG B 55 -6.46 -2.62 17.54
N ASN B 56 -5.31 -2.02 17.86
CA ASN B 56 -4.99 -0.71 17.34
C ASN B 56 -4.75 -0.76 15.84
N GLY B 57 -3.75 -1.52 15.40
CA GLY B 57 -3.42 -1.60 13.99
C GLY B 57 -1.95 -1.36 13.73
N HIS B 58 -1.23 -0.94 14.78
CA HIS B 58 0.20 -0.65 14.67
C HIS B 58 0.97 -1.96 14.62
N ALA B 59 1.42 -2.35 13.43
CA ALA B 59 2.27 -3.53 13.30
C ALA B 59 3.62 -3.33 13.98
N LYS B 60 4.08 -2.09 14.10
CA LYS B 60 5.35 -1.81 14.75
C LYS B 60 5.30 -2.17 16.23
N VAL B 61 4.21 -1.82 16.92
CA VAL B 61 4.11 -2.07 18.36
C VAL B 61 4.11 -3.57 18.63
N VAL B 62 3.34 -4.34 17.87
CA VAL B 62 3.31 -5.79 18.10
C VAL B 62 4.60 -6.45 17.64
N ARG B 63 5.27 -5.89 16.62
CA ARG B 63 6.56 -6.44 16.21
C ARG B 63 7.63 -6.20 17.26
N LEU B 64 7.51 -5.12 18.05
CA LEU B 64 8.37 -4.97 19.21
C LEU B 64 7.92 -5.86 20.37
N LEU B 65 6.62 -6.08 20.53
CA LEU B 65 6.12 -6.87 21.64
C LEU B 65 6.44 -8.35 21.48
N LEU B 66 6.56 -8.84 20.25
CA LEU B 66 6.88 -10.25 20.06
C LEU B 66 8.38 -10.50 19.96
N GLU B 67 9.15 -9.53 19.47
CA GLU B 67 10.59 -9.73 19.25
C GLU B 67 11.42 -9.32 20.46
N HIS B 68 11.34 -8.04 20.86
CA HIS B 68 12.16 -7.52 21.93
C HIS B 68 11.54 -7.68 23.31
N TYR B 69 10.29 -8.13 23.39
CA TYR B 69 9.61 -8.32 24.65
C TYR B 69 9.00 -9.71 24.69
N ARG B 70 8.70 -10.17 25.89
CA ARG B 70 8.21 -11.53 26.12
C ARG B 70 6.73 -11.46 26.49
N VAL B 71 5.87 -11.55 25.48
CA VAL B 71 4.43 -11.61 25.66
C VAL B 71 3.91 -12.77 24.82
N GLN B 72 2.78 -13.35 25.24
CA GLN B 72 2.23 -14.53 24.61
C GLN B 72 0.88 -14.22 23.97
N THR B 73 0.59 -14.92 22.87
CA THR B 73 -0.67 -14.73 22.17
C THR B 73 -1.87 -15.24 22.96
N GLN B 74 -1.65 -16.16 23.89
CA GLN B 74 -2.73 -16.66 24.74
C GLN B 74 -3.17 -15.54 25.68
N GLN B 75 -4.34 -14.96 25.41
CA GLN B 75 -4.73 -13.73 26.09
C GLN B 75 -6.25 -13.61 26.03
N THR B 76 -6.78 -12.67 26.81
CA THR B 76 -8.21 -12.42 26.90
C THR B 76 -8.51 -10.98 26.49
N GLY B 77 -9.45 -10.82 25.57
CA GLY B 77 -9.82 -9.49 25.11
C GLY B 77 -11.13 -9.53 24.35
N THR B 78 -11.50 -8.36 23.81
CA THR B 78 -12.71 -8.25 23.02
C THR B 78 -12.52 -8.84 21.64
N VAL B 79 -13.62 -9.31 21.05
CA VAL B 79 -13.60 -9.85 19.70
C VAL B 79 -14.55 -9.05 18.83
N ARG B 80 -15.55 -8.43 19.46
CA ARG B 80 -16.51 -7.60 18.75
C ARG B 80 -17.11 -6.65 19.78
N PHE B 81 -16.72 -5.38 19.71
CA PHE B 81 -17.06 -4.45 20.79
C PHE B 81 -18.53 -4.06 20.78
N ASP B 82 -19.16 -4.00 19.61
CA ASP B 82 -20.55 -3.55 19.49
C ASP B 82 -21.49 -4.74 19.68
N GLY B 83 -22.02 -4.89 20.89
CA GLY B 83 -23.06 -5.86 21.18
C GLY B 83 -22.59 -7.25 21.54
N TYR B 84 -21.30 -7.54 21.45
CA TYR B 84 -20.79 -8.87 21.75
C TYR B 84 -19.81 -8.89 22.91
N VAL B 85 -18.76 -8.04 22.87
CA VAL B 85 -17.63 -7.96 23.79
C VAL B 85 -17.26 -9.31 24.42
N ILE B 86 -17.13 -10.33 23.59
CA ILE B 86 -16.85 -11.68 24.07
C ILE B 86 -15.36 -11.81 24.36
N ASP B 87 -15.04 -12.47 25.47
CA ASP B 87 -13.66 -12.61 25.92
C ASP B 87 -12.98 -13.77 25.18
N GLY B 88 -11.76 -14.09 25.61
CA GLY B 88 -11.00 -15.16 24.99
C GLY B 88 -10.54 -14.79 23.59
N ALA B 89 -9.74 -13.74 23.47
CA ALA B 89 -9.34 -13.22 22.17
C ALA B 89 -7.83 -13.39 21.98
N THR B 90 -7.46 -14.00 20.86
CA THR B 90 -6.08 -14.00 20.42
C THR B 90 -5.78 -12.67 19.73
N ALA B 91 -4.52 -12.21 19.84
CA ALA B 91 -4.12 -10.99 19.18
C ALA B 91 -4.29 -11.10 17.66
N LEU B 92 -4.02 -12.29 17.11
CA LEU B 92 -4.31 -12.52 15.70
C LEU B 92 -5.79 -12.40 15.40
N TRP B 93 -6.64 -12.92 16.31
CA TRP B 93 -8.07 -12.76 16.16
C TRP B 93 -8.49 -11.29 16.21
N CYS B 94 -7.91 -10.53 17.14
CA CYS B 94 -8.24 -9.10 17.22
C CYS B 94 -7.83 -8.37 15.95
N ALA B 95 -6.65 -8.68 15.42
CA ALA B 95 -6.20 -8.05 14.18
C ALA B 95 -7.07 -8.44 13.00
N ALA B 96 -7.47 -9.72 12.93
CA ALA B 96 -8.32 -10.16 11.83
C ALA B 96 -9.70 -9.53 11.89
N GLY B 97 -10.28 -9.43 13.09
CA GLY B 97 -11.56 -8.76 13.23
C GLY B 97 -11.48 -7.28 12.95
N ALA B 98 -10.37 -6.65 13.32
CA ALA B 98 -10.17 -5.24 13.00
C ALA B 98 -9.80 -5.04 11.55
N GLY B 99 -9.14 -6.00 10.92
CA GLY B 99 -8.85 -5.96 9.50
C GLY B 99 -7.45 -5.56 9.11
N HIS B 100 -6.54 -5.38 10.05
CA HIS B 100 -5.17 -4.99 9.72
C HIS B 100 -4.42 -6.20 9.20
N PHE B 101 -4.24 -6.26 7.88
CA PHE B 101 -3.60 -7.42 7.25
C PHE B 101 -2.11 -7.51 7.60
N GLU B 102 -1.44 -6.37 7.76
CA GLU B 102 -0.02 -6.39 8.12
C GLU B 102 0.18 -6.99 9.50
N VAL B 103 -0.67 -6.63 10.47
CA VAL B 103 -0.57 -7.20 11.80
C VAL B 103 -0.91 -8.69 11.77
N VAL B 104 -1.87 -9.08 10.93
CA VAL B 104 -2.26 -10.48 10.82
C VAL B 104 -1.10 -11.32 10.27
N LYS B 105 -0.49 -10.87 9.18
CA LYS B 105 0.61 -11.63 8.60
C LYS B 105 1.84 -11.61 9.51
N LEU B 106 2.06 -10.51 10.23
CA LEU B 106 3.17 -10.47 11.18
C LEU B 106 2.97 -11.45 12.33
N LEU B 107 1.75 -11.52 12.87
CA LEU B 107 1.47 -12.47 13.94
C LEU B 107 1.52 -13.90 13.44
N VAL B 108 1.12 -14.14 12.20
CA VAL B 108 1.20 -15.48 11.62
C VAL B 108 2.66 -15.90 11.48
N SER B 109 3.50 -15.01 10.92
CA SER B 109 4.92 -15.30 10.80
C SER B 109 5.58 -15.47 12.16
N HIS B 110 5.09 -14.75 13.17
CA HIS B 110 5.57 -14.94 14.53
C HIS B 110 5.20 -16.33 15.05
N GLY B 111 3.98 -16.78 14.73
CA GLY B 111 3.53 -18.09 15.20
C GLY B 111 2.35 -18.02 16.14
N ALA B 112 1.48 -17.03 15.95
CA ALA B 112 0.33 -16.86 16.81
C ALA B 112 -0.68 -17.99 16.61
N ASN B 113 -1.60 -18.11 17.55
CA ASN B 113 -2.60 -19.17 17.52
C ASN B 113 -3.60 -18.91 16.39
N VAL B 114 -3.71 -19.87 15.48
CA VAL B 114 -4.61 -19.76 14.34
C VAL B 114 -5.86 -20.62 14.48
N ASN B 115 -5.93 -21.49 15.49
CA ASN B 115 -7.06 -22.38 15.69
C ASN B 115 -7.70 -22.17 17.05
N HIS B 116 -7.62 -20.95 17.57
CA HIS B 116 -8.15 -20.67 18.90
C HIS B 116 -9.67 -20.64 18.90
N THR B 117 -10.26 -21.16 19.97
CA THR B 117 -11.70 -21.15 20.16
C THR B 117 -12.02 -20.50 21.50
N THR B 118 -12.96 -19.54 21.48
CA THR B 118 -13.37 -18.82 22.68
C THR B 118 -14.49 -19.59 23.38
N VAL B 119 -15.16 -18.92 24.33
CA VAL B 119 -16.32 -19.51 24.99
C VAL B 119 -17.44 -19.77 24.00
N THR B 120 -17.55 -18.95 22.94
CA THR B 120 -18.46 -19.19 21.84
C THR B 120 -17.77 -19.91 20.68
N ASN B 121 -16.56 -20.42 20.93
CA ASN B 121 -15.71 -21.17 19.99
C ASN B 121 -15.75 -20.59 18.57
N SER B 122 -15.37 -19.32 18.48
CA SER B 122 -15.32 -18.59 17.22
C SER B 122 -13.86 -18.42 16.80
N THR B 123 -13.57 -18.76 15.55
CA THR B 123 -12.25 -18.72 14.93
C THR B 123 -11.95 -17.33 14.39
N PRO B 124 -10.66 -16.97 14.31
CA PRO B 124 -10.30 -15.73 13.58
C PRO B 124 -10.65 -15.78 12.11
N LEU B 125 -10.81 -16.98 11.54
CA LEU B 125 -11.23 -17.11 10.14
C LEU B 125 -12.60 -16.49 9.92
N ARG B 126 -13.55 -16.81 10.79
CA ARG B 126 -14.88 -16.23 10.63
C ARG B 126 -14.88 -14.74 10.97
N ALA B 127 -13.94 -14.27 11.79
CA ALA B 127 -13.82 -12.82 11.99
C ALA B 127 -13.33 -12.14 10.72
N ALA B 128 -12.37 -12.74 10.04
CA ALA B 128 -11.90 -12.18 8.77
C ALA B 128 -13.01 -12.21 7.73
N CYS B 129 -13.82 -13.27 7.74
CA CYS B 129 -15.00 -13.31 6.87
C CYS B 129 -15.99 -12.22 7.24
N PHE B 130 -16.17 -11.96 8.54
CA PHE B 130 -17.08 -10.91 9.00
C PHE B 130 -16.59 -9.54 8.58
N ASP B 131 -15.28 -9.33 8.55
CA ASP B 131 -14.73 -8.06 8.08
C ASP B 131 -14.68 -7.97 6.56
N GLY B 132 -14.68 -9.10 5.86
CA GLY B 132 -14.66 -9.09 4.41
C GLY B 132 -13.32 -8.71 3.82
N ARG B 133 -12.23 -8.86 4.57
CA ARG B 133 -10.90 -8.52 4.08
C ARG B 133 -10.34 -9.75 3.36
N LEU B 134 -10.22 -9.66 2.04
CA LEU B 134 -9.87 -10.83 1.23
C LEU B 134 -8.47 -11.35 1.54
N ASP B 135 -7.48 -10.45 1.62
CA ASP B 135 -6.10 -10.90 1.74
C ASP B 135 -5.84 -11.56 3.09
N ILE B 136 -6.54 -11.14 4.14
CA ILE B 136 -6.41 -11.81 5.43
C ILE B 136 -6.90 -13.25 5.35
N VAL B 137 -8.05 -13.45 4.69
CA VAL B 137 -8.57 -14.80 4.51
C VAL B 137 -7.64 -15.64 3.65
N LYS B 138 -7.08 -15.03 2.61
CA LYS B 138 -6.15 -15.75 1.73
C LYS B 138 -4.89 -16.16 2.48
N TYR B 139 -4.35 -15.26 3.31
CA TYR B 139 -3.19 -15.58 4.12
C TYR B 139 -3.50 -16.68 5.12
N LEU B 140 -4.66 -16.61 5.76
CA LEU B 140 -5.05 -17.62 6.74
C LEU B 140 -5.24 -18.98 6.09
N VAL B 141 -5.83 -19.01 4.90
CA VAL B 141 -6.04 -20.28 4.20
C VAL B 141 -4.72 -20.85 3.72
N GLU B 142 -3.83 -19.99 3.20
CA GLU B 142 -2.51 -20.45 2.80
C GLU B 142 -1.72 -21.00 3.99
N ASN B 143 -1.90 -20.41 5.17
CA ASN B 143 -1.28 -20.94 6.37
C ASN B 143 -2.08 -22.07 7.00
N ASN B 144 -3.25 -22.39 6.43
CA ASN B 144 -4.01 -23.61 6.73
C ASN B 144 -4.39 -23.69 8.21
N ALA B 145 -5.22 -22.73 8.62
CA ALA B 145 -5.75 -22.79 9.98
C ALA B 145 -6.87 -23.82 10.07
N ASN B 146 -7.98 -23.57 9.37
CA ASN B 146 -9.12 -24.47 9.29
C ASN B 146 -10.10 -23.88 8.28
N ILE B 147 -11.16 -24.63 8.00
CA ILE B 147 -12.30 -24.10 7.24
C ILE B 147 -13.64 -24.40 7.90
N SER B 148 -13.73 -25.36 8.82
CA SER B 148 -15.01 -25.84 9.33
C SER B 148 -15.11 -25.65 10.84
N ILE B 149 -14.51 -24.59 11.37
CA ILE B 149 -14.68 -24.20 12.76
C ILE B 149 -15.89 -23.30 12.84
N ALA B 150 -16.95 -23.77 13.50
CA ALA B 150 -18.21 -23.06 13.57
C ALA B 150 -18.47 -22.58 14.99
N ASN B 151 -19.46 -21.70 15.11
CA ASN B 151 -19.86 -21.18 16.41
C ASN B 151 -20.65 -22.23 17.19
N LYS B 152 -21.06 -21.86 18.40
CA LYS B 152 -21.88 -22.76 19.21
C LYS B 152 -23.23 -23.02 18.59
N TYR B 153 -23.70 -22.14 17.70
CA TYR B 153 -24.88 -22.38 16.89
C TYR B 153 -24.55 -23.12 15.60
N ASP B 154 -23.37 -23.76 15.54
CA ASP B 154 -22.87 -24.40 14.32
C ASP B 154 -22.82 -23.42 13.16
N ASN B 155 -22.40 -22.19 13.44
CA ASN B 155 -22.39 -21.11 12.46
C ASN B 155 -21.03 -21.09 11.76
N THR B 156 -21.01 -21.55 10.52
CA THR B 156 -19.80 -21.62 9.73
C THR B 156 -19.32 -20.22 9.35
N CYS B 157 -18.00 -20.10 9.16
CA CYS B 157 -17.43 -18.90 8.57
C CYS B 157 -18.04 -18.59 7.20
N LEU B 158 -18.35 -19.63 6.43
CA LEU B 158 -19.02 -19.44 5.15
C LEU B 158 -20.37 -18.78 5.32
N MET B 159 -21.15 -19.23 6.31
CA MET B 159 -22.46 -18.64 6.54
C MET B 159 -22.34 -17.21 7.05
N ILE B 160 -21.34 -16.93 7.88
CA ILE B 160 -21.11 -15.57 8.36
C ILE B 160 -20.78 -14.65 7.19
N ALA B 161 -19.90 -15.10 6.30
CA ALA B 161 -19.55 -14.30 5.13
C ALA B 161 -20.72 -14.15 4.17
N ALA B 162 -21.56 -15.18 4.05
CA ALA B 162 -22.71 -15.11 3.16
C ALA B 162 -23.81 -14.21 3.73
N TYR B 163 -23.86 -14.06 5.05
CA TYR B 163 -24.79 -13.11 5.64
C TYR B 163 -24.44 -11.69 5.24
N LYS B 164 -23.14 -11.37 5.20
CA LYS B 164 -22.67 -10.12 4.64
C LYS B 164 -22.58 -10.23 3.12
N GLY B 165 -22.18 -9.14 2.47
CA GLY B 165 -22.11 -9.11 1.03
C GLY B 165 -20.73 -9.38 0.47
N HIS B 166 -19.87 -10.00 1.28
CA HIS B 166 -18.48 -10.25 0.88
C HIS B 166 -18.46 -11.41 -0.10
N THR B 167 -18.84 -11.10 -1.35
CA THR B 167 -18.91 -12.13 -2.38
C THR B 167 -17.53 -12.65 -2.76
N ASP B 168 -16.50 -11.81 -2.71
CA ASP B 168 -15.15 -12.26 -3.03
C ASP B 168 -14.65 -13.23 -1.96
N VAL B 169 -14.89 -12.93 -0.68
CA VAL B 169 -14.49 -13.82 0.38
C VAL B 169 -15.26 -15.14 0.30
N VAL B 170 -16.55 -15.06 -0.03
CA VAL B 170 -17.35 -16.27 -0.16
C VAL B 170 -16.82 -17.14 -1.29
N ARG B 171 -16.53 -16.53 -2.45
CA ARG B 171 -16.06 -17.31 -3.59
C ARG B 171 -14.67 -17.89 -3.33
N TYR B 172 -13.82 -17.17 -2.61
CA TYR B 172 -12.50 -17.72 -2.29
C TYR B 172 -12.62 -18.85 -1.28
N LEU B 173 -13.57 -18.73 -0.35
CA LEU B 173 -13.73 -19.77 0.67
C LEU B 173 -14.30 -21.04 0.06
N LEU B 174 -15.28 -20.92 -0.83
CA LEU B 174 -15.77 -22.10 -1.53
C LEU B 174 -14.78 -22.62 -2.56
N GLU B 175 -13.84 -21.78 -3.01
CA GLU B 175 -12.75 -22.28 -3.83
C GLU B 175 -11.85 -23.25 -3.07
N GLN B 176 -11.84 -23.16 -1.74
CA GLN B 176 -11.19 -24.17 -0.90
C GLN B 176 -12.07 -25.38 -0.66
N ARG B 177 -13.18 -25.50 -1.40
CA ARG B 177 -14.07 -26.66 -1.37
C ARG B 177 -14.68 -26.88 0.01
N ALA B 178 -14.96 -25.80 0.74
CA ALA B 178 -15.78 -25.90 1.94
C ALA B 178 -17.24 -26.04 1.52
N ASP B 179 -17.89 -27.09 2.01
CA ASP B 179 -19.20 -27.45 1.49
C ASP B 179 -20.24 -26.42 1.87
N PRO B 180 -21.20 -26.12 0.97
CA PRO B 180 -22.30 -25.22 1.34
C PRO B 180 -23.36 -25.88 2.20
N ASN B 181 -23.31 -27.20 2.38
CA ASN B 181 -24.29 -27.94 3.16
C ASN B 181 -23.99 -27.95 4.64
N ALA B 182 -23.21 -26.98 5.13
CA ALA B 182 -22.86 -26.89 6.54
C ALA B 182 -24.11 -26.45 7.31
N LYS B 183 -24.98 -27.42 7.55
CA LYS B 183 -26.31 -27.15 8.09
C LYS B 183 -26.22 -26.78 9.57
N ALA B 184 -26.49 -25.53 9.89
CA ALA B 184 -26.54 -25.13 11.29
C ALA B 184 -27.81 -25.66 11.95
N HIS B 185 -27.75 -25.83 13.27
CA HIS B 185 -28.91 -26.32 13.99
C HIS B 185 -30.05 -25.30 14.00
N CYS B 186 -29.73 -24.01 13.81
CA CYS B 186 -30.77 -23.02 13.61
C CYS B 186 -31.54 -23.29 12.32
N GLY B 187 -30.84 -23.69 11.26
CA GLY B 187 -31.47 -24.07 10.02
C GLY B 187 -30.85 -23.46 8.77
N ALA B 188 -29.71 -22.79 8.91
CA ALA B 188 -29.07 -22.15 7.78
C ALA B 188 -28.19 -23.15 7.03
N THR B 189 -28.36 -23.21 5.70
CA THR B 189 -27.54 -24.04 4.83
C THR B 189 -26.68 -23.16 3.92
N ALA B 190 -26.19 -22.05 4.45
CA ALA B 190 -25.31 -21.06 3.84
C ALA B 190 -25.96 -20.27 2.72
N LEU B 191 -27.20 -20.60 2.36
CA LEU B 191 -27.92 -19.81 1.37
C LEU B 191 -29.18 -19.20 1.95
N HIS B 192 -29.76 -19.80 2.99
CA HIS B 192 -30.71 -19.06 3.83
C HIS B 192 -30.08 -17.78 4.34
N PHE B 193 -28.87 -17.88 4.90
CA PHE B 193 -28.18 -16.69 5.41
C PHE B 193 -27.77 -15.75 4.29
N ALA B 194 -27.69 -16.26 3.05
CA ALA B 194 -27.49 -15.36 1.91
C ALA B 194 -28.79 -14.64 1.56
N ALA B 195 -29.92 -15.28 1.76
CA ALA B 195 -31.21 -14.75 1.33
C ALA B 195 -31.92 -13.95 2.42
N GLU B 196 -31.24 -12.97 3.00
CA GLU B 196 -31.92 -11.92 3.75
C GLU B 196 -31.64 -10.54 3.16
N ALA B 197 -30.38 -10.19 2.97
CA ALA B 197 -30.01 -8.90 2.40
C ALA B 197 -29.94 -8.93 0.88
N GLY B 198 -30.28 -10.07 0.27
CA GLY B 198 -30.34 -10.16 -1.18
C GLY B 198 -29.01 -10.01 -1.88
N HIS B 199 -27.96 -10.67 -1.37
CA HIS B 199 -26.67 -10.62 -2.03
C HIS B 199 -26.73 -11.45 -3.31
N ILE B 200 -27.00 -10.76 -4.42
CA ILE B 200 -27.40 -11.42 -5.66
C ILE B 200 -26.29 -12.32 -6.19
N ASP B 201 -25.05 -11.83 -6.20
CA ASP B 201 -23.93 -12.60 -6.73
C ASP B 201 -23.48 -13.71 -5.78
N ILE B 202 -23.72 -13.56 -4.48
CA ILE B 202 -23.41 -14.65 -3.56
C ILE B 202 -24.32 -15.85 -3.84
N VAL B 203 -25.62 -15.59 -4.02
CA VAL B 203 -26.54 -16.66 -4.37
C VAL B 203 -26.20 -17.22 -5.75
N LYS B 204 -25.79 -16.33 -6.67
CA LYS B 204 -25.31 -16.78 -7.99
C LYS B 204 -24.17 -17.78 -7.85
N GLU B 205 -23.17 -17.44 -7.02
CA GLU B 205 -22.02 -18.31 -6.83
C GLU B 205 -22.41 -19.63 -6.19
N LEU B 206 -23.26 -19.57 -5.16
CA LEU B 206 -23.66 -20.81 -4.48
C LEU B 206 -24.45 -21.72 -5.40
N ILE B 207 -25.36 -21.17 -6.21
CA ILE B 207 -26.09 -21.98 -7.16
C ILE B 207 -25.12 -22.56 -8.19
N LYS B 208 -24.15 -21.76 -8.62
CA LYS B 208 -23.10 -22.26 -9.51
C LYS B 208 -22.26 -23.34 -8.82
N TRP B 209 -22.10 -23.26 -7.50
CA TRP B 209 -21.23 -24.15 -6.77
C TRP B 209 -21.99 -25.31 -6.12
N ARG B 210 -23.16 -25.65 -6.65
CA ARG B 210 -23.98 -26.78 -6.19
C ARG B 210 -24.35 -26.63 -4.71
N ALA B 211 -25.16 -25.60 -4.46
CA ALA B 211 -25.55 -25.27 -3.10
C ALA B 211 -26.40 -26.34 -2.43
N ALA B 212 -27.08 -27.19 -3.20
CA ALA B 212 -27.89 -28.30 -2.70
C ALA B 212 -29.00 -27.79 -1.77
N ILE B 213 -29.95 -27.09 -2.39
CA ILE B 213 -31.05 -26.46 -1.68
C ILE B 213 -31.78 -27.46 -0.79
N VAL B 214 -32.09 -27.03 0.44
CA VAL B 214 -32.69 -27.92 1.44
C VAL B 214 -33.43 -27.04 2.44
N VAL B 215 -34.41 -27.63 3.12
CA VAL B 215 -35.25 -26.87 4.05
C VAL B 215 -34.44 -26.42 5.26
N ASN B 216 -34.99 -25.45 5.98
CA ASN B 216 -34.35 -24.94 7.19
C ASN B 216 -34.90 -25.69 8.41
N GLY B 217 -34.58 -25.18 9.61
CA GLY B 217 -35.17 -25.72 10.81
C GLY B 217 -36.64 -25.37 10.98
N HIS B 218 -37.10 -24.32 10.31
CA HIS B 218 -38.50 -23.92 10.35
C HIS B 218 -39.33 -24.62 9.28
N GLY B 219 -38.73 -25.49 8.49
CA GLY B 219 -39.45 -26.13 7.40
C GLY B 219 -39.65 -25.27 6.17
N MET B 220 -38.90 -24.18 6.04
CA MET B 220 -39.04 -23.26 4.92
C MET B 220 -37.86 -23.44 3.98
N THR B 221 -38.16 -23.58 2.69
CA THR B 221 -37.11 -23.62 1.69
C THR B 221 -36.42 -22.25 1.62
N PRO B 222 -35.15 -22.21 1.20
CA PRO B 222 -34.51 -20.90 1.01
C PRO B 222 -35.21 -20.03 -0.01
N LEU B 223 -35.84 -20.65 -1.01
CA LEU B 223 -36.70 -19.91 -1.92
C LEU B 223 -37.88 -19.30 -1.17
N LYS B 224 -38.46 -20.04 -0.22
CA LYS B 224 -39.54 -19.51 0.60
C LYS B 224 -39.06 -18.34 1.45
N VAL B 225 -37.86 -18.45 2.02
CA VAL B 225 -37.33 -17.36 2.83
C VAL B 225 -37.06 -16.12 1.98
N ALA B 226 -36.53 -16.33 0.78
CA ALA B 226 -36.27 -15.22 -0.13
C ALA B 226 -37.57 -14.53 -0.54
N ALA B 227 -38.62 -15.31 -0.79
CA ALA B 227 -39.93 -14.73 -1.06
C ALA B 227 -40.48 -14.01 0.15
N GLU B 228 -40.21 -14.53 1.35
CA GLU B 228 -40.69 -13.91 2.57
C GLU B 228 -40.04 -12.55 2.81
N SER B 229 -38.75 -12.42 2.50
CA SER B 229 -38.02 -11.20 2.77
C SER B 229 -38.10 -10.19 1.62
N CYS B 230 -39.03 -10.38 0.68
CA CYS B 230 -39.36 -9.39 -0.37
C CYS B 230 -38.19 -9.12 -1.32
N LYS B 231 -37.26 -10.06 -1.44
CA LYS B 231 -36.10 -9.90 -2.31
C LYS B 231 -36.37 -10.67 -3.61
N ALA B 232 -36.72 -9.94 -4.66
CA ALA B 232 -37.25 -10.56 -5.87
C ALA B 232 -36.16 -11.25 -6.69
N ASP B 233 -34.99 -10.62 -6.82
CA ASP B 233 -33.98 -11.15 -7.73
C ASP B 233 -33.40 -12.47 -7.25
N VAL B 234 -33.18 -12.61 -5.95
CA VAL B 234 -32.73 -13.90 -5.43
C VAL B 234 -33.84 -14.94 -5.55
N VAL B 235 -35.11 -14.51 -5.51
CA VAL B 235 -36.19 -15.43 -5.81
C VAL B 235 -36.09 -15.92 -7.25
N GLU B 236 -35.74 -15.02 -8.17
CA GLU B 236 -35.55 -15.41 -9.56
C GLU B 236 -34.44 -16.45 -9.70
N LEU B 237 -33.28 -16.20 -9.07
CA LEU B 237 -32.19 -17.16 -9.18
C LEU B 237 -32.54 -18.49 -8.54
N LEU B 238 -33.13 -18.47 -7.34
CA LEU B 238 -33.48 -19.72 -6.68
C LEU B 238 -34.57 -20.47 -7.44
N LEU B 239 -35.40 -19.76 -8.20
CA LEU B 239 -36.36 -20.43 -9.04
C LEU B 239 -35.68 -21.05 -10.27
N SER B 240 -34.65 -20.39 -10.80
CA SER B 240 -33.93 -20.90 -11.96
C SER B 240 -32.84 -21.90 -11.59
N HIS B 241 -32.99 -22.60 -10.47
CA HIS B 241 -31.96 -23.49 -9.94
C HIS B 241 -32.51 -24.88 -9.70
N ALA B 242 -31.79 -25.89 -10.19
CA ALA B 242 -32.04 -27.31 -9.92
C ALA B 242 -33.46 -27.67 -10.33
N ASP B 243 -34.28 -28.22 -9.45
CA ASP B 243 -35.63 -28.64 -9.79
C ASP B 243 -36.60 -27.47 -9.62
N CYS B 244 -37.38 -27.19 -10.66
CA CYS B 244 -38.40 -26.15 -10.58
C CYS B 244 -39.46 -26.54 -9.56
N ASP B 245 -40.01 -27.75 -9.69
CA ASP B 245 -41.00 -28.30 -8.75
C ASP B 245 -42.22 -27.39 -8.64
N ARG B 246 -42.95 -27.32 -9.76
CA ARG B 246 -43.96 -26.32 -10.09
C ARG B 246 -44.84 -25.88 -8.92
N ARG B 247 -45.20 -26.81 -8.03
CA ARG B 247 -45.94 -26.42 -6.82
C ARG B 247 -45.11 -25.48 -5.96
N SER B 248 -43.82 -25.77 -5.78
CA SER B 248 -42.96 -24.88 -5.02
C SER B 248 -42.80 -23.53 -5.72
N ARG B 249 -42.73 -23.53 -7.05
CA ARG B 249 -42.66 -22.27 -7.79
C ARG B 249 -43.90 -21.42 -7.57
N ILE B 250 -45.08 -22.04 -7.65
CA ILE B 250 -46.32 -21.30 -7.48
C ILE B 250 -46.43 -20.77 -6.06
N GLU B 251 -46.10 -21.61 -5.06
CA GLU B 251 -46.16 -21.12 -3.68
C GLU B 251 -45.11 -20.06 -3.42
N ALA B 252 -43.97 -20.10 -4.14
CA ALA B 252 -42.97 -19.06 -3.99
C ALA B 252 -43.46 -17.73 -4.54
N LEU B 253 -44.09 -17.75 -5.71
CA LEU B 253 -44.65 -16.53 -6.27
C LEU B 253 -45.75 -15.96 -5.38
N GLU B 254 -46.60 -16.84 -4.86
CA GLU B 254 -47.65 -16.41 -3.94
C GLU B 254 -47.06 -15.78 -2.68
N LEU B 255 -46.00 -16.39 -2.14
CA LEU B 255 -45.35 -15.86 -0.96
C LEU B 255 -44.70 -14.51 -1.25
N LEU B 256 -44.10 -14.37 -2.44
CA LEU B 256 -43.51 -13.09 -2.81
C LEU B 256 -44.56 -11.99 -2.87
N GLY B 257 -45.70 -12.28 -3.49
CA GLY B 257 -46.78 -11.31 -3.52
C GLY B 257 -47.30 -10.99 -2.13
N ALA B 258 -47.45 -12.02 -1.29
CA ALA B 258 -47.94 -11.84 0.07
C ALA B 258 -47.00 -10.95 0.87
N SER B 259 -45.70 -11.18 0.77
CA SER B 259 -44.75 -10.38 1.52
C SER B 259 -44.66 -8.96 0.98
N PHE B 260 -44.82 -8.79 -0.34
CA PHE B 260 -44.89 -7.44 -0.87
C PHE B 260 -46.16 -6.72 -0.45
N ALA B 261 -47.19 -7.46 -0.05
CA ALA B 261 -48.45 -6.82 0.35
C ALA B 261 -48.32 -6.10 1.69
N ASN B 262 -47.59 -6.67 2.65
CA ASN B 262 -47.60 -6.16 4.01
C ASN B 262 -46.21 -6.09 4.60
N ASP B 263 -45.28 -5.50 3.87
CA ASP B 263 -43.95 -5.21 4.39
C ASP B 263 -43.73 -3.70 4.41
N ARG B 264 -43.17 -3.20 5.51
CA ARG B 264 -43.02 -1.76 5.68
C ARG B 264 -42.03 -1.17 4.67
N GLU B 265 -40.90 -1.83 4.48
CA GLU B 265 -39.86 -1.28 3.60
C GLU B 265 -40.27 -1.35 2.14
N ASN B 266 -40.78 -2.51 1.70
CA ASN B 266 -41.20 -2.71 0.33
C ASN B 266 -42.72 -2.83 0.32
N TYR B 267 -43.39 -1.77 -0.13
CA TYR B 267 -44.85 -1.75 -0.22
C TYR B 267 -45.23 -1.28 -1.62
N ASP B 268 -45.29 -2.21 -2.57
CA ASP B 268 -45.74 -1.94 -3.93
C ASP B 268 -46.96 -2.81 -4.18
N ILE B 269 -48.14 -2.21 -4.03
CA ILE B 269 -49.37 -2.98 -4.10
C ILE B 269 -49.61 -3.53 -5.51
N ILE B 270 -49.23 -2.76 -6.53
CA ILE B 270 -49.35 -3.26 -7.90
C ILE B 270 -48.43 -4.44 -8.13
N LYS B 271 -47.25 -4.43 -7.51
CA LYS B 271 -46.36 -5.59 -7.59
C LYS B 271 -47.00 -6.81 -6.94
N THR B 272 -47.69 -6.61 -5.81
CA THR B 272 -48.39 -7.70 -5.17
C THR B 272 -49.47 -8.28 -6.07
N TYR B 273 -50.27 -7.40 -6.68
CA TYR B 273 -51.34 -7.88 -7.55
C TYR B 273 -50.78 -8.60 -8.76
N HIS B 274 -49.69 -8.09 -9.34
CA HIS B 274 -49.13 -8.73 -10.52
C HIS B 274 -48.46 -10.06 -10.20
N TYR B 275 -47.81 -10.16 -9.04
CA TYR B 275 -47.20 -11.44 -8.67
C TYR B 275 -48.27 -12.48 -8.38
N LEU B 276 -49.35 -12.08 -7.68
CA LEU B 276 -50.46 -13.01 -7.51
C LEU B 276 -51.12 -13.33 -8.84
N TYR B 277 -51.08 -12.40 -9.79
CA TYR B 277 -51.59 -12.68 -11.13
C TYR B 277 -50.75 -13.75 -11.82
N LEU B 278 -49.43 -13.66 -11.69
CA LEU B 278 -48.56 -14.72 -12.20
C LEU B 278 -48.87 -16.05 -11.54
N ALA B 279 -49.08 -16.02 -10.23
CA ALA B 279 -49.37 -17.25 -9.50
C ALA B 279 -50.67 -17.87 -9.99
N MET B 280 -51.72 -17.06 -10.14
CA MET B 280 -52.99 -17.57 -10.62
C MET B 280 -52.90 -18.04 -12.07
N LEU B 281 -52.12 -17.35 -12.90
CA LEU B 281 -52.01 -17.74 -14.29
C LEU B 281 -51.28 -19.07 -14.44
N GLU B 282 -50.15 -19.24 -13.75
CA GLU B 282 -49.50 -20.55 -13.79
C GLU B 282 -50.30 -21.61 -13.07
N ARG B 283 -51.19 -21.22 -12.15
CA ARG B 283 -52.13 -22.17 -11.57
C ARG B 283 -53.10 -22.68 -12.61
N PHE B 284 -53.70 -21.76 -13.38
CA PHE B 284 -54.71 -22.07 -14.37
C PHE B 284 -54.14 -22.12 -15.78
N GLN B 285 -52.84 -22.40 -15.90
CA GLN B 285 -52.18 -22.32 -17.20
C GLN B 285 -52.58 -23.48 -18.10
N ASP B 286 -52.33 -24.70 -17.65
CA ASP B 286 -52.50 -25.87 -18.52
C ASP B 286 -53.94 -26.21 -18.78
N GLY B 287 -54.89 -25.62 -18.05
CA GLY B 287 -56.28 -25.99 -18.23
C GLY B 287 -56.59 -27.21 -17.38
N ASP B 288 -56.52 -28.39 -17.98
CA ASP B 288 -56.54 -29.62 -17.21
C ASP B 288 -55.22 -29.78 -16.47
N ASN B 289 -55.11 -30.88 -15.71
CA ASN B 289 -54.09 -31.15 -14.70
C ASN B 289 -53.80 -29.91 -13.86
N ILE B 290 -54.86 -29.19 -13.50
CA ILE B 290 -54.76 -27.93 -12.79
C ILE B 290 -54.42 -28.19 -11.33
N LEU B 291 -53.73 -27.26 -10.70
CA LEU B 291 -53.52 -27.27 -9.26
C LEU B 291 -54.55 -26.37 -8.60
N GLU B 292 -54.85 -26.67 -7.34
CA GLU B 292 -55.88 -25.94 -6.62
C GLU B 292 -55.42 -25.62 -5.22
N LYS B 293 -55.85 -24.48 -4.72
CA LYS B 293 -55.59 -24.11 -3.33
C LYS B 293 -56.38 -25.03 -2.39
N GLU B 294 -55.76 -25.41 -1.29
CA GLU B 294 -56.49 -26.10 -0.24
C GLU B 294 -57.48 -25.15 0.43
N VAL B 295 -58.61 -25.69 0.87
CA VAL B 295 -59.71 -24.88 1.36
C VAL B 295 -59.46 -24.65 2.85
N LEU B 296 -58.66 -23.63 3.15
CA LEU B 296 -58.52 -23.23 4.53
C LEU B 296 -59.70 -22.38 4.97
N PRO B 297 -60.11 -22.48 6.23
CA PRO B 297 -61.28 -21.73 6.68
C PRO B 297 -61.02 -20.23 6.66
N PRO B 298 -62.04 -19.40 6.44
CA PRO B 298 -61.84 -17.95 6.48
C PRO B 298 -61.54 -17.47 7.89
N ILE B 299 -60.30 -17.04 8.12
CA ILE B 299 -59.90 -16.59 9.45
C ILE B 299 -60.60 -15.27 9.77
N HIS B 300 -61.20 -15.20 10.95
CA HIS B 300 -62.04 -14.08 11.32
C HIS B 300 -61.28 -12.76 11.41
N ALA B 301 -59.97 -12.80 11.63
CA ALA B 301 -59.19 -11.57 11.73
C ALA B 301 -59.11 -10.86 10.39
N TYR B 302 -58.80 -11.58 9.32
CA TYR B 302 -58.69 -10.99 8.00
C TYR B 302 -60.06 -10.86 7.34
N GLY B 303 -61.01 -10.22 8.03
CA GLY B 303 -62.38 -10.25 7.58
C GLY B 303 -62.90 -11.68 7.60
N ASN B 304 -63.54 -12.09 6.51
CA ASN B 304 -63.90 -13.48 6.31
C ASN B 304 -63.64 -13.90 4.88
N ARG B 305 -62.53 -13.42 4.32
CA ARG B 305 -62.17 -13.75 2.95
C ARG B 305 -61.74 -15.21 2.85
N THR B 306 -61.86 -15.75 1.64
CA THR B 306 -61.58 -17.15 1.36
C THR B 306 -60.60 -17.29 0.20
N GLU B 307 -59.55 -16.47 0.24
CA GLU B 307 -58.47 -16.44 -0.74
C GLU B 307 -58.99 -16.13 -2.14
N CYS B 308 -58.25 -16.55 -3.17
CA CYS B 308 -58.66 -16.38 -4.56
C CYS B 308 -58.24 -17.64 -5.31
N ARG B 309 -59.16 -18.61 -5.38
CA ARG B 309 -58.92 -19.85 -6.12
C ARG B 309 -59.39 -19.76 -7.55
N ASN B 310 -59.42 -18.55 -8.12
CA ASN B 310 -59.81 -18.32 -9.50
C ASN B 310 -59.12 -17.06 -9.97
N PRO B 311 -58.56 -17.03 -11.18
CA PRO B 311 -58.01 -15.77 -11.69
C PRO B 311 -59.05 -14.67 -11.83
N GLN B 312 -60.32 -15.05 -12.07
CA GLN B 312 -61.38 -14.05 -12.21
C GLN B 312 -61.62 -13.31 -10.90
N GLU B 313 -61.70 -14.02 -9.78
CA GLU B 313 -61.94 -13.36 -8.51
C GLU B 313 -60.72 -12.57 -8.04
N LEU B 314 -59.52 -13.01 -8.43
CA LEU B 314 -58.34 -12.18 -8.18
C LEU B 314 -58.40 -10.90 -8.99
N GLU B 315 -58.86 -10.99 -10.24
CA GLU B 315 -59.09 -9.79 -11.05
C GLU B 315 -60.13 -8.89 -10.41
N SER B 316 -61.09 -9.49 -9.69
CA SER B 316 -62.15 -8.70 -9.06
C SER B 316 -61.62 -7.81 -7.95
N ILE B 317 -60.54 -8.20 -7.28
CA ILE B 317 -60.03 -7.46 -6.12
C ILE B 317 -58.82 -6.63 -6.51
N ARG B 318 -58.73 -6.26 -7.80
CA ARG B 318 -57.54 -5.58 -8.31
C ARG B 318 -57.34 -4.23 -7.65
N GLN B 319 -58.40 -3.45 -7.49
CA GLN B 319 -58.27 -2.10 -6.96
C GLN B 319 -58.53 -2.01 -5.46
N ASP B 320 -59.00 -3.08 -4.83
CA ASP B 320 -59.38 -3.04 -3.42
C ASP B 320 -58.14 -3.21 -2.56
N ARG B 321 -57.66 -2.10 -1.98
CA ARG B 321 -56.45 -2.15 -1.18
C ARG B 321 -56.62 -3.00 0.08
N ASP B 322 -57.76 -2.84 0.77
CA ASP B 322 -58.01 -3.65 1.97
C ASP B 322 -58.09 -5.12 1.63
N ALA B 323 -58.80 -5.46 0.55
CA ALA B 323 -58.91 -6.84 0.13
C ALA B 323 -57.56 -7.39 -0.31
N LEU B 324 -56.72 -6.57 -0.94
CA LEU B 324 -55.39 -7.03 -1.35
C LEU B 324 -54.51 -7.30 -0.14
N HIS B 325 -54.53 -6.41 0.85
CA HIS B 325 -53.77 -6.66 2.08
C HIS B 325 -54.24 -7.93 2.77
N MET B 326 -55.56 -8.11 2.87
CA MET B 326 -56.09 -9.30 3.52
C MET B 326 -55.75 -10.56 2.74
N GLU B 327 -55.83 -10.51 1.41
CA GLU B 327 -55.48 -11.67 0.59
C GLU B 327 -54.01 -12.02 0.76
N GLY B 328 -53.14 -11.01 0.77
CA GLY B 328 -51.72 -11.27 0.99
C GLY B 328 -51.46 -11.91 2.34
N LEU B 329 -52.10 -11.39 3.39
CA LEU B 329 -51.91 -11.97 4.71
C LEU B 329 -52.45 -13.39 4.79
N ILE B 330 -53.57 -13.66 4.13
CA ILE B 330 -54.17 -15.00 4.20
C ILE B 330 -53.30 -16.01 3.47
N VAL B 331 -52.82 -15.67 2.26
CA VAL B 331 -51.98 -16.62 1.55
C VAL B 331 -50.63 -16.75 2.23
N ARG B 332 -50.16 -15.69 2.90
CA ARG B 332 -48.95 -15.80 3.71
C ARG B 332 -49.14 -16.78 4.86
N GLU B 333 -50.30 -16.71 5.52
CA GLU B 333 -50.58 -17.66 6.59
C GLU B 333 -50.71 -19.08 6.06
N ARG B 334 -51.31 -19.23 4.87
CA ARG B 334 -51.47 -20.55 4.29
C ARG B 334 -50.12 -21.19 3.98
N ILE B 335 -49.22 -20.45 3.35
CA ILE B 335 -47.97 -21.04 2.88
C ILE B 335 -46.96 -21.12 4.01
N LEU B 336 -46.75 -20.01 4.73
CA LEU B 336 -45.77 -20.00 5.81
C LEU B 336 -46.23 -20.82 7.02
N GLY B 337 -47.52 -21.14 7.09
CA GLY B 337 -48.04 -21.86 8.24
C GLY B 337 -48.30 -20.92 9.41
N ALA B 338 -48.63 -21.54 10.54
CA ALA B 338 -48.90 -20.79 11.76
C ALA B 338 -47.75 -20.83 12.75
N ASP B 339 -46.92 -21.87 12.71
CA ASP B 339 -45.83 -22.03 13.67
C ASP B 339 -44.60 -21.21 13.34
N ASN B 340 -44.49 -20.69 12.12
CA ASN B 340 -43.28 -20.03 11.69
C ASN B 340 -43.09 -18.69 12.39
N ILE B 341 -41.84 -18.21 12.42
CA ILE B 341 -41.50 -17.04 13.22
C ILE B 341 -41.88 -15.75 12.50
N ASP B 342 -41.87 -15.75 11.17
CA ASP B 342 -41.95 -14.52 10.40
C ASP B 342 -43.38 -14.19 9.96
N VAL B 343 -44.38 -14.89 10.47
CA VAL B 343 -45.75 -14.60 10.07
C VAL B 343 -46.33 -13.47 10.93
N SER B 344 -45.82 -13.29 12.15
CA SER B 344 -46.42 -12.33 13.08
C SER B 344 -46.22 -10.90 12.63
N HIS B 345 -45.01 -10.56 12.19
CA HIS B 345 -44.65 -9.16 11.95
C HIS B 345 -45.49 -8.45 10.89
N PRO B 346 -45.77 -9.03 9.71
CA PRO B 346 -46.64 -8.31 8.76
C PRO B 346 -48.04 -8.04 9.28
N ILE B 347 -48.60 -8.96 10.08
CA ILE B 347 -49.91 -8.71 10.67
C ILE B 347 -49.85 -7.51 11.61
N ILE B 348 -48.76 -7.41 12.38
CA ILE B 348 -48.59 -6.26 13.27
C ILE B 348 -48.44 -4.98 12.46
N TYR B 349 -47.74 -5.03 11.32
CA TYR B 349 -47.59 -3.82 10.51
C TYR B 349 -48.91 -3.38 9.91
N ARG B 350 -49.71 -4.33 9.40
CA ARG B 350 -51.02 -3.98 8.85
C ARG B 350 -51.93 -3.44 9.95
N GLY B 351 -51.86 -4.02 11.15
CA GLY B 351 -52.59 -3.47 12.28
C GLY B 351 -52.13 -2.07 12.63
N ALA B 352 -50.83 -1.81 12.52
CA ALA B 352 -50.33 -0.46 12.77
C ALA B 352 -50.86 0.53 11.75
N VAL B 353 -50.91 0.12 10.48
CA VAL B 353 -51.43 1.01 9.44
C VAL B 353 -52.90 1.31 9.70
N TYR B 354 -53.69 0.30 10.05
CA TYR B 354 -55.10 0.53 10.36
C TYR B 354 -55.27 1.38 11.62
N ALA B 355 -54.41 1.17 12.62
CA ALA B 355 -54.50 1.95 13.85
C ALA B 355 -54.19 3.42 13.60
N ASP B 356 -53.18 3.70 12.77
CA ASP B 356 -52.90 5.08 12.43
C ASP B 356 -53.90 5.66 11.46
N ASN B 357 -54.77 4.85 10.87
CA ASN B 357 -55.89 5.33 10.07
C ASN B 357 -57.21 5.28 10.83
N MET B 358 -57.15 5.13 12.15
CA MET B 358 -58.28 5.20 13.07
C MET B 358 -59.31 4.10 12.85
N GLU B 359 -58.99 3.06 12.07
CA GLU B 359 -59.86 1.91 11.91
C GLU B 359 -59.57 0.94 13.06
N PHE B 360 -60.10 1.29 14.23
CA PHE B 360 -59.63 0.67 15.47
C PHE B 360 -60.12 -0.77 15.61
N GLU B 361 -61.35 -1.06 15.21
CA GLU B 361 -61.87 -2.42 15.39
C GLU B 361 -61.06 -3.43 14.58
N GLN B 362 -60.75 -3.08 13.33
CA GLN B 362 -60.04 -4.00 12.45
C GLN B 362 -58.62 -4.23 12.95
N CYS B 363 -57.95 -3.17 13.43
CA CYS B 363 -56.59 -3.34 13.90
C CYS B 363 -56.55 -4.07 15.24
N ILE B 364 -57.57 -3.89 16.09
CA ILE B 364 -57.68 -4.70 17.30
C ILE B 364 -57.80 -6.18 16.94
N LYS B 365 -58.65 -6.49 15.95
CA LYS B 365 -58.78 -7.89 15.53
C LYS B 365 -57.46 -8.43 14.99
N LEU B 366 -56.78 -7.66 14.15
CA LEU B 366 -55.53 -8.12 13.55
C LEU B 366 -54.46 -8.33 14.62
N TRP B 367 -54.31 -7.38 15.54
CA TRP B 367 -53.30 -7.52 16.58
C TRP B 367 -53.66 -8.64 17.55
N LEU B 368 -54.95 -8.86 17.80
CA LEU B 368 -55.34 -9.97 18.67
C LEU B 368 -54.99 -11.31 18.04
N HIS B 369 -55.20 -11.44 16.73
CA HIS B 369 -54.76 -12.65 16.05
C HIS B 369 -53.24 -12.78 16.09
N ALA B 370 -52.54 -11.65 15.96
CA ALA B 370 -51.08 -11.68 16.05
C ALA B 370 -50.62 -12.15 17.42
N LEU B 371 -51.29 -11.69 18.48
CA LEU B 371 -50.92 -12.10 19.83
C LEU B 371 -51.21 -13.58 20.05
N HIS B 372 -52.35 -14.06 19.53
CA HIS B 372 -52.65 -15.49 19.63
C HIS B 372 -51.60 -16.32 18.91
N LEU B 373 -51.19 -15.89 17.72
CA LEU B 373 -50.21 -16.64 16.96
C LEU B 373 -48.84 -16.58 17.61
N ARG B 374 -48.50 -15.45 18.24
CA ARG B 374 -47.22 -15.36 18.93
C ARG B 374 -47.19 -16.23 20.17
N GLN B 375 -48.30 -16.27 20.93
CA GLN B 375 -48.33 -17.10 22.12
C GLN B 375 -48.47 -18.58 21.80
N LYS B 376 -49.00 -18.92 20.61
CA LYS B 376 -48.94 -20.29 20.16
C LYS B 376 -47.50 -20.74 19.94
N GLY B 377 -46.68 -19.85 19.38
CA GLY B 377 -45.25 -20.11 19.25
C GLY B 377 -44.44 -19.81 20.49
N ASN B 378 -45.04 -19.17 21.49
CA ASN B 378 -44.40 -18.85 22.77
C ASN B 378 -43.15 -18.00 22.56
N ARG B 379 -43.36 -16.80 22.04
CA ARG B 379 -42.30 -15.85 21.76
C ARG B 379 -42.32 -14.72 22.78
N ASN B 380 -41.47 -13.73 22.56
CA ASN B 380 -41.37 -12.55 23.42
C ASN B 380 -42.41 -11.54 22.95
N THR B 381 -43.56 -11.50 23.62
CA THR B 381 -44.70 -10.71 23.16
C THR B 381 -44.99 -9.52 24.06
N HIS B 382 -44.01 -9.07 24.85
CA HIS B 382 -44.24 -7.89 25.68
C HIS B 382 -44.45 -6.63 24.84
N LYS B 383 -43.78 -6.54 23.69
CA LYS B 383 -43.97 -5.41 22.81
C LYS B 383 -45.39 -5.35 22.27
N ASP B 384 -45.97 -6.52 21.95
CA ASP B 384 -47.33 -6.54 21.46
C ASP B 384 -48.32 -6.15 22.54
N LEU B 385 -48.10 -6.57 23.78
CA LEU B 385 -48.96 -6.14 24.88
C LEU B 385 -48.86 -4.64 25.08
N LEU B 386 -47.65 -4.10 24.97
CA LEU B 386 -47.48 -2.65 25.02
C LEU B 386 -48.24 -1.98 23.88
N ARG B 387 -48.25 -2.61 22.70
CA ARG B 387 -48.97 -2.05 21.56
C ARG B 387 -50.47 -2.02 21.81
N PHE B 388 -51.02 -3.10 22.42
CA PHE B 388 -52.41 -3.07 22.84
C PHE B 388 -52.67 -1.95 23.84
N ALA B 389 -51.74 -1.74 24.77
CA ALA B 389 -51.89 -0.64 25.71
C ALA B 389 -51.97 0.70 24.99
N GLN B 390 -51.08 0.90 24.00
CA GLN B 390 -51.08 2.16 23.26
C GLN B 390 -52.39 2.37 22.51
N VAL B 391 -52.84 1.35 21.77
CA VAL B 391 -54.03 1.52 20.95
C VAL B 391 -55.27 1.66 21.82
N PHE B 392 -55.33 0.95 22.96
CA PHE B 392 -56.47 1.09 23.85
C PHE B 392 -56.50 2.47 24.48
N SER B 393 -55.34 3.00 24.86
CA SER B 393 -55.28 4.35 25.41
C SER B 393 -55.70 5.39 24.40
N GLN B 394 -55.26 5.23 23.14
CA GLN B 394 -55.69 6.17 22.10
C GLN B 394 -57.18 6.04 21.83
N MET B 395 -57.72 4.83 21.93
CA MET B 395 -59.15 4.62 21.77
C MET B 395 -59.94 5.34 22.85
N ILE B 396 -59.43 5.29 24.08
CA ILE B 396 -60.07 6.02 25.19
C ILE B 396 -59.93 7.52 24.97
N HIS B 397 -58.78 7.96 24.49
CA HIS B 397 -58.56 9.39 24.23
C HIS B 397 -59.53 9.91 23.17
N LEU B 398 -59.74 9.17 22.10
CA LEU B 398 -60.72 9.51 21.10
C LEU B 398 -62.12 9.06 21.46
N ASN B 399 -62.32 8.66 22.73
CA ASN B 399 -63.57 8.20 23.33
C ASN B 399 -64.38 7.25 22.45
N GLU B 400 -63.69 6.40 21.70
CA GLU B 400 -64.36 5.29 21.03
C GLU B 400 -64.55 4.17 22.02
N THR B 401 -65.71 3.53 21.99
CA THR B 401 -65.99 2.45 22.91
C THR B 401 -65.06 1.27 22.65
N VAL B 402 -64.66 0.59 23.72
CA VAL B 402 -63.69 -0.49 23.67
C VAL B 402 -64.41 -1.80 23.90
N LYS B 403 -64.16 -2.77 23.03
CA LYS B 403 -64.84 -4.06 23.12
C LYS B 403 -64.34 -4.82 24.33
N ALA B 404 -65.26 -5.16 25.23
CA ALA B 404 -64.91 -5.94 26.41
C ALA B 404 -64.36 -7.34 26.10
N PRO B 405 -64.88 -8.11 25.13
CA PRO B 405 -64.23 -9.41 24.84
C PRO B 405 -62.79 -9.26 24.39
N ASP B 406 -62.47 -8.22 23.63
CA ASP B 406 -61.09 -8.05 23.15
C ASP B 406 -60.14 -7.72 24.31
N ILE B 407 -60.56 -6.83 25.21
CA ILE B 407 -59.70 -6.51 26.34
C ILE B 407 -59.61 -7.70 27.29
N GLU B 408 -60.68 -8.51 27.38
CA GLU B 408 -60.60 -9.74 28.16
C GLU B 408 -59.58 -10.71 27.58
N CYS B 409 -59.59 -10.87 26.26
CA CYS B 409 -58.66 -11.81 25.63
C CYS B 409 -57.22 -11.32 25.73
N VAL B 410 -57.00 -10.02 25.53
CA VAL B 410 -55.62 -9.53 25.67
C VAL B 410 -55.19 -9.59 27.13
N LEU B 411 -56.11 -9.45 28.07
CA LEU B 411 -55.75 -9.58 29.49
C LEU B 411 -55.34 -11.00 29.83
N ARG B 412 -56.09 -12.00 29.36
CA ARG B 412 -55.70 -13.38 29.66
C ARG B 412 -54.40 -13.76 28.94
N CYS B 413 -54.20 -13.24 27.72
CA CYS B 413 -52.93 -13.47 27.04
C CYS B 413 -51.78 -12.84 27.81
N SER B 414 -51.99 -11.64 28.36
CA SER B 414 -50.97 -10.99 29.17
C SER B 414 -50.67 -11.80 30.41
N VAL B 415 -51.71 -12.35 31.05
CA VAL B 415 -51.51 -13.15 32.25
C VAL B 415 -50.68 -14.39 31.94
N LEU B 416 -51.03 -15.09 30.86
CA LEU B 416 -50.27 -16.29 30.49
C LEU B 416 -48.83 -15.95 30.11
N GLU B 417 -48.64 -14.81 29.44
CA GLU B 417 -47.29 -14.41 29.07
C GLU B 417 -46.46 -14.06 30.29
N ILE B 418 -47.08 -13.44 31.31
CA ILE B 418 -46.36 -13.16 32.55
C ILE B 418 -46.02 -14.46 33.27
N GLU B 419 -46.93 -15.44 33.23
CA GLU B 419 -46.65 -16.74 33.83
C GLU B 419 -45.41 -17.37 33.21
N GLN B 420 -45.40 -17.49 31.88
CA GLN B 420 -44.24 -18.09 31.23
C GLN B 420 -43.00 -17.19 31.30
N SER B 421 -43.19 -15.88 31.46
CA SER B 421 -42.05 -14.97 31.61
C SER B 421 -41.35 -15.20 32.94
N MET B 422 -42.10 -15.32 34.03
CA MET B 422 -41.45 -15.60 35.30
C MET B 422 -40.95 -17.04 35.35
N ASN B 423 -41.58 -17.95 34.60
CA ASN B 423 -41.01 -19.29 34.46
C ASN B 423 -39.63 -19.23 33.79
N ARG B 424 -39.51 -18.43 32.73
CA ARG B 424 -38.21 -18.25 32.07
C ARG B 424 -37.21 -17.57 33.00
N VAL B 425 -37.67 -16.59 33.78
CA VAL B 425 -36.80 -15.89 34.72
C VAL B 425 -36.26 -16.86 35.76
N LYS B 426 -37.12 -17.74 36.28
CA LYS B 426 -36.65 -18.78 37.19
C LYS B 426 -35.69 -19.74 36.51
N ASN B 427 -35.99 -20.12 35.26
CA ASN B 427 -35.12 -21.05 34.55
C ASN B 427 -33.79 -20.42 34.17
N ILE B 428 -33.83 -19.21 33.62
CA ILE B 428 -32.61 -18.49 33.27
C ILE B 428 -32.09 -17.80 34.53
N SER B 429 -31.15 -18.45 35.23
CA SER B 429 -30.69 -17.96 36.52
C SER B 429 -29.89 -16.67 36.36
N ASP B 430 -28.77 -16.72 35.64
CA ASP B 430 -27.95 -15.55 35.45
C ASP B 430 -27.36 -15.42 34.05
N ALA B 431 -27.69 -16.30 33.11
CA ALA B 431 -27.14 -16.19 31.76
C ALA B 431 -27.67 -14.96 31.05
N ASP B 432 -28.99 -14.78 31.03
CA ASP B 432 -29.64 -13.65 30.38
C ASP B 432 -30.80 -13.15 31.25
N VAL B 433 -30.55 -13.01 32.56
CA VAL B 433 -31.62 -12.70 33.48
C VAL B 433 -32.00 -11.21 33.49
N HIS B 434 -31.10 -10.33 33.06
CA HIS B 434 -31.34 -8.89 33.18
C HIS B 434 -32.48 -8.43 32.27
N ASN B 435 -32.40 -8.74 30.98
CA ASN B 435 -33.44 -8.31 30.05
C ASN B 435 -34.73 -9.07 30.29
N ALA B 436 -34.64 -10.31 30.76
CA ALA B 436 -35.84 -11.06 31.14
C ALA B 436 -36.56 -10.38 32.30
N MET B 437 -35.81 -9.93 33.31
CA MET B 437 -36.41 -9.21 34.43
C MET B 437 -37.00 -7.88 33.97
N ASP B 438 -36.30 -7.18 33.07
CA ASP B 438 -36.81 -5.91 32.55
C ASP B 438 -38.11 -6.11 31.78
N ASN B 439 -38.16 -7.15 30.95
CA ASN B 439 -39.37 -7.43 30.18
C ASN B 439 -40.50 -7.90 31.07
N TYR B 440 -40.18 -8.63 32.14
CA TYR B 440 -41.20 -9.01 33.13
C TYR B 440 -41.79 -7.79 33.82
N GLU B 441 -40.94 -6.84 34.20
CA GLU B 441 -41.44 -5.61 34.81
C GLU B 441 -42.28 -4.81 33.82
N CYS B 442 -41.85 -4.75 32.56
CA CYS B 442 -42.65 -4.08 31.53
C CYS B 442 -43.98 -4.79 31.31
N ASN B 443 -43.99 -6.12 31.45
CA ASN B 443 -45.23 -6.88 31.36
C ASN B 443 -46.19 -6.50 32.49
N LEU B 444 -45.65 -6.37 33.70
CA LEU B 444 -46.49 -5.90 34.81
C LEU B 444 -47.04 -4.50 34.53
N TYR B 445 -46.19 -3.61 34.00
CA TYR B 445 -46.64 -2.26 33.67
C TYR B 445 -47.77 -2.29 32.65
N THR B 446 -47.63 -3.12 31.61
CA THR B 446 -48.69 -3.25 30.62
C THR B 446 -49.96 -3.84 31.23
N PHE B 447 -49.81 -4.74 32.20
CA PHE B 447 -50.99 -5.27 32.87
C PHE B 447 -51.73 -4.17 33.61
N LEU B 448 -51.00 -3.30 34.31
CA LEU B 448 -51.66 -2.16 34.96
C LEU B 448 -52.32 -1.24 33.94
N TYR B 449 -51.66 -1.01 32.80
CA TYR B 449 -52.27 -0.16 31.78
C TYR B 449 -53.58 -0.75 31.28
N LEU B 450 -53.58 -2.06 31.02
CA LEU B 450 -54.80 -2.71 30.53
C LEU B 450 -55.88 -2.72 31.58
N VAL B 451 -55.51 -2.88 32.86
CA VAL B 451 -56.49 -2.83 33.94
C VAL B 451 -57.09 -1.44 34.02
N CYS B 452 -56.26 -0.41 33.84
CA CYS B 452 -56.77 0.96 33.82
C CYS B 452 -57.74 1.18 32.67
N ILE B 453 -57.41 0.63 31.50
CA ILE B 453 -58.32 0.73 30.36
C ILE B 453 -59.64 0.03 30.67
N SER B 454 -59.56 -1.14 31.30
CA SER B 454 -60.78 -1.86 31.68
C SER B 454 -61.63 -1.06 32.65
N THR B 455 -61.00 -0.40 33.61
CA THR B 455 -61.74 0.44 34.55
C THR B 455 -62.39 1.62 33.85
N LYS B 456 -61.67 2.24 32.90
CA LYS B 456 -62.22 3.40 32.20
C LYS B 456 -63.34 3.04 31.24
N THR B 457 -63.57 1.76 30.97
CA THR B 457 -64.59 1.33 30.03
C THR B 457 -65.83 0.84 30.75
N GLN B 458 -66.90 0.65 29.99
CA GLN B 458 -68.15 0.11 30.47
C GLN B 458 -68.35 -1.27 29.85
N CYS B 459 -68.51 -2.28 30.70
CA CYS B 459 -68.66 -3.65 30.26
C CYS B 459 -69.92 -4.26 30.86
N SER B 460 -70.26 -5.46 30.38
CA SER B 460 -71.41 -6.17 30.89
C SER B 460 -71.03 -6.92 32.16
N GLU B 461 -71.98 -7.67 32.71
CA GLU B 461 -71.73 -8.41 33.94
C GLU B 461 -70.73 -9.54 33.71
N GLU B 462 -70.96 -10.34 32.67
CA GLU B 462 -70.09 -11.50 32.42
C GLU B 462 -68.70 -11.09 31.94
N ASP B 463 -68.60 -9.99 31.19
CA ASP B 463 -67.30 -9.53 30.74
C ASP B 463 -66.48 -8.97 31.90
N GLN B 464 -67.13 -8.18 32.77
CA GLN B 464 -66.47 -7.73 33.98
C GLN B 464 -66.07 -8.92 34.86
N CYS B 465 -66.91 -9.95 34.90
CA CYS B 465 -66.58 -11.16 35.65
C CYS B 465 -65.35 -11.85 35.07
N LYS B 466 -65.24 -11.91 33.74
CA LYS B 466 -64.07 -12.53 33.13
C LYS B 466 -62.81 -11.72 33.40
N ILE B 467 -62.92 -10.39 33.33
CA ILE B 467 -61.78 -9.53 33.66
C ILE B 467 -61.34 -9.77 35.11
N ASN B 468 -62.32 -9.83 36.03
CA ASN B 468 -61.99 -10.08 37.42
C ASN B 468 -61.39 -11.46 37.62
N LYS B 469 -61.86 -12.46 36.88
CA LYS B 469 -61.29 -13.80 36.98
C LYS B 469 -59.84 -13.82 36.56
N GLN B 470 -59.52 -13.15 35.44
CA GLN B 470 -58.14 -13.11 34.98
C GLN B 470 -57.25 -12.36 35.96
N ILE B 471 -57.74 -11.22 36.47
CA ILE B 471 -56.94 -10.44 37.40
C ILE B 471 -56.74 -11.20 38.70
N TYR B 472 -57.77 -11.91 39.17
CA TYR B 472 -57.63 -12.72 40.38
C TYR B 472 -56.65 -13.86 40.16
N ASN B 473 -56.64 -14.44 38.95
CA ASN B 473 -55.66 -15.48 38.65
C ASN B 473 -54.25 -14.93 38.77
N LEU B 474 -54.02 -13.73 38.22
CA LEU B 474 -52.69 -13.14 38.32
C LEU B 474 -52.33 -12.81 39.78
N ILE B 475 -53.28 -12.25 40.54
CA ILE B 475 -53.02 -11.91 41.93
C ILE B 475 -52.74 -13.15 42.77
N HIS B 476 -53.52 -14.22 42.58
CA HIS B 476 -53.25 -15.44 43.31
C HIS B 476 -51.90 -16.02 42.91
N LEU B 477 -51.48 -15.79 41.67
CA LEU B 477 -50.11 -16.12 41.29
C LEU B 477 -49.10 -15.19 41.94
N ASP B 478 -49.51 -13.97 42.31
CA ASP B 478 -48.72 -12.97 43.03
C ASP B 478 -47.40 -12.64 42.35
N PRO B 479 -47.42 -11.89 41.25
CA PRO B 479 -46.17 -11.41 40.66
C PRO B 479 -45.52 -10.35 41.54
N ARG B 480 -44.20 -10.27 41.45
CA ARG B 480 -43.44 -9.31 42.24
C ARG B 480 -42.32 -8.73 41.39
N THR B 481 -42.15 -7.42 41.48
CA THR B 481 -41.16 -6.73 40.66
C THR B 481 -39.75 -6.99 41.21
N ARG B 482 -38.76 -6.40 40.52
CA ARG B 482 -37.39 -6.46 41.00
C ARG B 482 -37.25 -5.71 42.33
N GLU B 483 -37.94 -4.59 42.47
CA GLU B 483 -37.90 -3.79 43.69
C GLU B 483 -38.74 -4.38 44.81
N GLY B 484 -39.30 -5.58 44.61
CA GLY B 484 -40.14 -6.21 45.61
C GLY B 484 -41.57 -5.74 45.62
N PHE B 485 -41.94 -4.82 44.73
CA PHE B 485 -43.32 -4.34 44.69
C PHE B 485 -44.26 -5.47 44.32
N THR B 486 -45.35 -5.59 45.07
CA THR B 486 -46.47 -6.39 44.60
C THR B 486 -47.25 -5.60 43.56
N LEU B 487 -48.26 -6.23 42.97
CA LEU B 487 -49.01 -5.57 41.91
C LEU B 487 -49.76 -4.36 42.45
N LEU B 488 -50.36 -4.49 43.63
CA LEU B 488 -51.05 -3.37 44.25
C LEU B 488 -50.06 -2.26 44.61
N HIS B 489 -48.86 -2.62 45.06
CA HIS B 489 -47.82 -1.63 45.31
C HIS B 489 -47.49 -0.86 44.03
N LEU B 490 -47.43 -1.57 42.90
CA LEU B 490 -47.23 -0.91 41.63
C LEU B 490 -48.42 -0.01 41.27
N ALA B 491 -49.62 -0.37 41.72
CA ALA B 491 -50.80 0.43 41.44
C ALA B 491 -50.88 1.69 42.30
N VAL B 492 -50.32 1.68 43.51
CA VAL B 492 -50.49 2.79 44.43
C VAL B 492 -49.38 3.82 44.37
N ASN B 493 -48.28 3.54 43.68
CA ASN B 493 -47.17 4.46 43.70
C ASN B 493 -47.40 5.61 42.72
N SER B 494 -46.43 6.52 42.67
CA SER B 494 -46.50 7.66 41.77
C SER B 494 -45.34 7.74 40.79
N ASN B 495 -44.40 6.81 40.85
CA ASN B 495 -43.24 6.81 39.96
C ASN B 495 -43.26 5.63 39.00
N THR B 496 -44.42 5.03 38.78
CA THR B 496 -44.54 3.96 37.81
C THR B 496 -44.39 4.54 36.41
N PRO B 497 -43.48 4.04 35.59
CA PRO B 497 -43.31 4.60 34.24
C PRO B 497 -44.54 4.39 33.39
N VAL B 498 -44.83 5.39 32.56
CA VAL B 498 -45.95 5.34 31.62
C VAL B 498 -45.38 5.61 30.23
N ASP B 499 -45.85 4.83 29.25
CA ASP B 499 -45.27 4.88 27.91
C ASP B 499 -45.52 6.23 27.26
N ASP B 500 -44.60 6.63 26.38
CA ASP B 500 -44.60 7.96 25.80
C ASP B 500 -45.79 8.23 24.90
N PHE B 501 -46.42 7.18 24.37
CA PHE B 501 -47.61 7.35 23.53
C PHE B 501 -48.84 7.58 24.38
N HIS B 502 -50.02 7.40 23.78
CA HIS B 502 -51.30 7.82 24.35
C HIS B 502 -51.61 7.26 25.73
N THR B 503 -50.80 6.34 26.26
CA THR B 503 -50.96 5.90 27.65
C THR B 503 -50.89 7.07 28.62
N ASN B 504 -49.99 8.02 28.36
CA ASN B 504 -49.91 9.22 29.18
C ASN B 504 -51.22 10.00 29.20
N ASP B 505 -52.06 9.84 28.18
CA ASP B 505 -53.37 10.47 28.19
C ASP B 505 -54.25 9.92 29.30
N VAL B 506 -54.22 8.61 29.54
CA VAL B 506 -55.16 7.99 30.47
C VAL B 506 -54.49 7.21 31.59
N CYS B 507 -53.27 6.69 31.42
CA CYS B 507 -52.62 5.91 32.46
C CYS B 507 -51.91 6.84 33.44
N SER B 508 -52.71 7.54 34.24
CA SER B 508 -52.20 8.39 35.30
C SER B 508 -52.15 7.59 36.59
N PHE B 509 -51.03 7.71 37.31
CA PHE B 509 -50.85 6.91 38.51
C PHE B 509 -50.48 7.79 39.69
N PRO B 510 -50.94 7.44 40.90
CA PRO B 510 -51.82 6.31 41.26
C PRO B 510 -53.27 6.55 40.86
N ASN B 511 -54.01 5.50 40.52
CA ASN B 511 -55.39 5.61 40.07
C ASN B 511 -56.31 4.99 41.11
N ALA B 512 -57.42 5.67 41.38
CA ALA B 512 -58.35 5.18 42.39
C ALA B 512 -59.08 3.92 41.92
N LEU B 513 -59.60 3.94 40.69
CA LEU B 513 -60.40 2.82 40.20
C LEU B 513 -59.58 1.55 40.08
N VAL B 514 -58.33 1.66 39.61
CA VAL B 514 -57.48 0.49 39.47
C VAL B 514 -57.22 -0.14 40.83
N THR B 515 -56.90 0.69 41.81
CA THR B 515 -56.62 0.18 43.15
C THR B 515 -57.85 -0.42 43.79
N LYS B 516 -59.01 0.20 43.59
CA LYS B 516 -60.26 -0.36 44.11
C LYS B 516 -60.56 -1.71 43.48
N LEU B 517 -60.35 -1.82 42.17
CA LEU B 517 -60.65 -3.08 41.49
C LEU B 517 -59.67 -4.18 41.91
N LEU B 518 -58.40 -3.83 42.08
CA LEU B 518 -57.44 -4.82 42.56
C LEU B 518 -57.77 -5.25 43.99
N LEU B 519 -58.12 -4.30 44.85
CA LEU B 519 -58.42 -4.63 46.24
C LEU B 519 -59.67 -5.50 46.34
N ASP B 520 -60.71 -5.18 45.56
CA ASP B 520 -61.89 -6.01 45.52
C ASP B 520 -61.64 -7.36 44.87
N CYS B 521 -60.65 -7.43 43.98
CA CYS B 521 -60.33 -8.68 43.29
C CYS B 521 -59.62 -9.67 44.20
N GLY B 522 -59.20 -9.25 45.39
CA GLY B 522 -58.57 -10.15 46.34
C GLY B 522 -57.06 -9.98 46.42
N ALA B 523 -56.60 -8.75 46.26
CA ALA B 523 -55.17 -8.48 46.34
C ALA B 523 -54.69 -8.57 47.78
N GLU B 524 -53.45 -9.00 47.94
CA GLU B 524 -52.83 -9.08 49.26
C GLU B 524 -52.52 -7.66 49.71
N VAL B 525 -53.41 -7.10 50.53
CA VAL B 525 -53.30 -5.69 50.88
C VAL B 525 -52.13 -5.45 51.83
N ASN B 526 -51.83 -6.42 52.70
CA ASN B 526 -50.74 -6.32 53.65
C ASN B 526 -49.40 -6.74 53.05
N ALA B 527 -49.30 -6.79 51.73
CA ALA B 527 -48.07 -7.22 51.08
C ALA B 527 -46.94 -6.24 51.35
N VAL B 528 -45.75 -6.77 51.48
CA VAL B 528 -44.56 -5.99 51.80
C VAL B 528 -43.58 -6.10 50.64
N ASP B 529 -42.77 -5.06 50.46
CA ASP B 529 -41.77 -5.05 49.41
C ASP B 529 -40.42 -5.49 49.98
N ASN B 530 -39.39 -5.44 49.14
CA ASN B 530 -38.05 -5.72 49.62
C ASN B 530 -37.52 -4.62 50.51
N GLU B 531 -38.01 -3.39 50.37
CA GLU B 531 -37.61 -2.28 51.20
C GLU B 531 -38.37 -2.23 52.52
N GLY B 532 -39.34 -3.11 52.72
CA GLY B 532 -40.09 -3.19 53.95
C GLY B 532 -41.34 -2.35 54.02
N ASN B 533 -41.59 -1.49 53.04
CA ASN B 533 -42.75 -0.62 53.07
C ASN B 533 -44.00 -1.37 52.65
N SER B 534 -45.15 -0.69 52.74
CA SER B 534 -46.43 -1.24 52.29
C SER B 534 -47.17 -0.19 51.47
N ALA B 535 -48.38 -0.56 51.07
CA ALA B 535 -49.17 0.27 50.16
C ALA B 535 -49.51 1.61 50.80
N LEU B 536 -49.90 1.60 52.08
CA LEU B 536 -50.17 2.85 52.78
C LEU B 536 -48.91 3.70 52.86
N HIS B 537 -47.76 3.07 53.09
CA HIS B 537 -46.50 3.79 53.17
C HIS B 537 -46.18 4.49 51.85
N ILE B 538 -46.41 3.81 50.73
CA ILE B 538 -46.14 4.43 49.43
C ILE B 538 -47.16 5.52 49.13
N ILE B 539 -48.43 5.29 49.44
CA ILE B 539 -49.46 6.23 49.01
C ILE B 539 -49.42 7.51 49.85
N VAL B 540 -48.96 7.43 51.10
CA VAL B 540 -48.84 8.68 51.85
C VAL B 540 -47.67 9.49 51.34
N GLN B 541 -46.66 8.83 50.75
CA GLN B 541 -45.48 9.52 50.23
C GLN B 541 -45.73 10.19 48.89
N TYR B 542 -47.00 10.37 48.50
CA TYR B 542 -47.32 11.00 47.23
C TYR B 542 -46.96 12.48 47.27
N ASN B 543 -46.22 12.92 46.26
CA ASN B 543 -45.75 14.30 46.17
C ASN B 543 -46.81 15.25 45.62
N ARG B 544 -47.95 14.74 45.16
CA ARG B 544 -49.01 15.55 44.60
C ARG B 544 -50.30 15.25 45.35
N PRO B 545 -50.38 15.64 46.63
CA PRO B 545 -51.51 15.18 47.45
C PRO B 545 -52.83 15.85 47.11
N ILE B 546 -52.83 17.16 46.90
CA ILE B 546 -54.06 17.89 46.59
C ILE B 546 -54.26 18.07 45.09
N SER B 547 -53.33 17.60 44.26
CA SER B 547 -53.54 17.64 42.82
C SER B 547 -54.70 16.76 42.40
N ASP B 548 -54.79 15.56 42.98
CA ASP B 548 -55.87 14.61 42.73
C ASP B 548 -56.37 14.02 44.04
N PHE B 549 -56.67 14.92 45.00
CA PHE B 549 -56.91 14.53 46.39
C PHE B 549 -58.06 13.54 46.52
N LEU B 550 -59.11 13.69 45.70
CA LEU B 550 -60.24 12.77 45.74
C LEU B 550 -59.77 11.34 45.53
N THR B 551 -58.86 11.12 44.56
CA THR B 551 -58.29 9.80 44.35
C THR B 551 -57.65 9.27 45.62
N LEU B 552 -56.87 10.12 46.31
CA LEU B 552 -56.31 9.72 47.59
C LEU B 552 -57.40 9.38 48.58
N HIS B 553 -58.44 10.23 48.63
CA HIS B 553 -59.56 9.97 49.53
C HIS B 553 -60.28 8.68 49.21
N SER B 554 -60.14 8.18 47.98
CA SER B 554 -60.63 6.84 47.69
C SER B 554 -59.63 5.78 48.18
N ILE B 555 -58.38 5.90 47.77
CA ILE B 555 -57.44 4.80 48.01
C ILE B 555 -57.20 4.60 49.50
N ILE B 556 -57.09 5.70 50.24
CA ILE B 556 -56.91 5.61 51.69
C ILE B 556 -58.16 5.04 52.33
N ILE B 557 -59.35 5.38 51.83
CA ILE B 557 -60.53 4.78 52.43
C ILE B 557 -60.68 3.35 51.94
N SER B 558 -60.04 3.00 50.82
CA SER B 558 -60.16 1.63 50.31
C SER B 558 -59.35 0.67 51.17
N LEU B 559 -58.08 0.99 51.40
CA LEU B 559 -57.18 0.09 52.12
C LEU B 559 -57.65 -0.14 53.54
N VAL B 560 -58.09 0.92 54.23
CA VAL B 560 -58.65 0.77 55.57
C VAL B 560 -59.90 -0.09 55.53
N GLU B 561 -60.68 0.01 54.44
CA GLU B 561 -61.85 -0.85 54.32
C GLU B 561 -61.50 -2.30 54.01
N ALA B 562 -60.24 -2.61 53.74
CA ALA B 562 -59.85 -4.00 53.47
C ALA B 562 -58.42 -4.21 53.98
N GLY B 563 -58.29 -4.70 55.21
CA GLY B 563 -56.98 -4.97 55.78
C GLY B 563 -56.18 -3.70 55.96
N ALA B 564 -54.90 -3.76 55.58
CA ALA B 564 -53.98 -2.61 55.55
C ALA B 564 -53.84 -1.99 56.95
N HIS B 565 -53.20 -2.76 57.84
CA HIS B 565 -52.90 -2.28 59.18
C HIS B 565 -52.21 -0.92 59.13
N THR B 566 -52.90 0.11 59.63
CA THR B 566 -52.51 1.51 59.42
C THR B 566 -51.23 1.89 60.16
N ASP B 567 -50.74 1.04 61.04
CA ASP B 567 -49.55 1.30 61.84
C ASP B 567 -48.55 0.18 61.64
N MET B 568 -48.26 -0.12 60.37
CA MET B 568 -47.47 -1.30 60.04
C MET B 568 -46.02 -1.16 60.51
N THR B 569 -45.46 0.06 60.46
CA THR B 569 -44.11 0.35 60.95
C THR B 569 -43.06 -0.49 60.23
N ASN B 570 -42.78 -0.09 58.99
CA ASN B 570 -41.85 -0.77 58.08
C ASN B 570 -40.48 -1.01 58.69
N LYS B 571 -39.68 -1.87 58.03
CA LYS B 571 -38.46 -2.42 58.63
C LYS B 571 -37.47 -1.35 59.08
N GLN B 572 -37.50 -0.16 58.51
CA GLN B 572 -36.67 0.92 59.06
C GLN B 572 -37.46 1.76 60.06
N ASN B 573 -38.18 1.09 60.96
CA ASN B 573 -38.94 1.67 62.08
C ASN B 573 -39.63 2.99 61.72
N LYS B 574 -40.48 2.94 60.70
CA LYS B 574 -41.24 4.11 60.28
C LYS B 574 -42.69 3.70 60.04
N THR B 575 -43.59 4.13 60.93
CA THR B 575 -45.00 4.00 60.67
C THR B 575 -45.38 4.89 59.47
N PRO B 576 -46.36 4.47 58.66
CA PRO B 576 -46.75 5.30 57.51
C PRO B 576 -47.30 6.66 57.89
N LEU B 577 -47.79 6.82 59.13
CA LEU B 577 -48.14 8.15 59.61
C LEU B 577 -46.91 9.04 59.70
N ASP B 578 -45.77 8.48 60.12
CA ASP B 578 -44.52 9.23 60.11
C ASP B 578 -44.07 9.52 58.69
N LYS B 579 -44.28 8.57 57.78
CA LYS B 579 -43.94 8.74 56.37
C LYS B 579 -44.99 9.50 55.58
N SER B 580 -45.91 10.19 56.26
CA SER B 580 -46.96 10.92 55.57
C SER B 580 -46.40 12.04 54.71
N THR B 581 -45.47 12.84 55.26
CA THR B 581 -44.82 13.96 54.57
C THR B 581 -45.82 14.93 53.97
N THR B 582 -47.04 14.97 54.50
CA THR B 582 -48.13 15.78 53.96
C THR B 582 -49.22 15.86 55.01
N GLY B 583 -49.69 17.07 55.31
CA GLY B 583 -50.74 17.24 56.30
C GLY B 583 -52.03 16.54 55.92
N VAL B 584 -52.38 16.56 54.62
CA VAL B 584 -53.62 15.94 54.17
C VAL B 584 -53.58 14.44 54.40
N SER B 585 -52.45 13.80 54.05
CA SER B 585 -52.35 12.35 54.20
C SER B 585 -52.41 11.92 55.66
N GLU B 586 -51.72 12.65 56.55
CA GLU B 586 -51.75 12.28 57.96
C GLU B 586 -53.11 12.58 58.58
N ILE B 587 -53.79 13.63 58.14
CA ILE B 587 -55.14 13.89 58.61
C ILE B 587 -56.09 12.79 58.19
N LEU B 588 -56.00 12.35 56.93
CA LEU B 588 -56.85 11.26 56.46
C LEU B 588 -56.55 9.97 57.22
N LEU B 589 -55.28 9.68 57.45
CA LEU B 589 -54.91 8.49 58.21
C LEU B 589 -55.43 8.58 59.64
N LYS B 590 -55.31 9.74 60.27
CA LYS B 590 -55.79 9.92 61.64
C LYS B 590 -57.30 9.79 61.71
N THR B 591 -58.02 10.21 60.68
CA THR B 591 -59.45 9.97 60.63
C THR B 591 -59.77 8.51 60.34
N GLN B 592 -58.84 7.77 59.73
CA GLN B 592 -59.06 6.36 59.46
C GLN B 592 -58.29 5.42 60.39
N MET B 593 -57.40 5.95 61.23
CA MET B 593 -56.76 5.12 62.23
C MET B 593 -57.77 4.74 63.32
N LYS B 594 -57.55 3.58 63.92
CA LYS B 594 -58.45 3.04 64.94
C LYS B 594 -57.67 2.79 66.23
N MET B 595 -58.34 2.99 67.36
CA MET B 595 -57.78 2.58 68.65
C MET B 595 -57.67 1.06 68.66
N SER B 596 -56.47 0.55 68.93
CA SER B 596 -56.16 -0.82 68.55
C SER B 596 -55.47 -1.54 69.70
N LEU B 597 -54.97 -2.73 69.36
CA LEU B 597 -54.37 -3.73 70.23
C LEU B 597 -52.90 -3.45 70.51
N LYS B 598 -52.16 -4.53 70.83
CA LYS B 598 -50.71 -4.41 70.96
C LYS B 598 -50.07 -4.20 69.59
N CYS B 599 -50.49 -3.11 68.93
CA CYS B 599 -49.73 -2.43 67.90
C CYS B 599 -49.32 -1.05 68.39
N LEU B 600 -50.30 -0.21 68.74
CA LEU B 600 -50.00 0.95 69.57
C LEU B 600 -49.62 0.54 70.97
N ALA B 601 -50.17 -0.58 71.47
CA ALA B 601 -49.77 -1.06 72.78
C ALA B 601 -48.51 -1.92 72.73
N ALA B 602 -47.85 -2.01 71.57
CA ALA B 602 -46.57 -2.70 71.47
C ALA B 602 -45.50 -1.92 70.74
N ARG B 603 -45.81 -0.72 70.23
CA ARG B 603 -44.77 0.16 69.71
C ARG B 603 -43.70 0.43 70.75
N ALA B 604 -44.11 0.62 72.01
CA ALA B 604 -43.15 0.86 73.08
C ALA B 604 -42.28 -0.36 73.34
N VAL B 605 -42.90 -1.56 73.38
CA VAL B 605 -42.12 -2.76 73.69
C VAL B 605 -41.39 -3.31 72.49
N ARG B 606 -41.54 -2.70 71.32
CA ARG B 606 -40.61 -2.97 70.23
C ARG B 606 -39.55 -1.90 70.07
N ALA B 607 -39.85 -0.64 70.40
CA ALA B 607 -38.82 0.38 70.46
C ALA B 607 -37.81 0.07 71.55
N ASN B 608 -38.28 -0.43 72.69
CA ASN B 608 -37.41 -1.01 73.70
C ASN B 608 -37.23 -2.49 73.36
N ASP B 609 -35.98 -2.96 73.37
CA ASP B 609 -35.70 -4.30 72.89
C ASP B 609 -36.17 -5.38 73.87
N ILE B 610 -37.46 -5.70 73.82
CA ILE B 610 -38.05 -6.77 74.62
C ILE B 610 -38.02 -8.04 73.79
N ASN B 611 -37.51 -9.12 74.39
CA ASN B 611 -37.37 -10.38 73.68
C ASN B 611 -38.73 -11.00 73.40
N TYR B 612 -39.06 -11.15 72.12
CA TYR B 612 -40.28 -11.83 71.69
C TYR B 612 -40.00 -13.19 71.09
N GLN B 613 -38.76 -13.66 71.16
CA GLN B 613 -38.35 -14.89 70.50
C GLN B 613 -38.93 -16.08 71.25
N ASP B 614 -40.05 -16.60 70.74
CA ASP B 614 -40.83 -17.68 71.34
C ASP B 614 -41.37 -17.31 72.73
N GLN B 615 -41.36 -16.03 73.08
CA GLN B 615 -42.02 -15.53 74.27
C GLN B 615 -43.42 -15.00 73.96
N ILE B 616 -43.85 -15.10 72.72
CA ILE B 616 -45.12 -14.54 72.26
C ILE B 616 -45.65 -15.53 71.23
N PRO B 617 -46.98 -15.65 71.01
CA PRO B 617 -47.50 -16.61 70.03
C PRO B 617 -46.92 -16.50 68.61
N ARG B 618 -47.07 -17.58 67.83
CA ARG B 618 -46.40 -17.68 66.53
C ARG B 618 -46.92 -16.63 65.56
N THR B 619 -48.24 -16.44 65.48
CA THR B 619 -48.76 -15.35 64.68
C THR B 619 -48.42 -14.00 65.31
N LEU B 620 -48.33 -13.95 66.64
CA LEU B 620 -47.92 -12.74 67.30
C LEU B 620 -46.44 -12.44 67.09
N GLU B 621 -45.63 -13.44 66.71
CA GLU B 621 -44.27 -13.17 66.27
C GLU B 621 -44.26 -12.21 65.08
N GLU B 622 -45.03 -12.52 64.04
CA GLU B 622 -45.12 -11.62 62.89
C GLU B 622 -45.88 -10.35 63.24
N PHE B 623 -46.83 -10.43 64.18
CA PHE B 623 -47.53 -9.23 64.64
C PHE B 623 -46.55 -8.23 65.24
N VAL B 624 -45.63 -8.70 66.08
CA VAL B 624 -44.59 -7.83 66.61
C VAL B 624 -43.62 -7.44 65.50
N GLY B 625 -43.29 -8.38 64.61
CA GLY B 625 -42.33 -8.12 63.56
C GLY B 625 -42.75 -7.00 62.62
N PHE B 626 -44.05 -6.83 62.42
CA PHE B 626 -44.52 -5.62 61.77
C PHE B 626 -44.47 -4.45 62.74
N HIS B 627 -45.26 -4.52 63.80
CA HIS B 627 -45.49 -3.37 64.65
C HIS B 627 -44.38 -3.18 65.68
N LEU C 33 19.75 20.85 27.61
CA LEU C 33 19.83 19.60 28.35
C LEU C 33 19.70 19.83 29.85
N PRO C 34 18.99 18.93 30.56
CA PRO C 34 18.76 19.07 32.01
C PRO C 34 19.93 18.64 32.88
N ASP C 35 21.13 19.14 32.56
CA ASP C 35 22.38 19.02 33.34
C ASP C 35 22.71 17.58 33.76
N LEU C 36 22.16 16.60 33.05
CA LEU C 36 22.40 15.17 33.31
C LEU C 36 22.11 14.81 34.77
N LYS C 37 20.84 14.96 35.15
CA LYS C 37 20.42 14.69 36.52
C LYS C 37 20.52 13.20 36.81
N ASP C 38 20.71 12.88 38.10
CA ASP C 38 20.95 11.50 38.51
C ASP C 38 19.69 10.65 38.32
N ALA C 39 18.55 11.10 38.81
CA ALA C 39 17.33 10.31 38.74
C ALA C 39 16.06 11.09 38.45
N GLU C 40 16.13 12.40 38.22
CA GLU C 40 14.91 13.18 38.03
C GLU C 40 14.53 13.23 36.55
N ALA C 41 15.42 13.72 35.70
CA ALA C 41 15.16 13.86 34.28
C ALA C 41 15.51 12.62 33.48
N VAL C 42 15.94 11.54 34.14
CA VAL C 42 16.25 10.30 33.43
C VAL C 42 14.97 9.62 32.96
N GLN C 43 13.85 9.88 33.62
CA GLN C 43 12.58 9.29 33.25
C GLN C 43 11.43 10.28 33.11
N LYS C 44 11.48 11.44 33.77
CA LYS C 44 10.37 12.38 33.71
C LYS C 44 10.51 13.35 32.55
N PHE C 45 11.58 14.15 32.54
CA PHE C 45 11.84 15.05 31.42
C PHE C 45 12.34 14.28 30.20
N PHE C 46 12.85 13.07 30.40
CA PHE C 46 13.29 12.24 29.29
C PHE C 46 12.12 11.86 28.38
N LEU C 47 10.95 11.59 28.96
CA LEU C 47 9.81 11.14 28.19
C LEU C 47 9.32 12.21 27.22
N GLU C 48 9.31 13.47 27.64
CA GLU C 48 8.83 14.54 26.76
C GLU C 48 9.80 14.81 25.61
N GLU C 49 11.09 14.54 25.80
CA GLU C 49 12.07 14.81 24.76
C GLU C 49 11.86 13.91 23.55
N ILE C 50 11.53 12.63 23.77
CA ILE C 50 11.10 11.80 22.66
C ILE C 50 9.73 12.26 22.17
N GLN C 51 8.86 12.66 23.11
CA GLN C 51 7.49 13.05 22.75
C GLN C 51 7.50 14.28 21.85
N LEU C 52 8.42 15.22 22.09
CA LEU C 52 8.63 16.31 21.14
C LEU C 52 9.11 15.78 19.81
N GLY C 53 10.05 14.83 19.83
CA GLY C 53 10.48 14.19 18.59
C GLY C 53 9.41 13.33 17.95
N GLU C 54 8.66 12.60 18.79
CA GLU C 54 7.60 11.73 18.26
C GLU C 54 6.49 12.54 17.62
N GLU C 55 6.14 13.70 18.21
CA GLU C 55 5.24 14.62 17.53
C GLU C 55 5.85 15.11 16.23
N LEU C 56 7.12 15.54 16.28
CA LEU C 56 7.79 15.98 15.05
C LEU C 56 8.05 14.82 14.11
N LEU C 57 8.07 13.59 14.61
CA LEU C 57 7.98 12.43 13.70
C LEU C 57 6.63 12.40 13.02
N ALA C 58 5.56 12.67 13.77
CA ALA C 58 4.23 12.73 13.18
C ALA C 58 4.01 14.02 12.39
N GLN C 59 4.66 15.12 12.81
CA GLN C 59 4.59 16.35 12.03
C GLN C 59 5.23 16.16 10.67
N GLY C 60 6.47 15.67 10.64
CA GLY C 60 7.24 15.54 9.42
C GLY C 60 8.57 16.27 9.47
N GLU C 61 8.79 17.14 10.46
CA GLU C 61 10.08 17.79 10.64
C GLU C 61 10.98 16.84 11.42
N TYR C 62 11.52 15.85 10.70
CA TYR C 62 12.33 14.82 11.34
C TYR C 62 13.66 15.38 11.84
N GLU C 63 14.20 16.39 11.15
CA GLU C 63 15.43 17.03 11.62
C GLU C 63 15.21 17.71 12.97
N LYS C 64 14.05 18.34 13.16
CA LYS C 64 13.69 18.83 14.48
C LYS C 64 13.35 17.69 15.42
N GLY C 65 12.77 16.61 14.88
CA GLY C 65 12.49 15.45 15.70
C GLY C 65 13.74 14.74 16.17
N VAL C 66 14.77 14.69 15.32
CA VAL C 66 16.05 14.11 15.71
C VAL C 66 16.70 14.96 16.81
N ASP C 67 16.56 16.28 16.71
CA ASP C 67 17.14 17.17 17.72
C ASP C 67 16.58 16.89 19.10
N HIS C 68 15.25 16.78 19.21
CA HIS C 68 14.65 16.43 20.49
C HIS C 68 14.94 14.98 20.87
N LEU C 69 15.14 14.11 19.87
CA LEU C 69 15.49 12.73 20.17
C LEU C 69 16.93 12.60 20.63
N THR C 70 17.85 13.33 19.99
CA THR C 70 19.27 13.15 20.30
C THR C 70 19.68 13.79 21.62
N ASN C 71 18.88 14.72 22.15
CA ASN C 71 19.12 15.18 23.52
C ASN C 71 18.64 14.16 24.54
N ALA C 72 17.55 13.44 24.22
CA ALA C 72 17.04 12.43 25.14
C ALA C 72 18.02 11.27 25.29
N ILE C 73 18.61 10.83 24.18
CA ILE C 73 19.55 9.71 24.22
C ILE C 73 20.80 10.10 25.00
N ALA C 74 21.25 11.35 24.87
CA ALA C 74 22.40 11.82 25.64
C ALA C 74 22.09 11.85 27.13
N VAL C 75 20.88 12.28 27.51
CA VAL C 75 20.49 12.31 28.92
C VAL C 75 19.85 11.02 29.38
N CYS C 76 19.74 10.02 28.51
CA CYS C 76 19.20 8.72 28.92
C CYS C 76 20.20 8.01 29.83
N GLY C 77 19.66 7.32 30.85
CA GLY C 77 20.52 6.60 31.77
C GLY C 77 21.24 5.43 31.12
N GLN C 78 20.52 4.64 30.31
CA GLN C 78 21.07 3.46 29.65
C GLN C 78 20.71 3.53 28.19
N PRO C 79 21.38 4.39 27.41
CA PRO C 79 21.00 4.58 26.01
C PRO C 79 21.63 3.60 25.04
N GLN C 80 22.64 2.83 25.47
CA GLN C 80 23.30 1.91 24.55
C GLN C 80 22.40 0.73 24.20
N GLN C 81 21.50 0.33 25.11
CA GLN C 81 20.53 -0.71 24.81
C GLN C 81 19.47 -0.21 23.83
N LEU C 82 19.29 1.10 23.71
CA LEU C 82 18.27 1.67 22.83
C LEU C 82 18.77 1.87 21.40
N LEU C 83 20.01 1.46 21.10
CA LEU C 83 20.48 1.54 19.72
C LEU C 83 19.66 0.64 18.80
N GLN C 84 19.35 -0.56 19.25
CA GLN C 84 18.50 -1.44 18.46
C GLN C 84 17.05 -0.97 18.47
N VAL C 85 16.62 -0.31 19.55
CA VAL C 85 15.26 0.21 19.62
C VAL C 85 15.08 1.37 18.66
N LEU C 86 16.03 2.31 18.65
CA LEU C 86 15.89 3.53 17.87
C LEU C 86 16.23 3.36 16.39
N GLN C 87 16.76 2.21 15.99
CA GLN C 87 17.14 2.02 14.59
C GLN C 87 15.97 1.57 13.71
N GLN C 88 14.78 1.40 14.29
CA GLN C 88 13.62 0.99 13.50
C GLN C 88 12.35 1.75 13.85
N THR C 89 12.45 2.82 14.64
CA THR C 89 11.32 3.67 14.98
C THR C 89 11.08 4.76 13.96
N LEU C 90 11.83 4.76 12.86
CA LEU C 90 12.03 5.91 12.00
C LEU C 90 11.67 5.56 10.58
N PRO C 91 11.42 6.57 9.74
CA PRO C 91 11.45 6.35 8.29
C PRO C 91 12.88 6.08 7.84
N PRO C 92 13.06 5.38 6.71
CA PRO C 92 14.40 4.96 6.27
C PRO C 92 15.37 6.12 6.04
N PRO C 93 14.93 7.29 5.53
CA PRO C 93 15.87 8.42 5.50
C PRO C 93 16.38 8.86 6.86
N VAL C 94 15.60 8.64 7.93
CA VAL C 94 16.03 9.05 9.27
C VAL C 94 16.83 7.96 9.98
N PHE C 95 16.89 6.75 9.42
CA PHE C 95 17.67 5.67 10.01
C PHE C 95 19.14 6.06 10.15
N GLN C 96 19.72 6.66 9.11
CA GLN C 96 21.09 7.13 9.18
C GLN C 96 21.20 8.59 9.58
N MET C 97 20.15 9.38 9.32
CA MET C 97 20.19 10.81 9.67
C MET C 97 20.26 11.01 11.17
N LEU C 98 19.50 10.24 11.94
CA LEU C 98 19.62 10.30 13.40
C LEU C 98 20.95 9.72 13.86
N LEU C 99 21.43 8.68 13.17
CA LEU C 99 22.71 8.06 13.54
C LEU C 99 23.88 9.02 13.34
N THR C 100 23.84 9.81 12.28
CA THR C 100 24.88 10.82 12.07
C THR C 100 24.85 11.88 13.15
N LYS C 101 23.66 12.29 13.58
CA LYS C 101 23.51 13.27 14.64
C LYS C 101 23.41 12.64 16.03
N LEU C 102 23.54 11.32 16.13
CA LEU C 102 23.52 10.66 17.44
C LEU C 102 24.65 11.09 18.36
N PRO C 103 25.92 11.18 17.92
CA PRO C 103 26.95 11.72 18.83
C PRO C 103 26.71 13.18 19.21
N THR C 104 26.05 13.95 18.35
CA THR C 104 25.77 15.35 18.63
C THR C 104 24.73 15.50 19.75
N ALA D 24 -45.21 11.12 16.50
CA ALA D 24 -44.83 9.91 15.77
C ALA D 24 -46.05 9.07 15.44
N LYS D 25 -45.82 7.97 14.73
CA LYS D 25 -46.88 7.08 14.30
C LYS D 25 -46.63 5.67 14.83
N GLU D 26 -47.73 4.93 15.07
CA GLU D 26 -47.60 3.54 15.51
C GLU D 26 -46.91 2.69 14.44
N ARG D 27 -47.16 2.99 13.17
CA ARG D 27 -46.43 2.34 12.08
C ARG D 27 -44.94 2.65 12.17
N ALA D 28 -44.61 3.91 12.47
CA ALA D 28 -43.21 4.28 12.64
C ALA D 28 -42.62 3.64 13.89
N GLY D 29 -43.42 3.46 14.93
CA GLY D 29 -42.97 2.86 16.17
C GLY D 29 -43.15 1.34 16.18
N LEU D 30 -43.30 0.71 15.01
CA LEU D 30 -43.53 -0.72 14.97
C LEU D 30 -42.25 -1.53 15.13
N SER D 31 -41.09 -0.86 15.17
CA SER D 31 -39.75 -1.46 15.32
C SER D 31 -39.34 -2.27 14.11
N LYS D 32 -38.04 -2.33 13.83
CA LYS D 32 -37.56 -3.04 12.65
C LYS D 32 -37.85 -4.54 12.74
N LEU D 33 -37.45 -5.16 13.85
CA LEU D 33 -37.71 -6.58 14.13
C LEU D 33 -37.23 -7.48 12.99
N PRO D 34 -36.05 -7.16 12.46
CA PRO D 34 -35.48 -7.91 11.34
C PRO D 34 -34.15 -8.54 11.72
N UNK E 1 -16.51 9.84 -10.68
CA UNK E 1 -17.08 10.97 -9.95
C UNK E 1 -16.52 12.28 -10.48
N UNK E 2 -16.85 13.38 -9.80
CA UNK E 2 -16.35 14.73 -10.11
C UNK E 2 -16.70 15.12 -11.54
N UNK E 3 -18.00 15.31 -11.76
CA UNK E 3 -18.52 15.66 -13.09
C UNK E 3 -17.88 16.91 -13.66
N UNK E 4 -17.52 17.87 -12.81
CA UNK E 4 -16.76 19.02 -13.29
C UNK E 4 -15.39 18.61 -13.79
N UNK E 5 -14.71 17.71 -13.06
CA UNK E 5 -13.45 17.16 -13.55
C UNK E 5 -13.66 16.25 -14.74
N UNK E 6 -14.83 15.59 -14.81
CA UNK E 6 -15.17 14.83 -16.01
C UNK E 6 -15.32 15.76 -17.21
N UNK E 7 -15.94 16.92 -17.02
CA UNK E 7 -15.96 17.95 -18.05
C UNK E 7 -14.56 18.48 -18.32
N UNK E 8 -13.72 18.55 -17.28
CA UNK E 8 -12.34 18.97 -17.47
C UNK E 8 -11.54 17.93 -18.26
N UNK E 9 -11.94 16.66 -18.19
CA UNK E 9 -11.25 15.61 -18.93
C UNK E 9 -11.39 15.76 -20.43
N UNK E 10 -12.38 16.52 -20.89
CA UNK E 10 -12.55 16.78 -22.32
C UNK E 10 -11.49 17.72 -22.87
N UNK E 11 -10.68 18.35 -22.01
CA UNK E 11 -9.60 19.29 -22.37
C UNK E 11 -10.25 20.46 -23.10
N UNK E 12 -9.71 20.90 -24.24
CA UNK E 12 -10.24 22.02 -25.04
C UNK E 12 -10.40 23.29 -24.22
N MET F 1 9.06 -32.58 -34.18
CA MET F 1 8.05 -31.56 -33.95
C MET F 1 8.25 -30.92 -32.58
N GLU F 2 8.88 -29.75 -32.55
CA GLU F 2 9.19 -29.06 -31.30
C GLU F 2 8.09 -28.06 -30.93
N GLY F 3 7.79 -27.12 -31.82
CA GLY F 3 6.77 -26.12 -31.54
C GLY F 3 5.38 -26.71 -31.44
N LEU F 4 5.08 -27.71 -32.27
CA LEU F 4 3.77 -28.34 -32.23
C LEU F 4 3.56 -29.12 -30.94
N ALA F 5 4.62 -29.73 -30.41
CA ALA F 5 4.53 -30.39 -29.10
C ALA F 5 4.30 -29.37 -28.00
N GLY F 6 4.97 -28.22 -28.06
CA GLY F 6 4.75 -27.18 -27.07
C GLY F 6 3.37 -26.57 -27.16
N TYR F 7 2.84 -26.41 -28.37
CA TYR F 7 1.49 -25.88 -28.53
C TYR F 7 0.45 -26.86 -27.99
N VAL F 8 0.68 -28.16 -28.15
CA VAL F 8 -0.17 -29.16 -27.52
C VAL F 8 -0.04 -29.07 -25.99
N TYR F 9 1.19 -28.89 -25.50
CA TYR F 9 1.39 -28.64 -24.07
C TYR F 9 0.72 -27.35 -23.64
N LYS F 10 0.83 -26.30 -24.46
CA LYS F 10 0.19 -25.03 -24.13
C LYS F 10 -1.32 -25.13 -24.15
N ALA F 11 -1.87 -26.06 -24.93
CA ALA F 11 -3.32 -26.27 -24.93
C ALA F 11 -3.80 -26.83 -23.60
N ALA F 12 -2.97 -27.61 -22.91
CA ALA F 12 -3.34 -28.23 -21.65
C ALA F 12 -2.77 -27.53 -20.43
N SER F 13 -1.63 -26.84 -20.57
CA SER F 13 -1.03 -26.19 -19.41
C SER F 13 -1.81 -24.95 -18.99
N GLU F 14 -2.28 -24.16 -19.96
CA GLU F 14 -3.02 -22.94 -19.65
C GLU F 14 -4.52 -23.16 -19.52
N GLY F 15 -5.01 -24.36 -19.83
CA GLY F 15 -6.42 -24.67 -19.65
C GLY F 15 -7.32 -24.29 -20.81
N LYS F 16 -6.76 -23.89 -21.94
CA LYS F 16 -7.55 -23.51 -23.11
C LYS F 16 -8.04 -24.79 -23.78
N VAL F 17 -9.31 -25.14 -23.52
CA VAL F 17 -9.85 -26.40 -24.01
C VAL F 17 -10.14 -26.35 -25.50
N LEU F 18 -10.35 -25.16 -26.05
CA LEU F 18 -10.63 -25.04 -27.48
C LEU F 18 -9.40 -25.36 -28.32
N THR F 19 -8.21 -24.99 -27.84
CA THR F 19 -6.98 -25.34 -28.54
C THR F 19 -6.76 -26.84 -28.52
N LEU F 20 -7.07 -27.50 -27.40
CA LEU F 20 -6.90 -28.95 -27.31
C LEU F 20 -7.81 -29.68 -28.28
N ALA F 21 -9.06 -29.22 -28.41
CA ALA F 21 -9.96 -29.83 -29.38
C ALA F 21 -9.49 -29.60 -30.81
N ALA F 22 -8.98 -28.41 -31.10
CA ALA F 22 -8.50 -28.07 -32.43
C ALA F 22 -7.16 -28.73 -32.77
N LEU F 23 -6.46 -29.27 -31.78
CA LEU F 23 -5.16 -29.90 -31.99
C LEU F 23 -5.27 -31.41 -32.15
N LEU F 24 -5.96 -32.09 -31.24
CA LEU F 24 -6.15 -33.53 -31.37
C LEU F 24 -6.97 -33.85 -32.61
N LEU F 25 -8.01 -33.06 -32.88
CA LEU F 25 -8.76 -33.18 -34.12
C LEU F 25 -8.21 -32.18 -35.13
N ASN F 26 -8.87 -32.10 -36.29
CA ASN F 26 -8.53 -31.22 -37.41
C ASN F 26 -7.15 -31.51 -38.00
N ARG F 27 -6.51 -32.62 -37.61
CA ARG F 27 -5.20 -33.01 -38.11
C ARG F 27 -5.14 -34.53 -38.14
N SER F 28 -3.94 -35.06 -38.34
CA SER F 28 -3.74 -36.51 -38.29
C SER F 28 -3.75 -36.99 -36.84
N GLU F 29 -3.76 -38.32 -36.68
CA GLU F 29 -3.73 -38.93 -35.36
C GLU F 29 -2.34 -39.37 -34.94
N SER F 30 -1.47 -39.70 -35.90
CA SER F 30 -0.14 -40.18 -35.56
C SER F 30 0.79 -39.07 -35.10
N ASP F 31 0.69 -37.89 -35.72
CA ASP F 31 1.56 -36.78 -35.33
C ASP F 31 1.21 -36.28 -33.94
N ILE F 32 -0.10 -36.13 -33.67
CA ILE F 32 -0.56 -35.65 -32.37
C ILE F 32 -0.25 -36.68 -31.28
N ARG F 33 -0.18 -37.97 -31.66
CA ARG F 33 0.16 -39.02 -30.71
C ARG F 33 1.53 -38.80 -30.10
N TYR F 34 2.50 -38.37 -30.91
CA TYR F 34 3.81 -38.01 -30.38
C TYR F 34 3.76 -36.71 -29.59
N LEU F 35 2.90 -35.76 -30.00
CA LEU F 35 2.83 -34.48 -29.32
C LEU F 35 2.24 -34.62 -27.92
N LEU F 36 1.11 -35.32 -27.79
CA LEU F 36 0.47 -35.45 -26.49
C LEU F 36 1.10 -36.55 -25.64
N GLY F 37 2.04 -37.32 -26.19
CA GLY F 37 2.68 -38.37 -25.40
C GLY F 37 3.52 -37.83 -24.27
N TYR F 38 4.32 -36.80 -24.54
CA TYR F 38 5.26 -36.24 -23.57
C TYR F 38 5.75 -34.90 -24.07
N VAL F 39 6.43 -34.18 -23.19
CA VAL F 39 7.08 -32.91 -23.52
C VAL F 39 8.59 -33.09 -23.32
N SER F 40 9.36 -32.26 -24.01
CA SER F 40 10.81 -32.37 -23.98
C SER F 40 11.46 -31.33 -23.07
N GLN F 41 11.22 -30.05 -23.33
CA GLN F 41 11.80 -28.97 -22.55
C GLN F 41 10.77 -28.09 -21.88
N GLN F 42 9.48 -28.42 -21.97
CA GLN F 42 8.42 -27.59 -21.42
C GLN F 42 8.32 -27.81 -19.92
N GLY F 43 8.57 -26.76 -19.14
CA GLY F 43 8.53 -26.84 -17.70
C GLY F 43 9.76 -27.45 -17.05
N GLY F 44 10.82 -27.68 -17.82
CA GLY F 44 11.99 -28.35 -17.28
C GLY F 44 11.73 -29.77 -16.86
N GLN F 45 10.86 -30.47 -17.59
CA GLN F 45 10.41 -31.80 -17.21
C GLN F 45 9.95 -32.55 -18.45
N ARG F 46 9.70 -33.85 -18.27
CA ARG F 46 9.41 -34.73 -19.40
C ARG F 46 8.10 -35.49 -19.21
N SER F 47 7.03 -34.80 -18.84
CA SER F 47 5.75 -35.44 -18.60
C SER F 47 4.77 -35.17 -19.74
N THR F 48 3.71 -35.96 -19.75
CA THR F 48 2.62 -35.78 -20.71
C THR F 48 1.92 -34.45 -20.44
N PRO F 49 1.48 -33.73 -21.48
CA PRO F 49 0.73 -32.49 -21.25
C PRO F 49 -0.55 -32.69 -20.42
N LEU F 50 -1.14 -33.89 -20.47
CA LEU F 50 -2.24 -34.20 -19.55
C LEU F 50 -1.75 -34.24 -18.11
N ILE F 51 -0.52 -34.71 -17.89
CA ILE F 51 0.02 -34.82 -16.54
C ILE F 51 0.23 -33.44 -15.94
N ILE F 52 0.84 -32.53 -16.70
CA ILE F 52 1.08 -31.17 -16.20
C ILE F 52 -0.23 -30.42 -16.04
N ALA F 53 -1.26 -30.78 -16.81
CA ALA F 53 -2.59 -30.23 -16.58
C ALA F 53 -3.19 -30.78 -15.30
N ALA F 54 -2.91 -32.05 -14.98
CA ALA F 54 -3.35 -32.62 -13.71
C ALA F 54 -2.61 -32.01 -12.54
N ARG F 55 -1.41 -31.49 -12.77
CA ARG F 55 -0.68 -30.76 -11.73
C ARG F 55 -1.42 -29.48 -11.35
N ASN F 56 -2.02 -28.80 -12.33
CA ASN F 56 -2.83 -27.62 -12.08
C ASN F 56 -4.30 -27.95 -11.89
N GLY F 57 -4.67 -29.23 -11.94
CA GLY F 57 -6.05 -29.64 -11.76
C GLY F 57 -6.99 -29.21 -12.85
N HIS F 58 -6.56 -29.32 -14.11
CA HIS F 58 -7.43 -29.01 -15.25
C HIS F 58 -8.25 -30.26 -15.59
N ALA F 59 -9.23 -30.53 -14.72
CA ALA F 59 -10.06 -31.72 -14.88
C ALA F 59 -10.89 -31.67 -16.16
N LYS F 60 -11.41 -30.49 -16.50
CA LYS F 60 -12.19 -30.35 -17.73
C LYS F 60 -11.30 -30.51 -18.97
N VAL F 61 -10.06 -30.02 -18.89
CA VAL F 61 -9.16 -30.08 -20.03
C VAL F 61 -8.72 -31.52 -20.29
N VAL F 62 -8.35 -32.24 -19.24
CA VAL F 62 -7.87 -33.61 -19.42
C VAL F 62 -9.01 -34.55 -19.81
N ARG F 63 -10.26 -34.16 -19.57
CA ARG F 63 -11.39 -35.00 -19.96
C ARG F 63 -11.56 -35.02 -21.47
N LEU F 64 -11.35 -33.87 -22.13
CA LEU F 64 -11.52 -33.80 -23.58
C LEU F 64 -10.41 -34.53 -24.31
N LEU F 65 -9.20 -34.57 -23.75
CA LEU F 65 -8.09 -35.25 -24.41
C LEU F 65 -8.33 -36.76 -24.49
N LEU F 66 -8.98 -37.33 -23.47
CA LEU F 66 -9.22 -38.77 -23.47
C LEU F 66 -10.32 -39.15 -24.47
N GLU F 67 -11.22 -38.22 -24.80
CA GLU F 67 -12.33 -38.55 -25.70
C GLU F 67 -11.85 -38.78 -27.12
N HIS F 68 -10.89 -37.99 -27.59
CA HIS F 68 -10.42 -38.14 -28.96
C HIS F 68 -9.44 -39.30 -29.08
N TYR F 69 -8.31 -39.22 -28.38
CA TYR F 69 -7.31 -40.29 -28.35
C TYR F 69 -6.92 -40.53 -26.90
N ARG F 70 -7.24 -41.70 -26.38
CA ARG F 70 -7.02 -42.02 -24.98
C ARG F 70 -5.52 -42.16 -24.72
N VAL F 71 -4.93 -41.13 -24.11
CA VAL F 71 -3.55 -41.22 -23.67
C VAL F 71 -3.46 -42.24 -22.55
N GLN F 72 -2.30 -42.89 -22.43
CA GLN F 72 -2.10 -43.89 -21.39
C GLN F 72 -2.03 -43.20 -20.03
N THR F 73 -2.99 -43.50 -19.16
CA THR F 73 -3.00 -42.91 -17.83
C THR F 73 -1.80 -43.35 -17.00
N GLN F 74 -1.27 -44.55 -17.28
CA GLN F 74 -0.13 -45.07 -16.53
C GLN F 74 1.19 -44.45 -16.97
N GLN F 75 1.19 -43.63 -18.03
CA GLN F 75 2.43 -43.03 -18.50
C GLN F 75 2.98 -42.05 -17.47
N THR F 76 4.30 -42.05 -17.33
CA THR F 76 4.99 -41.29 -16.29
C THR F 76 5.83 -40.18 -16.91
N GLY F 77 6.20 -39.21 -16.08
CA GLY F 77 7.04 -38.12 -16.50
C GLY F 77 7.44 -37.26 -15.33
N THR F 78 8.51 -36.50 -15.53
CA THR F 78 9.11 -35.72 -14.46
C THR F 78 8.17 -34.63 -13.97
N VAL F 79 8.06 -34.48 -12.65
CA VAL F 79 7.32 -33.39 -12.02
C VAL F 79 8.16 -32.83 -10.88
N ARG F 80 8.77 -31.67 -11.11
CA ARG F 80 9.64 -31.05 -10.11
C ARG F 80 8.81 -30.10 -9.24
N PHE F 81 8.52 -30.53 -8.02
CA PHE F 81 7.67 -29.77 -7.11
C PHE F 81 8.09 -30.09 -5.68
N ASP F 82 7.19 -29.82 -4.72
CA ASP F 82 7.46 -30.04 -3.32
C ASP F 82 7.85 -31.49 -3.05
N GLY F 83 8.82 -31.67 -2.16
CA GLY F 83 9.40 -32.98 -1.92
C GLY F 83 10.56 -33.24 -2.85
N TYR F 84 11.38 -32.21 -3.08
CA TYR F 84 12.54 -32.22 -3.96
C TYR F 84 12.17 -32.49 -5.41
N VAL F 85 13.16 -32.46 -6.31
CA VAL F 85 12.89 -32.75 -7.71
C VAL F 85 12.58 -34.23 -7.85
N ILE F 86 11.47 -34.53 -8.53
CA ILE F 86 10.94 -35.89 -8.60
C ILE F 86 10.67 -36.23 -10.06
N ASP F 87 11.18 -37.38 -10.50
CA ASP F 87 10.72 -37.97 -11.75
C ASP F 87 9.35 -38.57 -11.44
N GLY F 88 8.31 -37.78 -11.71
CA GLY F 88 7.00 -38.08 -11.19
C GLY F 88 6.38 -39.32 -11.80
N ALA F 89 5.43 -39.88 -11.05
CA ALA F 89 4.70 -41.07 -11.43
C ALA F 89 3.56 -40.75 -12.38
N THR F 90 2.62 -41.69 -12.53
CA THR F 90 1.43 -41.54 -13.36
C THR F 90 0.62 -40.29 -13.03
N ALA F 91 -0.26 -39.90 -13.96
CA ALA F 91 -1.05 -38.68 -13.77
C ALA F 91 -1.99 -38.79 -12.57
N LEU F 92 -2.50 -39.99 -12.28
CA LEU F 92 -3.31 -40.17 -11.08
C LEU F 92 -2.50 -39.90 -9.82
N TRP F 93 -1.26 -40.38 -9.79
CA TRP F 93 -0.35 -40.00 -8.70
C TRP F 93 -0.03 -38.52 -8.75
N CYS F 94 0.17 -37.97 -9.95
CA CYS F 94 0.51 -36.56 -10.08
C CYS F 94 -0.67 -35.67 -9.68
N ALA F 95 -1.90 -36.09 -10.03
CA ALA F 95 -3.07 -35.39 -9.52
C ALA F 95 -3.19 -35.52 -8.01
N ALA F 96 -2.87 -36.70 -7.48
CA ALA F 96 -2.79 -36.87 -6.03
C ALA F 96 -1.58 -36.12 -5.47
N GLY F 97 -0.47 -36.10 -6.21
CA GLY F 97 0.68 -35.31 -5.81
C GLY F 97 0.48 -33.82 -5.91
N ALA F 98 -0.50 -33.38 -6.70
CA ALA F 98 -0.90 -31.99 -6.75
C ALA F 98 -1.99 -31.66 -5.74
N GLY F 99 -2.55 -32.67 -5.07
CA GLY F 99 -3.64 -32.45 -4.15
C GLY F 99 -4.91 -31.97 -4.82
N HIS F 100 -5.18 -32.46 -6.03
CA HIS F 100 -6.34 -32.03 -6.80
C HIS F 100 -7.28 -33.23 -6.95
N PHE F 101 -8.40 -33.19 -6.22
CA PHE F 101 -9.38 -34.27 -6.28
C PHE F 101 -10.18 -34.26 -7.58
N GLU F 102 -10.17 -33.15 -8.31
CA GLU F 102 -11.00 -33.05 -9.51
C GLU F 102 -10.50 -33.97 -10.63
N VAL F 103 -9.22 -34.32 -10.62
CA VAL F 103 -8.64 -35.13 -11.68
C VAL F 103 -8.54 -36.58 -11.20
N VAL F 104 -8.40 -36.75 -9.89
CA VAL F 104 -8.27 -38.09 -9.31
C VAL F 104 -9.54 -38.90 -9.54
N LYS F 105 -10.70 -38.28 -9.31
CA LYS F 105 -11.98 -38.99 -9.44
C LYS F 105 -12.33 -39.31 -10.89
N LEU F 106 -11.61 -38.77 -11.87
CA LEU F 106 -11.87 -39.06 -13.26
C LEU F 106 -11.02 -40.22 -13.78
N LEU F 107 -9.73 -40.24 -13.45
CA LEU F 107 -8.84 -41.28 -13.97
C LEU F 107 -9.14 -42.65 -13.37
N VAL F 108 -9.66 -42.68 -12.15
CA VAL F 108 -9.92 -43.97 -11.49
C VAL F 108 -11.03 -44.72 -12.23
N SER F 109 -12.13 -44.03 -12.53
CA SER F 109 -13.19 -44.66 -13.32
C SER F 109 -12.75 -44.86 -14.77
N HIS F 110 -11.93 -43.95 -15.30
CA HIS F 110 -11.42 -44.10 -16.65
C HIS F 110 -10.42 -45.23 -16.79
N GLY F 111 -9.79 -45.63 -15.69
CA GLY F 111 -8.78 -46.67 -15.72
C GLY F 111 -7.40 -46.15 -15.43
N ALA F 112 -6.93 -46.34 -14.19
CA ALA F 112 -5.62 -45.84 -13.79
C ALA F 112 -5.02 -46.78 -12.76
N ASN F 113 -3.70 -46.69 -12.61
CA ASN F 113 -2.99 -47.54 -11.65
C ASN F 113 -3.18 -46.95 -10.25
N VAL F 114 -3.88 -47.70 -9.39
CA VAL F 114 -4.18 -47.20 -8.05
C VAL F 114 -2.91 -47.16 -7.20
N ASN F 115 -2.05 -48.16 -7.33
CA ASN F 115 -0.85 -48.29 -6.50
C ASN F 115 0.42 -48.12 -7.31
N HIS F 116 0.44 -47.15 -8.22
CA HIS F 116 1.60 -46.90 -9.05
C HIS F 116 2.73 -46.29 -8.21
N THR F 117 3.95 -46.74 -8.46
CA THR F 117 5.10 -46.31 -7.69
C THR F 117 5.77 -45.10 -8.33
N THR F 118 6.69 -44.49 -7.57
CA THR F 118 7.42 -43.31 -8.02
C THR F 118 8.90 -43.70 -7.84
N VAL F 119 9.83 -42.75 -8.00
CA VAL F 119 11.25 -43.04 -7.74
C VAL F 119 11.44 -43.47 -6.29
N THR F 120 10.84 -42.73 -5.36
CA THR F 120 10.81 -43.16 -3.96
C THR F 120 9.54 -43.94 -3.66
N ASN F 121 9.23 -44.90 -4.54
CA ASN F 121 8.11 -45.84 -4.49
C ASN F 121 6.80 -45.22 -3.98
N SER F 122 6.53 -43.98 -4.35
CA SER F 122 5.40 -43.25 -3.78
C SER F 122 4.12 -43.64 -4.48
N THR F 123 3.20 -44.25 -3.72
CA THR F 123 1.86 -44.53 -4.19
C THR F 123 1.05 -43.24 -4.24
N PRO F 124 -0.02 -43.19 -5.04
CA PRO F 124 -0.90 -42.02 -5.02
C PRO F 124 -1.51 -41.73 -3.65
N LEU F 125 -1.68 -42.75 -2.81
CA LEU F 125 -2.14 -42.53 -1.44
C LEU F 125 -1.14 -41.69 -0.65
N ARG F 126 0.15 -41.99 -0.78
CA ARG F 126 1.18 -41.19 -0.13
C ARG F 126 1.27 -39.80 -0.75
N ALA F 127 1.07 -39.70 -2.07
CA ALA F 127 1.08 -38.40 -2.73
C ALA F 127 -0.03 -37.51 -2.21
N ALA F 128 -1.23 -38.08 -2.01
CA ALA F 128 -2.30 -37.34 -1.35
C ALA F 128 -2.00 -37.13 0.12
N CYS F 129 -1.35 -38.10 0.76
CA CYS F 129 -0.96 -37.94 2.17
C CYS F 129 0.14 -36.90 2.32
N PHE F 130 1.03 -36.79 1.32
CA PHE F 130 2.04 -35.73 1.35
C PHE F 130 1.38 -34.35 1.31
N ASP F 131 0.33 -34.20 0.51
CA ASP F 131 -0.46 -32.99 0.52
C ASP F 131 -1.48 -32.97 1.66
N GLY F 132 -1.77 -34.12 2.27
CA GLY F 132 -2.77 -34.18 3.32
C GLY F 132 -4.18 -33.91 2.85
N ARG F 133 -4.46 -34.15 1.57
CA ARG F 133 -5.77 -33.89 1.00
C ARG F 133 -6.68 -35.07 1.31
N LEU F 134 -7.67 -34.86 2.19
CA LEU F 134 -8.40 -35.97 2.78
C LEU F 134 -9.30 -36.69 1.78
N ASP F 135 -9.99 -35.94 0.93
CA ASP F 135 -10.94 -36.55 0.00
C ASP F 135 -10.24 -37.46 -0.99
N ILE F 136 -9.05 -37.07 -1.44
CA ILE F 136 -8.25 -37.97 -2.26
C ILE F 136 -7.81 -39.18 -1.44
N VAL F 137 -7.36 -38.96 -0.20
CA VAL F 137 -6.98 -40.07 0.67
C VAL F 137 -8.17 -40.99 0.93
N LYS F 138 -9.35 -40.41 1.11
CA LYS F 138 -10.57 -41.21 1.25
C LYS F 138 -10.87 -42.00 -0.03
N TYR F 139 -10.44 -41.49 -1.19
CA TYR F 139 -10.80 -42.14 -2.44
C TYR F 139 -9.89 -43.32 -2.78
N LEU F 140 -8.58 -43.19 -2.52
CA LEU F 140 -7.65 -44.27 -2.84
C LEU F 140 -7.94 -45.53 -2.02
N VAL F 141 -8.29 -45.36 -0.74
CA VAL F 141 -8.67 -46.51 0.07
C VAL F 141 -10.03 -47.05 -0.38
N GLU F 142 -10.88 -46.21 -0.96
CA GLU F 142 -12.09 -46.71 -1.60
C GLU F 142 -11.77 -47.44 -2.90
N ASN F 143 -10.67 -47.07 -3.55
CA ASN F 143 -10.13 -47.80 -4.68
C ASN F 143 -9.19 -48.92 -4.23
N ASN F 144 -9.08 -49.14 -2.92
CA ASN F 144 -8.29 -50.23 -2.33
C ASN F 144 -6.80 -50.09 -2.67
N ALA F 145 -6.25 -48.92 -2.40
CA ALA F 145 -4.80 -48.75 -2.45
C ALA F 145 -4.15 -49.43 -1.27
N ASN F 146 -2.88 -49.81 -1.44
CA ASN F 146 -2.18 -50.50 -0.37
C ASN F 146 -1.87 -49.53 0.76
N ILE F 147 -2.27 -49.90 1.98
CA ILE F 147 -2.03 -49.06 3.16
C ILE F 147 -0.64 -49.22 3.73
N SER F 148 0.18 -50.11 3.16
CA SER F 148 1.51 -50.37 3.70
C SER F 148 2.59 -50.07 2.68
N ILE F 149 2.47 -48.94 1.97
CA ILE F 149 3.48 -48.52 1.02
C ILE F 149 4.58 -47.77 1.77
N ALA F 150 5.59 -48.50 2.21
CA ALA F 150 6.70 -47.90 2.94
C ALA F 150 7.72 -47.31 1.97
N ASN F 151 8.32 -46.19 2.36
CA ASN F 151 9.24 -45.47 1.50
C ASN F 151 10.58 -46.22 1.40
N LYS F 152 11.50 -45.66 0.60
CA LYS F 152 12.87 -46.14 0.64
C LYS F 152 13.50 -45.90 2.01
N TYR F 153 13.03 -44.88 2.72
CA TYR F 153 13.36 -44.68 4.12
C TYR F 153 12.39 -45.41 5.06
N ASP F 154 11.70 -46.44 4.54
CA ASP F 154 10.76 -47.26 5.30
C ASP F 154 9.62 -46.43 5.90
N ASN F 155 9.24 -45.35 5.21
CA ASN F 155 8.19 -44.46 5.68
C ASN F 155 6.89 -44.79 4.97
N THR F 156 5.97 -45.41 5.71
CA THR F 156 4.65 -45.70 5.18
C THR F 156 3.86 -44.40 5.03
N CYS F 157 2.87 -44.41 4.13
CA CYS F 157 2.06 -43.21 3.88
C CYS F 157 1.36 -42.71 5.13
N LEU F 158 1.02 -43.61 6.05
CA LEU F 158 0.49 -43.17 7.35
C LEU F 158 1.54 -42.39 8.13
N MET F 159 2.79 -42.86 8.10
CA MET F 159 3.88 -42.09 8.69
C MET F 159 4.14 -40.81 7.91
N ILE F 160 3.95 -40.83 6.59
CA ILE F 160 4.03 -39.61 5.79
C ILE F 160 2.94 -38.64 6.20
N ALA F 161 1.73 -39.14 6.42
CA ALA F 161 0.65 -38.30 6.92
C ALA F 161 0.91 -37.82 8.35
N ALA F 162 1.73 -38.53 9.11
CA ALA F 162 2.07 -38.14 10.47
C ALA F 162 3.17 -37.08 10.52
N TYR F 163 3.81 -36.78 9.38
CA TYR F 163 4.80 -35.70 9.35
C TYR F 163 4.16 -34.35 9.67
N LYS F 164 2.98 -34.10 9.11
CA LYS F 164 2.28 -32.84 9.27
C LYS F 164 1.27 -32.94 10.40
N GLY F 165 0.42 -31.92 10.53
CA GLY F 165 -0.61 -31.91 11.54
C GLY F 165 -1.95 -32.42 11.02
N HIS F 166 -1.90 -33.37 10.08
CA HIS F 166 -3.11 -33.93 9.48
C HIS F 166 -3.75 -34.89 10.49
N THR F 167 -4.51 -34.31 11.42
CA THR F 167 -5.21 -35.12 12.41
C THR F 167 -6.37 -35.90 11.81
N ASP F 168 -6.85 -35.50 10.63
CA ASP F 168 -7.92 -36.21 9.96
C ASP F 168 -7.41 -37.27 8.98
N VAL F 169 -6.30 -36.99 8.29
CA VAL F 169 -5.73 -37.96 7.36
C VAL F 169 -5.12 -39.12 8.12
N VAL F 170 -4.46 -38.84 9.25
CA VAL F 170 -3.84 -39.90 10.05
C VAL F 170 -4.91 -40.82 10.63
N ARG F 171 -5.99 -40.24 11.16
CA ARG F 171 -7.04 -41.05 11.77
C ARG F 171 -7.84 -41.82 10.73
N TYR F 172 -7.85 -41.38 9.47
CA TYR F 172 -8.60 -42.09 8.45
C TYR F 172 -7.89 -43.38 8.02
N LEU F 173 -6.56 -43.34 7.92
CA LEU F 173 -5.81 -44.56 7.65
C LEU F 173 -5.95 -45.55 8.79
N LEU F 174 -6.05 -45.06 10.03
CA LEU F 174 -6.33 -45.93 11.16
C LEU F 174 -7.67 -46.63 11.00
N GLU F 175 -8.67 -45.91 10.50
CA GLU F 175 -9.96 -46.54 10.19
C GLU F 175 -9.81 -47.55 9.07
N GLN F 176 -8.84 -47.37 8.18
CA GLN F 176 -8.62 -48.31 7.08
C GLN F 176 -7.62 -49.40 7.43
N ARG F 177 -7.84 -50.04 8.59
CA ARG F 177 -7.16 -51.28 8.98
C ARG F 177 -5.65 -51.14 9.01
N ALA F 178 -5.13 -49.96 9.34
CA ALA F 178 -3.69 -49.72 9.35
C ALA F 178 -3.26 -49.26 10.74
N ASP F 179 -2.64 -50.17 11.50
CA ASP F 179 -2.11 -49.78 12.81
C ASP F 179 -0.85 -48.94 12.63
N PRO F 180 -0.63 -47.95 13.50
CA PRO F 180 0.55 -47.07 13.37
C PRO F 180 1.80 -47.66 14.03
N ASN F 181 2.30 -48.75 13.45
CA ASN F 181 3.48 -49.42 13.99
C ASN F 181 4.47 -49.75 12.88
N ALA F 182 4.42 -49.03 11.77
CA ALA F 182 5.36 -49.23 10.66
C ALA F 182 6.53 -48.27 10.85
N LYS F 183 7.64 -48.81 11.36
CA LYS F 183 8.79 -47.98 11.69
C LYS F 183 9.53 -47.55 10.43
N ALA F 184 10.23 -46.41 10.54
CA ALA F 184 10.99 -45.87 9.43
C ALA F 184 12.37 -46.52 9.37
N HIS F 185 13.21 -46.03 8.45
CA HIS F 185 14.59 -46.51 8.38
C HIS F 185 15.38 -46.12 9.61
N CYS F 186 15.05 -44.98 10.22
CA CYS F 186 15.54 -44.61 11.54
C CYS F 186 14.63 -45.11 12.65
N GLY F 187 13.69 -46.00 12.34
CA GLY F 187 12.77 -46.55 13.31
C GLY F 187 11.66 -45.62 13.73
N ALA F 188 11.53 -44.47 13.09
CA ALA F 188 10.53 -43.49 13.49
C ALA F 188 9.13 -44.00 13.19
N THR F 189 8.22 -43.77 14.13
CA THR F 189 6.82 -44.15 14.00
C THR F 189 5.97 -42.90 13.79
N ALA F 190 4.66 -43.13 13.64
CA ALA F 190 3.72 -42.01 13.61
C ALA F 190 3.63 -41.32 14.96
N LEU F 191 3.93 -42.04 16.05
CA LEU F 191 3.95 -41.46 17.38
C LEU F 191 5.05 -40.41 17.52
N HIS F 192 6.24 -40.71 17.00
CA HIS F 192 7.36 -39.79 17.17
C HIS F 192 7.19 -38.54 16.32
N PHE F 193 6.69 -38.70 15.10
CA PHE F 193 6.52 -37.55 14.21
C PHE F 193 5.46 -36.59 14.72
N ALA F 194 4.36 -37.15 15.27
CA ALA F 194 3.34 -36.29 15.87
C ALA F 194 3.85 -35.66 17.16
N ALA F 195 4.76 -36.32 17.86
CA ALA F 195 5.37 -35.75 19.06
C ALA F 195 6.48 -34.74 18.75
N GLU F 196 6.95 -34.70 17.50
CA GLU F 196 7.93 -33.68 17.12
C GLU F 196 7.34 -32.28 17.18
N ALA F 197 6.14 -32.11 16.62
CA ALA F 197 5.44 -30.83 16.64
C ALA F 197 4.39 -30.75 17.74
N GLY F 198 4.33 -31.75 18.61
CA GLY F 198 3.35 -31.77 19.68
C GLY F 198 1.92 -31.92 19.23
N HIS F 199 1.67 -32.78 18.25
CA HIS F 199 0.32 -33.03 17.75
C HIS F 199 -0.40 -33.93 18.75
N ILE F 200 -1.04 -33.31 19.74
CA ILE F 200 -1.75 -34.06 20.76
C ILE F 200 -2.96 -34.78 20.16
N ASP F 201 -3.63 -34.14 19.20
CA ASP F 201 -4.82 -34.75 18.60
C ASP F 201 -4.45 -35.95 17.73
N ILE F 202 -3.29 -35.89 17.06
CA ILE F 202 -2.86 -37.02 16.24
C ILE F 202 -2.49 -38.21 17.12
N VAL F 203 -1.76 -37.96 18.22
CA VAL F 203 -1.40 -39.04 19.13
C VAL F 203 -2.65 -39.64 19.77
N LYS F 204 -3.64 -38.80 20.09
CA LYS F 204 -4.88 -39.28 20.69
C LYS F 204 -5.60 -40.26 19.77
N GLU F 205 -5.58 -40.01 18.46
CA GLU F 205 -6.10 -40.99 17.50
C GLU F 205 -5.30 -42.29 17.56
N LEU F 206 -3.98 -42.18 17.59
CA LEU F 206 -3.13 -43.36 17.74
C LEU F 206 -3.31 -44.00 19.11
N ILE F 207 -3.60 -43.18 20.14
CA ILE F 207 -4.01 -43.72 21.43
C ILE F 207 -5.34 -44.45 21.31
N LYS F 208 -6.27 -43.89 20.53
CA LYS F 208 -7.59 -44.48 20.38
C LYS F 208 -7.52 -45.85 19.71
N TRP F 209 -6.63 -46.02 18.72
CA TRP F 209 -6.50 -47.30 18.05
C TRP F 209 -5.93 -48.38 18.94
N ARG F 210 -5.20 -48.01 20.00
CA ARG F 210 -4.76 -48.92 21.05
C ARG F 210 -3.84 -50.01 20.49
N ALA F 211 -3.05 -49.67 19.48
CA ALA F 211 -2.24 -50.68 18.79
C ALA F 211 -0.97 -51.01 19.56
N ALA F 212 -0.06 -50.04 19.66
CA ALA F 212 1.23 -50.23 20.32
C ALA F 212 1.92 -48.89 20.47
N ILE F 213 2.90 -48.86 21.36
CA ILE F 213 3.74 -47.69 21.58
C ILE F 213 5.13 -48.17 22.00
N VAL F 214 6.15 -47.74 21.26
CA VAL F 214 7.51 -48.21 21.50
C VAL F 214 8.50 -47.15 21.04
N VAL F 215 9.78 -47.31 21.39
CA VAL F 215 10.85 -46.39 21.02
C VAL F 215 11.12 -46.49 19.52
N ASN F 216 11.87 -45.54 18.98
CA ASN F 216 12.27 -45.57 17.59
C ASN F 216 13.60 -46.31 17.46
N GLY F 217 14.22 -46.23 16.28
CA GLY F 217 15.51 -46.84 16.06
C GLY F 217 16.67 -46.10 16.69
N HIS F 218 16.43 -44.87 17.15
CA HIS F 218 17.41 -44.14 17.95
C HIS F 218 17.26 -44.40 19.44
N GLY F 219 16.34 -45.29 19.83
CA GLY F 219 16.10 -45.54 21.23
C GLY F 219 15.32 -44.44 21.94
N MET F 220 14.57 -43.62 21.20
CA MET F 220 13.84 -42.50 21.77
C MET F 220 12.36 -42.86 21.83
N THR F 221 11.84 -42.97 23.05
CA THR F 221 10.42 -43.18 23.26
C THR F 221 9.66 -41.91 22.85
N PRO F 222 8.38 -42.04 22.45
CA PRO F 222 7.63 -40.87 21.97
C PRO F 222 7.53 -39.72 22.96
N LEU F 223 7.56 -39.99 24.26
CA LEU F 223 7.62 -38.88 25.21
C LEU F 223 8.99 -38.19 25.18
N LYS F 224 10.05 -38.95 24.91
CA LYS F 224 11.39 -38.38 24.85
C LYS F 224 11.57 -37.49 23.63
N VAL F 225 11.05 -37.94 22.47
CA VAL F 225 11.15 -37.11 21.27
C VAL F 225 10.24 -35.89 21.37
N ALA F 226 9.22 -35.94 22.23
CA ALA F 226 8.46 -34.73 22.55
C ALA F 226 9.15 -33.92 23.64
N ALA F 227 9.92 -34.57 24.51
CA ALA F 227 10.63 -33.86 25.57
C ALA F 227 11.65 -32.88 24.99
N GLU F 228 12.39 -33.31 23.98
CA GLU F 228 13.31 -32.42 23.30
C GLU F 228 12.60 -31.35 22.48
N SER F 229 11.30 -31.49 22.26
CA SER F 229 10.49 -30.46 21.64
C SER F 229 9.98 -29.50 22.72
N CYS F 230 9.04 -28.64 22.36
CA CYS F 230 8.55 -27.60 23.26
C CYS F 230 7.05 -27.73 23.53
N LYS F 231 6.52 -28.95 23.51
CA LYS F 231 5.09 -29.20 23.68
C LYS F 231 4.90 -30.30 24.70
N ALA F 232 4.43 -29.95 25.89
CA ALA F 232 4.25 -30.89 26.98
C ALA F 232 2.91 -31.62 26.93
N ASP F 233 2.05 -31.31 25.97
CA ASP F 233 0.75 -31.96 25.90
C ASP F 233 0.89 -33.43 25.50
N VAL F 234 1.90 -33.77 24.69
CA VAL F 234 2.12 -35.15 24.30
C VAL F 234 2.54 -35.98 25.51
N VAL F 235 3.50 -35.49 26.28
CA VAL F 235 3.93 -36.20 27.49
C VAL F 235 2.79 -36.27 28.49
N GLU F 236 1.97 -35.21 28.55
CA GLU F 236 0.76 -35.24 29.36
C GLU F 236 -0.22 -36.29 28.84
N LEU F 237 -0.31 -36.43 27.53
CA LEU F 237 -1.22 -37.43 26.94
C LEU F 237 -0.73 -38.85 27.21
N LEU F 238 0.58 -39.08 27.10
CA LEU F 238 1.15 -40.39 27.44
C LEU F 238 1.10 -40.67 28.93
N LEU F 239 0.93 -39.64 29.77
CA LEU F 239 0.71 -39.88 31.20
C LEU F 239 -0.62 -40.57 31.45
N SER F 240 -1.61 -40.35 30.59
CA SER F 240 -2.88 -41.06 30.72
C SER F 240 -2.75 -42.54 30.36
N HIS F 241 -1.83 -42.87 29.45
CA HIS F 241 -1.58 -44.26 29.07
C HIS F 241 -0.67 -44.97 30.06
N ALA F 242 -0.14 -44.26 31.06
CA ALA F 242 0.75 -44.79 32.08
C ALA F 242 2.03 -45.39 31.48
N ASP F 243 2.44 -44.88 30.32
CA ASP F 243 3.73 -45.24 29.74
C ASP F 243 4.86 -44.35 30.24
N CYS F 244 4.54 -43.33 31.03
CA CYS F 244 5.53 -42.39 31.55
C CYS F 244 6.00 -42.90 32.90
N ASP F 245 7.15 -43.57 32.93
CA ASP F 245 7.77 -43.90 34.21
C ASP F 245 8.29 -42.63 34.86
N ARG F 246 8.38 -42.66 36.20
CA ARG F 246 8.66 -41.44 36.94
C ARG F 246 10.08 -40.92 36.68
N ARG F 247 11.00 -41.77 36.25
CA ARG F 247 12.31 -41.27 35.83
C ARG F 247 12.20 -40.55 34.49
N SER F 248 11.46 -41.13 33.54
CA SER F 248 11.33 -40.50 32.23
C SER F 248 10.36 -39.32 32.24
N ARG F 249 9.32 -39.37 33.08
CA ARG F 249 8.34 -38.30 33.09
C ARG F 249 8.85 -37.03 33.75
N ILE F 250 9.89 -37.14 34.59
CA ILE F 250 10.46 -35.96 35.22
C ILE F 250 11.52 -35.31 34.32
N GLU F 251 12.40 -36.11 33.73
CA GLU F 251 13.36 -35.56 32.78
C GLU F 251 12.68 -35.06 31.51
N ALA F 252 11.45 -35.50 31.23
CA ALA F 252 10.70 -34.95 30.12
C ALA F 252 10.40 -33.48 30.33
N LEU F 253 9.78 -33.14 31.47
CA LEU F 253 9.50 -31.75 31.79
C LEU F 253 10.77 -30.94 31.99
N GLU F 254 11.84 -31.60 32.45
CA GLU F 254 13.15 -30.95 32.49
C GLU F 254 13.62 -30.60 31.08
N LEU F 255 13.42 -31.51 30.14
CA LEU F 255 13.76 -31.24 28.74
C LEU F 255 12.72 -30.36 28.05
N LEU F 256 11.45 -30.48 28.44
CA LEU F 256 10.39 -29.72 27.78
C LEU F 256 10.54 -28.23 28.02
N GLY F 257 10.85 -27.83 29.25
CA GLY F 257 11.06 -26.42 29.53
C GLY F 257 12.29 -25.87 28.85
N ALA F 258 13.40 -26.61 28.90
CA ALA F 258 14.68 -26.10 28.40
C ALA F 258 14.61 -25.81 26.90
N SER F 259 13.99 -26.70 26.12
CA SER F 259 13.85 -26.46 24.69
C SER F 259 12.92 -25.27 24.41
N PHE F 260 11.98 -25.01 25.31
CA PHE F 260 11.03 -23.92 25.13
C PHE F 260 11.67 -22.55 25.35
N ALA F 261 12.91 -22.50 25.86
CA ALA F 261 13.68 -21.27 25.92
C ALA F 261 15.00 -21.34 25.16
N ASN F 262 15.46 -22.53 24.78
CA ASN F 262 16.70 -22.68 24.03
C ASN F 262 16.45 -22.87 22.54
N ASP F 263 15.43 -22.20 22.01
CA ASP F 263 15.09 -22.27 20.60
C ASP F 263 14.93 -20.86 20.05
N ARG F 264 15.27 -20.69 18.77
CA ARG F 264 15.12 -19.39 18.13
C ARG F 264 13.66 -18.99 18.03
N GLU F 265 12.79 -19.94 17.71
CA GLU F 265 11.36 -19.68 17.63
C GLU F 265 10.64 -19.88 18.97
N ASN F 266 11.28 -20.51 19.94
CA ASN F 266 10.69 -20.77 21.25
C ASN F 266 11.67 -20.28 22.32
N TYR F 267 11.43 -19.07 22.83
CA TYR F 267 12.25 -18.49 23.91
C TYR F 267 11.31 -17.86 24.93
N ASP F 268 10.93 -18.63 25.94
CA ASP F 268 10.16 -18.13 27.07
C ASP F 268 10.67 -18.85 28.31
N ILE F 269 11.35 -18.10 29.20
CA ILE F 269 11.90 -18.69 30.41
C ILE F 269 10.85 -18.94 31.48
N ILE F 270 9.66 -18.36 31.33
CA ILE F 270 8.65 -18.45 32.39
C ILE F 270 8.08 -19.86 32.49
N LYS F 271 7.76 -20.47 31.36
CA LYS F 271 7.36 -21.87 31.36
C LYS F 271 8.58 -22.79 31.49
N THR F 272 9.74 -22.33 31.01
CA THR F 272 10.97 -23.10 31.16
C THR F 272 11.34 -23.25 32.63
N TYR F 273 11.29 -22.16 33.39
CA TYR F 273 11.47 -22.26 34.83
C TYR F 273 10.35 -23.07 35.47
N HIS F 274 9.12 -22.88 35.00
CA HIS F 274 7.98 -23.61 35.57
C HIS F 274 8.11 -25.11 35.32
N TYR F 275 8.48 -25.50 34.11
CA TYR F 275 8.63 -26.93 33.81
C TYR F 275 9.80 -27.54 34.57
N LEU F 276 10.93 -26.82 34.64
CA LEU F 276 12.08 -27.33 35.35
C LEU F 276 11.82 -27.41 36.86
N TYR F 277 11.14 -26.41 37.42
CA TYR F 277 10.86 -26.42 38.85
C TYR F 277 9.83 -27.48 39.21
N LEU F 278 8.79 -27.62 38.39
CA LEU F 278 7.78 -28.65 38.63
C LEU F 278 8.37 -30.04 38.50
N ALA F 279 9.24 -30.24 37.52
CA ALA F 279 9.93 -31.54 37.40
C ALA F 279 10.83 -31.80 38.59
N MET F 280 11.58 -30.78 39.03
CA MET F 280 12.44 -30.96 40.20
C MET F 280 11.62 -31.04 41.49
N LEU F 281 10.45 -30.41 41.51
CA LEU F 281 9.51 -30.66 42.60
C LEU F 281 9.04 -32.10 42.58
N GLU F 282 8.74 -32.63 41.39
CA GLU F 282 8.40 -34.04 41.25
C GLU F 282 9.62 -34.92 41.47
N ARG F 283 10.81 -34.44 41.10
CA ARG F 283 12.04 -35.18 41.36
C ARG F 283 12.28 -35.31 42.87
N PHE F 284 11.98 -34.25 43.63
CA PHE F 284 12.05 -34.30 45.09
C PHE F 284 10.78 -34.83 45.73
N GLN F 285 9.73 -35.09 44.94
CA GLN F 285 8.49 -35.62 45.49
C GLN F 285 8.61 -37.09 45.88
N ASP F 286 9.60 -37.80 45.33
CA ASP F 286 9.75 -39.21 45.63
C ASP F 286 10.08 -39.47 47.09
N GLY F 287 10.78 -38.53 47.74
CA GLY F 287 11.13 -38.69 49.13
C GLY F 287 12.14 -39.80 49.35
N ASP F 288 11.68 -40.92 49.91
CA ASP F 288 12.52 -42.09 50.07
C ASP F 288 12.83 -42.69 48.70
N ASN F 289 13.93 -43.47 48.67
CA ASN F 289 14.58 -43.99 47.46
C ASN F 289 14.59 -42.94 46.34
N ILE F 290 15.17 -41.79 46.66
CA ILE F 290 15.12 -40.64 45.78
C ILE F 290 15.97 -40.90 44.53
N LEU F 291 15.55 -40.30 43.42
CA LEU F 291 16.30 -40.33 42.17
C LEU F 291 16.71 -38.92 41.80
N GLU F 292 17.96 -38.76 41.35
CA GLU F 292 18.51 -37.45 41.05
C GLU F 292 19.24 -37.50 39.72
N LYS F 293 19.78 -36.35 39.34
CA LYS F 293 20.49 -36.22 38.07
C LYS F 293 21.88 -36.83 38.18
N GLU F 294 22.32 -37.47 37.11
CA GLU F 294 23.74 -37.83 37.01
C GLU F 294 24.53 -36.54 36.83
N VAL F 295 25.34 -36.20 37.82
CA VAL F 295 25.98 -34.88 37.87
C VAL F 295 27.04 -34.78 36.77
N LEU F 296 27.05 -33.66 36.07
CA LEU F 296 27.99 -33.39 35.00
C LEU F 296 28.80 -32.15 35.32
N PRO F 297 30.13 -32.21 35.29
CA PRO F 297 30.92 -31.01 35.53
C PRO F 297 30.73 -30.02 34.40
N PRO F 298 30.90 -28.73 34.66
CA PRO F 298 30.75 -27.73 33.59
C PRO F 298 31.76 -27.96 32.47
N ILE F 299 31.29 -27.79 31.23
CA ILE F 299 32.14 -27.99 30.07
C ILE F 299 33.15 -26.86 29.98
N HIS F 300 34.38 -27.21 29.57
CA HIS F 300 35.40 -26.18 29.32
C HIS F 300 34.94 -25.19 28.27
N ALA F 301 34.11 -25.64 27.32
CA ALA F 301 33.51 -24.78 26.33
C ALA F 301 32.24 -24.12 26.85
N TYR F 302 31.24 -24.92 27.20
CA TYR F 302 29.93 -24.41 27.61
C TYR F 302 29.94 -24.12 29.11
N GLY F 303 29.85 -22.84 29.46
CA GLY F 303 29.57 -22.43 30.82
C GLY F 303 30.76 -22.61 31.76
N ASN F 304 30.48 -22.32 33.03
CA ASN F 304 31.47 -22.49 34.09
C ASN F 304 30.86 -23.07 35.35
N ARG F 305 29.60 -23.48 35.34
CA ARG F 305 28.90 -24.01 36.49
C ARG F 305 28.20 -25.31 36.10
N THR F 306 28.10 -26.22 37.07
CA THR F 306 27.39 -27.47 36.85
C THR F 306 25.89 -27.27 37.03
N GLU F 307 25.12 -28.34 36.84
CA GLU F 307 23.67 -28.27 36.96
C GLU F 307 23.26 -28.11 38.42
N CYS F 308 22.02 -27.65 38.62
CA CYS F 308 21.49 -27.44 39.95
C CYS F 308 20.97 -28.75 40.54
N ARG F 309 20.82 -28.76 41.86
CA ARG F 309 20.31 -29.92 42.58
C ARG F 309 18.99 -29.67 43.28
N ASN F 310 18.91 -28.61 44.09
CA ASN F 310 17.68 -28.30 44.81
C ASN F 310 16.62 -27.74 43.87
N PRO F 311 15.34 -27.99 44.15
CA PRO F 311 14.29 -27.37 43.34
C PRO F 311 14.30 -25.85 43.37
N GLN F 312 14.59 -25.26 44.53
CA GLN F 312 14.66 -23.80 44.62
C GLN F 312 16.01 -23.25 44.18
N GLU F 313 17.00 -24.12 43.95
CA GLU F 313 18.30 -23.66 43.48
C GLU F 313 18.21 -23.04 42.10
N LEU F 314 17.40 -23.62 41.21
CA LEU F 314 17.20 -23.04 39.89
C LEU F 314 16.30 -21.81 39.91
N GLU F 315 15.57 -21.58 41.01
CA GLU F 315 14.77 -20.37 41.13
C GLU F 315 15.65 -19.14 41.29
N SER F 316 16.78 -19.27 41.99
CA SER F 316 17.66 -18.13 42.19
C SER F 316 18.42 -17.77 40.92
N ILE F 317 18.62 -18.72 40.02
CA ILE F 317 19.36 -18.47 38.78
C ILE F 317 18.39 -18.14 37.65
N ARG F 318 17.12 -17.87 38.00
CA ARG F 318 16.15 -17.46 37.00
C ARG F 318 16.41 -16.03 36.53
N GLN F 319 16.95 -15.18 37.40
CA GLN F 319 17.18 -13.78 37.04
C GLN F 319 18.19 -13.65 35.91
N ASP F 320 19.27 -14.42 35.97
CA ASP F 320 20.25 -14.46 34.89
C ASP F 320 19.90 -15.64 33.97
N ARG F 321 19.41 -15.34 32.78
CA ARG F 321 18.99 -16.39 31.84
C ARG F 321 20.16 -17.23 31.36
N ASP F 322 21.38 -16.72 31.46
CA ASP F 322 22.56 -17.49 31.08
C ASP F 322 22.73 -18.73 31.96
N ALA F 323 22.49 -18.58 33.27
CA ALA F 323 22.68 -19.70 34.18
C ALA F 323 21.59 -20.76 34.02
N LEU F 324 20.33 -20.34 33.90
CA LEU F 324 19.24 -21.31 33.83
C LEU F 324 19.17 -22.00 32.48
N HIS F 325 19.53 -21.29 31.39
CA HIS F 325 19.61 -21.93 30.09
C HIS F 325 20.67 -23.03 30.09
N MET F 326 21.82 -22.75 30.71
CA MET F 326 22.84 -23.78 30.89
C MET F 326 22.33 -24.89 31.79
N GLU F 327 21.64 -24.55 32.88
CA GLU F 327 21.12 -25.55 33.81
C GLU F 327 20.10 -26.46 33.12
N GLY F 328 19.23 -25.87 32.29
CA GLY F 328 18.32 -26.69 31.51
C GLY F 328 18.99 -27.46 30.40
N LEU F 329 20.17 -27.04 29.96
CA LEU F 329 20.88 -27.72 28.89
C LEU F 329 21.77 -28.85 29.39
N ILE F 330 22.23 -28.79 30.64
CA ILE F 330 23.00 -29.89 31.20
C ILE F 330 22.13 -31.13 31.37
N VAL F 331 20.86 -30.94 31.77
CA VAL F 331 20.00 -32.09 32.04
C VAL F 331 19.62 -32.80 30.75
N ARG F 332 19.64 -32.12 29.61
CA ARG F 332 19.49 -32.80 28.33
C ARG F 332 20.82 -33.25 27.73
N GLU F 333 21.93 -32.68 28.22
CA GLU F 333 23.25 -33.16 27.80
C GLU F 333 23.50 -34.58 28.29
N ARG F 334 23.10 -34.87 29.54
CA ARG F 334 23.35 -36.17 30.13
C ARG F 334 22.40 -37.25 29.62
N ILE F 335 21.16 -36.89 29.31
CA ILE F 335 20.15 -37.89 28.96
C ILE F 335 20.10 -38.17 27.46
N LEU F 336 20.60 -37.25 26.63
CA LEU F 336 20.61 -37.44 25.19
C LEU F 336 22.00 -37.73 24.63
N GLY F 337 23.05 -37.54 25.42
CA GLY F 337 24.39 -37.82 24.96
C GLY F 337 24.95 -36.71 24.09
N ALA F 338 26.21 -36.90 23.69
CA ALA F 338 26.91 -35.94 22.84
C ALA F 338 26.60 -36.12 21.37
N ASP F 339 25.99 -37.23 20.97
CA ASP F 339 25.74 -37.52 19.56
C ASP F 339 24.37 -37.05 19.09
N ASN F 340 23.52 -36.57 19.98
CA ASN F 340 22.17 -36.15 19.58
C ASN F 340 22.24 -34.81 18.87
N ILE F 341 21.57 -34.72 17.71
CA ILE F 341 21.52 -33.46 16.98
C ILE F 341 20.64 -32.45 17.72
N ASP F 342 19.53 -32.91 18.29
CA ASP F 342 18.57 -32.01 18.90
C ASP F 342 19.06 -31.39 20.20
N VAL F 343 20.09 -31.97 20.82
CA VAL F 343 20.73 -31.33 21.96
C VAL F 343 21.88 -30.42 21.51
N SER F 344 22.40 -30.63 20.30
CA SER F 344 23.40 -29.73 19.74
C SER F 344 22.78 -28.44 19.24
N HIS F 345 21.50 -28.47 18.85
CA HIS F 345 20.82 -27.28 18.37
C HIS F 345 20.75 -26.13 19.38
N PRO F 346 20.46 -26.34 20.67
CA PRO F 346 20.48 -25.20 21.61
C PRO F 346 21.85 -24.55 21.78
N ILE F 347 22.94 -25.25 21.44
CA ILE F 347 24.26 -24.67 21.60
C ILE F 347 24.47 -23.48 20.66
N ILE F 348 24.04 -23.63 19.40
CA ILE F 348 24.18 -22.55 18.43
C ILE F 348 23.30 -21.36 18.81
N TYR F 349 22.09 -21.63 19.30
CA TYR F 349 21.15 -20.57 19.62
C TYR F 349 21.65 -19.70 20.78
N ARG F 350 22.31 -20.32 21.77
CA ARG F 350 22.72 -19.59 22.96
C ARG F 350 23.76 -18.52 22.64
N GLY F 351 24.82 -18.90 21.92
CA GLY F 351 25.82 -17.93 21.52
C GLY F 351 25.30 -16.89 20.54
N ALA F 352 24.31 -17.27 19.72
CA ALA F 352 23.68 -16.31 18.82
C ALA F 352 22.97 -15.22 19.61
N VAL F 353 22.31 -15.59 20.70
CA VAL F 353 21.75 -14.59 21.61
C VAL F 353 22.86 -13.74 22.22
N TYR F 354 23.96 -14.38 22.61
CA TYR F 354 25.11 -13.64 23.14
C TYR F 354 25.75 -12.77 22.07
N ALA F 355 25.68 -13.21 20.81
CA ALA F 355 26.07 -12.33 19.71
C ALA F 355 25.14 -11.12 19.61
N ASP F 356 23.83 -11.34 19.83
CA ASP F 356 22.89 -10.23 19.88
C ASP F 356 23.04 -9.42 21.16
N ASN F 357 23.49 -10.05 22.25
CA ASN F 357 23.67 -9.39 23.53
C ASN F 357 25.11 -8.98 23.77
N MET F 358 25.96 -9.01 22.73
CA MET F 358 27.34 -8.58 22.74
C MET F 358 28.23 -9.39 23.69
N GLU F 359 27.77 -10.55 24.15
CA GLU F 359 28.58 -11.43 24.98
C GLU F 359 29.40 -12.36 24.08
N PHE F 360 30.31 -11.74 23.32
CA PHE F 360 31.12 -12.48 22.37
C PHE F 360 32.09 -13.43 23.06
N GLU F 361 32.52 -13.12 24.28
CA GLU F 361 33.34 -14.06 25.05
C GLU F 361 32.56 -15.32 25.38
N GLN F 362 31.31 -15.16 25.83
CA GLN F 362 30.46 -16.31 26.10
C GLN F 362 29.96 -16.97 24.83
N CYS F 363 29.87 -16.22 23.73
CA CYS F 363 29.42 -16.80 22.47
C CYS F 363 30.44 -17.78 21.92
N ILE F 364 31.72 -17.39 21.90
CA ILE F 364 32.75 -18.24 21.32
C ILE F 364 33.01 -19.45 22.21
N LYS F 365 33.05 -19.25 23.53
CA LYS F 365 33.29 -20.37 24.44
C LYS F 365 32.19 -21.41 24.32
N LEU F 366 30.92 -20.97 24.37
CA LEU F 366 29.82 -21.92 24.37
C LEU F 366 29.64 -22.58 23.00
N TRP F 367 29.89 -21.84 21.91
CA TRP F 367 29.73 -22.42 20.58
C TRP F 367 30.76 -23.50 20.27
N LEU F 368 31.88 -23.53 21.00
CA LEU F 368 32.86 -24.59 20.80
C LEU F 368 32.29 -25.96 21.15
N HIS F 369 31.34 -26.00 22.09
CA HIS F 369 30.71 -27.28 22.44
C HIS F 369 29.88 -27.83 21.30
N ALA F 370 29.24 -26.96 20.51
CA ALA F 370 28.49 -27.42 19.34
C ALA F 370 29.42 -28.12 18.35
N LEU F 371 30.59 -27.53 18.10
CA LEU F 371 31.59 -28.20 17.30
C LEU F 371 32.11 -29.45 18.01
N HIS F 372 32.25 -29.38 19.34
CA HIS F 372 32.63 -30.55 20.12
C HIS F 372 31.56 -31.64 20.05
N LEU F 373 30.29 -31.26 20.17
CA LEU F 373 29.22 -32.25 20.09
C LEU F 373 29.10 -32.83 18.69
N ARG F 374 29.26 -32.01 17.66
CA ARG F 374 29.13 -32.50 16.29
C ARG F 374 30.34 -33.34 15.88
N GLN F 375 31.48 -33.18 16.54
CA GLN F 375 32.58 -34.11 16.32
C GLN F 375 32.24 -35.50 16.84
N LYS F 376 31.54 -35.58 17.97
CA LYS F 376 31.06 -36.86 18.47
C LYS F 376 30.02 -37.46 17.54
N GLY F 377 29.13 -36.63 17.01
CA GLY F 377 28.13 -37.10 16.09
C GLY F 377 28.60 -37.38 14.68
N ASN F 378 29.84 -36.96 14.36
CA ASN F 378 30.47 -37.25 13.07
C ASN F 378 29.64 -36.67 11.91
N ARG F 379 29.30 -35.39 12.03
CA ARG F 379 28.49 -34.71 11.02
C ARG F 379 29.19 -33.44 10.56
N ASN F 380 28.67 -32.88 9.48
CA ASN F 380 29.25 -31.66 8.90
C ASN F 380 28.98 -30.45 9.80
N THR F 381 29.98 -29.57 9.89
CA THR F 381 29.87 -28.33 10.64
C THR F 381 30.16 -27.12 9.76
N HIS F 382 29.80 -27.19 8.48
CA HIS F 382 30.10 -26.10 7.55
C HIS F 382 29.32 -24.85 7.90
N LYS F 383 28.10 -24.99 8.45
CA LYS F 383 27.39 -23.84 8.98
C LYS F 383 27.95 -23.41 10.33
N ASP F 384 28.48 -24.36 11.11
CA ASP F 384 29.04 -24.02 12.41
C ASP F 384 30.38 -23.30 12.26
N LEU F 385 31.25 -23.79 11.39
CA LEU F 385 32.55 -23.16 11.20
C LEU F 385 32.42 -21.78 10.57
N LEU F 386 31.48 -21.61 9.64
CA LEU F 386 31.24 -20.29 9.06
C LEU F 386 30.71 -19.31 10.11
N ARG F 387 29.85 -19.79 11.01
CA ARG F 387 29.33 -18.94 12.06
C ARG F 387 30.41 -18.52 13.06
N PHE F 388 31.43 -19.36 13.23
CA PHE F 388 32.56 -18.97 14.07
C PHE F 388 33.30 -17.78 13.48
N ALA F 389 33.65 -17.86 12.20
CA ALA F 389 34.40 -16.79 11.55
C ALA F 389 33.56 -15.52 11.40
N GLN F 390 32.25 -15.66 11.24
CA GLN F 390 31.39 -14.48 11.16
C GLN F 390 31.39 -13.73 12.49
N VAL F 391 31.19 -14.46 13.59
CA VAL F 391 31.22 -13.83 14.91
C VAL F 391 32.64 -13.37 15.27
N PHE F 392 33.67 -14.11 14.81
CA PHE F 392 35.04 -13.66 14.98
C PHE F 392 35.26 -12.31 14.31
N SER F 393 34.68 -12.12 13.12
CA SER F 393 34.77 -10.83 12.44
C SER F 393 33.95 -9.76 13.14
N GLN F 394 32.84 -10.14 13.77
CA GLN F 394 31.96 -9.15 14.39
C GLN F 394 32.62 -8.51 15.62
N MET F 395 33.31 -9.29 16.42
CA MET F 395 33.94 -8.77 17.64
C MET F 395 35.21 -7.98 17.35
N ILE F 396 35.78 -8.12 16.16
CA ILE F 396 36.88 -7.24 15.76
C ILE F 396 36.36 -5.81 15.61
N HIS F 397 35.14 -5.66 15.07
CA HIS F 397 34.52 -4.35 14.97
C HIS F 397 34.22 -3.79 16.36
N LEU F 398 33.80 -4.65 17.29
CA LEU F 398 33.64 -4.26 18.68
C LEU F 398 34.96 -4.29 19.44
N ASN F 399 36.03 -4.78 18.81
CA ASN F 399 37.38 -4.84 19.39
C ASN F 399 37.41 -5.70 20.65
N GLU F 400 36.67 -6.80 20.62
CA GLU F 400 36.73 -7.81 21.67
C GLU F 400 37.67 -8.91 21.21
N THR F 401 38.81 -9.03 21.88
CA THR F 401 39.81 -10.02 21.49
C THR F 401 39.31 -11.43 21.76
N VAL F 402 39.80 -12.38 20.95
CA VAL F 402 39.44 -13.78 21.09
C VAL F 402 40.34 -14.43 22.12
N LYS F 403 39.97 -15.62 22.58
CA LYS F 403 40.88 -16.46 23.35
C LYS F 403 41.69 -17.33 22.39
N ALA F 404 43.01 -17.23 22.48
CA ALA F 404 43.88 -18.04 21.63
C ALA F 404 43.67 -19.55 21.80
N PRO F 405 43.49 -20.12 23.01
CA PRO F 405 43.07 -21.53 23.06
C PRO F 405 41.72 -21.78 22.42
N ASP F 406 40.79 -20.82 22.49
CA ASP F 406 39.49 -21.01 21.86
C ASP F 406 39.61 -20.99 20.33
N ILE F 407 40.40 -20.08 19.78
CA ILE F 407 40.56 -20.01 18.33
C ILE F 407 41.41 -21.16 17.81
N GLU F 408 42.19 -21.81 18.68
CA GLU F 408 42.93 -22.99 18.25
C GLU F 408 42.05 -24.23 18.27
N CYS F 409 41.19 -24.36 19.28
CA CYS F 409 40.32 -25.52 19.38
C CYS F 409 39.35 -25.60 18.21
N VAL F 410 38.80 -24.46 17.79
CA VAL F 410 37.94 -24.44 16.61
C VAL F 410 38.77 -24.74 15.35
N LEU F 411 40.01 -24.26 15.30
CA LEU F 411 40.87 -24.54 14.15
C LEU F 411 41.32 -25.99 14.13
N ARG F 412 41.64 -26.55 15.30
CA ARG F 412 42.06 -27.94 15.39
C ARG F 412 40.93 -28.89 14.99
N CYS F 413 39.71 -28.61 15.44
CA CYS F 413 38.57 -29.43 15.06
C CYS F 413 38.11 -29.20 13.64
N SER F 414 38.40 -28.03 13.06
CA SER F 414 37.97 -27.74 11.70
C SER F 414 38.70 -28.63 10.68
N VAL F 415 40.02 -28.78 10.83
CA VAL F 415 40.76 -29.63 9.91
C VAL F 415 40.38 -31.09 10.10
N LEU F 416 40.02 -31.48 11.33
CA LEU F 416 39.45 -32.80 11.54
C LEU F 416 38.09 -32.92 10.86
N GLU F 417 37.29 -31.85 10.92
CA GLU F 417 36.04 -31.81 10.18
C GLU F 417 36.30 -31.82 8.67
N ILE F 418 37.33 -31.10 8.22
CA ILE F 418 37.68 -31.10 6.80
C ILE F 418 38.21 -32.47 6.39
N GLU F 419 38.99 -33.11 7.26
CA GLU F 419 39.41 -34.49 7.00
C GLU F 419 38.21 -35.42 6.88
N GLN F 420 37.21 -35.22 7.73
CA GLN F 420 35.93 -35.91 7.55
C GLN F 420 35.25 -35.45 6.27
N SER F 421 35.28 -34.15 5.98
CA SER F 421 34.62 -33.62 4.79
C SER F 421 35.29 -34.15 3.51
N MET F 422 36.62 -34.22 3.50
CA MET F 422 37.31 -34.86 2.39
C MET F 422 36.98 -36.34 2.32
N ASN F 423 36.93 -37.02 3.46
CA ASN F 423 36.51 -38.42 3.48
C ASN F 423 35.04 -38.59 3.16
N ARG F 424 34.22 -37.55 3.39
CA ARG F 424 32.81 -37.62 3.02
C ARG F 424 32.66 -37.76 1.51
N VAL F 425 33.51 -37.07 0.75
CA VAL F 425 33.55 -37.27 -0.70
C VAL F 425 33.96 -38.70 -1.03
N LYS F 426 34.89 -39.26 -0.25
CA LYS F 426 35.26 -40.65 -0.43
C LYS F 426 34.15 -41.59 0.06
N ASN F 427 33.42 -41.20 1.10
CA ASN F 427 32.40 -42.08 1.67
C ASN F 427 31.18 -42.20 0.77
N ILE F 428 30.88 -41.17 -0.01
CA ILE F 428 29.71 -41.18 -0.89
C ILE F 428 30.18 -41.37 -2.32
N SER F 429 29.31 -41.96 -3.14
CA SER F 429 29.62 -42.19 -4.55
C SER F 429 28.67 -41.48 -5.50
N ASP F 430 27.36 -41.69 -5.34
CA ASP F 430 26.41 -41.18 -6.32
C ASP F 430 25.17 -40.52 -5.70
N ALA F 431 25.05 -40.46 -4.38
CA ALA F 431 23.85 -39.90 -3.76
C ALA F 431 23.84 -38.38 -3.86
N ASP F 432 24.82 -37.73 -3.24
CA ASP F 432 24.96 -36.28 -3.24
C ASP F 432 26.40 -35.90 -3.53
N VAL F 433 26.96 -36.48 -4.60
CA VAL F 433 28.37 -36.30 -4.90
C VAL F 433 28.69 -34.85 -5.26
N HIS F 434 27.77 -34.16 -5.94
CA HIS F 434 27.98 -32.74 -6.19
C HIS F 434 27.82 -31.93 -4.92
N ASN F 435 26.87 -32.31 -4.06
CA ASN F 435 26.77 -31.70 -2.75
C ASN F 435 28.01 -31.97 -1.91
N ALA F 436 28.52 -33.21 -1.96
CA ALA F 436 29.77 -33.53 -1.28
C ALA F 436 30.95 -32.82 -1.92
N MET F 437 30.92 -32.62 -3.23
CA MET F 437 31.93 -31.79 -3.88
C MET F 437 31.86 -30.35 -3.38
N ASP F 438 30.64 -29.84 -3.17
CA ASP F 438 30.46 -28.51 -2.60
C ASP F 438 30.50 -28.53 -1.08
N ASN F 439 30.54 -29.70 -0.45
CA ASN F 439 30.59 -29.76 1.01
C ASN F 439 31.99 -29.52 1.54
N TYR F 440 32.98 -30.27 1.02
CA TYR F 440 34.34 -30.09 1.50
C TYR F 440 34.92 -28.77 1.03
N GLU F 441 34.50 -28.29 -0.14
CA GLU F 441 35.05 -27.05 -0.69
C GLU F 441 34.65 -25.85 0.17
N CYS F 442 33.40 -25.78 0.60
CA CYS F 442 32.97 -24.68 1.45
C CYS F 442 33.58 -24.78 2.85
N ASN F 443 33.90 -26.00 3.28
CA ASN F 443 34.58 -26.17 4.57
C ASN F 443 36.00 -25.61 4.52
N LEU F 444 36.68 -25.76 3.38
CA LEU F 444 37.99 -25.15 3.22
C LEU F 444 37.92 -23.64 3.26
N TYR F 445 36.83 -23.07 2.71
CA TYR F 445 36.64 -21.63 2.76
C TYR F 445 36.48 -21.15 4.20
N THR F 446 35.70 -21.87 5.01
CA THR F 446 35.53 -21.50 6.40
C THR F 446 36.83 -21.59 7.17
N PHE F 447 37.62 -22.63 6.92
CA PHE F 447 38.96 -22.72 7.49
C PHE F 447 39.83 -21.57 7.01
N LEU F 448 39.72 -21.21 5.72
CA LEU F 448 40.40 -20.03 5.22
C LEU F 448 39.89 -18.77 5.91
N TYR F 449 38.58 -18.69 6.15
CA TYR F 449 38.03 -17.58 6.91
C TYR F 449 38.52 -17.61 8.35
N LEU F 450 38.57 -18.80 8.96
CA LEU F 450 39.01 -18.91 10.35
C LEU F 450 40.49 -18.57 10.50
N VAL F 451 41.32 -19.00 9.54
CA VAL F 451 42.74 -18.69 9.60
C VAL F 451 42.98 -17.21 9.35
N CYS F 452 42.27 -16.62 8.40
CA CYS F 452 42.45 -15.21 8.07
C CYS F 452 42.09 -14.32 9.25
N ILE F 453 41.00 -14.61 9.95
CA ILE F 453 40.65 -13.82 11.12
C ILE F 453 41.59 -14.13 12.28
N SER F 454 42.17 -15.34 12.30
CA SER F 454 43.17 -15.67 13.32
C SER F 454 44.44 -14.85 13.12
N THR F 455 44.86 -14.65 11.86
CA THR F 455 46.02 -13.81 11.59
C THR F 455 45.73 -12.35 11.94
N LYS F 456 44.51 -11.88 11.66
CA LYS F 456 44.16 -10.50 11.99
C LYS F 456 44.12 -10.27 13.49
N THR F 457 43.52 -11.21 14.23
CA THR F 457 43.41 -11.07 15.68
C THR F 457 44.74 -11.41 16.35
N GLN F 458 44.86 -11.01 17.61
CA GLN F 458 46.02 -11.39 18.40
C GLN F 458 45.96 -12.86 18.78
N CYS F 459 47.11 -13.52 18.69
CA CYS F 459 47.21 -14.93 19.04
C CYS F 459 48.51 -15.16 19.80
N SER F 460 48.44 -15.98 20.85
CA SER F 460 49.63 -16.31 21.62
C SER F 460 50.57 -17.17 20.78
N GLU F 461 51.87 -17.08 21.11
CA GLU F 461 52.89 -17.76 20.32
C GLU F 461 52.74 -19.28 20.40
N GLU F 462 52.41 -19.81 21.58
CA GLU F 462 52.20 -21.24 21.72
C GLU F 462 50.98 -21.72 20.95
N ASP F 463 49.92 -20.91 20.90
CA ASP F 463 48.76 -21.26 20.09
C ASP F 463 49.04 -21.06 18.60
N GLN F 464 49.79 -20.00 18.26
CA GLN F 464 50.09 -19.73 16.86
C GLN F 464 50.91 -20.84 16.22
N CYS F 465 51.81 -21.46 17.00
CA CYS F 465 52.54 -22.62 16.50
C CYS F 465 51.59 -23.77 16.22
N LYS F 466 50.61 -24.00 17.11
CA LYS F 466 49.62 -25.02 16.88
C LYS F 466 48.59 -24.60 15.83
N ILE F 467 48.36 -23.30 15.70
CA ILE F 467 47.44 -22.80 14.67
C ILE F 467 47.98 -23.10 13.27
N ASN F 468 49.29 -22.88 13.07
CA ASN F 468 49.91 -23.17 11.79
C ASN F 468 49.96 -24.65 11.47
N LYS F 469 49.79 -25.51 12.49
CA LYS F 469 49.78 -26.95 12.26
C LYS F 469 48.58 -27.39 11.43
N GLN F 470 47.41 -26.79 11.69
CA GLN F 470 46.23 -27.13 10.89
C GLN F 470 46.38 -26.65 9.45
N ILE F 471 47.03 -25.49 9.26
CA ILE F 471 47.40 -25.08 7.91
C ILE F 471 48.43 -26.04 7.33
N TYR F 472 49.41 -26.45 8.16
CA TYR F 472 50.36 -27.48 7.76
C TYR F 472 49.67 -28.82 7.53
N ASN F 473 48.58 -29.09 8.24
CA ASN F 473 47.80 -30.29 7.99
C ASN F 473 47.13 -30.25 6.63
N LEU F 474 46.51 -29.11 6.28
CA LEU F 474 45.77 -29.03 5.03
C LEU F 474 46.67 -28.92 3.81
N ILE F 475 47.82 -28.25 3.95
CA ILE F 475 48.73 -28.18 2.80
C ILE F 475 49.35 -29.53 2.52
N HIS F 476 49.43 -30.41 3.52
CA HIS F 476 49.79 -31.80 3.28
C HIS F 476 48.63 -32.57 2.67
N LEU F 477 47.40 -32.22 3.03
CA LEU F 477 46.23 -32.83 2.41
C LEU F 477 46.15 -32.48 0.93
N ASP F 478 46.51 -31.24 0.58
CA ASP F 478 46.47 -30.68 -0.77
C ASP F 478 45.08 -30.85 -1.39
N PRO F 479 44.08 -30.10 -0.94
CA PRO F 479 42.74 -30.24 -1.52
C PRO F 479 42.69 -29.61 -2.90
N ARG F 480 42.26 -30.40 -3.89
CA ARG F 480 42.19 -29.95 -5.27
C ARG F 480 40.74 -29.61 -5.60
N THR F 481 40.51 -28.38 -6.05
CA THR F 481 39.17 -27.91 -6.36
C THR F 481 38.72 -28.47 -7.71
N ARG F 482 37.55 -28.02 -8.16
CA ARG F 482 37.05 -28.42 -9.46
C ARG F 482 37.89 -27.84 -10.59
N GLU F 483 38.45 -26.64 -10.39
CA GLU F 483 39.26 -25.97 -11.39
C GLU F 483 40.75 -26.21 -11.18
N GLY F 484 41.12 -27.13 -10.28
CA GLY F 484 42.50 -27.46 -10.05
C GLY F 484 43.23 -26.59 -9.04
N PHE F 485 42.51 -25.70 -8.35
CA PHE F 485 43.15 -24.85 -7.36
C PHE F 485 43.44 -25.64 -6.08
N THR F 486 44.32 -25.10 -5.26
CA THR F 486 44.68 -25.67 -3.97
C THR F 486 44.45 -24.63 -2.87
N LEU F 487 44.85 -24.97 -1.65
CA LEU F 487 44.71 -24.04 -0.54
C LEU F 487 45.56 -22.79 -0.74
N LEU F 488 46.79 -22.97 -1.23
CA LEU F 488 47.61 -21.82 -1.58
C LEU F 488 46.97 -21.02 -2.72
N HIS F 489 46.49 -21.72 -3.75
CA HIS F 489 45.86 -21.05 -4.88
C HIS F 489 44.53 -20.41 -4.51
N LEU F 490 43.87 -20.90 -3.44
CA LEU F 490 42.63 -20.28 -3.00
C LEU F 490 42.87 -18.88 -2.45
N ALA F 491 43.91 -18.71 -1.64
CA ALA F 491 44.24 -17.39 -1.12
C ALA F 491 44.83 -16.50 -2.21
N VAL F 492 45.55 -17.09 -3.17
CA VAL F 492 46.17 -16.32 -4.23
C VAL F 492 45.12 -15.68 -5.14
N ASN F 493 44.09 -16.43 -5.50
CA ASN F 493 43.09 -15.93 -6.44
C ASN F 493 42.19 -14.89 -5.77
N SER F 494 42.02 -13.75 -6.44
CA SER F 494 41.12 -12.70 -5.96
C SER F 494 39.67 -12.98 -6.28
N ASN F 495 39.39 -13.96 -7.14
CA ASN F 495 38.02 -14.37 -7.45
C ASN F 495 37.44 -15.27 -6.37
N THR F 496 38.17 -15.50 -5.30
CA THR F 496 37.70 -16.32 -4.19
C THR F 496 36.54 -15.62 -3.49
N PRO F 497 35.36 -16.23 -3.42
CA PRO F 497 34.24 -15.59 -2.70
C PRO F 497 34.50 -15.51 -1.20
N VAL F 498 33.96 -14.44 -0.61
CA VAL F 498 34.06 -14.20 0.83
C VAL F 498 32.64 -14.10 1.38
N ASP F 499 32.45 -14.56 2.61
CA ASP F 499 31.13 -14.53 3.24
C ASP F 499 30.63 -13.10 3.37
N ASP F 500 29.31 -12.94 3.29
CA ASP F 500 28.65 -11.64 3.24
C ASP F 500 28.79 -10.84 4.52
N PHE F 501 29.21 -11.46 5.61
CA PHE F 501 29.30 -10.77 6.90
C PHE F 501 30.58 -9.93 6.91
N HIS F 502 31.01 -9.47 8.10
CA HIS F 502 32.19 -8.62 8.24
C HIS F 502 33.49 -9.33 7.90
N THR F 503 33.41 -10.60 7.47
CA THR F 503 34.58 -11.29 6.95
C THR F 503 35.12 -10.64 5.69
N ASN F 504 34.30 -9.86 4.97
CA ASN F 504 34.80 -9.05 3.88
C ASN F 504 35.82 -8.03 4.38
N ASP F 505 35.60 -7.49 5.58
CA ASP F 505 36.50 -6.49 6.15
C ASP F 505 37.79 -7.09 6.68
N VAL F 506 37.81 -8.39 6.99
CA VAL F 506 39.01 -9.04 7.51
C VAL F 506 39.69 -9.95 6.51
N CYS F 507 39.02 -10.29 5.40
CA CYS F 507 39.64 -11.03 4.32
C CYS F 507 39.93 -10.07 3.17
N SER F 508 41.18 -10.07 2.71
CA SER F 508 41.65 -9.16 1.68
C SER F 508 42.27 -9.96 0.53
N PHE F 509 41.54 -10.96 0.05
CA PHE F 509 42.08 -11.87 -0.95
C PHE F 509 42.35 -11.14 -2.25
N PRO F 510 43.58 -11.21 -2.80
CA PRO F 510 44.72 -12.04 -2.37
C PRO F 510 45.38 -11.60 -1.06
N ASN F 511 45.22 -12.41 -0.01
CA ASN F 511 45.68 -12.05 1.33
C ASN F 511 47.13 -12.46 1.50
N ALA F 512 48.00 -11.47 1.68
CA ALA F 512 49.42 -11.76 1.88
C ALA F 512 49.67 -12.49 3.19
N LEU F 513 48.97 -12.09 4.26
CA LEU F 513 49.22 -12.66 5.58
C LEU F 513 48.87 -14.14 5.61
N VAL F 514 47.74 -14.52 5.00
CA VAL F 514 47.39 -15.93 4.91
C VAL F 514 48.37 -16.66 4.00
N THR F 515 48.71 -16.05 2.87
CA THR F 515 49.67 -16.66 1.95
C THR F 515 51.05 -16.77 2.59
N LYS F 516 51.47 -15.75 3.34
CA LYS F 516 52.75 -15.83 4.04
C LYS F 516 52.74 -16.96 5.07
N LEU F 517 51.61 -17.13 5.78
CA LEU F 517 51.47 -18.28 6.67
C LEU F 517 51.36 -19.58 5.90
N LEU F 518 50.82 -19.53 4.68
CA LEU F 518 50.74 -20.73 3.85
C LEU F 518 52.10 -21.15 3.30
N LEU F 519 52.99 -20.19 3.04
CA LEU F 519 54.26 -20.50 2.40
C LEU F 519 55.26 -21.16 3.34
N ASP F 520 55.20 -20.84 4.64
CA ASP F 520 56.17 -21.41 5.57
C ASP F 520 55.88 -22.87 5.89
N CYS F 521 54.66 -23.34 5.66
CA CYS F 521 54.27 -24.69 6.00
C CYS F 521 54.35 -25.65 4.82
N GLY F 522 54.88 -25.22 3.68
CA GLY F 522 55.07 -26.11 2.55
C GLY F 522 54.06 -25.97 1.43
N ALA F 523 53.76 -24.73 1.05
CA ALA F 523 52.81 -24.49 -0.02
C ALA F 523 53.37 -24.95 -1.37
N GLU F 524 52.49 -25.53 -2.19
CA GLU F 524 52.86 -26.00 -3.53
C GLU F 524 52.83 -24.80 -4.47
N VAL F 525 53.95 -24.09 -4.53
CA VAL F 525 54.00 -22.85 -5.30
C VAL F 525 54.07 -23.13 -6.81
N ASN F 526 54.56 -24.29 -7.21
CA ASN F 526 54.62 -24.66 -8.61
C ASN F 526 53.50 -25.60 -9.03
N ALA F 527 52.51 -25.81 -8.17
CA ALA F 527 51.35 -26.62 -8.52
C ALA F 527 50.54 -25.93 -9.61
N VAL F 528 49.87 -26.73 -10.42
CA VAL F 528 49.14 -26.22 -11.57
C VAL F 528 47.66 -26.54 -11.40
N ASP F 529 46.81 -25.70 -11.99
CA ASP F 529 45.37 -25.86 -11.94
C ASP F 529 44.91 -26.68 -13.15
N ASN F 530 43.59 -26.69 -13.40
CA ASN F 530 43.06 -27.33 -14.59
C ASN F 530 43.56 -26.66 -15.86
N GLU F 531 43.82 -25.37 -15.80
CA GLU F 531 44.35 -24.61 -16.94
C GLU F 531 45.89 -24.60 -16.92
N GLY F 532 46.51 -25.22 -15.92
CA GLY F 532 47.95 -25.36 -15.87
C GLY F 532 48.70 -24.17 -15.30
N ASN F 533 47.99 -23.15 -14.82
CA ASN F 533 48.64 -21.95 -14.30
C ASN F 533 49.14 -22.18 -12.88
N SER F 534 50.37 -21.75 -12.62
CA SER F 534 50.96 -21.90 -11.30
C SER F 534 50.47 -20.80 -10.37
N ALA F 535 50.98 -20.81 -9.13
CA ALA F 535 50.63 -19.78 -8.17
C ALA F 535 51.14 -18.41 -8.60
N LEU F 536 52.27 -18.37 -9.31
CA LEU F 536 52.75 -17.12 -9.87
C LEU F 536 51.84 -16.62 -10.98
N HIS F 537 51.21 -17.54 -11.73
CA HIS F 537 50.35 -17.15 -12.85
C HIS F 537 49.02 -16.61 -12.35
N ILE F 538 48.48 -17.20 -11.27
CA ILE F 538 47.18 -16.75 -10.77
C ILE F 538 47.30 -15.38 -10.13
N ILE F 539 48.39 -15.13 -9.39
CA ILE F 539 48.53 -13.86 -8.69
C ILE F 539 48.77 -12.72 -9.68
N VAL F 540 49.44 -12.99 -10.81
CA VAL F 540 49.70 -11.93 -11.77
C VAL F 540 48.46 -11.61 -12.59
N GLN F 541 47.49 -12.52 -12.63
CA GLN F 541 46.24 -12.29 -13.34
C GLN F 541 45.31 -11.31 -12.62
N TYR F 542 45.65 -10.91 -11.39
CA TYR F 542 44.87 -9.90 -10.68
C TYR F 542 44.95 -8.56 -11.41
N ASN F 543 43.81 -7.89 -11.53
CA ASN F 543 43.67 -6.68 -12.32
C ASN F 543 43.66 -5.40 -11.48
N ARG F 544 43.97 -5.49 -10.19
CA ARG F 544 43.98 -4.33 -9.30
C ARG F 544 45.33 -4.26 -8.59
N PRO F 545 46.37 -3.79 -9.27
CA PRO F 545 47.69 -3.71 -8.63
C PRO F 545 47.89 -2.52 -7.71
N ILE F 546 46.99 -1.54 -7.75
CA ILE F 546 47.13 -0.33 -6.96
C ILE F 546 46.40 -0.43 -5.63
N SER F 547 45.25 -1.12 -5.62
CA SER F 547 44.39 -1.15 -4.44
C SER F 547 45.07 -1.83 -3.26
N ASP F 548 45.73 -2.96 -3.49
CA ASP F 548 46.31 -3.77 -2.42
C ASP F 548 47.73 -4.20 -2.80
N PHE F 549 48.56 -3.25 -3.23
CA PHE F 549 49.93 -3.57 -3.63
C PHE F 549 50.75 -4.11 -2.46
N LEU F 550 50.41 -3.73 -1.23
CA LEU F 550 51.08 -4.29 -0.06
C LEU F 550 50.90 -5.81 0.00
N THR F 551 49.70 -6.28 -0.33
CA THR F 551 49.50 -7.72 -0.49
C THR F 551 50.30 -8.24 -1.68
N LEU F 552 50.39 -7.45 -2.76
CA LEU F 552 51.13 -7.88 -3.93
C LEU F 552 52.64 -7.85 -3.68
N HIS F 553 53.14 -6.78 -3.06
CA HIS F 553 54.57 -6.67 -2.80
C HIS F 553 55.06 -7.76 -1.86
N SER F 554 54.25 -8.10 -0.86
CA SER F 554 54.61 -9.18 0.04
C SER F 554 54.64 -10.52 -0.68
N ILE F 555 53.69 -10.74 -1.60
CA ILE F 555 53.58 -12.04 -2.25
C ILE F 555 54.51 -12.18 -3.46
N ILE F 556 54.96 -11.06 -4.04
CA ILE F 556 55.90 -11.16 -5.16
C ILE F 556 57.25 -11.68 -4.69
N ILE F 557 57.77 -11.12 -3.60
CA ILE F 557 59.08 -11.52 -3.11
C ILE F 557 59.01 -12.89 -2.46
N SER F 558 58.00 -13.14 -1.63
CA SER F 558 57.98 -14.33 -0.79
C SER F 558 57.61 -15.60 -1.57
N LEU F 559 56.63 -15.52 -2.48
CA LEU F 559 56.25 -16.71 -3.24
C LEU F 559 57.33 -17.10 -4.24
N VAL F 560 58.06 -16.10 -4.76
CA VAL F 560 59.22 -16.41 -5.60
C VAL F 560 60.29 -17.09 -4.78
N GLU F 561 60.44 -16.68 -3.51
CA GLU F 561 61.38 -17.34 -2.61
C GLU F 561 60.96 -18.76 -2.28
N ALA F 562 59.67 -19.08 -2.41
CA ALA F 562 59.21 -20.45 -2.19
C ALA F 562 59.60 -21.39 -3.31
N GLY F 563 59.90 -20.85 -4.50
CA GLY F 563 60.30 -21.69 -5.62
C GLY F 563 59.41 -21.53 -6.84
N ALA F 564 58.76 -20.39 -6.96
CA ALA F 564 57.88 -20.14 -8.10
C ALA F 564 58.70 -20.00 -9.38
N HIS F 565 58.30 -20.76 -10.40
CA HIS F 565 59.01 -20.73 -11.67
C HIS F 565 58.53 -19.55 -12.50
N THR F 566 59.41 -18.58 -12.74
CA THR F 566 59.08 -17.46 -13.59
C THR F 566 58.93 -17.88 -15.06
N ASP F 567 59.52 -19.01 -15.44
CA ASP F 567 59.43 -19.54 -16.80
C ASP F 567 58.37 -20.63 -16.91
N MET F 568 57.50 -20.77 -15.91
CA MET F 568 56.47 -21.79 -15.95
C MET F 568 55.42 -21.45 -17.00
N THR F 569 54.70 -22.48 -17.43
CA THR F 569 53.70 -22.35 -18.48
C THR F 569 52.39 -23.00 -18.02
N ASN F 570 51.31 -22.56 -18.65
CA ASN F 570 49.99 -23.11 -18.39
C ASN F 570 49.73 -24.28 -19.35
N LYS F 571 48.51 -24.82 -19.33
CA LYS F 571 48.14 -25.80 -20.33
C LYS F 571 48.05 -25.20 -21.72
N GLN F 572 47.75 -23.90 -21.82
CA GLN F 572 47.81 -23.17 -23.07
C GLN F 572 49.17 -22.53 -23.30
N ASN F 573 50.19 -22.93 -22.52
CA ASN F 573 51.56 -22.44 -22.63
C ASN F 573 51.62 -20.92 -22.44
N LYS F 574 51.19 -20.48 -21.25
CA LYS F 574 51.16 -19.07 -20.89
C LYS F 574 52.17 -18.81 -19.79
N THR F 575 53.11 -17.91 -20.05
CA THR F 575 54.11 -17.53 -19.06
C THR F 575 53.54 -16.51 -18.08
N PRO F 576 54.17 -16.35 -16.91
CA PRO F 576 53.69 -15.34 -15.95
C PRO F 576 53.76 -13.93 -16.50
N LEU F 577 54.79 -13.60 -17.29
CA LEU F 577 54.86 -12.29 -17.91
C LEU F 577 53.93 -12.20 -19.12
N ASP F 578 53.77 -13.30 -19.86
CA ASP F 578 52.89 -13.30 -21.02
C ASP F 578 51.42 -13.17 -20.61
N LYS F 579 51.03 -13.85 -19.53
CA LYS F 579 49.67 -13.79 -19.01
C LYS F 579 49.51 -12.76 -17.90
N SER F 580 50.27 -11.67 -17.94
CA SER F 580 50.27 -10.72 -16.84
C SER F 580 49.02 -9.84 -16.85
N THR F 581 48.84 -9.06 -17.92
CA THR F 581 47.77 -8.05 -18.04
C THR F 581 47.83 -7.04 -16.89
N THR F 582 49.02 -6.79 -16.37
CA THR F 582 49.22 -5.84 -15.28
C THR F 582 50.69 -5.42 -15.29
N GLY F 583 50.95 -4.14 -15.56
CA GLY F 583 52.31 -3.66 -15.65
C GLY F 583 53.06 -3.69 -14.32
N VAL F 584 52.36 -3.42 -13.22
CA VAL F 584 53.01 -3.37 -11.91
C VAL F 584 53.44 -4.77 -11.48
N SER F 585 52.56 -5.76 -11.64
CA SER F 585 52.90 -7.12 -11.25
C SER F 585 54.00 -7.70 -12.14
N GLU F 586 53.93 -7.43 -13.46
CA GLU F 586 54.94 -7.94 -14.37
C GLU F 586 56.31 -7.34 -14.09
N ILE F 587 56.36 -6.04 -13.80
CA ILE F 587 57.62 -5.41 -13.39
C ILE F 587 58.09 -6.00 -12.07
N LEU F 588 57.16 -6.24 -11.15
CA LEU F 588 57.50 -6.96 -9.93
C LEU F 588 57.94 -8.39 -10.24
N LEU F 589 57.26 -9.04 -11.21
CA LEU F 589 57.70 -10.35 -11.65
C LEU F 589 59.07 -10.29 -12.32
N LYS F 590 59.33 -9.22 -13.09
CA LYS F 590 60.64 -9.03 -13.71
C LYS F 590 61.72 -8.86 -12.64
N THR F 591 61.43 -8.10 -11.59
CA THR F 591 62.38 -7.94 -10.49
C THR F 591 62.56 -9.26 -9.74
N GLN F 592 61.47 -9.99 -9.52
CA GLN F 592 61.54 -11.27 -8.82
C GLN F 592 61.75 -12.43 -9.79
N MET G 1 -9.15 34.50 8.91
CA MET G 1 -8.36 35.21 9.91
C MET G 1 -7.05 34.50 10.19
N GLU G 2 -6.15 35.17 10.91
CA GLU G 2 -4.85 34.58 11.21
C GLU G 2 -4.96 33.50 12.28
N GLY G 3 -5.98 33.56 13.13
CA GLY G 3 -6.17 32.51 14.12
C GLY G 3 -6.52 31.17 13.49
N LEU G 4 -7.43 31.18 12.51
CA LEU G 4 -7.74 29.96 11.79
C LEU G 4 -6.64 29.59 10.80
N ALA G 5 -5.88 30.60 10.34
CA ALA G 5 -4.77 30.33 9.43
C ALA G 5 -3.69 29.50 10.11
N GLY G 6 -3.38 29.81 11.37
CA GLY G 6 -2.49 28.95 12.14
C GLY G 6 -3.08 27.59 12.40
N TYR G 7 -4.41 27.51 12.57
CA TYR G 7 -5.06 26.23 12.81
C TYR G 7 -4.95 25.31 11.60
N VAL G 8 -5.19 25.84 10.40
CA VAL G 8 -5.01 25.03 9.20
C VAL G 8 -3.53 24.83 8.90
N TYR G 9 -2.66 25.71 9.40
CA TYR G 9 -1.23 25.48 9.26
C TYR G 9 -0.78 24.29 10.08
N LYS G 10 -1.21 24.23 11.35
CA LYS G 10 -0.94 23.05 12.17
C LYS G 10 -1.69 21.83 11.66
N ALA G 11 -2.87 22.03 11.06
CA ALA G 11 -3.57 20.93 10.41
C ALA G 11 -2.76 20.39 9.24
N ALA G 12 -2.18 21.30 8.44
CA ALA G 12 -1.31 20.88 7.36
C ALA G 12 0.07 20.46 7.85
N SER G 13 0.52 21.00 8.99
CA SER G 13 1.78 20.56 9.58
C SER G 13 1.73 19.11 10.02
N GLU G 14 0.55 18.59 10.32
CA GLU G 14 0.36 17.17 10.62
C GLU G 14 -0.09 16.37 9.41
N GLY G 15 -0.35 17.02 8.29
CA GLY G 15 -0.81 16.33 7.10
C GLY G 15 -2.17 15.67 7.25
N LYS G 16 -3.10 16.35 7.90
CA LYS G 16 -4.41 15.80 8.20
C LYS G 16 -5.47 16.69 7.57
N VAL G 17 -6.36 16.09 6.76
CA VAL G 17 -7.37 16.84 6.04
C VAL G 17 -8.62 17.02 6.88
N LEU G 18 -8.96 16.03 7.71
CA LEU G 18 -10.20 16.10 8.47
C LEU G 18 -10.19 17.25 9.47
N THR G 19 -9.03 17.51 10.08
CA THR G 19 -8.90 18.67 10.96
C THR G 19 -9.12 19.98 10.20
N LEU G 20 -8.54 20.09 9.00
CA LEU G 20 -8.76 21.30 8.21
C LEU G 20 -10.07 21.25 7.42
N ALA G 21 -10.81 20.14 7.49
CA ALA G 21 -12.09 20.06 6.78
C ALA G 21 -13.12 20.99 7.40
N ALA G 22 -13.18 21.07 8.73
CA ALA G 22 -14.16 21.91 9.38
C ALA G 22 -13.71 23.36 9.53
N LEU G 23 -12.40 23.60 9.61
CA LEU G 23 -11.91 24.97 9.59
C LEU G 23 -12.23 25.63 8.26
N LEU G 24 -12.14 24.88 7.16
CA LEU G 24 -12.60 25.37 5.88
C LEU G 24 -14.12 25.40 5.80
N LEU G 25 -14.80 24.61 6.63
CA LEU G 25 -16.26 24.51 6.60
C LEU G 25 -16.89 25.73 7.27
N ASN G 26 -17.96 26.24 6.65
CA ASN G 26 -18.74 27.36 7.18
C ASN G 26 -17.88 28.59 7.43
N ARG G 27 -16.91 28.81 6.54
CA ARG G 27 -16.02 29.96 6.62
C ARG G 27 -16.06 30.73 5.31
N SER G 28 -15.86 32.04 5.40
CA SER G 28 -15.82 32.88 4.22
C SER G 28 -14.59 32.57 3.37
N GLU G 29 -14.73 32.75 2.06
CA GLU G 29 -13.61 32.51 1.16
C GLU G 29 -12.48 33.52 1.35
N SER G 30 -12.77 34.69 1.91
CA SER G 30 -11.71 35.61 2.31
C SER G 30 -10.85 35.00 3.41
N ASP G 31 -11.49 34.34 4.38
CA ASP G 31 -10.73 33.59 5.37
C ASP G 31 -10.01 32.41 4.74
N ILE G 32 -10.64 31.75 3.77
CA ILE G 32 -9.99 30.65 3.06
C ILE G 32 -8.79 31.17 2.28
N ARG G 33 -8.94 32.32 1.60
CA ARG G 33 -7.81 32.93 0.94
C ARG G 33 -6.74 33.38 1.93
N TYR G 34 -7.14 33.71 3.16
CA TYR G 34 -6.16 34.08 4.18
C TYR G 34 -5.28 32.90 4.57
N LEU G 35 -5.80 31.68 4.47
CA LEU G 35 -5.00 30.49 4.77
C LEU G 35 -3.83 30.36 3.78
N LEU G 36 -4.11 30.57 2.49
CA LEU G 36 -3.05 30.64 1.50
C LEU G 36 -2.27 31.95 1.58
N GLY G 37 -2.93 33.01 2.04
CA GLY G 37 -2.23 34.27 2.28
C GLY G 37 -1.34 34.25 3.50
N TYR G 38 -1.54 33.29 4.39
CA TYR G 38 -0.69 33.12 5.57
C TYR G 38 0.60 32.42 5.16
N VAL G 39 1.45 33.18 4.49
CA VAL G 39 2.74 32.69 4.02
C VAL G 39 3.87 33.52 4.66
N SER G 40 3.56 34.22 5.75
CA SER G 40 4.48 35.21 6.34
C SER G 40 5.39 34.63 7.41
N GLN G 41 4.84 34.12 8.51
CA GLN G 41 5.66 33.77 9.66
C GLN G 41 5.72 32.27 9.91
N GLN G 42 4.58 31.64 10.21
CA GLN G 42 4.41 30.18 10.38
C GLN G 42 5.58 29.52 11.12
N GLY G 43 5.97 30.12 12.24
CA GLY G 43 7.00 29.53 13.07
C GLY G 43 8.42 29.86 12.68
N GLY G 44 8.65 30.79 11.76
CA GLY G 44 10.00 31.25 11.46
C GLY G 44 10.37 31.35 10.00
N GLN G 45 9.51 30.97 9.05
CA GLN G 45 9.89 31.02 7.65
C GLN G 45 8.64 31.11 6.78
N ARG G 46 8.83 31.55 5.54
CA ARG G 46 7.74 31.64 4.58
C ARG G 46 7.30 30.24 4.22
N SER G 47 6.18 29.79 4.77
CA SER G 47 5.65 28.46 4.43
C SER G 47 4.15 28.47 4.73
N THR G 48 3.34 28.64 3.68
CA THR G 48 1.90 28.57 3.84
C THR G 48 1.51 27.11 4.12
N PRO G 49 0.30 26.87 4.67
CA PRO G 49 -0.18 25.50 4.87
C PRO G 49 0.01 24.56 3.68
N LEU G 50 -0.17 25.06 2.46
CA LEU G 50 0.11 24.24 1.29
C LEU G 50 1.61 23.98 1.14
N ILE G 51 2.44 24.97 1.46
CA ILE G 51 3.89 24.76 1.42
C ILE G 51 4.32 23.78 2.50
N ILE G 52 3.81 23.97 3.73
CA ILE G 52 4.23 23.11 4.82
C ILE G 52 3.65 21.71 4.68
N ALA G 53 2.57 21.55 3.90
CA ALA G 53 2.01 20.23 3.67
C ALA G 53 2.97 19.33 2.91
N ALA G 54 3.63 19.87 1.89
CA ALA G 54 4.66 19.13 1.17
C ALA G 54 5.96 19.03 1.95
N ARG G 55 6.19 19.96 2.88
CA ARG G 55 7.33 19.83 3.79
C ARG G 55 7.19 18.59 4.67
N ASN G 56 5.97 18.34 5.16
CA ASN G 56 5.71 17.12 5.91
C ASN G 56 5.80 15.89 5.02
N GLY G 57 5.23 15.97 3.83
CA GLY G 57 5.23 14.86 2.91
C GLY G 57 4.04 13.94 2.97
N HIS G 58 2.94 14.38 3.57
CA HIS G 58 1.71 13.60 3.56
C HIS G 58 1.00 13.78 2.23
N ALA G 59 0.60 12.66 1.62
CA ALA G 59 -0.10 12.73 0.33
C ALA G 59 -1.47 13.35 0.48
N LYS G 60 -2.21 12.95 1.52
CA LYS G 60 -3.64 13.23 1.59
C LYS G 60 -3.92 14.71 1.76
N VAL G 61 -3.06 15.43 2.48
CA VAL G 61 -3.27 16.86 2.70
C VAL G 61 -3.13 17.65 1.41
N VAL G 62 -2.20 17.25 0.54
CA VAL G 62 -2.08 17.87 -0.77
C VAL G 62 -3.07 17.28 -1.76
N ARG G 63 -3.50 16.03 -1.54
CA ARG G 63 -4.41 15.35 -2.44
C ARG G 63 -5.81 15.96 -2.45
N LEU G 64 -6.17 16.72 -1.42
CA LEU G 64 -7.54 17.15 -1.24
C LEU G 64 -7.75 18.65 -1.15
N LEU G 65 -6.68 19.43 -1.00
CA LEU G 65 -6.83 20.89 -0.98
C LEU G 65 -6.87 21.49 -2.38
N LEU G 66 -6.73 20.69 -3.43
CA LEU G 66 -6.67 21.23 -4.78
C LEU G 66 -8.01 21.12 -5.52
N GLU G 67 -8.84 20.14 -5.19
CA GLU G 67 -10.10 19.96 -5.90
C GLU G 67 -11.23 20.82 -5.34
N HIS G 68 -11.05 21.43 -4.16
CA HIS G 68 -12.18 22.03 -3.46
C HIS G 68 -11.94 23.45 -2.96
N TYR G 69 -10.70 23.92 -2.90
CA TYR G 69 -10.42 25.22 -2.29
C TYR G 69 -9.36 25.93 -3.11
N ARG G 70 -8.83 27.01 -2.55
CA ARG G 70 -7.94 27.92 -3.29
C ARG G 70 -6.64 27.22 -3.64
N VAL G 71 -6.25 27.31 -4.90
CA VAL G 71 -5.02 26.73 -5.42
C VAL G 71 -4.07 27.86 -5.81
N GLN G 72 -2.83 27.78 -5.35
CA GLN G 72 -1.81 28.76 -5.65
C GLN G 72 -0.59 28.04 -6.21
N THR G 73 -0.20 28.41 -7.43
CA THR G 73 0.90 27.72 -8.10
C THR G 73 2.25 28.09 -7.52
N GLN G 74 2.47 29.37 -7.22
CA GLN G 74 3.79 29.86 -6.90
C GLN G 74 3.88 30.48 -5.51
N GLN G 75 3.36 29.78 -4.50
CA GLN G 75 3.57 30.18 -3.12
C GLN G 75 5.05 30.17 -2.79
N THR G 76 5.64 31.34 -2.56
CA THR G 76 7.07 31.43 -2.29
C THR G 76 7.35 30.85 -0.92
N GLY G 77 7.79 29.59 -0.90
CA GLY G 77 7.99 28.90 0.35
C GLY G 77 9.45 28.73 0.73
N THR G 78 9.91 29.52 1.71
CA THR G 78 11.25 29.36 2.23
C THR G 78 11.23 28.29 3.32
N VAL G 79 12.04 27.25 3.14
CA VAL G 79 12.08 26.14 4.08
C VAL G 79 13.52 25.86 4.45
N ARG G 80 13.71 25.17 5.58
CA ARG G 80 15.03 24.76 6.02
C ARG G 80 15.36 23.37 5.47
N PHE G 81 15.39 23.28 4.14
CA PHE G 81 15.79 22.05 3.46
C PHE G 81 17.27 21.82 3.74
N ASP G 82 17.56 20.84 4.61
CA ASP G 82 18.86 20.58 5.22
C ASP G 82 19.34 21.73 6.10
N GLY G 83 18.46 22.65 6.50
CA GLY G 83 18.77 23.71 7.41
C GLY G 83 19.35 24.96 6.77
N TYR G 84 19.61 24.94 5.47
CA TYR G 84 20.21 26.08 4.80
C TYR G 84 19.13 27.03 4.29
N VAL G 85 19.57 28.11 3.65
CA VAL G 85 18.66 29.11 3.07
C VAL G 85 18.18 28.56 1.74
N ILE G 86 16.95 28.07 1.71
CA ILE G 86 16.40 27.39 0.55
C ILE G 86 15.18 28.19 0.09
N ASP G 87 15.28 29.52 0.21
CA ASP G 87 14.22 30.44 -0.14
C ASP G 87 13.84 30.34 -1.61
N GLY G 88 12.70 30.95 -1.95
CA GLY G 88 12.21 30.96 -3.32
C GLY G 88 11.77 29.61 -3.84
N ALA G 89 11.06 28.83 -3.03
CA ALA G 89 10.64 27.48 -3.39
C ALA G 89 9.13 27.35 -3.29
N THR G 90 8.62 26.23 -3.80
CA THR G 90 7.18 25.95 -3.76
C THR G 90 6.91 24.59 -3.14
N ALA G 91 5.67 24.12 -3.22
CA ALA G 91 5.31 22.81 -2.70
C ALA G 91 5.87 21.68 -3.55
N LEU G 92 6.11 21.92 -4.84
CA LEU G 92 6.83 20.95 -5.65
C LEU G 92 8.25 20.76 -5.15
N TRP G 93 8.85 21.82 -4.61
CA TRP G 93 10.19 21.72 -4.05
C TRP G 93 10.21 20.89 -2.77
N CYS G 94 9.27 21.18 -1.86
CA CYS G 94 9.30 20.53 -0.55
C CYS G 94 8.99 19.04 -0.64
N ALA G 95 8.06 18.66 -1.52
CA ALA G 95 7.69 17.26 -1.65
C ALA G 95 8.79 16.45 -2.33
N ALA G 96 9.33 16.97 -3.43
CA ALA G 96 10.36 16.25 -4.17
C ALA G 96 11.67 16.20 -3.40
N GLY G 97 12.03 17.31 -2.74
CA GLY G 97 13.27 17.34 -2.00
C GLY G 97 13.28 16.42 -0.80
N ALA G 98 12.15 16.32 -0.10
CA ALA G 98 12.04 15.47 1.08
C ALA G 98 11.70 14.03 0.74
N GLY G 99 11.54 13.71 -0.55
CA GLY G 99 11.33 12.33 -0.96
C GLY G 99 9.98 11.74 -0.62
N HIS G 100 8.92 12.25 -1.27
CA HIS G 100 7.58 11.69 -1.14
C HIS G 100 6.97 11.61 -2.54
N PHE G 101 7.02 10.42 -3.15
CA PHE G 101 6.40 10.20 -4.46
C PHE G 101 4.90 10.46 -4.40
N GLU G 102 4.25 10.02 -3.31
CA GLU G 102 2.80 10.10 -3.20
C GLU G 102 2.28 11.52 -3.16
N VAL G 103 3.15 12.51 -2.92
CA VAL G 103 2.70 13.89 -2.90
C VAL G 103 2.90 14.54 -4.26
N VAL G 104 4.06 14.29 -4.89
CA VAL G 104 4.43 14.96 -6.13
C VAL G 104 3.48 14.63 -7.26
N LYS G 105 2.86 13.44 -7.21
CA LYS G 105 1.88 13.07 -8.22
C LYS G 105 0.61 13.93 -8.14
N LEU G 106 0.43 14.69 -7.05
CA LEU G 106 -0.68 15.62 -6.93
C LEU G 106 -0.30 17.07 -7.20
N LEU G 107 1.01 17.38 -7.29
CA LEU G 107 1.42 18.76 -7.56
C LEU G 107 1.02 19.21 -8.96
N VAL G 108 1.14 18.31 -9.94
CA VAL G 108 0.73 18.65 -11.30
C VAL G 108 -0.78 18.84 -11.38
N SER G 109 -1.54 17.96 -10.70
CA SER G 109 -2.99 18.13 -10.66
C SER G 109 -3.40 19.37 -9.86
N HIS G 110 -2.61 19.73 -8.85
CA HIS G 110 -2.85 20.97 -8.12
C HIS G 110 -2.64 22.18 -9.01
N GLY G 111 -1.62 22.14 -9.86
CA GLY G 111 -1.28 23.28 -10.69
C GLY G 111 -0.09 24.03 -10.14
N ALA G 112 1.09 23.80 -10.72
CA ALA G 112 2.30 24.48 -10.27
C ALA G 112 3.31 24.45 -11.41
N ASN G 113 4.31 25.30 -11.31
CA ASN G 113 5.36 25.37 -12.32
C ASN G 113 6.29 24.16 -12.14
N VAL G 114 6.35 23.30 -13.16
CA VAL G 114 7.20 22.12 -13.08
C VAL G 114 8.68 22.53 -13.04
N ASN G 115 9.05 23.60 -13.72
CA ASN G 115 10.42 24.11 -13.74
C ASN G 115 10.59 25.34 -12.86
N HIS G 116 9.92 25.36 -11.71
CA HIS G 116 10.02 26.49 -10.79
C HIS G 116 11.45 26.61 -10.26
N THR G 117 11.98 27.83 -10.30
CA THR G 117 13.36 28.09 -9.91
C THR G 117 13.41 28.84 -8.58
N THR G 118 14.60 28.84 -8.00
CA THR G 118 14.88 29.52 -6.75
C THR G 118 15.98 30.56 -6.97
N VAL G 119 16.47 31.15 -5.88
CA VAL G 119 17.53 32.15 -5.99
C VAL G 119 18.83 31.50 -6.47
N THR G 120 19.05 30.23 -6.16
CA THR G 120 20.22 29.50 -6.62
C THR G 120 19.98 28.79 -7.95
N ASN G 121 19.00 29.28 -8.74
CA ASN G 121 18.58 28.73 -10.05
C ASN G 121 18.56 27.20 -10.06
N SER G 122 17.84 26.64 -9.10
CA SER G 122 17.68 25.20 -8.98
C SER G 122 16.20 24.84 -9.09
N THR G 123 15.94 23.58 -9.41
CA THR G 123 14.61 23.08 -9.67
C THR G 123 14.30 21.93 -8.73
N PRO G 124 13.02 21.68 -8.44
CA PRO G 124 12.66 20.49 -7.64
C PRO G 124 13.08 19.18 -8.28
N LEU G 125 13.21 19.12 -9.61
CA LEU G 125 13.73 17.91 -10.25
C LEU G 125 15.16 17.63 -9.79
N ARG G 126 15.99 18.66 -9.77
CA ARG G 126 17.36 18.51 -9.28
C ARG G 126 17.40 18.37 -7.76
N ALA G 127 16.45 18.99 -7.06
CA ALA G 127 16.37 18.85 -5.61
C ALA G 127 16.11 17.40 -5.20
N ALA G 128 15.19 16.72 -5.92
CA ALA G 128 14.99 15.30 -5.69
C ALA G 128 16.20 14.49 -6.12
N CYS G 129 16.90 14.93 -7.18
CA CYS G 129 18.14 14.27 -7.58
C CYS G 129 19.23 14.43 -6.53
N PHE G 130 19.29 15.60 -5.89
CA PHE G 130 20.26 15.80 -4.82
C PHE G 130 19.97 14.93 -3.61
N ASP G 131 18.69 14.78 -3.26
CA ASP G 131 18.31 13.90 -2.17
C ASP G 131 18.53 12.43 -2.53
N GLY G 132 18.53 12.12 -3.82
CA GLY G 132 18.72 10.76 -4.27
C GLY G 132 17.46 9.91 -4.31
N ARG G 133 16.29 10.51 -4.13
CA ARG G 133 15.02 9.78 -4.18
C ARG G 133 14.76 9.37 -5.62
N LEU G 134 14.96 8.08 -5.91
CA LEU G 134 15.00 7.62 -7.30
C LEU G 134 13.62 7.54 -7.93
N ASP G 135 12.61 7.11 -7.17
CA ASP G 135 11.29 6.91 -7.75
C ASP G 135 10.65 8.24 -8.16
N ILE G 136 10.89 9.31 -7.40
CA ILE G 136 10.40 10.63 -7.76
C ILE G 136 10.99 11.07 -9.10
N VAL G 137 12.26 10.72 -9.33
CA VAL G 137 12.90 11.02 -10.61
C VAL G 137 12.14 10.33 -11.75
N LYS G 138 11.69 9.09 -11.51
CA LYS G 138 10.90 8.39 -12.52
C LYS G 138 9.59 9.13 -12.81
N TYR G 139 9.00 9.75 -11.79
CA TYR G 139 7.87 10.63 -12.03
C TYR G 139 8.29 11.90 -12.76
N LEU G 140 9.52 12.36 -12.54
CA LEU G 140 10.03 13.52 -13.25
C LEU G 140 10.49 13.20 -14.66
N VAL G 141 10.91 11.96 -14.93
CA VAL G 141 11.28 11.58 -16.29
C VAL G 141 10.06 11.56 -17.20
N GLU G 142 8.96 10.97 -16.71
CA GLU G 142 7.74 10.92 -17.51
C GLU G 142 7.09 12.29 -17.65
N ASN G 143 7.45 13.25 -16.80
CA ASN G 143 6.90 14.60 -16.90
C ASN G 143 7.87 15.57 -17.57
N ASN G 144 9.18 15.36 -17.40
CA ASN G 144 10.22 16.23 -17.96
C ASN G 144 10.03 17.68 -17.53
N ALA G 145 10.14 17.90 -16.22
CA ALA G 145 9.99 19.24 -15.67
C ALA G 145 11.08 20.17 -16.19
N ASN G 146 12.35 19.87 -15.88
CA ASN G 146 13.46 20.64 -16.41
C ASN G 146 14.72 19.80 -16.32
N ILE G 147 15.52 19.85 -17.39
CA ILE G 147 16.81 19.16 -17.42
C ILE G 147 17.98 20.12 -17.50
N SER G 148 17.82 21.29 -18.14
CA SER G 148 18.90 22.25 -18.33
C SER G 148 19.31 22.94 -17.04
N ILE G 149 18.56 22.78 -15.95
CA ILE G 149 18.89 23.46 -14.71
C ILE G 149 20.16 22.87 -14.11
N ALA G 150 21.15 23.73 -13.89
CA ALA G 150 22.32 23.42 -13.08
C ALA G 150 22.36 24.43 -11.95
N ASN G 151 23.34 24.28 -11.05
CA ASN G 151 23.50 25.26 -10.00
C ASN G 151 24.12 26.55 -10.56
N LYS G 152 24.23 27.55 -9.69
CA LYS G 152 24.84 28.82 -10.09
C LYS G 152 26.30 28.67 -10.47
N TYR G 153 26.96 27.61 -9.98
CA TYR G 153 28.33 27.31 -10.36
C TYR G 153 28.41 26.24 -11.45
N ASP G 154 27.39 26.19 -12.31
CA ASP G 154 27.33 25.25 -13.44
C ASP G 154 27.41 23.80 -12.98
N ASN G 155 26.78 23.50 -11.86
CA ASN G 155 26.81 22.15 -11.29
C ASN G 155 25.62 21.36 -11.83
N THR G 156 25.90 20.49 -12.80
CA THR G 156 24.87 19.63 -13.37
C THR G 156 24.37 18.64 -12.34
N CYS G 157 23.08 18.31 -12.41
CA CYS G 157 22.49 17.32 -11.51
C CYS G 157 23.12 15.93 -11.68
N LEU G 158 23.79 15.69 -12.82
CA LEU G 158 24.58 14.47 -12.97
C LEU G 158 25.69 14.41 -11.92
N MET G 159 26.37 15.54 -11.69
CA MET G 159 27.47 15.57 -10.74
C MET G 159 26.99 15.50 -9.30
N ILE G 160 25.75 15.91 -9.03
CA ILE G 160 25.23 15.86 -7.67
C ILE G 160 25.05 14.41 -7.22
N ALA G 161 24.49 13.57 -8.09
CA ALA G 161 24.44 12.14 -7.79
C ALA G 161 25.84 11.53 -7.81
N ALA G 162 26.73 12.06 -8.66
CA ALA G 162 28.12 11.63 -8.63
C ALA G 162 28.83 12.10 -7.37
N TYR G 163 28.37 13.21 -6.79
CA TYR G 163 28.89 13.65 -5.49
C TYR G 163 28.52 12.68 -4.39
N LYS G 164 27.34 12.07 -4.46
CA LYS G 164 26.89 11.07 -3.52
C LYS G 164 27.21 9.67 -4.06
N GLY G 165 26.67 8.65 -3.39
CA GLY G 165 26.88 7.28 -3.81
C GLY G 165 25.72 6.71 -4.59
N HIS G 166 24.87 7.57 -5.13
CA HIS G 166 23.68 7.14 -5.89
C HIS G 166 24.12 6.67 -7.26
N THR G 167 24.68 5.46 -7.30
CA THR G 167 25.18 4.89 -8.56
C THR G 167 24.05 4.51 -9.50
N ASP G 168 22.84 4.25 -8.98
CA ASP G 168 21.71 3.93 -9.84
C ASP G 168 21.26 5.15 -10.63
N VAL G 169 21.22 6.31 -9.98
CA VAL G 169 20.87 7.54 -10.67
C VAL G 169 21.95 7.93 -11.66
N VAL G 170 23.22 7.69 -11.30
CA VAL G 170 24.33 8.06 -12.16
C VAL G 170 24.32 7.25 -13.45
N ARG G 171 24.18 5.93 -13.33
CA ARG G 171 24.18 5.09 -14.52
C ARG G 171 22.91 5.24 -15.33
N TYR G 172 21.81 5.69 -14.71
CA TYR G 172 20.59 5.95 -15.46
C TYR G 172 20.69 7.27 -16.23
N LEU G 173 21.27 8.29 -15.62
CA LEU G 173 21.22 9.63 -16.19
C LEU G 173 22.14 9.77 -17.40
N LEU G 174 23.22 8.99 -17.45
CA LEU G 174 24.09 8.99 -18.62
C LEU G 174 23.39 8.42 -19.85
N GLU G 175 22.35 7.62 -19.67
CA GLU G 175 21.54 7.14 -20.78
C GLU G 175 20.41 8.10 -21.14
N GLN G 176 20.25 9.21 -20.42
CA GLN G 176 19.19 10.18 -20.66
C GLN G 176 19.63 11.28 -21.61
N ARG G 177 20.58 11.00 -22.50
CA ARG G 177 21.14 11.97 -23.46
C ARG G 177 21.70 13.20 -22.74
N ALA G 178 22.35 12.97 -21.60
CA ALA G 178 23.05 14.01 -20.87
C ALA G 178 24.54 13.69 -20.90
N ASP G 179 25.34 14.64 -21.37
CA ASP G 179 26.75 14.39 -21.58
C ASP G 179 27.50 14.31 -20.24
N PRO G 180 28.54 13.49 -20.16
CA PRO G 180 29.40 13.50 -18.98
C PRO G 180 30.44 14.63 -18.98
N ASN G 181 30.49 15.43 -20.02
CA ASN G 181 31.46 16.50 -20.16
C ASN G 181 30.91 17.87 -19.80
N ALA G 182 29.71 17.93 -19.20
CA ALA G 182 29.18 19.20 -18.74
C ALA G 182 29.98 19.64 -17.51
N LYS G 183 31.03 20.42 -17.73
CA LYS G 183 32.02 20.71 -16.70
C LYS G 183 31.68 22.02 -16.00
N ALA G 184 31.63 21.98 -14.68
CA ALA G 184 31.44 23.19 -13.90
C ALA G 184 32.67 24.07 -13.98
N HIS G 185 32.46 25.38 -13.81
CA HIS G 185 33.58 26.31 -13.85
C HIS G 185 34.51 26.13 -12.65
N CYS G 186 34.04 25.50 -11.58
CA CYS G 186 34.92 25.15 -10.47
C CYS G 186 35.95 24.10 -10.87
N GLY G 187 35.66 23.31 -11.90
CA GLY G 187 36.60 22.31 -12.39
C GLY G 187 36.08 20.89 -12.42
N ALA G 188 34.85 20.63 -11.99
CA ALA G 188 34.34 19.26 -11.93
C ALA G 188 33.87 18.82 -13.31
N THR G 189 34.50 17.76 -13.83
CA THR G 189 34.19 17.22 -15.15
C THR G 189 33.27 16.00 -15.06
N ALA G 190 32.39 16.00 -14.05
CA ALA G 190 31.47 14.94 -13.65
C ALA G 190 32.19 13.70 -13.12
N LEU G 191 33.52 13.69 -13.10
CA LEU G 191 34.30 12.67 -12.41
C LEU G 191 35.09 13.24 -11.25
N HIS G 192 35.40 14.54 -11.27
CA HIS G 192 36.05 15.17 -10.13
C HIS G 192 35.17 15.10 -8.89
N PHE G 193 33.87 15.37 -9.04
CA PHE G 193 32.94 15.23 -7.92
C PHE G 193 32.69 13.77 -7.56
N ALA G 194 32.98 12.83 -8.46
CA ALA G 194 32.93 11.42 -8.14
C ALA G 194 34.19 10.92 -7.46
N ALA G 195 35.26 11.69 -7.50
CA ALA G 195 36.55 11.29 -6.92
C ALA G 195 36.72 11.81 -5.50
N GLU G 196 35.78 11.51 -4.62
CA GLU G 196 35.92 11.87 -3.21
C GLU G 196 35.69 10.71 -2.27
N ALA G 197 34.74 9.83 -2.57
CA ALA G 197 34.36 8.75 -1.66
C ALA G 197 34.66 7.38 -2.23
N GLY G 198 35.52 7.30 -3.25
CA GLY G 198 35.85 6.03 -3.87
C GLY G 198 34.68 5.37 -4.56
N HIS G 199 33.93 6.14 -5.34
CA HIS G 199 32.76 5.63 -6.07
C HIS G 199 33.25 4.79 -7.24
N ILE G 200 33.67 3.57 -6.93
CA ILE G 200 34.17 2.65 -7.94
C ILE G 200 33.08 2.28 -8.94
N ASP G 201 31.82 2.21 -8.49
CA ASP G 201 30.72 1.89 -9.39
C ASP G 201 30.32 3.08 -10.25
N ILE G 202 30.39 4.30 -9.71
CA ILE G 202 30.00 5.48 -10.47
C ILE G 202 31.03 5.77 -11.56
N VAL G 203 32.31 5.72 -11.21
CA VAL G 203 33.37 6.07 -12.15
C VAL G 203 33.46 5.04 -13.27
N LYS G 204 33.25 3.76 -12.94
CA LYS G 204 33.23 2.72 -13.96
C LYS G 204 32.17 2.97 -15.03
N GLU G 205 31.04 3.58 -14.64
CA GLU G 205 30.02 3.92 -15.63
C GLU G 205 30.50 5.00 -16.59
N LEU G 206 31.08 6.08 -16.05
CA LEU G 206 31.50 7.19 -16.91
C LEU G 206 32.77 6.85 -17.68
N ILE G 207 33.66 6.03 -17.11
CA ILE G 207 34.81 5.54 -17.86
C ILE G 207 34.33 4.72 -19.05
N LYS G 208 33.33 3.87 -18.84
CA LYS G 208 32.64 3.22 -19.96
C LYS G 208 31.97 4.24 -20.86
N TRP G 209 31.42 5.30 -20.28
CA TRP G 209 30.66 6.30 -21.02
C TRP G 209 31.54 7.40 -21.60
N ARG G 210 32.85 7.15 -21.76
CA ARG G 210 33.80 8.09 -22.34
C ARG G 210 33.83 9.40 -21.55
N ALA G 211 34.33 9.28 -20.31
CA ALA G 211 34.31 10.39 -19.35
C ALA G 211 35.08 11.61 -19.83
N ALA G 212 36.00 11.45 -20.80
CA ALA G 212 36.75 12.54 -21.42
C ALA G 212 37.55 13.32 -20.38
N ILE G 213 38.54 12.62 -19.83
CA ILE G 213 39.43 13.10 -18.78
C ILE G 213 40.01 14.48 -19.13
N VAL G 214 39.80 15.44 -18.25
CA VAL G 214 40.26 16.82 -18.44
C VAL G 214 40.49 17.43 -17.07
N VAL G 215 41.53 18.27 -16.97
CA VAL G 215 41.92 18.83 -15.67
C VAL G 215 40.86 19.82 -15.18
N ASN G 216 40.93 20.12 -13.88
CA ASN G 216 39.97 21.01 -13.24
C ASN G 216 40.40 22.46 -13.47
N GLY G 217 39.78 23.38 -12.72
CA GLY G 217 40.16 24.78 -12.81
C GLY G 217 41.57 25.03 -12.32
N HIS G 218 42.03 24.27 -11.33
CA HIS G 218 43.39 24.41 -10.81
C HIS G 218 44.42 23.73 -11.71
N GLY G 219 44.01 22.95 -12.69
CA GLY G 219 44.92 22.23 -13.55
C GLY G 219 45.27 20.83 -13.09
N MET G 220 44.57 20.30 -12.10
CA MET G 220 44.82 18.95 -11.61
C MET G 220 43.94 17.96 -12.36
N THR G 221 44.55 16.87 -12.82
CA THR G 221 43.84 15.86 -13.57
C THR G 221 42.86 15.11 -12.68
N PRO G 222 41.81 14.51 -13.26
CA PRO G 222 40.97 13.59 -12.47
C PRO G 222 41.75 12.43 -11.88
N LEU G 223 42.80 11.99 -12.58
CA LEU G 223 43.72 11.01 -11.98
C LEU G 223 44.39 11.58 -10.74
N LYS G 224 44.77 12.86 -10.79
CA LYS G 224 45.33 13.51 -9.61
C LYS G 224 44.27 13.74 -8.55
N VAL G 225 43.06 14.11 -8.96
CA VAL G 225 41.98 14.38 -8.01
C VAL G 225 41.53 13.09 -7.33
N ALA G 226 41.50 11.98 -8.09
CA ALA G 226 41.25 10.68 -7.47
C ALA G 226 42.37 10.32 -6.50
N ALA G 227 43.60 10.67 -6.84
CA ALA G 227 44.71 10.51 -5.90
C ALA G 227 44.65 11.52 -4.75
N GLU G 228 43.85 12.58 -4.89
CA GLU G 228 43.73 13.55 -3.81
C GLU G 228 42.88 13.03 -2.66
N SER G 229 41.96 12.11 -2.94
CA SER G 229 41.06 11.58 -1.93
C SER G 229 41.50 10.23 -1.38
N CYS G 230 42.72 9.78 -1.70
CA CYS G 230 43.25 8.47 -1.29
C CYS G 230 42.34 7.34 -1.73
N LYS G 231 41.84 7.43 -2.96
CA LYS G 231 40.93 6.43 -3.52
C LYS G 231 41.67 5.70 -4.64
N ALA G 232 42.39 4.64 -4.26
CA ALA G 232 43.16 3.86 -5.23
C ALA G 232 42.28 3.07 -6.18
N ASP G 233 41.01 2.87 -5.84
CA ASP G 233 40.13 2.05 -6.68
C ASP G 233 39.86 2.70 -8.03
N VAL G 234 39.53 4.00 -8.03
CA VAL G 234 39.23 4.70 -9.28
C VAL G 234 40.47 5.31 -9.93
N VAL G 235 41.61 5.32 -9.23
CA VAL G 235 42.85 5.75 -9.85
C VAL G 235 43.24 4.81 -10.98
N GLU G 236 43.12 3.50 -10.76
CA GLU G 236 43.40 2.53 -11.80
C GLU G 236 42.42 2.64 -12.95
N LEU G 237 41.17 3.04 -12.67
CA LEU G 237 40.19 3.23 -13.74
C LEU G 237 40.62 4.35 -14.69
N LEU G 238 41.08 5.46 -14.14
CA LEU G 238 41.54 6.57 -14.97
C LEU G 238 42.85 6.24 -15.67
N LEU G 239 43.72 5.48 -15.00
CA LEU G 239 44.96 5.05 -15.64
C LEU G 239 44.69 4.12 -16.80
N SER G 240 43.71 3.23 -16.67
CA SER G 240 43.36 2.28 -17.71
C SER G 240 42.47 2.88 -18.79
N HIS G 241 42.01 4.11 -18.62
CA HIS G 241 41.09 4.74 -19.56
C HIS G 241 41.81 5.74 -20.45
N ALA G 242 41.45 5.74 -21.74
CA ALA G 242 41.95 6.67 -22.77
C ALA G 242 43.46 6.49 -22.86
N ASP G 243 44.24 7.57 -22.88
CA ASP G 243 45.68 7.45 -23.01
C ASP G 243 46.30 6.93 -21.71
N CYS G 244 47.31 6.08 -21.86
CA CYS G 244 48.08 5.65 -20.70
C CYS G 244 48.85 6.82 -20.10
N ASP G 245 49.59 7.56 -20.95
CA ASP G 245 50.27 8.80 -20.58
C ASP G 245 51.24 8.56 -19.42
N ARG G 246 52.30 7.80 -19.75
CA ARG G 246 53.21 7.22 -18.77
C ARG G 246 53.82 8.26 -17.82
N ARG G 247 53.99 9.50 -18.29
CA ARG G 247 54.53 10.54 -17.40
C ARG G 247 53.60 10.80 -16.22
N SER G 248 52.29 10.83 -16.46
CA SER G 248 51.34 10.92 -15.35
C SER G 248 51.13 9.59 -14.64
N ARG G 249 51.44 8.47 -15.30
CA ARG G 249 51.28 7.16 -14.68
C ARG G 249 52.23 6.99 -13.50
N ILE G 250 53.49 7.42 -13.65
CA ILE G 250 54.45 7.32 -12.55
C ILE G 250 54.09 8.28 -11.44
N GLU G 251 53.72 9.52 -11.77
CA GLU G 251 53.39 10.50 -10.75
C GLU G 251 52.07 10.22 -10.08
N ALA G 252 51.21 9.39 -10.70
CA ALA G 252 50.00 8.95 -10.02
C ALA G 252 50.35 8.12 -8.79
N LEU G 253 51.35 7.26 -8.92
CA LEU G 253 51.87 6.54 -7.75
C LEU G 253 52.53 7.51 -6.76
N GLU G 254 53.19 8.54 -7.29
CA GLU G 254 53.84 9.53 -6.41
C GLU G 254 52.80 10.30 -5.62
N LEU G 255 51.73 10.74 -6.27
CA LEU G 255 50.74 11.57 -5.59
C LEU G 255 49.90 10.75 -4.61
N LEU G 256 49.48 9.55 -5.01
CA LEU G 256 48.67 8.72 -4.13
C LEU G 256 49.45 8.29 -2.90
N GLY G 257 50.72 7.92 -3.08
CA GLY G 257 51.55 7.57 -1.95
C GLY G 257 51.95 8.74 -1.08
N ALA G 258 51.91 9.96 -1.63
CA ALA G 258 52.29 11.13 -0.85
C ALA G 258 51.36 11.35 0.34
N SER G 259 50.06 11.13 0.14
CA SER G 259 49.08 11.45 1.21
C SER G 259 48.97 10.34 2.27
N PHE G 260 49.35 9.11 1.95
CA PHE G 260 49.10 8.02 2.88
C PHE G 260 49.96 8.12 4.14
N ALA G 261 51.08 8.83 4.09
CA ALA G 261 51.80 9.16 5.31
C ALA G 261 51.55 10.58 5.78
N ASN G 262 50.72 11.34 5.08
CA ASN G 262 50.49 12.75 5.43
C ASN G 262 49.01 13.10 5.29
N ASP G 263 48.13 12.23 5.77
CA ASP G 263 46.71 12.52 5.81
C ASP G 263 46.12 11.98 7.10
N ARG G 264 45.19 12.75 7.70
CA ARG G 264 44.58 12.33 8.94
C ARG G 264 43.67 11.12 8.75
N GLU G 265 42.89 11.11 7.66
CA GLU G 265 41.99 10.00 7.43
C GLU G 265 42.72 8.74 6.99
N ASN G 266 43.89 8.88 6.38
CA ASN G 266 44.66 7.75 5.87
C ASN G 266 46.12 7.97 6.28
N TYR G 267 46.51 7.39 7.41
CA TYR G 267 47.88 7.47 7.91
C TYR G 267 48.49 6.08 7.77
N ASP G 268 49.04 5.80 6.60
CA ASP G 268 49.67 4.51 6.29
C ASP G 268 51.09 4.80 5.81
N ILE G 269 52.06 4.61 6.70
CA ILE G 269 53.44 4.95 6.38
C ILE G 269 54.02 3.96 5.37
N ILE G 270 53.70 2.68 5.51
CA ILE G 270 54.28 1.67 4.63
C ILE G 270 53.73 1.78 3.22
N LYS G 271 52.47 2.20 3.07
CA LYS G 271 51.89 2.39 1.75
C LYS G 271 52.56 3.51 0.97
N THR G 272 53.15 4.49 1.67
CA THR G 272 53.83 5.59 1.00
C THR G 272 55.09 5.10 0.29
N TYR G 273 55.87 4.24 0.94
CA TYR G 273 57.03 3.64 0.30
C TYR G 273 56.65 2.82 -0.93
N HIS G 274 55.69 1.91 -0.77
CA HIS G 274 55.42 0.93 -1.81
C HIS G 274 54.79 1.59 -3.04
N TYR G 275 53.98 2.64 -2.84
CA TYR G 275 53.53 3.43 -3.98
C TYR G 275 54.70 4.18 -4.61
N LEU G 276 55.60 4.73 -3.79
CA LEU G 276 56.77 5.41 -4.32
C LEU G 276 57.73 4.42 -4.97
N TYR G 277 57.87 3.22 -4.40
CA TYR G 277 58.69 2.19 -5.01
C TYR G 277 58.13 1.78 -6.37
N LEU G 278 56.81 1.67 -6.48
CA LEU G 278 56.18 1.44 -7.78
C LEU G 278 56.47 2.58 -8.74
N ALA G 279 56.43 3.82 -8.24
CA ALA G 279 56.83 4.96 -9.04
C ALA G 279 58.31 4.88 -9.39
N MET G 280 59.15 4.49 -8.43
CA MET G 280 60.58 4.38 -8.70
C MET G 280 60.89 3.17 -9.57
N LEU G 281 60.08 2.10 -9.48
CA LEU G 281 60.27 0.97 -10.38
C LEU G 281 59.96 1.34 -11.82
N GLU G 282 58.80 1.95 -12.05
CA GLU G 282 58.37 2.27 -13.40
C GLU G 282 59.16 3.43 -14.01
N ARG G 283 59.74 4.30 -13.19
CA ARG G 283 60.50 5.43 -13.71
C ARG G 283 61.78 4.96 -14.39
N PHE G 284 62.42 3.91 -13.88
CA PHE G 284 63.65 3.38 -14.46
C PHE G 284 63.47 1.97 -15.02
N GLN G 285 62.23 1.54 -15.27
CA GLN G 285 62.00 0.19 -15.77
C GLN G 285 62.44 0.08 -17.24
N ASP G 286 62.25 1.14 -18.02
CA ASP G 286 62.53 1.06 -19.45
C ASP G 286 64.03 0.98 -19.74
N GLY G 287 64.86 1.53 -18.87
CA GLY G 287 66.29 1.55 -19.13
C GLY G 287 66.70 2.81 -19.88
N ASP G 288 66.80 2.70 -21.20
CA ASP G 288 67.04 3.87 -22.03
C ASP G 288 65.81 4.77 -22.03
N ASN G 289 65.94 5.92 -22.70
CA ASN G 289 65.03 7.07 -22.62
C ASN G 289 64.53 7.29 -21.20
N ILE G 290 65.49 7.32 -20.27
CA ILE G 290 65.18 7.37 -18.85
C ILE G 290 64.64 8.74 -18.47
N LEU G 291 63.64 8.74 -17.60
CA LEU G 291 63.09 9.96 -17.02
C LEU G 291 63.52 10.05 -15.57
N GLU G 292 63.65 11.28 -15.08
CA GLU G 292 64.06 11.52 -13.71
C GLU G 292 63.21 12.65 -13.12
N LYS G 293 63.12 12.65 -11.80
CA LYS G 293 62.40 13.71 -11.10
C LYS G 293 63.10 15.04 -11.28
N GLU G 294 62.32 16.10 -11.46
CA GLU G 294 62.90 17.43 -11.52
C GLU G 294 63.48 17.81 -10.16
N VAL G 295 64.67 18.41 -10.19
CA VAL G 295 65.44 18.65 -8.96
C VAL G 295 64.99 20.01 -8.42
N LEU G 296 63.89 20.00 -7.66
CA LEU G 296 63.50 21.19 -6.94
C LEU G 296 64.48 21.44 -5.79
N PRO G 297 64.73 22.70 -5.45
CA PRO G 297 65.65 22.98 -4.35
C PRO G 297 65.09 22.48 -3.03
N PRO G 298 65.94 22.03 -2.12
CA PRO G 298 65.45 21.61 -0.80
C PRO G 298 64.81 22.78 -0.06
N ILE G 299 63.71 22.48 0.63
CA ILE G 299 62.92 23.47 1.36
C ILE G 299 63.19 23.29 2.84
N HIS G 300 63.49 24.40 3.53
CA HIS G 300 63.87 24.34 4.93
C HIS G 300 62.77 23.77 5.81
N ALA G 301 61.51 23.98 5.42
CA ALA G 301 60.40 23.35 6.14
C ALA G 301 60.48 21.83 6.04
N TYR G 302 60.78 21.32 4.85
CA TYR G 302 60.95 19.88 4.65
C TYR G 302 62.41 19.46 4.76
N GLY G 303 63.05 19.87 5.87
CA GLY G 303 64.44 19.50 6.10
C GLY G 303 65.36 20.09 5.05
N ASN G 304 66.18 19.21 4.46
CA ASN G 304 67.02 19.60 3.32
C ASN G 304 67.09 18.47 2.29
N ARG G 305 66.02 17.68 2.18
CA ARG G 305 66.02 16.55 1.26
C ARG G 305 65.92 17.03 -0.19
N THR G 306 66.47 16.22 -1.09
CA THR G 306 66.54 16.55 -2.52
C THR G 306 65.78 15.51 -3.36
N GLU G 307 64.61 15.11 -2.87
CA GLU G 307 63.73 14.11 -3.49
C GLU G 307 64.39 12.75 -3.65
N CYS G 308 63.72 11.83 -4.32
CA CYS G 308 64.17 10.45 -4.47
C CYS G 308 64.34 10.16 -5.96
N ARG G 309 65.51 10.49 -6.49
CA ARG G 309 65.83 10.23 -7.89
C ARG G 309 66.45 8.85 -8.10
N ASN G 310 66.55 8.05 -7.05
CA ASN G 310 67.08 6.70 -7.13
C ASN G 310 66.30 5.79 -6.21
N PRO G 311 66.17 4.50 -6.55
CA PRO G 311 65.49 3.57 -5.64
C PRO G 311 66.30 3.24 -4.40
N GLN G 312 67.62 3.49 -4.41
CA GLN G 312 68.46 3.16 -3.27
C GLN G 312 68.22 4.11 -2.11
N GLU G 313 68.12 5.42 -2.39
CA GLU G 313 67.87 6.38 -1.34
C GLU G 313 66.45 6.26 -0.78
N LEU G 314 65.48 5.93 -1.63
CA LEU G 314 64.13 5.65 -1.15
C LEU G 314 64.10 4.37 -0.31
N GLU G 315 64.95 3.40 -0.66
CA GLU G 315 65.07 2.18 0.14
C GLU G 315 65.53 2.49 1.56
N SER G 316 66.48 3.42 1.70
CA SER G 316 67.03 3.73 3.01
C SER G 316 66.01 4.43 3.90
N ILE G 317 65.17 5.29 3.33
CA ILE G 317 64.26 6.11 4.12
C ILE G 317 62.94 5.38 4.33
N ARG G 318 62.85 4.14 3.87
CA ARG G 318 61.66 3.33 4.14
C ARG G 318 61.50 3.06 5.63
N GLN G 319 62.62 2.83 6.31
CA GLN G 319 62.59 2.55 7.75
C GLN G 319 62.45 3.80 8.59
N ASP G 320 62.61 4.99 8.01
CA ASP G 320 62.50 6.24 8.73
C ASP G 320 61.09 6.81 8.54
N ARG G 321 60.39 7.04 9.65
CA ARG G 321 59.02 7.56 9.56
C ARG G 321 59.01 9.01 9.10
N ASP G 322 59.87 9.84 9.69
CA ASP G 322 59.85 11.27 9.40
C ASP G 322 60.41 11.59 8.01
N ALA G 323 61.38 10.79 7.54
CA ALA G 323 61.92 11.02 6.21
C ALA G 323 60.88 10.81 5.13
N LEU G 324 60.05 9.78 5.28
CA LEU G 324 58.94 9.59 4.34
C LEU G 324 57.88 10.67 4.50
N HIS G 325 57.69 11.17 5.73
CA HIS G 325 56.80 12.31 5.92
C HIS G 325 57.33 13.54 5.20
N MET G 326 58.63 13.79 5.30
CA MET G 326 59.25 14.90 4.55
C MET G 326 59.16 14.66 3.06
N GLU G 327 59.61 13.48 2.61
CA GLU G 327 59.65 13.19 1.17
C GLU G 327 58.25 13.14 0.58
N GLY G 328 57.29 12.63 1.34
CA GLY G 328 55.92 12.56 0.85
C GLY G 328 55.33 13.93 0.53
N LEU G 329 55.60 14.91 1.38
CA LEU G 329 55.07 16.24 1.13
C LEU G 329 55.94 17.05 0.16
N ILE G 330 57.18 16.61 -0.09
CA ILE G 330 57.99 17.27 -1.11
C ILE G 330 57.41 17.01 -2.50
N VAL G 331 57.11 15.75 -2.79
CA VAL G 331 56.58 15.40 -4.11
C VAL G 331 55.15 15.91 -4.27
N ARG G 332 54.39 15.97 -3.17
CA ARG G 332 53.05 16.54 -3.24
C ARG G 332 53.09 18.02 -3.59
N GLU G 333 54.02 18.76 -2.97
CA GLU G 333 54.23 20.15 -3.34
C GLU G 333 54.75 20.26 -4.77
N ARG G 334 55.64 19.35 -5.16
CA ARG G 334 56.24 19.40 -6.49
C ARG G 334 55.20 19.17 -7.59
N ILE G 335 54.28 18.21 -7.38
CA ILE G 335 53.35 17.84 -8.44
C ILE G 335 52.16 18.79 -8.49
N LEU G 336 51.48 18.96 -7.36
CA LEU G 336 50.25 19.75 -7.33
C LEU G 336 50.49 21.24 -7.53
N GLY G 337 51.73 21.72 -7.40
CA GLY G 337 52.00 23.13 -7.56
C GLY G 337 51.74 23.90 -6.28
N ALA G 338 51.42 25.18 -6.44
CA ALA G 338 51.24 26.11 -5.34
C ALA G 338 50.00 26.96 -5.53
N ASP G 339 48.89 26.33 -5.95
CA ASP G 339 47.69 27.09 -6.27
C ASP G 339 46.40 26.40 -5.82
N ASN G 340 46.48 25.42 -4.92
CA ASN G 340 45.30 24.68 -4.50
C ASN G 340 45.31 24.49 -2.99
N ILE G 341 44.12 24.42 -2.40
CA ILE G 341 43.97 24.15 -0.97
C ILE G 341 44.33 22.73 -0.61
N ASP G 342 44.39 21.82 -1.58
CA ASP G 342 44.67 20.42 -1.30
C ASP G 342 46.13 20.16 -0.99
N VAL G 343 47.03 21.11 -1.25
CA VAL G 343 48.43 20.89 -0.92
C VAL G 343 48.77 21.44 0.47
N SER G 344 48.08 22.49 0.93
CA SER G 344 48.35 23.04 2.24
C SER G 344 47.75 22.20 3.36
N HIS G 345 46.61 21.55 3.09
CA HIS G 345 45.93 20.78 4.14
C HIS G 345 46.78 19.66 4.73
N PRO G 346 47.53 18.84 3.96
CA PRO G 346 48.44 17.90 4.61
C PRO G 346 49.53 18.57 5.43
N ILE G 347 50.00 19.75 5.02
CA ILE G 347 50.99 20.47 5.81
C ILE G 347 50.40 20.91 7.14
N ILE G 348 49.11 21.26 7.15
CA ILE G 348 48.42 21.54 8.41
C ILE G 348 48.41 20.31 9.30
N TYR G 349 48.07 19.15 8.71
CA TYR G 349 48.08 17.91 9.47
C TYR G 349 49.49 17.51 9.88
N ARG G 350 50.46 17.64 8.96
CA ARG G 350 51.83 17.29 9.29
C ARG G 350 52.43 18.25 10.31
N GLY G 351 52.06 19.53 10.24
CA GLY G 351 52.47 20.46 11.27
C GLY G 351 51.82 20.17 12.61
N ALA G 352 50.52 19.85 12.60
CA ALA G 352 49.81 19.58 13.86
C ALA G 352 50.26 18.29 14.50
N VAL G 353 50.66 17.30 13.70
CA VAL G 353 51.26 16.08 14.26
C VAL G 353 52.56 16.41 14.95
N TYR G 354 53.39 17.25 14.31
CA TYR G 354 54.63 17.68 14.94
C TYR G 354 54.38 18.59 16.14
N ALA G 355 53.21 19.23 16.21
CA ALA G 355 52.84 19.98 17.40
C ALA G 355 52.57 19.06 18.58
N ASP G 356 51.87 17.93 18.34
CA ASP G 356 51.60 16.99 19.41
C ASP G 356 52.83 16.19 19.80
N ASN G 357 53.75 15.98 18.88
CA ASN G 357 54.96 15.21 19.16
C ASN G 357 56.06 16.04 19.81
N MET G 358 55.74 17.27 20.24
CA MET G 358 56.64 18.18 20.96
C MET G 358 57.88 18.55 20.14
N GLU G 359 57.86 18.32 18.83
CA GLU G 359 58.94 18.79 17.94
C GLU G 359 58.67 20.24 17.56
N PHE G 360 58.80 21.11 18.58
CA PHE G 360 58.33 22.47 18.45
C PHE G 360 59.26 23.33 17.61
N GLU G 361 60.52 22.90 17.44
CA GLU G 361 61.41 23.61 16.53
C GLU G 361 61.01 23.40 15.08
N GLN G 362 60.35 22.28 14.78
CA GLN G 362 60.04 21.92 13.40
C GLN G 362 58.58 22.11 13.04
N CYS G 363 57.66 21.98 14.01
CA CYS G 363 56.24 22.18 13.73
C CYS G 363 55.95 23.61 13.31
N ILE G 364 56.73 24.57 13.81
CA ILE G 364 56.61 25.95 13.37
C ILE G 364 57.01 26.08 11.90
N LYS G 365 58.08 25.40 11.50
CA LYS G 365 58.60 25.52 10.14
C LYS G 365 57.59 25.01 9.11
N LEU G 366 56.90 23.92 9.43
CA LEU G 366 55.83 23.44 8.56
C LEU G 366 54.72 24.47 8.44
N TRP G 367 54.27 25.00 9.59
CA TRP G 367 53.30 26.08 9.58
C TRP G 367 53.89 27.38 9.04
N LEU G 368 55.21 27.54 9.09
CA LEU G 368 55.84 28.70 8.47
C LEU G 368 55.64 28.69 6.96
N HIS G 369 55.99 27.57 6.31
CA HIS G 369 55.85 27.49 4.86
C HIS G 369 54.38 27.36 4.44
N ALA G 370 53.56 26.71 5.27
CA ALA G 370 52.14 26.58 4.94
C ALA G 370 51.46 27.93 4.92
N LEU G 371 51.76 28.78 5.92
CA LEU G 371 51.14 30.11 5.97
C LEU G 371 51.63 31.00 4.84
N HIS G 372 52.87 30.80 4.38
CA HIS G 372 53.33 31.50 3.18
C HIS G 372 52.48 31.10 1.98
N LEU G 373 52.23 29.80 1.82
CA LEU G 373 51.44 29.31 0.71
C LEU G 373 49.95 29.58 0.90
N ARG G 374 49.47 29.57 2.15
CA ARG G 374 48.05 29.79 2.40
C ARG G 374 47.62 31.19 1.98
N GLN G 375 48.46 32.19 2.26
CA GLN G 375 48.15 33.55 1.83
C GLN G 375 48.54 33.80 0.38
N LYS G 376 49.34 32.92 -0.22
CA LYS G 376 49.63 33.05 -1.65
C LYS G 376 48.37 32.82 -2.48
N GLY G 377 47.54 31.86 -2.10
CA GLY G 377 46.29 31.62 -2.79
C GLY G 377 45.21 32.64 -2.50
N ASN G 378 45.42 33.51 -1.51
CA ASN G 378 44.50 34.58 -1.12
C ASN G 378 43.15 34.00 -0.68
N ARG G 379 43.20 33.22 0.39
CA ARG G 379 42.01 32.71 1.06
C ARG G 379 42.04 33.15 2.52
N ASN G 380 41.01 32.75 3.27
CA ASN G 380 40.89 33.11 4.68
C ASN G 380 41.80 32.20 5.50
N THR G 381 42.97 32.71 5.87
CA THR G 381 43.95 31.95 6.65
C THR G 381 43.80 32.18 8.14
N HIS G 382 42.58 32.52 8.60
CA HIS G 382 42.37 32.83 10.01
C HIS G 382 42.62 31.62 10.89
N LYS G 383 42.26 30.43 10.41
CA LYS G 383 42.46 29.22 11.20
C LYS G 383 43.94 28.93 11.41
N ASP G 384 44.75 29.09 10.37
CA ASP G 384 46.18 28.85 10.49
C ASP G 384 46.84 29.86 11.41
N LEU G 385 46.45 31.14 11.30
CA LEU G 385 46.93 32.13 12.25
C LEU G 385 46.44 31.85 13.66
N LEU G 386 45.23 31.28 13.79
CA LEU G 386 44.74 30.87 15.10
C LEU G 386 45.60 29.78 15.70
N ARG G 387 46.04 28.82 14.88
CA ARG G 387 46.90 27.75 15.36
C ARG G 387 48.27 28.25 15.78
N PHE G 388 48.71 29.41 15.26
CA PHE G 388 49.94 30.01 15.74
C PHE G 388 49.79 30.45 17.20
N ALA G 389 48.61 30.95 17.57
CA ALA G 389 48.35 31.30 18.96
C ALA G 389 48.36 30.08 19.87
N GLN G 390 47.88 28.94 19.37
CA GLN G 390 47.86 27.73 20.19
C GLN G 390 49.26 27.21 20.47
N VAL G 391 50.08 27.10 19.43
CA VAL G 391 51.40 26.49 19.58
C VAL G 391 52.34 27.39 20.36
N PHE G 392 52.26 28.71 20.15
CA PHE G 392 53.11 29.63 20.90
C PHE G 392 52.73 29.65 22.37
N SER G 393 51.43 29.63 22.67
CA SER G 393 50.99 29.51 24.05
C SER G 393 51.41 28.17 24.64
N GLN G 394 51.33 27.10 23.83
CA GLN G 394 51.86 25.82 24.26
C GLN G 394 53.38 25.88 24.45
N MET G 395 54.06 26.64 23.59
CA MET G 395 55.50 26.84 23.76
C MET G 395 55.80 27.60 25.05
N ILE G 396 54.97 28.59 25.38
CA ILE G 396 55.13 29.30 26.66
C ILE G 396 54.73 28.40 27.81
N HIS G 397 53.68 27.60 27.64
CA HIS G 397 53.25 26.67 28.68
C HIS G 397 54.31 25.64 28.98
N LEU G 398 55.09 25.24 27.96
CA LEU G 398 56.20 24.31 28.14
C LEU G 398 57.52 25.02 28.39
N ASN G 399 57.47 26.23 28.98
CA ASN G 399 58.60 27.10 29.33
C ASN G 399 59.68 27.16 28.25
N GLU G 400 59.28 27.27 26.99
CA GLU G 400 60.20 27.37 25.87
C GLU G 400 60.01 28.71 25.16
N THR G 401 61.12 29.29 24.72
CA THR G 401 61.07 30.56 24.02
C THR G 401 60.54 30.37 22.60
N VAL G 402 59.82 31.39 22.13
CA VAL G 402 59.34 31.45 20.75
C VAL G 402 60.35 32.26 19.94
N LYS G 403 60.80 31.71 18.82
CA LYS G 403 61.79 32.39 18.00
C LYS G 403 61.20 33.64 17.38
N ALA G 404 61.96 34.73 17.42
CA ALA G 404 61.41 36.03 17.02
C ALA G 404 61.29 36.21 15.51
N PRO G 405 62.29 35.87 14.67
CA PRO G 405 62.05 35.95 13.23
C PRO G 405 60.93 35.03 12.74
N ASP G 406 60.74 33.88 13.40
CA ASP G 406 59.63 33.00 13.05
C ASP G 406 58.29 33.65 13.39
N ILE G 407 58.18 34.24 14.58
CA ILE G 407 56.96 34.95 14.94
C ILE G 407 56.86 36.27 14.20
N GLU G 408 57.97 36.76 13.65
CA GLU G 408 57.90 37.96 12.80
C GLU G 408 57.18 37.68 11.49
N CYS G 409 57.34 36.47 10.95
CA CYS G 409 56.74 36.15 9.66
C CYS G 409 55.23 36.03 9.76
N VAL G 410 54.73 35.37 10.80
CA VAL G 410 53.28 35.22 10.97
C VAL G 410 52.64 36.58 11.28
N LEU G 411 53.35 37.44 12.01
CA LEU G 411 52.84 38.79 12.27
C LEU G 411 52.75 39.60 10.98
N ARG G 412 53.71 39.43 10.08
CA ARG G 412 53.61 40.07 8.77
C ARG G 412 52.40 39.57 8.00
N CYS G 413 52.17 38.26 8.03
CA CYS G 413 51.02 37.69 7.32
C CYS G 413 49.71 38.07 8.00
N SER G 414 49.70 38.10 9.34
CA SER G 414 48.47 38.39 10.08
C SER G 414 47.97 39.80 9.80
N VAL G 415 48.88 40.78 9.79
CA VAL G 415 48.50 42.15 9.45
C VAL G 415 48.04 42.22 8.00
N LEU G 416 48.75 41.53 7.11
CA LEU G 416 48.32 41.44 5.71
C LEU G 416 46.98 40.74 5.59
N GLU G 417 46.76 39.69 6.40
CA GLU G 417 45.47 39.01 6.40
C GLU G 417 44.38 39.88 6.99
N ILE G 418 44.72 40.70 7.98
CA ILE G 418 43.74 41.63 8.55
C ILE G 418 43.32 42.66 7.51
N GLU G 419 44.28 43.14 6.71
CA GLU G 419 43.95 44.03 5.59
C GLU G 419 43.07 43.32 4.58
N GLN G 420 43.41 42.08 4.22
CA GLN G 420 42.62 41.35 3.23
C GLN G 420 41.30 40.87 3.80
N SER G 421 41.16 40.81 5.13
CA SER G 421 39.87 40.43 5.71
C SER G 421 38.85 41.54 5.56
N MET G 422 39.24 42.78 5.83
CA MET G 422 38.31 43.90 5.72
C MET G 422 37.99 44.24 4.27
N ASN G 423 38.82 43.80 3.32
CA ASN G 423 38.48 43.96 1.91
C ASN G 423 37.25 43.14 1.55
N ARG G 424 37.21 41.88 1.98
CA ARG G 424 36.06 41.02 1.71
C ARG G 424 34.85 41.43 2.53
N VAL G 425 35.07 41.93 3.76
CA VAL G 425 33.97 42.43 4.58
C VAL G 425 33.31 43.62 3.90
N LYS G 426 34.11 44.55 3.39
CA LYS G 426 33.57 45.68 2.63
C LYS G 426 32.94 45.22 1.32
N ASN G 427 33.56 44.25 0.66
CA ASN G 427 33.05 43.79 -0.64
C ASN G 427 31.73 43.04 -0.49
N ILE G 428 31.67 42.10 0.45
CA ILE G 428 30.46 41.30 0.66
C ILE G 428 29.46 42.17 1.42
N SER G 429 28.37 42.54 0.74
CA SER G 429 27.38 43.46 1.31
C SER G 429 26.66 42.86 2.51
N ASP G 430 25.84 41.82 2.28
CA ASP G 430 25.05 41.24 3.36
C ASP G 430 25.00 39.71 3.36
N ALA G 431 25.41 39.03 2.29
CA ALA G 431 25.20 37.59 2.20
C ALA G 431 26.07 36.84 3.20
N ASP G 432 27.36 37.16 3.25
CA ASP G 432 28.30 36.46 4.12
C ASP G 432 29.22 37.48 4.80
N VAL G 433 28.63 38.55 5.32
CA VAL G 433 29.40 39.59 5.98
C VAL G 433 29.38 39.46 7.50
N HIS G 434 28.38 38.76 8.06
CA HIS G 434 28.30 38.58 9.50
C HIS G 434 29.46 37.73 10.02
N ASN G 435 29.70 36.59 9.38
CA ASN G 435 30.81 35.73 9.81
C ASN G 435 32.15 36.30 9.37
N ALA G 436 32.20 37.00 8.24
CA ALA G 436 33.45 37.61 7.79
C ALA G 436 33.92 38.69 8.76
N MET G 437 33.00 39.52 9.24
CA MET G 437 33.35 40.47 10.29
C MET G 437 33.65 39.75 11.60
N ASP G 438 32.94 38.66 11.88
CA ASP G 438 33.28 37.83 13.02
C ASP G 438 34.66 37.22 12.87
N ASN G 439 35.00 36.78 11.65
CA ASN G 439 36.37 36.39 11.36
C ASN G 439 37.31 37.59 11.46
N TYR G 440 36.87 38.76 10.99
CA TYR G 440 37.66 39.97 11.12
C TYR G 440 37.89 40.34 12.58
N GLU G 441 36.86 40.19 13.41
CA GLU G 441 37.05 40.33 14.85
C GLU G 441 37.92 39.21 15.39
N CYS G 442 37.76 37.99 14.85
CA CYS G 442 38.67 36.90 15.20
C CYS G 442 40.09 37.19 14.73
N ASN G 443 40.23 37.90 13.61
CA ASN G 443 41.54 38.35 13.18
C ASN G 443 42.16 39.29 14.20
N LEU G 444 41.35 40.19 14.77
CA LEU G 444 41.82 41.01 15.88
C LEU G 444 42.01 40.18 17.14
N TYR G 445 41.18 39.15 17.34
CA TYR G 445 41.38 38.25 18.47
C TYR G 445 42.74 37.56 18.37
N THR G 446 43.05 37.01 17.20
CA THR G 446 44.29 36.27 17.00
C THR G 446 45.51 37.18 16.96
N PHE G 447 45.37 38.37 16.37
CA PHE G 447 46.50 39.29 16.28
C PHE G 447 46.98 39.73 17.65
N LEU G 448 46.05 40.00 18.57
CA LEU G 448 46.42 40.38 19.92
C LEU G 448 47.17 39.26 20.64
N TYR G 449 46.83 38.01 20.34
CA TYR G 449 47.59 36.89 20.88
C TYR G 449 49.02 36.90 20.36
N LEU G 450 49.19 37.23 19.08
CA LEU G 450 50.54 37.37 18.53
C LEU G 450 51.30 38.50 19.21
N VAL G 451 50.60 39.60 19.51
CA VAL G 451 51.19 40.65 20.33
C VAL G 451 51.48 40.12 21.73
N CYS G 452 50.57 39.29 22.26
CA CYS G 452 50.74 38.75 23.60
C CYS G 452 51.98 37.86 23.70
N ILE G 453 52.20 37.00 22.71
CA ILE G 453 53.40 36.16 22.71
C ILE G 453 54.65 37.01 22.49
N SER G 454 54.56 38.03 21.62
CA SER G 454 55.71 38.88 21.36
C SER G 454 56.09 39.69 22.60
N THR G 455 55.17 39.86 23.55
CA THR G 455 55.49 40.57 24.78
C THR G 455 56.16 39.66 25.80
N LYS G 456 55.56 38.50 26.07
CA LYS G 456 56.03 37.63 27.15
C LYS G 456 57.38 37.01 26.87
N THR G 457 57.76 36.87 25.59
CA THR G 457 59.06 36.31 25.25
C THR G 457 60.13 37.39 25.28
N GLN G 458 61.38 36.96 25.13
CA GLN G 458 62.53 37.85 25.05
C GLN G 458 63.10 37.79 23.64
N CYS G 459 63.24 38.96 23.01
CA CYS G 459 63.69 39.06 21.63
C CYS G 459 64.82 40.07 21.52
N SER G 460 65.41 40.13 20.32
CA SER G 460 66.50 41.05 20.06
C SER G 460 65.97 42.43 19.68
N GLU G 461 66.89 43.38 19.47
CA GLU G 461 66.50 44.76 19.19
C GLU G 461 65.83 44.88 17.83
N GLU G 462 66.46 44.34 16.78
CA GLU G 462 65.87 44.44 15.44
C GLU G 462 64.64 43.55 15.29
N ASP G 463 64.57 42.47 16.07
CA ASP G 463 63.36 41.64 16.06
C ASP G 463 62.17 42.39 16.64
N GLN G 464 62.38 43.05 17.78
CA GLN G 464 61.31 43.87 18.34
C GLN G 464 61.04 45.10 17.49
N CYS G 465 62.06 45.60 16.77
CA CYS G 465 61.85 46.72 15.86
C CYS G 465 60.91 46.35 14.73
N LYS G 466 61.11 45.17 14.14
CA LYS G 466 60.18 44.68 13.12
C LYS G 466 58.88 44.18 13.70
N ILE G 467 58.85 43.86 14.99
CA ILE G 467 57.59 43.57 15.67
C ILE G 467 56.71 44.82 15.70
N ASN G 468 57.31 45.97 16.05
CA ASN G 468 56.54 47.21 16.09
C ASN G 468 56.19 47.71 14.70
N LYS G 469 57.02 47.38 13.70
CA LYS G 469 56.76 47.85 12.34
C LYS G 469 55.47 47.27 11.78
N GLN G 470 55.21 45.98 12.04
CA GLN G 470 54.00 45.35 11.52
C GLN G 470 52.74 45.93 12.15
N ILE G 471 52.77 46.16 13.46
CA ILE G 471 51.61 46.73 14.14
C ILE G 471 51.40 48.18 13.72
N TYR G 472 52.48 48.92 13.51
CA TYR G 472 52.37 50.35 13.23
C TYR G 472 51.63 50.63 11.93
N ASN G 473 51.89 49.83 10.90
CA ASN G 473 51.12 49.94 9.67
C ASN G 473 49.66 49.59 9.91
N LEU G 474 49.40 48.58 10.74
CA LEU G 474 48.03 48.25 11.11
C LEU G 474 47.40 49.38 11.92
N ILE G 475 48.17 50.01 12.80
CA ILE G 475 47.68 51.17 13.54
C ILE G 475 47.35 52.31 12.58
N HIS G 476 48.14 52.46 11.51
CA HIS G 476 47.86 53.45 10.50
C HIS G 476 46.53 53.18 9.81
N LEU G 477 46.22 51.91 9.55
CA LEU G 477 44.93 51.55 8.98
C LEU G 477 43.80 51.63 10.00
N ASP G 478 44.12 51.53 11.29
CA ASP G 478 43.18 51.65 12.41
C ASP G 478 41.99 50.69 12.28
N PRO G 479 42.19 49.40 12.53
CA PRO G 479 41.06 48.47 12.46
C PRO G 479 40.03 48.74 13.55
N ARG G 480 38.77 48.45 13.24
CA ARG G 480 37.66 48.68 14.13
C ARG G 480 36.80 47.43 14.21
N THR G 481 36.05 47.32 15.30
CA THR G 481 35.15 46.20 15.53
C THR G 481 33.72 46.58 15.16
N ARG G 482 32.81 45.61 15.26
CA ARG G 482 31.40 45.88 15.01
C ARG G 482 30.82 46.81 16.07
N GLU G 483 31.29 46.70 17.31
CA GLU G 483 30.83 47.55 18.39
C GLU G 483 31.64 48.85 18.50
N GLY G 484 32.60 49.06 17.60
CA GLY G 484 33.42 50.24 17.65
C GLY G 484 34.59 50.18 18.61
N PHE G 485 34.92 49.00 19.13
CA PHE G 485 36.02 48.86 20.06
C PHE G 485 37.35 49.16 19.37
N THR G 486 38.23 49.86 20.09
CA THR G 486 39.57 50.10 19.59
C THR G 486 40.45 48.89 19.87
N LEU G 487 41.73 49.00 19.50
CA LEU G 487 42.66 47.91 19.76
C LEU G 487 42.96 47.77 21.24
N LEU G 488 42.91 48.87 21.99
CA LEU G 488 43.14 48.80 23.43
C LEU G 488 41.95 48.20 24.15
N HIS G 489 40.73 48.40 23.63
CA HIS G 489 39.54 47.85 24.26
C HIS G 489 39.58 46.33 24.26
N LEU G 490 40.00 45.73 23.15
CA LEU G 490 40.13 44.28 23.09
C LEU G 490 41.26 43.76 23.97
N ALA G 491 42.24 44.61 24.27
CA ALA G 491 43.34 44.24 25.15
C ALA G 491 43.04 44.48 26.62
N VAL G 492 41.86 45.01 26.94
CA VAL G 492 41.51 45.32 28.33
C VAL G 492 40.18 44.73 28.77
N ASN G 493 39.25 44.40 27.86
CA ASN G 493 37.97 43.86 28.28
C ASN G 493 38.11 42.39 28.66
N SER G 494 37.38 41.99 29.70
CA SER G 494 37.43 40.62 30.19
C SER G 494 36.48 39.69 29.45
N ASN G 495 35.73 40.19 28.48
CA ASN G 495 34.81 39.38 27.70
C ASN G 495 35.41 38.86 26.40
N THR G 496 36.70 39.09 26.17
CA THR G 496 37.34 38.66 24.93
C THR G 496 37.43 37.13 24.88
N PRO G 497 36.91 36.49 23.85
CA PRO G 497 37.00 35.02 23.79
C PRO G 497 38.42 34.55 23.55
N VAL G 498 38.76 33.42 24.17
CA VAL G 498 40.04 32.76 23.97
C VAL G 498 39.78 31.30 23.65
N ASP G 499 40.74 30.67 22.98
CA ASP G 499 40.58 29.28 22.56
C ASP G 499 40.66 28.34 23.77
N ASP G 500 39.97 27.20 23.65
CA ASP G 500 39.97 26.19 24.69
C ASP G 500 41.32 25.50 24.85
N PHE G 501 42.23 25.65 23.88
CA PHE G 501 43.57 25.08 23.95
C PHE G 501 44.47 25.94 24.82
N HIS G 502 45.79 25.74 24.69
CA HIS G 502 46.78 26.28 25.60
C HIS G 502 46.83 27.81 25.68
N THR G 503 45.98 28.50 24.90
CA THR G 503 45.92 29.95 24.94
C THR G 503 45.46 30.49 26.29
N ASN G 504 44.79 29.67 27.11
CA ASN G 504 44.36 30.13 28.42
C ASN G 504 45.53 30.45 29.33
N ASP G 505 46.70 29.87 29.06
CA ASP G 505 47.83 30.00 29.98
C ASP G 505 48.49 31.38 29.91
N VAL G 506 48.55 31.98 28.73
CA VAL G 506 49.39 33.17 28.56
C VAL G 506 48.59 34.37 28.07
N CYS G 507 47.47 34.12 27.38
CA CYS G 507 46.67 35.22 26.85
C CYS G 507 45.81 35.80 27.97
N SER G 508 46.05 37.07 28.31
CA SER G 508 45.42 37.71 29.45
C SER G 508 44.71 38.99 29.03
N PHE G 509 43.46 39.12 29.45
CA PHE G 509 42.66 40.33 29.24
C PHE G 509 41.85 40.62 30.50
N PRO G 510 42.09 41.74 31.18
CA PRO G 510 43.08 42.79 30.90
C PRO G 510 44.49 42.40 31.33
N ASN G 511 45.50 42.98 30.69
CA ASN G 511 46.89 42.78 31.07
C ASN G 511 47.65 44.06 30.76
N ALA G 512 48.40 44.56 31.76
CA ALA G 512 49.17 45.77 31.56
C ALA G 512 50.26 45.58 30.52
N LEU G 513 50.94 44.42 30.57
CA LEU G 513 52.01 44.13 29.61
C LEU G 513 51.46 44.01 28.19
N VAL G 514 50.25 43.46 28.04
CA VAL G 514 49.62 43.37 26.73
C VAL G 514 49.33 44.76 26.19
N THR G 515 48.79 45.63 27.04
CA THR G 515 48.53 47.00 26.62
C THR G 515 49.79 47.85 26.56
N LYS G 516 50.89 47.39 27.19
CA LYS G 516 52.11 48.19 27.22
C LYS G 516 52.73 48.30 25.83
N LEU G 517 52.91 47.17 25.14
CA LEU G 517 53.50 47.22 23.81
C LEU G 517 52.53 47.82 22.79
N LEU G 518 51.23 47.67 23.04
CA LEU G 518 50.24 48.36 22.20
C LEU G 518 50.38 49.86 22.31
N LEU G 519 50.57 50.36 23.54
CA LEU G 519 50.87 51.78 23.72
C LEU G 519 52.27 52.12 23.24
N ASP G 520 53.22 51.19 23.45
CA ASP G 520 54.59 51.43 22.99
C ASP G 520 54.66 51.54 21.47
N CYS G 521 53.78 50.85 20.76
CA CYS G 521 53.67 51.03 19.32
C CYS G 521 53.14 52.41 18.97
N GLY G 522 52.27 52.97 19.80
CA GLY G 522 51.62 54.22 19.50
C GLY G 522 50.26 54.00 18.86
N ALA G 523 49.45 53.16 19.50
CA ALA G 523 48.17 52.74 18.94
C ALA G 523 47.15 53.87 19.05
N GLU G 524 45.95 53.59 18.53
CA GLU G 524 44.83 54.52 18.70
C GLU G 524 44.43 54.56 20.17
N VAL G 525 44.77 55.66 20.84
CA VAL G 525 44.54 55.80 22.28
C VAL G 525 43.83 57.10 22.53
N ASN G 526 43.17 57.18 23.69
CA ASN G 526 42.48 58.37 24.20
C ASN G 526 41.30 58.79 23.33
N ALA G 527 40.96 57.97 22.34
CA ALA G 527 39.87 58.31 21.43
C ALA G 527 38.55 57.72 21.94
N VAL G 528 37.50 58.52 21.86
CA VAL G 528 36.18 58.07 22.28
C VAL G 528 35.62 57.13 21.23
N ASP G 529 35.34 55.89 21.62
CA ASP G 529 34.83 54.87 20.71
C ASP G 529 33.32 55.03 20.60
N ASN G 530 32.66 54.02 20.00
CA ASN G 530 31.20 54.00 19.98
C ASN G 530 30.64 53.91 21.39
N GLU G 531 31.27 53.09 22.24
CA GLU G 531 30.95 53.09 23.66
C GLU G 531 31.49 54.30 24.39
N GLY G 532 32.47 54.99 23.83
CA GLY G 532 33.02 56.19 24.41
C GLY G 532 34.07 55.98 25.47
N ASN G 533 34.40 54.74 25.80
CA ASN G 533 35.40 54.47 26.83
C ASN G 533 36.81 54.73 26.29
N SER G 534 37.61 55.43 27.07
CA SER G 534 38.99 55.71 26.73
C SER G 534 39.90 54.63 27.31
N ALA G 535 41.21 54.85 27.25
CA ALA G 535 42.14 53.89 27.84
C ALA G 535 41.98 53.81 29.35
N LEU G 536 41.81 54.96 30.01
CA LEU G 536 41.57 54.98 31.44
C LEU G 536 40.15 54.55 31.77
N HIS G 537 39.17 55.01 30.98
CA HIS G 537 37.76 54.71 31.27
C HIS G 537 37.47 53.22 31.15
N ILE G 538 38.03 52.56 30.14
CA ILE G 538 37.88 51.12 30.03
C ILE G 538 38.61 50.42 31.17
N ILE G 539 39.77 50.95 31.57
CA ILE G 539 40.47 50.42 32.74
C ILE G 539 39.65 50.68 34.01
N VAL G 540 38.98 51.83 34.08
CA VAL G 540 38.11 52.11 35.21
C VAL G 540 36.88 51.22 35.18
N GLN G 541 36.35 50.94 33.99
CA GLN G 541 35.18 50.07 33.87
C GLN G 541 35.53 48.60 34.06
N TYR G 542 36.82 48.26 34.08
CA TYR G 542 37.23 46.86 34.21
C TYR G 542 37.09 46.39 35.65
N ASN G 543 37.14 45.07 35.82
CA ASN G 543 37.08 44.43 37.14
C ASN G 543 38.44 43.89 37.58
N ARG G 544 39.53 44.38 36.96
CA ARG G 544 40.87 43.94 37.35
C ARG G 544 41.21 44.28 38.80
N PRO G 545 40.87 45.46 39.32
CA PRO G 545 41.20 45.76 40.73
C PRO G 545 40.52 44.85 41.73
N ILE G 546 39.35 44.28 41.39
CA ILE G 546 38.68 43.37 42.31
C ILE G 546 39.44 42.05 42.43
N SER G 547 39.89 41.51 41.30
CA SER G 547 40.60 40.23 41.33
C SER G 547 42.00 40.40 41.93
N ASP G 548 42.73 41.43 41.52
CA ASP G 548 44.08 41.66 42.02
C ASP G 548 44.38 43.15 41.92
N PHE G 549 44.62 43.78 43.06
CA PHE G 549 44.98 45.20 43.07
C PHE G 549 46.32 45.45 42.40
N LEU G 550 47.27 44.54 42.56
CA LEU G 550 48.57 44.70 41.91
C LEU G 550 48.49 44.57 40.41
N THR G 551 47.56 43.74 39.90
CA THR G 551 47.37 43.64 38.46
C THR G 551 46.86 44.95 37.87
N LEU G 552 45.89 45.58 38.54
CA LEU G 552 45.40 46.88 38.11
C LEU G 552 46.37 48.01 38.43
N HIS G 553 47.25 47.81 39.41
CA HIS G 553 48.26 48.82 39.73
C HIS G 553 49.23 48.99 38.57
N SER G 554 49.62 47.89 37.92
CA SER G 554 50.46 47.98 36.73
C SER G 554 49.71 48.52 35.52
N ILE G 555 48.38 48.49 35.56
CA ILE G 555 47.56 48.96 34.44
C ILE G 555 47.33 50.46 34.56
N ILE G 556 48.02 51.11 35.51
CA ILE G 556 47.97 52.56 35.62
C ILE G 556 48.65 53.19 34.40
N ILE G 557 49.73 52.58 33.91
CA ILE G 557 50.35 53.05 32.68
C ILE G 557 49.40 52.87 31.51
N SER G 558 48.65 51.77 31.49
CA SER G 558 47.60 51.61 30.50
C SER G 558 46.50 52.65 30.68
N LEU G 559 46.16 52.97 31.93
CA LEU G 559 45.23 54.06 32.19
C LEU G 559 45.82 55.41 31.84
N VAL G 560 47.15 55.53 31.80
CA VAL G 560 47.79 56.79 31.41
C VAL G 560 47.75 57.03 29.91
N GLU G 561 47.28 56.07 29.12
CA GLU G 561 47.21 56.22 27.68
C GLU G 561 46.00 57.01 27.22
N ALA G 562 45.09 57.36 28.12
CA ALA G 562 43.92 58.15 27.76
C ALA G 562 44.27 59.64 27.75
N ASP H 38 -25.61 26.72 23.68
CA ASP H 38 -24.73 25.58 23.54
C ASP H 38 -24.44 25.29 22.07
N ALA H 39 -25.47 25.46 21.23
CA ALA H 39 -25.33 25.12 19.81
C ALA H 39 -24.30 25.99 19.11
N GLU H 40 -24.19 27.26 19.51
CA GLU H 40 -23.10 28.08 18.99
C GLU H 40 -21.76 27.61 19.54
N ALA H 41 -21.71 27.22 20.81
CA ALA H 41 -20.52 26.61 21.36
C ALA H 41 -20.26 25.23 20.75
N VAL H 42 -21.31 24.56 20.29
CA VAL H 42 -21.15 23.30 19.57
C VAL H 42 -20.40 23.53 18.26
N GLN H 43 -20.64 24.67 17.61
CA GLN H 43 -19.93 24.99 16.36
C GLN H 43 -18.42 25.05 16.56
N LYS H 44 -17.97 25.40 17.78
CA LYS H 44 -16.57 25.21 18.14
C LYS H 44 -16.31 23.84 18.74
N PHE H 45 -17.30 23.26 19.42
CA PHE H 45 -17.15 21.92 19.98
C PHE H 45 -17.17 20.86 18.90
N PHE H 46 -17.86 21.12 17.78
CA PHE H 46 -17.79 20.23 16.63
C PHE H 46 -16.38 20.19 16.07
N LEU H 47 -15.69 21.33 16.04
CA LEU H 47 -14.31 21.38 15.60
C LEU H 47 -13.37 20.61 16.53
N GLU H 48 -13.79 20.35 17.78
CA GLU H 48 -12.93 19.61 18.70
C GLU H 48 -12.80 18.15 18.30
N GLU H 49 -13.92 17.49 18.01
CA GLU H 49 -13.85 16.12 17.48
C GLU H 49 -13.23 16.11 16.10
N ILE H 50 -13.39 17.20 15.36
CA ILE H 50 -12.67 17.37 14.10
C ILE H 50 -11.16 17.36 14.33
N GLN H 51 -10.70 18.02 15.38
CA GLN H 51 -9.30 17.92 15.76
C GLN H 51 -9.00 16.62 16.49
N LEU H 52 -9.65 16.41 17.64
CA LEU H 52 -9.27 15.32 18.55
C LEU H 52 -9.62 13.95 17.97
N GLY H 53 -10.74 13.85 17.25
CA GLY H 53 -11.21 12.55 16.79
C GLY H 53 -10.38 11.94 15.68
N GLU H 54 -9.63 12.75 14.94
CA GLU H 54 -8.83 12.17 13.86
C GLU H 54 -7.63 11.39 14.39
N GLU H 55 -7.02 11.83 15.49
CA GLU H 55 -5.97 11.01 16.10
C GLU H 55 -6.53 9.68 16.57
N LEU H 56 -7.76 9.69 17.10
CA LEU H 56 -8.40 8.45 17.53
C LEU H 56 -8.56 7.47 16.38
N LEU H 57 -8.83 7.98 15.18
CA LEU H 57 -8.80 7.13 13.99
C LEU H 57 -7.36 6.88 13.55
N ALA H 58 -6.48 7.87 13.68
CA ALA H 58 -5.09 7.70 13.30
C ALA H 58 -4.35 6.75 14.23
N GLN H 59 -4.66 6.80 15.54
CA GLN H 59 -4.05 5.85 16.48
C GLN H 59 -4.49 4.43 16.15
N GLY H 60 -5.76 4.23 15.85
CA GLY H 60 -6.25 2.92 15.47
C GLY H 60 -7.64 2.60 16.00
N GLU H 61 -8.17 3.45 16.88
CA GLU H 61 -9.53 3.27 17.39
C GLU H 61 -10.50 3.68 16.30
N TYR H 62 -10.73 2.76 15.36
CA TYR H 62 -11.62 3.05 14.24
C TYR H 62 -13.07 3.19 14.69
N GLU H 63 -13.53 2.27 15.54
CA GLU H 63 -14.89 2.35 16.04
C GLU H 63 -15.05 3.51 17.01
N LYS H 64 -14.11 3.66 17.95
CA LYS H 64 -14.19 4.73 18.93
C LYS H 64 -14.00 6.09 18.27
N GLY H 65 -13.13 6.17 17.26
CA GLY H 65 -12.97 7.42 16.53
C GLY H 65 -14.24 7.82 15.79
N VAL H 66 -14.90 6.86 15.17
CA VAL H 66 -16.21 7.12 14.57
C VAL H 66 -17.24 7.43 15.66
N ASP H 67 -17.19 6.70 16.77
CA ASP H 67 -18.08 6.99 17.89
C ASP H 67 -17.81 8.37 18.46
N HIS H 68 -16.54 8.76 18.55
CA HIS H 68 -16.20 10.13 18.96
C HIS H 68 -16.67 11.14 17.92
N LEU H 69 -16.58 10.79 16.64
CA LEU H 69 -17.06 11.66 15.57
C LEU H 69 -18.57 11.54 15.32
N THR H 70 -19.22 10.52 15.89
CA THR H 70 -20.68 10.44 15.76
C THR H 70 -21.35 11.57 16.51
N ASN H 71 -20.80 11.97 17.66
CA ASN H 71 -21.29 13.13 18.39
C ASN H 71 -21.02 14.43 17.65
N ALA H 72 -20.11 14.42 16.66
CA ALA H 72 -19.72 15.65 15.98
C ALA H 72 -20.62 15.97 14.80
N ILE H 73 -20.82 15.00 13.91
CA ILE H 73 -21.43 15.25 12.60
C ILE H 73 -22.91 15.58 12.78
N ALA H 74 -23.52 16.12 11.72
CA ALA H 74 -24.94 16.51 11.63
C ALA H 74 -25.29 17.69 12.53
N VAL H 75 -24.31 18.51 12.89
CA VAL H 75 -24.58 19.81 13.50
C VAL H 75 -24.00 20.95 12.68
N CYS H 76 -23.09 20.68 11.74
CA CYS H 76 -22.48 21.72 10.93
C CYS H 76 -23.44 22.22 9.86
N GLY H 77 -23.13 23.40 9.33
CA GLY H 77 -23.99 24.00 8.31
C GLY H 77 -23.90 23.34 6.96
N GLN H 78 -22.80 22.63 6.68
CA GLN H 78 -22.59 21.95 5.39
C GLN H 78 -22.19 20.51 5.63
N PRO H 79 -23.14 19.64 5.97
CA PRO H 79 -22.82 18.20 6.06
C PRO H 79 -22.42 17.59 4.73
N GLN H 80 -22.98 18.10 3.62
CA GLN H 80 -22.65 17.55 2.31
C GLN H 80 -21.22 17.92 1.91
N GLN H 81 -20.77 19.13 2.22
CA GLN H 81 -19.38 19.52 1.94
C GLN H 81 -18.40 18.70 2.76
N LEU H 82 -18.77 18.34 3.99
CA LEU H 82 -17.94 17.42 4.77
C LEU H 82 -18.02 16.01 4.21
N LEU H 83 -19.18 15.64 3.63
CA LEU H 83 -19.35 14.27 3.15
C LEU H 83 -18.51 13.98 1.91
N GLN H 84 -18.38 14.96 1.00
CA GLN H 84 -17.66 14.71 -0.23
C GLN H 84 -16.16 14.54 -0.01
N VAL H 85 -15.61 15.11 1.06
CA VAL H 85 -14.22 14.83 1.41
C VAL H 85 -14.12 13.61 2.34
N LEU H 86 -15.16 13.34 3.12
CA LEU H 86 -15.16 12.16 3.99
C LEU H 86 -15.09 10.86 3.19
N GLN H 87 -15.52 10.89 1.93
CA GLN H 87 -15.36 9.73 1.05
C GLN H 87 -13.89 9.37 0.85
N GLN H 88 -13.00 10.35 0.96
CA GLN H 88 -11.58 10.12 0.73
C GLN H 88 -10.65 10.58 1.85
N THR H 89 -11.10 11.40 2.80
CA THR H 89 -10.25 11.71 3.96
C THR H 89 -10.03 10.46 4.81
N LEU H 90 -11.12 9.79 5.16
CA LEU H 90 -11.03 8.54 5.90
C LEU H 90 -10.61 7.41 4.98
N PRO H 91 -10.07 6.33 5.52
CA PRO H 91 -9.91 5.11 4.73
C PRO H 91 -11.26 4.60 4.28
N PRO H 92 -11.31 3.94 3.12
CA PRO H 92 -12.59 3.49 2.55
C PRO H 92 -13.40 2.58 3.49
N PRO H 93 -12.78 1.69 4.28
CA PRO H 93 -13.60 0.99 5.29
C PRO H 93 -14.08 1.89 6.42
N VAL H 94 -13.30 2.93 6.79
CA VAL H 94 -13.68 3.77 7.92
C VAL H 94 -14.87 4.65 7.57
N PHE H 95 -14.89 5.21 6.35
CA PHE H 95 -15.94 6.17 5.98
C PHE H 95 -17.31 5.51 5.91
N GLN H 96 -17.39 4.32 5.31
CA GLN H 96 -18.67 3.64 5.20
C GLN H 96 -19.19 3.22 6.57
N MET H 97 -18.29 2.95 7.52
CA MET H 97 -18.72 2.69 8.88
C MET H 97 -19.25 3.96 9.55
N LEU H 98 -18.69 5.12 9.21
CA LEU H 98 -19.24 6.38 9.68
C LEU H 98 -20.59 6.67 9.02
N LEU H 99 -20.80 6.18 7.81
CA LEU H 99 -22.09 6.32 7.15
C LEU H 99 -23.18 5.58 7.92
N THR H 100 -22.85 4.41 8.49
CA THR H 100 -23.79 3.71 9.35
C THR H 100 -24.09 4.50 10.60
N LYS H 101 -23.09 5.17 11.17
CA LYS H 101 -23.27 6.00 12.35
C LYS H 101 -23.77 7.40 12.03
N LEU H 102 -23.87 7.76 10.76
CA LEU H 102 -24.26 9.13 10.40
C LEU H 102 -25.68 9.48 10.83
N PRO H 103 -26.72 8.67 10.57
CA PRO H 103 -28.06 9.05 11.07
C PRO H 103 -28.29 8.72 12.53
N THR H 104 -27.39 7.97 13.17
CA THR H 104 -27.57 7.60 14.57
C THR H 104 -27.35 8.78 15.50
N UNK I 1 46.18 19.52 24.37
CA UNK I 1 45.67 18.16 24.23
C UNK I 1 45.11 17.95 22.83
N UNK I 2 45.80 17.11 22.05
CA UNK I 2 45.43 16.74 20.68
C UNK I 2 45.34 17.98 19.78
N UNK I 3 46.51 18.60 19.59
CA UNK I 3 46.62 19.70 18.64
C UNK I 3 46.37 19.24 17.20
N UNK I 4 46.54 17.95 16.92
CA UNK I 4 46.11 17.43 15.63
C UNK I 4 44.60 17.55 15.47
N UNK I 5 43.85 17.28 16.53
CA UNK I 5 42.41 17.47 16.53
C UNK I 5 42.00 18.94 16.52
N UNK I 6 42.93 19.86 16.80
CA UNK I 6 42.62 21.28 16.70
C UNK I 6 42.44 21.75 15.26
N UNK I 7 42.85 20.93 14.29
CA UNK I 7 42.59 21.26 12.89
C UNK I 7 41.09 21.31 12.61
N UNK I 8 40.41 20.17 12.76
CA UNK I 8 38.95 20.05 12.63
C UNK I 8 38.44 20.57 11.28
N UNK I 9 39.22 20.40 10.23
CA UNK I 9 38.84 20.88 8.91
C UNK I 9 37.90 19.92 8.22
N VAL J 42 -8.79 -17.03 -44.19
CA VAL J 42 -7.62 -17.88 -44.30
C VAL J 42 -7.81 -19.16 -43.49
N GLN J 43 -7.30 -20.27 -44.01
CA GLN J 43 -7.41 -21.55 -43.30
C GLN J 43 -6.61 -21.52 -42.00
N LYS J 44 -5.41 -20.94 -42.02
CA LYS J 44 -4.63 -20.80 -40.79
C LYS J 44 -5.33 -19.87 -39.80
N PHE J 45 -5.91 -18.77 -40.29
CA PHE J 45 -6.71 -17.90 -39.43
C PHE J 45 -7.98 -18.60 -38.96
N PHE J 46 -8.55 -19.47 -39.80
CA PHE J 46 -9.66 -20.31 -39.36
C PHE J 46 -9.24 -21.26 -38.25
N LEU J 47 -8.03 -21.83 -38.37
CA LEU J 47 -7.47 -22.63 -37.29
C LEU J 47 -7.23 -21.76 -36.06
N GLU J 48 -6.76 -20.53 -36.26
CA GLU J 48 -6.67 -19.57 -35.16
C GLU J 48 -8.05 -19.23 -34.62
N GLU J 49 -9.03 -19.10 -35.51
CA GLU J 49 -10.41 -18.93 -35.07
C GLU J 49 -10.93 -20.17 -34.34
N ILE J 50 -10.53 -21.36 -34.81
CA ILE J 50 -10.90 -22.60 -34.12
C ILE J 50 -10.08 -22.85 -32.86
N GLN J 51 -9.12 -21.97 -32.56
CA GLN J 51 -8.32 -22.08 -31.35
C GLN J 51 -8.45 -20.90 -30.41
N LEU J 52 -8.65 -19.69 -30.94
CA LEU J 52 -8.78 -18.50 -30.11
C LEU J 52 -10.07 -17.75 -30.32
N GLY J 53 -10.98 -18.24 -31.17
CA GLY J 53 -12.25 -17.55 -31.37
C GLY J 53 -13.13 -17.58 -30.14
N GLU J 54 -13.12 -18.70 -29.41
CA GLU J 54 -13.92 -18.86 -28.20
C GLU J 54 -13.07 -18.72 -26.93
N GLU J 55 -12.11 -17.79 -26.95
CA GLU J 55 -11.29 -17.56 -25.77
C GLU J 55 -12.12 -17.04 -24.60
N LEU J 56 -13.11 -16.20 -24.89
CA LEU J 56 -14.02 -15.74 -23.84
C LEU J 56 -14.93 -16.85 -23.34
N LEU J 57 -15.27 -17.80 -24.21
CA LEU J 57 -16.13 -18.91 -23.80
C LEU J 57 -15.43 -19.78 -22.76
N ALA J 58 -14.14 -20.06 -22.95
CA ALA J 58 -13.38 -20.79 -21.95
C ALA J 58 -13.08 -19.95 -20.72
N GLN J 59 -13.07 -18.63 -20.87
CA GLN J 59 -12.83 -17.72 -19.75
C GLN J 59 -14.10 -17.37 -18.98
N GLY J 60 -15.26 -17.81 -19.44
CA GLY J 60 -16.50 -17.54 -18.73
C GLY J 60 -17.55 -16.83 -19.56
N GLU J 61 -17.11 -15.88 -20.40
CA GLU J 61 -18.03 -15.11 -21.23
C GLU J 61 -18.37 -15.94 -22.46
N TYR J 62 -19.32 -16.85 -22.28
CA TYR J 62 -19.73 -17.77 -23.34
C TYR J 62 -20.61 -17.13 -24.39
N GLU J 63 -21.09 -15.90 -24.16
CA GLU J 63 -21.95 -15.24 -25.14
C GLU J 63 -21.18 -14.89 -26.41
N LYS J 64 -20.01 -14.28 -26.26
CA LYS J 64 -19.19 -13.89 -27.40
C LYS J 64 -18.25 -14.99 -27.87
N GLY J 65 -18.18 -16.10 -27.15
CA GLY J 65 -17.30 -17.19 -27.53
C GLY J 65 -18.00 -18.28 -28.32
N VAL J 66 -19.19 -18.68 -27.86
CA VAL J 66 -19.96 -19.70 -28.57
C VAL J 66 -20.44 -19.17 -29.91
N ASP J 67 -20.83 -17.90 -29.96
CA ASP J 67 -21.25 -17.30 -31.22
C ASP J 67 -20.07 -17.19 -32.19
N HIS J 68 -18.89 -16.82 -31.69
CA HIS J 68 -17.72 -16.70 -32.55
C HIS J 68 -17.24 -18.08 -33.01
N LEU J 69 -17.30 -19.08 -32.13
CA LEU J 69 -16.89 -20.43 -32.49
C LEU J 69 -17.90 -21.15 -33.36
N THR J 70 -19.10 -20.59 -33.54
CA THR J 70 -20.09 -21.20 -34.41
C THR J 70 -19.62 -21.21 -35.86
N ASN J 71 -19.13 -20.07 -36.34
CA ASN J 71 -18.54 -20.01 -37.67
C ASN J 71 -17.15 -20.63 -37.71
N ALA J 72 -16.42 -20.58 -36.58
CA ALA J 72 -15.07 -21.11 -36.56
C ALA J 72 -15.03 -22.63 -36.60
N ILE J 73 -16.09 -23.29 -36.13
CA ILE J 73 -16.16 -24.74 -36.19
C ILE J 73 -16.23 -25.22 -37.63
N ALA J 74 -17.08 -24.57 -38.44
CA ALA J 74 -17.20 -24.93 -39.85
C ALA J 74 -16.02 -24.43 -40.67
N VAL J 75 -15.38 -23.35 -40.22
CA VAL J 75 -14.24 -22.79 -40.96
C VAL J 75 -13.02 -23.70 -40.89
N CYS J 76 -12.95 -24.58 -39.90
CA CYS J 76 -11.84 -25.51 -39.81
C CYS J 76 -11.94 -26.59 -40.88
N GLY J 77 -10.85 -27.35 -41.04
CA GLY J 77 -10.80 -28.39 -42.05
C GLY J 77 -11.71 -29.57 -41.77
N GLN J 78 -12.10 -29.77 -40.51
CA GLN J 78 -13.02 -30.83 -40.11
C GLN J 78 -14.19 -30.18 -39.38
N PRO J 79 -15.24 -29.79 -40.09
CA PRO J 79 -16.34 -29.06 -39.46
C PRO J 79 -17.15 -29.90 -38.48
N GLN J 80 -17.50 -31.13 -38.88
CA GLN J 80 -18.27 -32.01 -38.02
C GLN J 80 -17.46 -32.43 -36.79
N GLN J 81 -16.17 -32.70 -36.98
CA GLN J 81 -15.32 -33.09 -35.85
C GLN J 81 -15.12 -31.92 -34.89
N LEU J 82 -14.88 -30.72 -35.41
CA LEU J 82 -14.68 -29.56 -34.54
C LEU J 82 -15.96 -29.18 -33.81
N LEU J 83 -17.10 -29.25 -34.49
CA LEU J 83 -18.38 -28.92 -33.85
C LEU J 83 -18.72 -29.91 -32.76
N GLN J 84 -18.48 -31.20 -32.99
CA GLN J 84 -18.70 -32.20 -31.95
C GLN J 84 -17.73 -32.03 -30.79
N VAL J 85 -16.48 -31.68 -31.09
CA VAL J 85 -15.50 -31.45 -30.04
C VAL J 85 -15.82 -30.18 -29.27
N LEU J 86 -16.23 -29.12 -29.97
CA LEU J 86 -16.60 -27.88 -29.29
C LEU J 86 -17.84 -28.06 -28.42
N GLN J 87 -18.80 -28.85 -28.90
CA GLN J 87 -19.94 -29.22 -28.06
C GLN J 87 -19.48 -30.07 -26.88
N GLN J 88 -18.53 -30.98 -27.11
CA GLN J 88 -17.96 -31.76 -26.01
C GLN J 88 -17.08 -30.90 -25.11
N THR J 89 -16.50 -29.82 -25.67
CA THR J 89 -15.69 -28.92 -24.86
C THR J 89 -16.55 -28.19 -23.83
N LEU J 90 -17.77 -27.84 -24.19
CA LEU J 90 -18.70 -27.22 -23.25
C LEU J 90 -19.47 -28.33 -22.52
N PRO J 91 -20.37 -27.97 -21.59
CA PRO J 91 -21.15 -28.99 -20.89
C PRO J 91 -22.18 -29.62 -21.82
N PRO J 92 -22.73 -30.77 -21.44
CA PRO J 92 -23.79 -31.39 -22.26
C PRO J 92 -25.00 -30.48 -22.37
N PRO J 93 -25.33 -29.75 -21.31
CA PRO J 93 -26.37 -28.73 -21.44
C PRO J 93 -25.99 -27.60 -22.39
N VAL J 94 -24.69 -27.27 -22.48
CA VAL J 94 -24.21 -26.27 -23.41
C VAL J 94 -23.73 -26.86 -24.73
N PHE J 95 -23.70 -28.20 -24.84
CA PHE J 95 -23.35 -28.82 -26.11
C PHE J 95 -24.38 -28.51 -27.19
N GLN J 96 -25.66 -28.54 -26.82
CA GLN J 96 -26.70 -28.17 -27.78
C GLN J 96 -26.66 -26.69 -28.12
N MET J 97 -26.32 -25.84 -27.14
CA MET J 97 -26.20 -24.41 -27.39
C MET J 97 -25.06 -24.11 -28.36
N LEU J 98 -23.94 -24.81 -28.21
CA LEU J 98 -22.81 -24.60 -29.12
C LEU J 98 -23.11 -25.14 -30.51
N LEU J 99 -23.78 -26.29 -30.59
CA LEU J 99 -24.07 -26.89 -31.89
C LEU J 99 -25.11 -26.09 -32.65
N THR J 100 -26.15 -25.61 -31.97
CA THR J 100 -27.20 -24.83 -32.61
C THR J 100 -26.81 -23.37 -32.84
N LYS J 101 -25.66 -22.94 -32.33
CA LYS J 101 -25.21 -21.57 -32.51
C LYS J 101 -24.83 -21.31 -33.97
N VAL K 42 18.33 -28.24 -38.52
CA VAL K 42 19.75 -28.04 -38.34
C VAL K 42 20.04 -26.60 -37.91
N GLN K 43 19.48 -25.64 -38.65
CA GLN K 43 19.63 -24.24 -38.28
C GLN K 43 18.95 -23.93 -36.95
N LYS K 44 17.76 -24.49 -36.73
CA LYS K 44 17.10 -24.33 -35.44
C LYS K 44 17.85 -25.05 -34.33
N PHE K 45 18.38 -26.23 -34.63
CA PHE K 45 19.20 -26.95 -33.65
C PHE K 45 20.47 -26.17 -33.32
N PHE K 46 21.09 -25.57 -34.34
CA PHE K 46 22.21 -24.68 -34.08
C PHE K 46 21.78 -23.45 -33.29
N LEU K 47 20.62 -22.89 -33.63
CA LEU K 47 20.11 -21.72 -32.92
C LEU K 47 19.60 -22.06 -31.53
N GLU K 48 19.30 -23.34 -31.26
CA GLU K 48 18.84 -23.73 -29.93
C GLU K 48 19.95 -23.56 -28.90
N GLU K 49 21.15 -24.03 -29.20
CA GLU K 49 22.28 -23.79 -28.31
C GLU K 49 22.78 -22.36 -28.41
N ILE K 50 22.58 -21.72 -29.57
CA ILE K 50 22.95 -20.32 -29.71
C ILE K 50 22.07 -19.43 -28.85
N GLN K 51 20.79 -19.80 -28.69
CA GLN K 51 19.89 -19.04 -27.82
C GLN K 51 20.38 -19.07 -26.38
N LEU K 52 20.85 -20.22 -25.91
CA LEU K 52 21.44 -20.30 -24.58
C LEU K 52 22.73 -19.51 -24.50
N GLY K 53 23.56 -19.59 -25.55
CA GLY K 53 24.80 -18.84 -25.56
C GLY K 53 24.60 -17.33 -25.63
N GLU K 54 23.63 -16.90 -26.44
CA GLU K 54 23.38 -15.46 -26.57
C GLU K 54 22.74 -14.88 -25.31
N GLU K 55 21.89 -15.67 -24.65
CA GLU K 55 21.26 -15.20 -23.41
C GLU K 55 22.29 -14.99 -22.31
N LEU K 56 23.23 -15.92 -22.17
CA LEU K 56 24.28 -15.76 -21.16
C LEU K 56 25.24 -14.63 -21.52
N LEU K 57 25.51 -14.44 -22.82
CA LEU K 57 26.42 -13.37 -23.23
C LEU K 57 25.80 -12.00 -23.01
N ALA K 58 24.48 -11.89 -23.17
CA ALA K 58 23.80 -10.60 -22.98
C ALA K 58 23.76 -10.19 -21.51
N GLN K 59 23.91 -11.13 -20.58
CA GLN K 59 23.90 -10.79 -19.17
C GLN K 59 25.15 -10.06 -18.73
N GLY K 60 26.26 -10.21 -19.47
CA GLY K 60 27.49 -9.55 -19.11
C GLY K 60 28.71 -10.45 -19.26
N GLU K 61 28.51 -11.76 -19.08
CA GLU K 61 29.60 -12.73 -19.20
C GLU K 61 29.55 -13.32 -20.61
N TYR K 62 30.12 -12.57 -21.56
CA TYR K 62 30.16 -13.01 -22.95
C TYR K 62 31.11 -14.19 -23.14
N GLU K 63 32.12 -14.32 -22.28
CA GLU K 63 33.04 -15.44 -22.37
C GLU K 63 32.34 -16.78 -22.10
N LYS K 64 31.48 -16.81 -21.08
CA LYS K 64 30.72 -18.03 -20.79
C LYS K 64 29.70 -18.32 -21.89
N GLY K 65 29.06 -17.28 -22.41
CA GLY K 65 28.07 -17.47 -23.47
C GLY K 65 28.69 -17.95 -24.77
N VAL K 66 29.88 -17.44 -25.09
CA VAL K 66 30.53 -17.81 -26.36
C VAL K 66 31.01 -19.26 -26.35
N ASP K 67 31.20 -19.85 -25.16
CA ASP K 67 31.61 -21.25 -25.09
C ASP K 67 30.53 -22.17 -25.65
N HIS K 68 29.27 -21.93 -25.27
CA HIS K 68 28.17 -22.70 -25.84
C HIS K 68 27.83 -22.25 -27.24
N LEU K 69 28.07 -20.98 -27.57
CA LEU K 69 27.75 -20.47 -28.89
C LEU K 69 28.74 -20.94 -29.95
N THR K 70 29.99 -21.24 -29.55
CA THR K 70 30.98 -21.69 -30.52
C THR K 70 30.60 -23.04 -31.12
N ASN K 71 30.15 -23.97 -30.28
CA ASN K 71 29.63 -25.24 -30.81
C ASN K 71 28.33 -25.04 -31.56
N ALA K 72 27.51 -24.09 -31.13
CA ALA K 72 26.30 -23.75 -31.86
C ALA K 72 26.63 -23.15 -33.23
N ILE K 73 27.64 -22.26 -33.28
CA ILE K 73 28.07 -21.71 -34.55
C ILE K 73 28.77 -22.78 -35.39
N ALA K 74 29.39 -23.76 -34.74
CA ALA K 74 29.95 -24.90 -35.48
C ALA K 74 28.84 -25.71 -36.14
N VAL K 75 27.72 -25.91 -35.44
CA VAL K 75 26.55 -26.52 -36.05
C VAL K 75 25.92 -25.60 -37.09
N CYS K 76 26.19 -24.30 -37.01
CA CYS K 76 25.73 -23.34 -38.01
C CYS K 76 26.65 -23.37 -39.23
N GLY K 77 26.55 -22.34 -40.08
CA GLY K 77 27.34 -22.33 -41.31
C GLY K 77 28.83 -22.40 -41.08
N GLN K 78 29.33 -21.66 -40.10
CA GLN K 78 30.75 -21.72 -39.74
C GLN K 78 30.90 -21.25 -38.31
N PRO K 79 31.86 -21.80 -37.56
CA PRO K 79 32.09 -21.32 -36.18
C PRO K 79 32.55 -19.88 -36.11
N GLN K 80 33.24 -19.39 -37.14
CA GLN K 80 33.75 -18.03 -37.15
C GLN K 80 32.85 -17.05 -37.91
N GLN K 81 32.00 -17.54 -38.81
CA GLN K 81 31.12 -16.65 -39.56
C GLN K 81 30.07 -16.01 -38.66
N LEU K 82 29.48 -16.79 -37.75
CA LEU K 82 28.54 -16.22 -36.78
C LEU K 82 29.27 -15.32 -35.78
N LEU K 83 30.50 -15.68 -35.41
CA LEU K 83 31.28 -14.84 -34.51
C LEU K 83 31.73 -13.56 -35.21
N GLN K 84 31.95 -13.61 -36.53
CA GLN K 84 32.30 -12.40 -37.27
C GLN K 84 31.16 -11.38 -37.24
N VAL K 85 29.91 -11.85 -37.35
CA VAL K 85 28.78 -10.97 -37.14
C VAL K 85 28.70 -10.53 -35.69
N LEU K 86 29.04 -11.43 -34.76
CA LEU K 86 29.10 -11.07 -33.35
C LEU K 86 30.19 -10.04 -33.10
N GLN K 87 31.36 -10.20 -33.74
CA GLN K 87 32.44 -9.23 -33.58
C GLN K 87 32.09 -7.91 -34.23
N GLN K 88 31.28 -7.92 -35.29
CA GLN K 88 30.86 -6.67 -35.92
C GLN K 88 29.85 -5.91 -35.08
N THR K 89 29.17 -6.57 -34.15
CA THR K 89 28.17 -5.94 -33.29
C THR K 89 28.62 -5.89 -31.84
N LEU K 90 29.90 -6.03 -31.57
CA LEU K 90 30.42 -5.99 -30.21
C LEU K 90 31.86 -5.49 -30.26
N PRO K 91 32.48 -5.29 -29.10
CA PRO K 91 33.87 -4.82 -29.08
C PRO K 91 34.83 -5.93 -29.46
N PRO K 92 36.09 -5.61 -29.72
CA PRO K 92 37.09 -6.63 -30.06
C PRO K 92 37.31 -7.58 -28.91
N PRO K 93 37.13 -7.12 -27.67
CA PRO K 93 37.28 -8.03 -26.51
C PRO K 93 36.30 -9.20 -26.53
N VAL K 94 35.09 -9.00 -27.04
CA VAL K 94 34.12 -10.09 -27.12
C VAL K 94 34.59 -11.15 -28.11
N PHE K 95 35.14 -10.71 -29.25
CA PHE K 95 35.67 -11.67 -30.23
C PHE K 95 36.89 -12.40 -29.67
N GLN K 96 37.75 -11.69 -28.94
CA GLN K 96 38.91 -12.32 -28.31
C GLN K 96 38.47 -13.29 -27.21
N MET K 97 37.42 -12.94 -26.47
CA MET K 97 36.90 -13.85 -25.46
C MET K 97 36.27 -15.09 -26.07
N LEU K 98 35.71 -14.96 -27.27
CA LEU K 98 35.17 -16.13 -27.97
C LEU K 98 36.28 -17.10 -28.35
N LEU K 99 37.44 -16.57 -28.75
CA LEU K 99 38.60 -17.43 -29.02
C LEU K 99 39.07 -18.14 -27.75
N THR K 100 39.05 -17.43 -26.62
CA THR K 100 39.42 -18.04 -25.35
C THR K 100 38.34 -18.97 -24.82
N LYS K 101 37.08 -18.74 -25.21
CA LYS K 101 35.99 -19.61 -24.75
C LYS K 101 36.10 -20.99 -25.35
N LEU K 102 36.28 -21.07 -26.67
CA LEU K 102 36.40 -22.34 -27.37
C LEU K 102 37.12 -22.17 -28.70
#